data_1QKI
#
_entry.id   1QKI
#
_cell.length_a   128.900
_cell.length_b   208.700
_cell.length_c   214.300
_cell.angle_alpha   90.00
_cell.angle_beta   90.00
_cell.angle_gamma   90.00
#
_symmetry.space_group_name_H-M   'P 21 21 21'
#
loop_
_entity.id
_entity.type
_entity.pdbx_description
1 polymer 'GLUCOSE-6-PHOSPHATE 1-DEHYDROGENASE'
2 non-polymer 'NADP NICOTINAMIDE-ADENINE-DINUCLEOTIDE PHOSPHATE'
3 non-polymer 'GLYCOLIC ACID'
4 non-polymer GLYCEROL
5 water water
#
_entity_poly.entity_id   1
_entity_poly.type   'polypeptide(L)'
_entity_poly.pdbx_seq_one_letter_code
;AEQVALSRTHVCGILREELFQGDAFHQSDTHIFIIMGASGDLAKKKIYPTIWWLFRDGLLPENTFIVGYARSRLTVADIR
KQSEPFFKATPEEKLKLEDFFARNSYVAGQYDDAASYQRLNSHMNALHLGSQANRLFYLALPPTVYEAVTKNIHESCMSQ
IGWNRIIVEKPFGRDLQSSDRLSNHISSLFREDQIYRIDHYLGKEMVQNLMVLRFANRIFGPIWNRDNIACVILTFKEPF
GTEGRGGYFDEFGIIRDVMQNHLLQMLCLVAMEKPASTNSDDVRDEKVKVLKCISEVQANNVVLGQYVGNPDGEGEATKG
YLDDPTVPRGSTTATFAAVVLYVENERWDGVPFILRCGKALNERKAEVRLQFHDVAGDIFHQQCKRNELVIRVQPNEAVY
TKMMTKKPGMFFNPEESELDLTYGNRYKNVKLPDAYERLILDVFCGSQMHFVRSDELLEAWRIFTPLLHQIELEKPKPIP
YIYGSRGPTEADELMKRVGFQYEGTYKWVNPHKL
;
_entity_poly.pdbx_strand_id   A,B,C,D,E,F,G,H
#
# COMPACT_ATOMS: atom_id res chain seq x y z
N VAL A 11 -1.59 -9.22 -54.47
CA VAL A 11 -1.54 -10.27 -55.54
C VAL A 11 -2.07 -11.59 -54.97
N CYS A 12 -3.08 -12.15 -55.62
CA CYS A 12 -3.69 -13.41 -55.19
C CYS A 12 -3.06 -14.66 -55.84
N GLY A 13 -1.98 -14.45 -56.59
CA GLY A 13 -1.27 -15.54 -57.27
C GLY A 13 -1.84 -15.90 -58.63
N HIS A 26 -2.45 -27.10 -56.47
CA HIS A 26 -3.89 -26.89 -56.07
C HIS A 26 -4.47 -25.57 -56.56
N GLN A 27 -4.25 -25.25 -57.84
CA GLN A 27 -4.75 -24.01 -58.44
C GLN A 27 -6.22 -23.77 -58.11
N SER A 28 -7.10 -24.59 -58.68
CA SER A 28 -8.51 -24.46 -58.42
C SER A 28 -9.13 -25.78 -57.99
N ASP A 29 -9.47 -25.82 -56.72
CA ASP A 29 -10.10 -26.97 -56.11
C ASP A 29 -11.51 -26.53 -55.84
N THR A 30 -12.34 -27.44 -55.39
CA THR A 30 -13.72 -27.09 -55.10
C THR A 30 -13.79 -26.52 -53.68
N HIS A 31 -14.65 -25.53 -53.49
CA HIS A 31 -14.81 -24.89 -52.20
C HIS A 31 -16.29 -24.79 -51.89
N ILE A 32 -16.66 -24.96 -50.63
CA ILE A 32 -18.05 -24.85 -50.21
C ILE A 32 -18.17 -23.80 -49.10
N PHE A 33 -18.97 -22.79 -49.35
CA PHE A 33 -19.16 -21.72 -48.39
C PHE A 33 -20.50 -21.93 -47.68
N ILE A 34 -20.46 -22.63 -46.55
CA ILE A 34 -21.67 -22.89 -45.81
C ILE A 34 -22.03 -21.68 -44.97
N ILE A 35 -23.22 -21.12 -45.16
CA ILE A 35 -23.63 -19.99 -44.37
C ILE A 35 -24.66 -20.41 -43.33
N MET A 36 -24.15 -20.79 -42.16
CA MET A 36 -25.00 -21.20 -41.06
C MET A 36 -25.76 -19.98 -40.58
N GLY A 37 -27.08 -20.11 -40.47
CA GLY A 37 -27.91 -19.00 -40.04
C GLY A 37 -28.22 -18.10 -41.22
N ALA A 38 -28.25 -18.70 -42.41
CA ALA A 38 -28.52 -17.99 -43.65
C ALA A 38 -29.81 -17.16 -43.65
N SER A 39 -30.71 -17.45 -42.71
CA SER A 39 -31.98 -16.72 -42.62
C SER A 39 -31.86 -15.43 -41.82
N GLY A 40 -30.83 -15.36 -40.98
CA GLY A 40 -30.61 -14.21 -40.13
C GLY A 40 -30.28 -12.89 -40.82
N ASP A 41 -30.54 -11.80 -40.10
CA ASP A 41 -30.30 -10.45 -40.59
C ASP A 41 -28.90 -10.24 -41.16
N LEU A 42 -27.90 -10.71 -40.42
CA LEU A 42 -26.50 -10.57 -40.82
C LEU A 42 -26.23 -11.26 -42.16
N ALA A 43 -26.79 -12.45 -42.33
CA ALA A 43 -26.60 -13.20 -43.56
C ALA A 43 -27.15 -12.43 -44.77
N LYS A 44 -28.45 -12.18 -44.77
CA LYS A 44 -29.09 -11.49 -45.89
C LYS A 44 -28.65 -10.07 -46.13
N LYS A 45 -28.12 -9.41 -45.09
CA LYS A 45 -27.71 -8.02 -45.26
C LYS A 45 -26.22 -7.76 -45.38
N LYS A 46 -25.39 -8.76 -45.08
CA LYS A 46 -23.94 -8.58 -45.17
C LYS A 46 -23.22 -9.79 -45.78
N ILE A 47 -23.37 -10.95 -45.17
CA ILE A 47 -22.71 -12.17 -45.63
C ILE A 47 -23.00 -12.53 -47.07
N TYR A 48 -24.29 -12.58 -47.42
CA TYR A 48 -24.71 -12.91 -48.78
C TYR A 48 -24.22 -11.87 -49.79
N PRO A 49 -24.52 -10.58 -49.59
CA PRO A 49 -24.05 -9.56 -50.53
C PRO A 49 -22.56 -9.63 -50.76
N THR A 50 -21.81 -9.66 -49.66
CA THR A 50 -20.35 -9.71 -49.71
C THR A 50 -19.84 -10.87 -50.56
N ILE A 51 -20.30 -12.09 -50.25
CA ILE A 51 -19.85 -13.27 -50.97
C ILE A 51 -20.12 -13.15 -52.47
N TRP A 52 -21.21 -12.48 -52.83
CA TRP A 52 -21.53 -12.30 -54.24
C TRP A 52 -20.55 -11.30 -54.86
N TRP A 53 -20.19 -10.27 -54.11
CA TRP A 53 -19.26 -9.26 -54.62
C TRP A 53 -17.90 -9.91 -54.91
N LEU A 54 -17.51 -10.84 -54.06
CA LEU A 54 -16.24 -11.55 -54.20
C LEU A 54 -16.25 -12.42 -55.46
N PHE A 55 -17.42 -12.95 -55.80
CA PHE A 55 -17.60 -13.78 -56.99
C PHE A 55 -17.56 -12.89 -58.22
N ARG A 56 -18.37 -11.83 -58.17
CA ARG A 56 -18.50 -10.85 -59.24
C ARG A 56 -17.16 -10.37 -59.76
N ASP A 57 -16.31 -9.90 -58.84
CA ASP A 57 -14.99 -9.40 -59.21
C ASP A 57 -14.02 -10.50 -59.60
N GLY A 58 -14.49 -11.74 -59.53
CA GLY A 58 -13.66 -12.87 -59.91
C GLY A 58 -12.55 -13.18 -58.92
N LEU A 59 -12.86 -13.04 -57.65
CA LEU A 59 -11.89 -13.33 -56.61
C LEU A 59 -12.07 -14.72 -56.09
N LEU A 60 -13.30 -15.22 -56.11
CA LEU A 60 -13.57 -16.57 -55.63
C LEU A 60 -13.08 -17.60 -56.64
N PRO A 61 -12.59 -18.75 -56.14
CA PRO A 61 -12.07 -19.82 -57.01
C PRO A 61 -13.17 -20.27 -57.96
N GLU A 62 -12.78 -20.81 -59.10
CA GLU A 62 -13.73 -21.27 -60.10
C GLU A 62 -14.77 -22.22 -59.55
N ASN A 63 -14.32 -23.23 -58.83
CA ASN A 63 -15.24 -24.22 -58.29
C ASN A 63 -15.67 -23.87 -56.88
N THR A 64 -16.62 -22.95 -56.79
CA THR A 64 -17.12 -22.52 -55.49
C THR A 64 -18.64 -22.68 -55.46
N PHE A 65 -19.18 -23.20 -54.35
CA PHE A 65 -20.61 -23.38 -54.16
C PHE A 65 -21.02 -22.80 -52.82
N ILE A 66 -22.15 -22.11 -52.81
CA ILE A 66 -22.66 -21.49 -51.60
C ILE A 66 -23.87 -22.26 -51.07
N VAL A 67 -23.79 -22.64 -49.80
CA VAL A 67 -24.85 -23.41 -49.14
C VAL A 67 -25.35 -22.71 -47.89
N GLY A 68 -26.54 -22.13 -47.98
CA GLY A 68 -27.12 -21.48 -46.83
C GLY A 68 -27.71 -22.59 -45.97
N TYR A 69 -27.89 -22.32 -44.69
CA TYR A 69 -28.48 -23.29 -43.77
C TYR A 69 -29.17 -22.48 -42.70
N ALA A 70 -30.38 -22.90 -42.34
CA ALA A 70 -31.14 -22.20 -41.31
C ALA A 70 -32.31 -23.06 -40.82
N ARG A 71 -32.88 -22.66 -39.69
CA ARG A 71 -34.01 -23.35 -39.07
C ARG A 71 -35.20 -23.46 -40.03
N SER A 72 -35.51 -22.35 -40.69
CA SER A 72 -36.61 -22.29 -41.63
C SER A 72 -36.25 -23.04 -42.93
N ARG A 73 -37.23 -23.16 -43.84
CA ARG A 73 -37.02 -23.81 -45.14
C ARG A 73 -37.43 -22.80 -46.22
N LEU A 74 -36.67 -21.70 -46.28
CA LEU A 74 -36.91 -20.59 -47.20
C LEU A 74 -36.84 -20.88 -48.70
N THR A 75 -37.88 -21.54 -49.20
CA THR A 75 -37.97 -21.89 -50.61
C THR A 75 -36.66 -22.49 -51.15
N VAL A 76 -36.36 -22.19 -52.41
CA VAL A 76 -35.15 -22.69 -53.03
C VAL A 76 -34.18 -21.53 -53.04
N ALA A 77 -32.99 -21.80 -53.59
CA ALA A 77 -31.95 -20.80 -53.71
C ALA A 77 -32.51 -19.51 -54.31
N ASP A 78 -32.58 -19.48 -55.65
CA ASP A 78 -33.07 -18.32 -56.41
C ASP A 78 -34.47 -17.81 -56.03
N ILE A 79 -35.06 -18.42 -55.00
CA ILE A 79 -36.38 -18.05 -54.55
C ILE A 79 -36.32 -16.96 -53.46
N ARG A 80 -36.47 -17.37 -52.21
CA ARG A 80 -36.46 -16.39 -51.14
C ARG A 80 -35.07 -15.76 -51.00
N LYS A 81 -34.04 -16.51 -51.40
CA LYS A 81 -32.68 -16.01 -51.29
C LYS A 81 -32.21 -15.25 -52.52
N GLN A 82 -33.03 -14.28 -52.89
CA GLN A 82 -32.78 -13.35 -54.00
C GLN A 82 -33.90 -12.35 -53.78
N SER A 83 -34.93 -12.80 -53.07
CA SER A 83 -36.05 -11.95 -52.74
C SER A 83 -35.57 -11.13 -51.53
N GLU A 84 -35.04 -11.82 -50.52
CA GLU A 84 -34.55 -11.17 -49.31
C GLU A 84 -33.34 -10.29 -49.64
N PRO A 85 -32.24 -10.88 -50.16
CA PRO A 85 -31.05 -10.08 -50.51
C PRO A 85 -31.21 -9.53 -51.92
N PHE A 86 -30.34 -8.60 -52.31
CA PHE A 86 -30.41 -7.97 -53.63
C PHE A 86 -29.51 -6.73 -53.61
N PHE A 87 -29.09 -6.38 -52.40
CA PHE A 87 -28.28 -5.21 -52.13
C PHE A 87 -27.14 -4.96 -53.13
N LYS A 88 -27.27 -3.84 -53.86
CA LYS A 88 -26.31 -3.36 -54.87
C LYS A 88 -26.21 -4.15 -56.18
N ALA A 89 -27.36 -4.30 -56.82
CA ALA A 89 -27.44 -5.00 -58.11
C ALA A 89 -27.21 -4.00 -59.24
N THR A 90 -26.60 -4.50 -60.31
CA THR A 90 -26.32 -3.67 -61.48
C THR A 90 -26.98 -4.31 -62.70
N PRO A 91 -27.74 -3.52 -63.49
CA PRO A 91 -28.46 -3.93 -64.69
C PRO A 91 -27.71 -4.94 -65.59
N GLU A 92 -26.66 -4.47 -66.25
CA GLU A 92 -25.83 -5.29 -67.14
C GLU A 92 -25.18 -6.54 -66.51
N GLU A 93 -25.20 -6.65 -65.19
CA GLU A 93 -24.61 -7.80 -64.51
C GLU A 93 -25.54 -9.01 -64.51
N LYS A 94 -26.80 -8.79 -64.87
CA LYS A 94 -27.82 -9.85 -64.89
C LYS A 94 -27.33 -11.25 -65.29
N LEU A 95 -26.41 -11.34 -66.26
CA LEU A 95 -25.90 -12.63 -66.68
C LEU A 95 -25.16 -13.35 -65.54
N LYS A 96 -24.07 -12.72 -65.09
CA LYS A 96 -23.25 -13.27 -64.01
C LYS A 96 -24.11 -13.50 -62.77
N LEU A 97 -25.12 -12.65 -62.60
CA LEU A 97 -26.02 -12.76 -61.44
C LEU A 97 -26.70 -14.13 -61.39
N GLU A 98 -27.33 -14.52 -62.50
CA GLU A 98 -28.00 -15.81 -62.56
C GLU A 98 -26.97 -16.93 -62.42
N ASP A 99 -25.80 -16.71 -63.02
CA ASP A 99 -24.69 -17.65 -62.99
C ASP A 99 -24.38 -17.99 -61.52
N PHE A 100 -24.33 -16.95 -60.69
CA PHE A 100 -24.05 -17.06 -59.26
C PHE A 100 -25.01 -17.98 -58.53
N PHE A 101 -26.31 -17.72 -58.69
CA PHE A 101 -27.34 -18.53 -58.04
C PHE A 101 -27.34 -19.99 -58.43
N ALA A 102 -26.80 -20.28 -59.61
CA ALA A 102 -26.72 -21.65 -60.08
C ALA A 102 -25.74 -22.39 -59.15
N ARG A 103 -24.92 -21.62 -58.43
CA ARG A 103 -23.94 -22.17 -57.49
C ARG A 103 -24.55 -22.30 -56.10
N ASN A 104 -25.60 -21.52 -55.86
CA ASN A 104 -26.28 -21.53 -54.58
C ASN A 104 -27.24 -22.68 -54.37
N SER A 105 -27.49 -22.99 -53.10
CA SER A 105 -28.42 -24.04 -52.70
C SER A 105 -28.86 -23.75 -51.27
N TYR A 106 -29.80 -24.53 -50.75
CA TYR A 106 -30.28 -24.33 -49.39
C TYR A 106 -30.61 -25.65 -48.71
N VAL A 107 -30.64 -25.63 -47.39
CA VAL A 107 -30.94 -26.80 -46.55
C VAL A 107 -31.59 -26.25 -45.28
N ALA A 108 -32.59 -26.96 -44.76
CA ALA A 108 -33.27 -26.54 -43.55
C ALA A 108 -32.97 -27.54 -42.44
N GLY A 109 -33.15 -27.13 -41.20
CA GLY A 109 -32.88 -28.00 -40.08
C GLY A 109 -32.64 -27.28 -38.78
N GLN A 110 -32.68 -28.01 -37.68
CA GLN A 110 -32.43 -27.44 -36.36
C GLN A 110 -30.96 -27.56 -36.00
N TYR A 111 -30.46 -26.54 -35.33
CA TYR A 111 -29.07 -26.49 -34.92
C TYR A 111 -28.74 -27.38 -33.71
N ASP A 112 -29.19 -28.64 -33.69
CA ASP A 112 -28.91 -29.52 -32.54
C ASP A 112 -29.15 -31.02 -32.69
N ASP A 113 -30.05 -31.42 -33.59
CA ASP A 113 -30.33 -32.85 -33.80
C ASP A 113 -29.52 -33.42 -34.96
N ALA A 114 -28.69 -34.40 -34.64
CA ALA A 114 -27.82 -35.06 -35.62
C ALA A 114 -28.49 -35.40 -36.95
N ALA A 115 -29.80 -35.64 -36.93
CA ALA A 115 -30.53 -35.97 -38.15
C ALA A 115 -30.37 -34.87 -39.20
N SER A 116 -30.68 -33.64 -38.82
CA SER A 116 -30.59 -32.49 -39.73
C SER A 116 -29.19 -32.30 -40.31
N TYR A 117 -28.20 -32.20 -39.43
CA TYR A 117 -26.82 -32.02 -39.85
C TYR A 117 -26.41 -33.19 -40.74
N GLN A 118 -27.00 -34.36 -40.50
CA GLN A 118 -26.68 -35.55 -41.27
C GLN A 118 -26.97 -35.40 -42.75
N ARG A 119 -28.15 -34.90 -43.08
CA ARG A 119 -28.50 -34.69 -44.48
C ARG A 119 -27.73 -33.50 -45.06
N LEU A 120 -27.29 -32.59 -44.19
CA LEU A 120 -26.53 -31.44 -44.67
C LEU A 120 -25.25 -31.98 -45.28
N ASN A 121 -24.53 -32.79 -44.50
CA ASN A 121 -23.28 -33.40 -44.94
C ASN A 121 -23.54 -34.13 -46.27
N SER A 122 -24.60 -34.93 -46.30
CA SER A 122 -24.96 -35.67 -47.50
C SER A 122 -25.06 -34.72 -48.70
N HIS A 123 -25.88 -33.68 -48.55
CA HIS A 123 -26.10 -32.68 -49.60
C HIS A 123 -24.78 -32.11 -50.14
N MET A 124 -23.82 -31.93 -49.25
CA MET A 124 -22.52 -31.40 -49.64
C MET A 124 -21.76 -32.40 -50.48
N ASN A 125 -21.80 -33.67 -50.08
CA ASN A 125 -21.12 -34.73 -50.83
C ASN A 125 -21.84 -34.92 -52.17
N ALA A 126 -23.12 -34.53 -52.20
CA ALA A 126 -23.95 -34.62 -53.41
C ALA A 126 -23.42 -33.70 -54.48
N LEU A 127 -22.89 -32.56 -54.06
CA LEU A 127 -22.32 -31.59 -55.00
C LEU A 127 -21.12 -32.19 -55.72
N HIS A 128 -20.85 -31.70 -56.91
CA HIS A 128 -19.73 -32.18 -57.71
C HIS A 128 -18.42 -32.14 -56.92
N LEU A 129 -18.01 -33.31 -56.42
CA LEU A 129 -16.77 -33.49 -55.65
C LEU A 129 -16.87 -33.02 -54.20
N GLY A 130 -18.07 -33.05 -53.63
CA GLY A 130 -18.26 -32.62 -52.25
C GLY A 130 -17.27 -33.17 -51.23
N SER A 131 -16.91 -34.44 -51.37
CA SER A 131 -15.98 -35.10 -50.45
C SER A 131 -14.52 -34.66 -50.57
N GLN A 132 -14.21 -33.97 -51.66
CA GLN A 132 -12.85 -33.48 -51.91
C GLN A 132 -12.73 -32.00 -51.51
N ALA A 133 -13.82 -31.27 -51.71
CA ALA A 133 -13.90 -29.83 -51.45
C ALA A 133 -13.51 -29.34 -50.06
N ASN A 134 -13.02 -28.12 -50.04
CA ASN A 134 -12.63 -27.46 -48.79
C ASN A 134 -13.95 -26.90 -48.31
N ARG A 135 -14.13 -26.89 -47.00
CA ARG A 135 -15.36 -26.40 -46.41
C ARG A 135 -15.08 -25.21 -45.50
N LEU A 136 -15.89 -24.17 -45.66
CA LEU A 136 -15.74 -22.94 -44.90
C LEU A 136 -17.09 -22.64 -44.27
N PHE A 137 -17.18 -22.81 -42.96
CA PHE A 137 -18.42 -22.59 -42.21
C PHE A 137 -18.50 -21.23 -41.56
N TYR A 138 -19.36 -20.38 -42.09
CA TYR A 138 -19.51 -19.06 -41.52
C TYR A 138 -20.67 -19.10 -40.55
N LEU A 139 -20.38 -18.82 -39.28
CA LEU A 139 -21.42 -18.83 -38.26
C LEU A 139 -22.08 -17.46 -38.11
N ALA A 140 -23.09 -17.19 -38.93
CA ALA A 140 -23.82 -15.93 -38.87
C ALA A 140 -25.10 -16.08 -38.03
N LEU A 141 -24.94 -16.55 -36.81
CA LEU A 141 -26.07 -16.75 -35.89
C LEU A 141 -25.66 -16.43 -34.45
N PRO A 142 -26.63 -16.28 -33.53
CA PRO A 142 -26.41 -15.97 -32.11
C PRO A 142 -25.51 -16.92 -31.29
N PRO A 143 -24.52 -16.35 -30.56
CA PRO A 143 -23.53 -17.03 -29.71
C PRO A 143 -24.02 -18.19 -28.83
N THR A 144 -25.29 -18.15 -28.45
CA THR A 144 -25.87 -19.20 -27.63
C THR A 144 -25.71 -20.56 -28.33
N VAL A 145 -26.16 -20.59 -29.57
CA VAL A 145 -26.13 -21.80 -30.38
C VAL A 145 -24.72 -22.28 -30.71
N TYR A 146 -23.74 -21.38 -30.67
CA TYR A 146 -22.35 -21.71 -30.98
C TYR A 146 -21.91 -23.05 -30.43
N GLU A 147 -22.07 -23.24 -29.11
CA GLU A 147 -21.65 -24.47 -28.46
C GLU A 147 -22.11 -25.70 -29.22
N ALA A 148 -23.39 -25.70 -29.59
CA ALA A 148 -24.00 -26.81 -30.32
C ALA A 148 -23.47 -26.93 -31.75
N VAL A 149 -23.70 -25.89 -32.54
CA VAL A 149 -23.27 -25.87 -33.94
C VAL A 149 -21.85 -26.39 -34.09
N THR A 150 -20.94 -25.84 -33.29
CA THR A 150 -19.55 -26.26 -33.32
C THR A 150 -19.43 -27.77 -33.07
N LYS A 151 -20.16 -28.27 -32.07
CA LYS A 151 -20.14 -29.68 -31.71
C LYS A 151 -20.52 -30.54 -32.90
N ASN A 152 -21.71 -30.30 -33.44
CA ASN A 152 -22.23 -31.05 -34.56
C ASN A 152 -21.32 -31.01 -35.78
N ILE A 153 -21.01 -29.81 -36.24
CA ILE A 153 -20.15 -29.62 -37.41
C ILE A 153 -18.87 -30.47 -37.33
N HIS A 154 -18.33 -30.62 -36.13
CA HIS A 154 -17.11 -31.40 -35.93
C HIS A 154 -17.34 -32.89 -36.15
N GLU A 155 -18.50 -33.37 -35.75
CA GLU A 155 -18.83 -34.79 -35.88
C GLU A 155 -19.21 -35.18 -37.30
N SER A 156 -20.37 -34.69 -37.74
CA SER A 156 -20.93 -35.03 -39.04
C SER A 156 -20.60 -34.21 -40.29
N CYS A 157 -20.09 -32.99 -40.16
CA CYS A 157 -19.80 -32.18 -41.36
C CYS A 157 -18.34 -31.94 -41.77
N MET A 158 -17.39 -32.49 -41.03
CA MET A 158 -15.99 -32.29 -41.38
C MET A 158 -15.62 -32.99 -42.68
N SER A 159 -14.85 -32.32 -43.53
CA SER A 159 -14.45 -32.94 -44.79
C SER A 159 -13.24 -33.84 -44.56
N GLN A 160 -13.31 -35.05 -45.12
CA GLN A 160 -12.24 -36.02 -44.99
C GLN A 160 -10.98 -35.58 -45.70
N ILE A 161 -11.15 -34.82 -46.77
CA ILE A 161 -10.04 -34.30 -47.55
C ILE A 161 -10.24 -32.81 -47.70
N GLY A 162 -9.14 -32.07 -47.62
CA GLY A 162 -9.21 -30.63 -47.73
C GLY A 162 -9.40 -29.99 -46.37
N TRP A 163 -9.18 -28.69 -46.30
CA TRP A 163 -9.33 -27.98 -45.03
C TRP A 163 -10.76 -27.64 -44.63
N ASN A 164 -10.90 -27.39 -43.33
CA ASN A 164 -12.17 -27.03 -42.72
C ASN A 164 -11.87 -25.82 -41.85
N ARG A 165 -12.49 -24.69 -42.16
CA ARG A 165 -12.29 -23.47 -41.39
C ARG A 165 -13.61 -22.89 -40.99
N ILE A 166 -13.69 -22.50 -39.72
CA ILE A 166 -14.91 -21.95 -39.16
C ILE A 166 -14.69 -20.49 -38.80
N ILE A 167 -15.66 -19.66 -39.15
CA ILE A 167 -15.60 -18.24 -38.88
C ILE A 167 -16.58 -17.88 -37.78
N VAL A 168 -16.04 -17.36 -36.68
CA VAL A 168 -16.83 -16.98 -35.52
C VAL A 168 -17.07 -15.49 -35.56
N GLU A 169 -18.32 -15.10 -35.77
CA GLU A 169 -18.67 -13.69 -35.83
C GLU A 169 -18.36 -12.95 -34.52
N LYS A 170 -18.86 -13.50 -33.41
CA LYS A 170 -18.65 -12.88 -32.11
C LYS A 170 -17.91 -13.76 -31.11
N PRO A 171 -16.67 -13.38 -30.73
CA PRO A 171 -15.88 -14.15 -29.78
C PRO A 171 -16.33 -13.77 -28.38
N PHE A 172 -16.50 -12.46 -28.19
CA PHE A 172 -16.92 -11.91 -26.91
C PHE A 172 -18.40 -12.15 -26.68
N GLY A 173 -18.69 -12.67 -25.48
CA GLY A 173 -20.05 -12.96 -25.08
C GLY A 173 -20.49 -12.03 -23.96
N ARG A 174 -21.45 -12.48 -23.15
CA ARG A 174 -21.96 -11.66 -22.05
C ARG A 174 -21.06 -11.61 -20.81
N ASP A 175 -20.63 -12.78 -20.36
CA ASP A 175 -19.80 -12.86 -19.18
C ASP A 175 -18.41 -13.32 -19.55
N LEU A 176 -17.53 -13.28 -18.56
CA LEU A 176 -16.17 -13.74 -18.72
C LEU A 176 -16.19 -15.26 -18.53
N GLN A 177 -16.97 -15.74 -17.56
CA GLN A 177 -17.03 -17.17 -17.30
C GLN A 177 -17.50 -17.89 -18.55
N SER A 178 -18.62 -17.42 -19.11
CA SER A 178 -19.20 -18.02 -20.30
C SER A 178 -18.32 -17.92 -21.57
N SER A 179 -17.92 -16.70 -21.94
CA SER A 179 -17.08 -16.49 -23.11
C SER A 179 -15.90 -17.44 -23.10
N ASP A 180 -15.30 -17.55 -21.93
CA ASP A 180 -14.15 -18.40 -21.74
C ASP A 180 -14.51 -19.87 -21.97
N ARG A 181 -15.47 -20.37 -21.20
CA ARG A 181 -15.94 -21.75 -21.33
C ARG A 181 -16.20 -22.08 -22.80
N LEU A 182 -16.89 -21.17 -23.50
CA LEU A 182 -17.21 -21.37 -24.91
C LEU A 182 -15.94 -21.42 -25.75
N SER A 183 -15.12 -20.39 -25.63
CA SER A 183 -13.87 -20.32 -26.40
C SER A 183 -13.03 -21.60 -26.27
N ASN A 184 -13.10 -22.25 -25.12
CA ASN A 184 -12.34 -23.47 -24.89
C ASN A 184 -13.04 -24.70 -25.43
N HIS A 185 -14.37 -24.69 -25.41
CA HIS A 185 -15.15 -25.80 -25.95
C HIS A 185 -14.79 -25.92 -27.43
N ILE A 186 -14.71 -24.78 -28.11
CA ILE A 186 -14.39 -24.76 -29.53
C ILE A 186 -12.95 -25.22 -29.73
N SER A 187 -12.04 -24.71 -28.89
CA SER A 187 -10.63 -25.07 -28.97
C SER A 187 -10.32 -26.56 -28.70
N SER A 188 -11.31 -27.31 -28.19
CA SER A 188 -11.10 -28.71 -27.92
C SER A 188 -11.51 -29.57 -29.12
N LEU A 189 -12.30 -28.98 -30.01
CA LEU A 189 -12.76 -29.69 -31.19
C LEU A 189 -11.90 -29.32 -32.41
N PHE A 190 -11.67 -28.03 -32.58
CA PHE A 190 -10.89 -27.51 -33.69
C PHE A 190 -9.58 -26.98 -33.14
N ARG A 191 -8.55 -26.97 -33.97
CA ARG A 191 -7.27 -26.43 -33.54
C ARG A 191 -7.20 -25.00 -34.04
N GLU A 192 -6.47 -24.16 -33.31
CA GLU A 192 -6.33 -22.74 -33.62
C GLU A 192 -6.28 -22.34 -35.10
N ASP A 193 -5.58 -23.13 -35.92
CA ASP A 193 -5.49 -22.80 -37.34
C ASP A 193 -6.74 -23.09 -38.18
N GLN A 194 -7.87 -23.27 -37.51
CA GLN A 194 -9.14 -23.52 -38.19
C GLN A 194 -10.16 -22.52 -37.68
N ILE A 195 -9.81 -21.86 -36.59
CA ILE A 195 -10.69 -20.89 -35.96
C ILE A 195 -10.36 -19.46 -36.43
N TYR A 196 -11.35 -18.82 -37.05
CA TYR A 196 -11.16 -17.47 -37.55
C TYR A 196 -12.11 -16.50 -36.83
N ARG A 197 -11.65 -15.95 -35.71
CA ARG A 197 -12.47 -15.02 -34.92
C ARG A 197 -12.55 -13.64 -35.53
N ILE A 198 -13.77 -13.14 -35.66
CA ILE A 198 -14.02 -11.85 -36.27
C ILE A 198 -13.91 -10.62 -35.40
N ASP A 199 -13.53 -9.53 -36.05
CA ASP A 199 -13.45 -8.17 -35.50
C ASP A 199 -13.26 -7.33 -36.77
N HIS A 200 -14.38 -7.06 -37.41
CA HIS A 200 -14.38 -6.35 -38.66
C HIS A 200 -13.51 -5.12 -38.81
N TYR A 201 -13.14 -4.48 -37.71
CA TYR A 201 -12.33 -3.28 -37.86
C TYR A 201 -10.95 -3.59 -38.37
N LEU A 202 -10.49 -4.80 -38.13
CA LEU A 202 -9.17 -5.24 -38.58
C LEU A 202 -9.13 -5.36 -40.11
N GLY A 203 -10.29 -5.27 -40.75
CA GLY A 203 -10.37 -5.37 -42.19
C GLY A 203 -10.61 -4.05 -42.90
N LYS A 204 -10.66 -2.95 -42.15
CA LYS A 204 -10.89 -1.66 -42.78
C LYS A 204 -9.58 -1.10 -43.34
N GLU A 205 -9.62 -0.62 -44.58
CA GLU A 205 -8.46 -0.06 -45.27
C GLU A 205 -7.43 0.65 -44.38
N MET A 206 -7.83 1.76 -43.76
CA MET A 206 -6.93 2.55 -42.91
C MET A 206 -6.31 1.82 -41.72
N VAL A 207 -7.05 0.88 -41.13
CA VAL A 207 -6.57 0.11 -39.99
C VAL A 207 -5.39 -0.80 -40.37
N GLN A 208 -5.49 -1.44 -41.54
CA GLN A 208 -4.41 -2.30 -42.01
C GLN A 208 -3.21 -1.44 -42.33
N ASN A 209 -3.48 -0.30 -42.97
CA ASN A 209 -2.45 0.63 -43.38
C ASN A 209 -1.52 1.04 -42.25
N LEU A 210 -2.04 1.08 -41.02
CA LEU A 210 -1.24 1.47 -39.84
C LEU A 210 0.14 0.82 -39.84
N MET A 211 0.17 -0.49 -39.98
CA MET A 211 1.41 -1.23 -39.98
C MET A 211 2.40 -0.78 -41.04
N VAL A 212 1.90 -0.44 -42.24
CA VAL A 212 2.76 0.03 -43.32
C VAL A 212 3.28 1.44 -43.02
N LEU A 213 2.37 2.31 -42.56
CA LEU A 213 2.73 3.68 -42.22
C LEU A 213 3.87 3.69 -41.21
N ARG A 214 3.76 2.84 -40.19
CA ARG A 214 4.77 2.77 -39.16
C ARG A 214 6.09 2.08 -39.53
N PHE A 215 6.00 0.86 -40.06
CA PHE A 215 7.19 0.09 -40.35
C PHE A 215 7.87 0.18 -41.72
N ALA A 216 7.31 0.94 -42.64
CA ALA A 216 7.93 1.06 -43.97
C ALA A 216 8.45 2.48 -44.21
N ASN A 217 8.32 3.33 -43.19
CA ASN A 217 8.75 4.71 -43.29
C ASN A 217 9.77 5.11 -42.24
N ARG A 218 10.72 5.94 -42.65
CA ARG A 218 11.75 6.43 -41.74
C ARG A 218 11.28 7.70 -41.09
N ILE A 219 10.49 8.50 -41.80
CA ILE A 219 9.98 9.75 -41.23
C ILE A 219 9.08 9.52 -40.01
N PHE A 220 8.69 8.27 -39.77
CA PHE A 220 7.83 7.97 -38.65
C PHE A 220 8.47 7.01 -37.66
N GLY A 221 9.62 6.45 -38.00
CA GLY A 221 10.28 5.51 -37.11
C GLY A 221 10.74 6.06 -35.77
N PRO A 222 11.85 6.81 -35.78
CA PRO A 222 12.44 7.42 -34.58
C PRO A 222 11.56 8.35 -33.75
N ILE A 223 10.34 8.64 -34.21
CA ILE A 223 9.47 9.55 -33.48
C ILE A 223 8.47 8.79 -32.64
N TRP A 224 8.16 7.57 -33.04
CA TRP A 224 7.17 6.74 -32.36
C TRP A 224 7.62 6.24 -30.97
N ASN A 225 7.75 7.12 -29.99
CA ASN A 225 8.19 6.72 -28.63
C ASN A 225 8.03 7.82 -27.57
N ARG A 226 7.99 7.42 -26.30
CA ARG A 226 7.79 8.34 -25.16
C ARG A 226 8.60 9.63 -25.15
N ASP A 227 9.71 9.63 -25.87
CA ASP A 227 10.55 10.80 -25.92
C ASP A 227 9.92 11.90 -26.78
N ASN A 228 9.08 11.52 -27.73
CA ASN A 228 8.45 12.51 -28.59
C ASN A 228 6.94 12.61 -28.45
N ILE A 229 6.27 11.50 -28.20
CA ILE A 229 4.81 11.52 -28.08
C ILE A 229 4.28 11.91 -26.71
N ALA A 230 3.32 12.82 -26.69
CA ALA A 230 2.70 13.28 -25.45
C ALA A 230 1.45 12.46 -25.09
N CYS A 231 0.72 11.97 -26.10
CA CYS A 231 -0.46 11.15 -25.86
C CYS A 231 -1.04 10.58 -27.15
N VAL A 232 -1.86 9.55 -27.01
CA VAL A 232 -2.48 8.92 -28.15
C VAL A 232 -3.98 8.85 -27.90
N ILE A 233 -4.77 9.22 -28.91
CA ILE A 233 -6.22 9.21 -28.78
C ILE A 233 -6.87 8.38 -29.86
N LEU A 234 -7.61 7.37 -29.43
CA LEU A 234 -8.32 6.47 -30.32
C LEU A 234 -9.77 6.80 -30.11
N THR A 235 -10.38 7.43 -31.11
CA THR A 235 -11.78 7.87 -31.07
C THR A 235 -12.76 7.01 -31.90
N PHE A 236 -14.00 6.90 -31.44
CA PHE A 236 -15.06 6.15 -32.13
C PHE A 236 -16.43 6.82 -31.85
N LYS A 237 -16.98 7.52 -32.84
CA LYS A 237 -18.25 8.24 -32.65
C LYS A 237 -19.37 7.91 -33.63
N GLU A 238 -20.59 7.75 -33.09
CA GLU A 238 -21.79 7.48 -33.89
C GLU A 238 -22.81 8.59 -33.61
N PRO A 239 -23.34 9.22 -34.66
CA PRO A 239 -24.31 10.31 -34.55
C PRO A 239 -25.68 9.89 -34.09
N PHE A 240 -26.03 8.64 -34.38
CA PHE A 240 -27.33 8.11 -34.02
C PHE A 240 -27.32 7.40 -32.68
N GLY A 241 -28.48 7.39 -32.02
CA GLY A 241 -28.58 6.72 -30.74
C GLY A 241 -28.93 5.27 -30.97
N THR A 242 -29.42 4.60 -29.94
CA THR A 242 -29.81 3.21 -30.07
C THR A 242 -31.14 3.20 -30.79
N GLU A 243 -31.08 3.07 -32.11
CA GLU A 243 -32.26 3.07 -32.96
C GLU A 243 -33.32 2.03 -32.56
N GLY A 244 -34.17 2.42 -31.62
CA GLY A 244 -35.25 1.56 -31.15
C GLY A 244 -34.88 0.32 -30.35
N ARG A 245 -33.86 -0.42 -30.80
CA ARG A 245 -33.46 -1.65 -30.13
C ARG A 245 -32.61 -1.47 -28.88
N GLY A 246 -32.95 -0.46 -28.09
CA GLY A 246 -32.20 -0.19 -26.88
C GLY A 246 -32.13 -1.36 -25.91
N GLY A 247 -33.17 -2.20 -25.92
CA GLY A 247 -33.21 -3.34 -25.03
C GLY A 247 -32.04 -4.29 -25.12
N TYR A 248 -31.57 -4.55 -26.33
CA TYR A 248 -30.44 -5.44 -26.56
C TYR A 248 -29.11 -4.85 -26.09
N PHE A 249 -28.85 -3.62 -26.50
CA PHE A 249 -27.63 -2.91 -26.15
C PHE A 249 -27.43 -2.82 -24.64
N ASP A 250 -28.49 -2.54 -23.92
CA ASP A 250 -28.45 -2.41 -22.46
C ASP A 250 -27.69 -3.53 -21.73
N GLU A 251 -27.63 -4.72 -22.34
CA GLU A 251 -26.94 -5.85 -21.71
C GLU A 251 -25.42 -5.76 -21.76
N PHE A 252 -24.90 -4.97 -22.70
CA PHE A 252 -23.46 -4.83 -22.88
C PHE A 252 -22.85 -3.53 -22.41
N GLY A 253 -23.45 -2.42 -22.83
CA GLY A 253 -22.90 -1.14 -22.45
C GLY A 253 -21.84 -0.82 -23.47
N ILE A 254 -21.59 0.46 -23.67
CA ILE A 254 -20.61 0.93 -24.64
C ILE A 254 -19.21 0.32 -24.53
N ILE A 255 -18.75 0.00 -23.33
CA ILE A 255 -17.41 -0.57 -23.16
C ILE A 255 -17.28 -1.90 -23.88
N ARG A 256 -18.09 -2.87 -23.48
CA ARG A 256 -18.06 -4.20 -24.10
C ARG A 256 -18.39 -4.15 -25.59
N ASP A 257 -19.22 -3.18 -25.98
CA ASP A 257 -19.65 -3.03 -27.36
C ASP A 257 -18.59 -2.50 -28.33
N VAL A 258 -17.83 -1.50 -27.91
CA VAL A 258 -16.84 -0.92 -28.82
C VAL A 258 -15.43 -0.86 -28.29
N MET A 259 -15.27 -0.38 -27.07
CA MET A 259 -13.95 -0.22 -26.51
C MET A 259 -13.16 -1.51 -26.37
N GLN A 260 -13.71 -2.44 -25.60
CA GLN A 260 -13.09 -3.73 -25.31
C GLN A 260 -12.61 -4.45 -26.55
N ASN A 261 -13.24 -4.19 -27.67
CA ASN A 261 -12.83 -4.85 -28.89
C ASN A 261 -12.15 -3.98 -29.93
N HIS A 262 -12.90 -3.11 -30.60
CA HIS A 262 -12.30 -2.27 -31.64
C HIS A 262 -11.14 -1.38 -31.19
N LEU A 263 -11.46 -0.40 -30.36
CA LEU A 263 -10.45 0.53 -29.90
C LEU A 263 -9.21 -0.19 -29.43
N LEU A 264 -9.37 -1.18 -28.57
CA LEU A 264 -8.24 -1.94 -28.06
C LEU A 264 -7.33 -2.43 -29.18
N GLN A 265 -7.94 -2.97 -30.23
CA GLN A 265 -7.17 -3.48 -31.37
C GLN A 265 -6.33 -2.37 -31.99
N MET A 266 -6.93 -1.21 -32.22
CA MET A 266 -6.22 -0.09 -32.82
C MET A 266 -5.04 0.27 -31.93
N LEU A 267 -5.24 0.18 -30.62
CA LEU A 267 -4.18 0.49 -29.67
C LEU A 267 -3.03 -0.48 -29.91
N CYS A 268 -3.34 -1.77 -30.06
CA CYS A 268 -2.34 -2.81 -30.31
C CYS A 268 -1.51 -2.44 -31.52
N LEU A 269 -2.18 -2.24 -32.64
CA LEU A 269 -1.50 -1.89 -33.87
C LEU A 269 -0.65 -0.62 -33.77
N VAL A 270 -1.08 0.32 -32.95
CA VAL A 270 -0.37 1.58 -32.78
C VAL A 270 0.84 1.46 -31.83
N ALA A 271 0.78 0.54 -30.88
CA ALA A 271 1.83 0.36 -29.89
C ALA A 271 2.78 -0.83 -29.99
N MET A 272 2.42 -1.81 -30.79
CA MET A 272 3.25 -2.99 -30.95
C MET A 272 4.64 -2.68 -31.50
N GLU A 273 5.58 -3.54 -31.14
CA GLU A 273 6.96 -3.41 -31.58
C GLU A 273 7.02 -4.01 -32.99
N LYS A 274 8.09 -3.76 -33.72
CA LYS A 274 8.20 -4.31 -35.07
C LYS A 274 8.28 -5.83 -34.96
N PRO A 275 7.42 -6.55 -35.70
CA PRO A 275 7.38 -8.02 -35.70
C PRO A 275 8.53 -8.66 -36.48
N ALA A 276 8.75 -9.96 -36.25
CA ALA A 276 9.84 -10.68 -36.94
C ALA A 276 9.62 -10.75 -38.46
N SER A 277 8.35 -10.68 -38.88
CA SER A 277 7.97 -10.74 -40.29
C SER A 277 6.48 -10.43 -40.37
N THR A 278 5.90 -10.49 -41.57
CA THR A 278 4.48 -10.21 -41.74
C THR A 278 3.64 -11.49 -41.58
N ASN A 279 4.27 -12.53 -41.06
CA ASN A 279 3.58 -13.80 -40.83
C ASN A 279 2.51 -13.61 -39.77
N SER A 280 1.31 -14.08 -40.05
CA SER A 280 0.19 -13.98 -39.13
C SER A 280 0.55 -14.08 -37.66
N ASP A 281 1.21 -15.17 -37.27
CA ASP A 281 1.59 -15.34 -35.86
C ASP A 281 2.68 -14.41 -35.35
N ASP A 282 3.66 -14.11 -36.19
CA ASP A 282 4.72 -13.19 -35.79
C ASP A 282 4.14 -11.82 -35.49
N VAL A 283 3.08 -11.46 -36.19
CA VAL A 283 2.41 -10.20 -35.98
C VAL A 283 1.58 -10.26 -34.69
N ARG A 284 0.67 -11.22 -34.63
CA ARG A 284 -0.16 -11.37 -33.45
C ARG A 284 0.64 -11.46 -32.16
N ASP A 285 1.84 -12.06 -32.24
CA ASP A 285 2.68 -12.18 -31.07
C ASP A 285 3.01 -10.78 -30.54
N GLU A 286 3.44 -9.91 -31.44
CA GLU A 286 3.80 -8.55 -31.05
C GLU A 286 2.64 -7.80 -30.45
N LYS A 287 1.45 -8.15 -30.91
CA LYS A 287 0.21 -7.52 -30.43
C LYS A 287 -0.03 -7.85 -28.96
N VAL A 288 -0.16 -9.13 -28.66
CA VAL A 288 -0.43 -9.57 -27.29
C VAL A 288 0.71 -9.19 -26.33
N LYS A 289 1.91 -9.04 -26.88
CA LYS A 289 3.05 -8.62 -26.08
C LYS A 289 2.68 -7.27 -25.46
N VAL A 290 2.05 -6.41 -26.24
CA VAL A 290 1.63 -5.09 -25.76
C VAL A 290 0.62 -5.21 -24.64
N LEU A 291 -0.48 -5.89 -24.93
CA LEU A 291 -1.55 -6.09 -23.96
C LEU A 291 -0.99 -6.53 -22.61
N LYS A 292 -0.01 -7.42 -22.63
CA LYS A 292 0.58 -7.92 -21.41
C LYS A 292 1.25 -6.84 -20.54
N CYS A 293 1.45 -5.65 -21.09
CA CYS A 293 2.10 -4.57 -20.33
C CYS A 293 1.12 -3.49 -19.89
N ILE A 294 -0.17 -3.76 -20.04
CA ILE A 294 -1.19 -2.80 -19.64
C ILE A 294 -1.75 -3.17 -18.29
N SER A 295 -1.65 -2.27 -17.33
CA SER A 295 -2.17 -2.52 -16.00
C SER A 295 -3.71 -2.39 -16.01
N GLU A 296 -4.38 -3.06 -15.07
CA GLU A 296 -5.83 -3.01 -14.99
C GLU A 296 -6.33 -1.58 -14.86
N VAL A 297 -7.39 -1.29 -15.62
CA VAL A 297 -8.02 0.02 -15.67
C VAL A 297 -8.44 0.56 -14.30
N GLN A 298 -8.06 1.79 -14.01
CA GLN A 298 -8.41 2.41 -12.74
C GLN A 298 -9.70 3.21 -12.82
N ALA A 299 -10.57 3.07 -11.83
CA ALA A 299 -11.84 3.79 -11.79
C ALA A 299 -11.65 5.28 -11.81
N ASN A 300 -10.46 5.73 -11.49
CA ASN A 300 -10.15 7.16 -11.47
C ASN A 300 -9.91 7.78 -12.86
N ASN A 301 -9.68 6.96 -13.88
CA ASN A 301 -9.42 7.44 -15.25
C ASN A 301 -10.60 7.10 -16.16
N VAL A 302 -11.79 7.07 -15.61
CA VAL A 302 -12.98 6.72 -16.36
C VAL A 302 -14.07 7.75 -16.23
N VAL A 303 -14.71 8.03 -17.35
CA VAL A 303 -15.82 8.98 -17.39
C VAL A 303 -16.94 8.30 -18.15
N LEU A 304 -18.09 8.15 -17.49
CA LEU A 304 -19.24 7.51 -18.10
C LEU A 304 -20.35 8.50 -18.38
N GLY A 305 -21.11 8.24 -19.43
CA GLY A 305 -22.21 9.12 -19.78
C GLY A 305 -23.37 8.35 -20.40
N GLN A 306 -24.56 8.92 -20.31
CA GLN A 306 -25.74 8.30 -20.87
C GLN A 306 -26.47 9.44 -21.52
N TYR A 307 -26.92 9.25 -22.76
CA TYR A 307 -27.59 10.31 -23.50
C TYR A 307 -29.06 10.58 -23.13
N VAL A 308 -29.41 11.86 -23.20
CA VAL A 308 -30.75 12.33 -22.92
C VAL A 308 -31.24 12.97 -24.22
N GLY A 309 -32.52 12.82 -24.53
CA GLY A 309 -33.08 13.39 -25.76
C GLY A 309 -32.97 14.89 -25.88
N ASN A 310 -32.97 15.37 -27.11
CA ASN A 310 -32.87 16.81 -27.37
C ASN A 310 -34.22 17.37 -27.80
N PRO A 311 -34.77 18.31 -27.02
CA PRO A 311 -36.06 18.96 -27.30
C PRO A 311 -36.10 19.78 -28.61
N ASP A 312 -34.98 20.37 -29.00
CA ASP A 312 -34.94 21.17 -30.23
C ASP A 312 -34.72 20.34 -31.48
N GLY A 313 -34.50 19.04 -31.30
CA GLY A 313 -34.26 18.18 -32.45
C GLY A 313 -35.54 17.72 -33.12
N GLU A 314 -35.46 16.59 -33.83
CA GLU A 314 -36.62 16.04 -34.51
C GLU A 314 -36.42 14.55 -34.71
N GLY A 315 -37.53 13.81 -34.76
CA GLY A 315 -37.44 12.37 -34.94
C GLY A 315 -36.79 11.73 -33.73
N GLU A 316 -35.82 10.84 -33.98
CA GLU A 316 -35.12 10.12 -32.91
C GLU A 316 -34.36 11.06 -31.96
N ALA A 317 -33.96 12.22 -32.46
CA ALA A 317 -33.20 13.22 -31.68
C ALA A 317 -33.88 13.77 -30.43
N THR A 318 -35.17 13.54 -30.27
CA THR A 318 -35.90 14.02 -29.11
C THR A 318 -36.00 12.93 -28.05
N LYS A 319 -35.96 11.68 -28.49
CA LYS A 319 -36.07 10.56 -27.58
C LYS A 319 -34.71 10.18 -26.97
N GLY A 320 -34.60 10.32 -25.65
CA GLY A 320 -33.38 9.96 -24.95
C GLY A 320 -33.25 8.47 -24.78
N TYR A 321 -32.21 8.03 -24.06
CA TYR A 321 -32.00 6.61 -23.86
C TYR A 321 -33.17 5.93 -23.17
N LEU A 322 -33.50 6.42 -21.98
CA LEU A 322 -34.59 5.83 -21.20
C LEU A 322 -35.98 5.92 -21.84
N ASP A 323 -36.13 6.78 -22.83
CA ASP A 323 -37.42 6.93 -23.51
C ASP A 323 -37.70 5.73 -24.41
N ASP A 324 -36.73 4.83 -24.50
CA ASP A 324 -36.82 3.61 -25.29
C ASP A 324 -37.55 2.57 -24.41
N PRO A 325 -38.76 2.18 -24.79
CA PRO A 325 -39.55 1.21 -24.03
C PRO A 325 -38.82 -0.10 -23.76
N THR A 326 -38.04 -0.55 -24.75
CA THR A 326 -37.32 -1.80 -24.63
C THR A 326 -36.32 -1.81 -23.47
N VAL A 327 -35.89 -0.63 -23.03
CA VAL A 327 -34.91 -0.53 -21.94
C VAL A 327 -35.54 -0.32 -20.56
N PRO A 328 -35.10 -1.11 -19.56
CA PRO A 328 -35.58 -1.06 -18.17
C PRO A 328 -35.57 0.36 -17.63
N ARG A 329 -36.73 0.85 -17.25
CA ARG A 329 -36.93 2.21 -16.73
C ARG A 329 -35.87 2.80 -15.80
N GLY A 330 -35.18 1.97 -15.02
CA GLY A 330 -34.16 2.50 -14.11
C GLY A 330 -32.72 2.17 -14.46
N SER A 331 -32.40 2.12 -15.74
CA SER A 331 -31.05 1.78 -16.19
C SER A 331 -29.95 2.80 -15.93
N THR A 332 -28.74 2.29 -15.73
CA THR A 332 -27.56 3.11 -15.50
C THR A 332 -26.48 2.75 -16.52
N THR A 333 -26.87 2.02 -17.57
CA THR A 333 -25.94 1.62 -18.62
C THR A 333 -25.44 2.84 -19.38
N ALA A 334 -24.12 2.89 -19.56
CA ALA A 334 -23.48 3.99 -20.26
C ALA A 334 -23.47 3.82 -21.77
N THR A 335 -23.74 4.92 -22.47
CA THR A 335 -23.75 4.95 -23.93
C THR A 335 -22.50 5.66 -24.43
N PHE A 336 -21.71 6.18 -23.49
CA PHE A 336 -20.48 6.89 -23.79
C PHE A 336 -19.49 6.56 -22.68
N ALA A 337 -18.21 6.49 -23.05
CA ALA A 337 -17.16 6.20 -22.08
C ALA A 337 -15.82 6.69 -22.60
N ALA A 338 -15.03 7.27 -21.70
CA ALA A 338 -13.70 7.77 -22.03
C ALA A 338 -12.79 7.13 -20.98
N VAL A 339 -11.86 6.29 -21.43
CA VAL A 339 -10.97 5.62 -20.51
C VAL A 339 -9.51 5.88 -20.86
N VAL A 340 -8.66 5.92 -19.84
CA VAL A 340 -7.24 6.14 -20.06
C VAL A 340 -6.50 4.86 -19.70
N LEU A 341 -5.64 4.40 -20.59
CA LEU A 341 -4.83 3.18 -20.39
C LEU A 341 -3.36 3.50 -20.54
N TYR A 342 -2.51 2.70 -19.89
CA TYR A 342 -1.05 2.88 -19.96
C TYR A 342 -0.32 1.59 -20.28
N VAL A 343 0.71 1.72 -21.11
CA VAL A 343 1.53 0.58 -21.50
C VAL A 343 2.87 0.70 -20.79
N GLU A 344 3.14 -0.19 -19.84
CA GLU A 344 4.38 -0.13 -19.09
C GLU A 344 5.56 -0.85 -19.70
N ASN A 345 6.23 -0.19 -20.64
CA ASN A 345 7.41 -0.76 -21.28
C ASN A 345 8.35 0.35 -21.74
N GLU A 346 9.61 -0.01 -21.97
CA GLU A 346 10.63 0.94 -22.41
C GLU A 346 10.21 1.94 -23.47
N ARG A 347 9.26 1.58 -24.32
CA ARG A 347 8.82 2.49 -25.37
C ARG A 347 7.72 3.47 -24.98
N TRP A 348 6.68 2.96 -24.32
CA TRP A 348 5.52 3.77 -23.96
C TRP A 348 5.36 4.13 -22.49
N ASP A 349 6.35 3.80 -21.67
CA ASP A 349 6.25 4.08 -20.25
C ASP A 349 5.86 5.53 -19.96
N GLY A 350 4.70 5.72 -19.34
CA GLY A 350 4.23 7.05 -19.00
C GLY A 350 3.27 7.73 -19.98
N VAL A 351 3.24 7.28 -21.23
CA VAL A 351 2.36 7.87 -22.24
C VAL A 351 0.91 7.39 -22.09
N PRO A 352 -0.04 8.33 -22.03
CA PRO A 352 -1.45 8.01 -21.89
C PRO A 352 -2.20 7.70 -23.18
N PHE A 353 -2.89 6.57 -23.17
CA PHE A 353 -3.70 6.15 -24.30
C PHE A 353 -5.14 6.46 -23.95
N ILE A 354 -5.71 7.44 -24.62
CA ILE A 354 -7.08 7.84 -24.37
C ILE A 354 -8.06 7.19 -25.33
N LEU A 355 -8.91 6.32 -24.79
CA LEU A 355 -9.92 5.64 -25.58
C LEU A 355 -11.26 6.32 -25.30
N ARG A 356 -11.82 7.00 -26.30
CA ARG A 356 -13.10 7.67 -26.13
C ARG A 356 -14.08 7.21 -27.21
N CYS A 357 -15.29 6.83 -26.78
CA CYS A 357 -16.33 6.35 -27.68
C CYS A 357 -17.72 6.66 -27.14
N GLY A 358 -18.71 6.71 -28.04
CA GLY A 358 -20.07 6.98 -27.61
C GLY A 358 -21.10 7.06 -28.73
N LYS A 359 -22.37 6.86 -28.39
CA LYS A 359 -23.47 6.93 -29.34
C LYS A 359 -24.23 8.24 -29.20
N ALA A 360 -25.05 8.57 -30.20
CA ALA A 360 -25.84 9.78 -30.16
C ALA A 360 -25.02 11.06 -30.03
N LEU A 361 -23.91 11.11 -30.75
CA LEU A 361 -23.05 12.28 -30.71
C LEU A 361 -23.26 13.20 -31.92
N ASN A 362 -22.38 14.18 -32.08
CA ASN A 362 -22.50 15.14 -33.17
C ASN A 362 -22.02 14.69 -34.53
N GLU A 363 -21.33 13.56 -34.64
CA GLU A 363 -20.85 13.09 -35.93
C GLU A 363 -20.54 11.61 -35.93
N ARG A 364 -19.93 11.14 -37.01
CA ARG A 364 -19.56 9.75 -37.15
C ARG A 364 -18.15 9.69 -37.68
N LYS A 365 -17.21 9.24 -36.86
CA LYS A 365 -15.82 9.10 -37.27
C LYS A 365 -15.05 8.19 -36.33
N ALA A 366 -13.95 7.64 -36.81
CA ALA A 366 -13.10 6.76 -36.02
C ALA A 366 -11.71 7.13 -36.47
N GLU A 367 -10.86 7.54 -35.52
CA GLU A 367 -9.49 7.92 -35.88
C GLU A 367 -8.45 7.70 -34.78
N VAL A 368 -7.20 7.62 -35.23
CA VAL A 368 -6.09 7.45 -34.34
C VAL A 368 -5.40 8.78 -34.46
N ARG A 369 -5.01 9.36 -33.33
CA ARG A 369 -4.33 10.64 -33.32
C ARG A 369 -3.23 10.63 -32.31
N LEU A 370 -2.07 11.14 -32.72
CA LEU A 370 -0.91 11.23 -31.82
C LEU A 370 -0.56 12.72 -31.68
N GLN A 371 -0.42 13.18 -30.44
CA GLN A 371 -0.03 14.56 -30.19
C GLN A 371 1.41 14.51 -29.67
N PHE A 372 2.33 15.16 -30.36
CA PHE A 372 3.73 15.15 -29.96
C PHE A 372 4.05 16.19 -28.88
N HIS A 373 5.26 16.14 -28.34
CA HIS A 373 5.70 17.08 -27.29
C HIS A 373 6.10 18.43 -27.85
N ASP A 374 6.12 19.44 -26.97
CA ASP A 374 6.52 20.79 -27.39
C ASP A 374 8.00 20.72 -27.80
N VAL A 375 8.41 21.53 -28.76
CA VAL A 375 9.81 21.54 -29.16
C VAL A 375 10.67 22.08 -28.01
N ALA A 376 11.83 21.48 -27.83
CA ALA A 376 12.76 21.89 -26.77
C ALA A 376 13.55 23.15 -27.15
N GLY A 377 13.60 24.12 -26.23
CA GLY A 377 14.33 25.34 -26.50
C GLY A 377 13.65 26.19 -27.54
N ASP A 378 12.45 26.64 -27.22
CA ASP A 378 11.64 27.46 -28.12
C ASP A 378 12.29 28.80 -28.42
N ILE A 379 12.28 29.20 -29.70
CA ILE A 379 12.86 30.47 -30.11
C ILE A 379 11.80 31.36 -30.79
N PHE A 380 10.55 30.91 -30.77
CA PHE A 380 9.48 31.68 -31.40
C PHE A 380 8.49 32.24 -30.39
N HIS A 381 8.91 32.39 -29.14
CA HIS A 381 8.06 32.94 -28.09
C HIS A 381 6.68 32.26 -28.00
N GLN A 382 6.69 31.00 -27.59
CA GLN A 382 5.48 30.18 -27.44
C GLN A 382 4.35 30.31 -28.46
N GLN A 383 4.65 30.78 -29.67
CA GLN A 383 3.64 30.89 -30.71
C GLN A 383 3.36 29.51 -31.32
N CYS A 384 4.20 28.53 -30.97
CA CYS A 384 4.08 27.18 -31.48
C CYS A 384 3.01 26.33 -30.81
N LYS A 385 2.52 25.35 -31.54
CA LYS A 385 1.53 24.44 -31.04
C LYS A 385 2.06 23.06 -31.36
N ARG A 386 1.66 22.07 -30.57
CA ARG A 386 2.11 20.70 -30.75
C ARG A 386 1.71 20.06 -32.10
N ASN A 387 2.65 19.34 -32.72
CA ASN A 387 2.40 18.65 -33.97
C ASN A 387 1.49 17.46 -33.64
N GLU A 388 0.78 16.94 -34.64
CA GLU A 388 -0.11 15.81 -34.41
C GLU A 388 -0.20 15.00 -35.69
N LEU A 389 -0.35 13.69 -35.55
CA LEU A 389 -0.50 12.83 -36.71
C LEU A 389 -1.88 12.21 -36.58
N VAL A 390 -2.66 12.32 -37.64
CA VAL A 390 -4.03 11.79 -37.65
C VAL A 390 -4.30 10.78 -38.76
N ILE A 391 -4.90 9.67 -38.38
CA ILE A 391 -5.23 8.63 -39.32
C ILE A 391 -6.72 8.37 -39.15
N ARG A 392 -7.53 8.96 -40.04
CA ARG A 392 -8.99 8.84 -40.00
C ARG A 392 -9.45 7.58 -40.71
N VAL A 393 -9.89 6.59 -39.94
CA VAL A 393 -10.35 5.32 -40.50
C VAL A 393 -11.61 5.46 -41.35
N GLN A 394 -12.51 6.35 -40.93
CA GLN A 394 -13.77 6.59 -41.63
C GLN A 394 -14.48 7.76 -40.97
N PRO A 395 -15.20 8.57 -41.76
CA PRO A 395 -15.38 8.45 -43.21
C PRO A 395 -14.26 9.20 -43.96
N ASN A 396 -14.34 9.23 -45.29
CA ASN A 396 -13.35 9.89 -46.12
C ASN A 396 -11.93 9.59 -45.68
N GLU A 397 -11.58 8.31 -45.66
CA GLU A 397 -10.26 7.86 -45.23
C GLU A 397 -9.12 8.77 -45.64
N ALA A 398 -8.39 9.25 -44.64
CA ALA A 398 -7.29 10.16 -44.86
C ALA A 398 -6.29 10.11 -43.71
N VAL A 399 -5.08 10.59 -43.96
CA VAL A 399 -4.01 10.64 -42.97
C VAL A 399 -3.28 11.95 -43.21
N TYR A 400 -2.99 12.67 -42.12
CA TYR A 400 -2.29 13.95 -42.23
C TYR A 400 -1.54 14.31 -40.96
N THR A 401 -0.60 15.25 -41.07
CA THR A 401 0.17 15.69 -39.93
C THR A 401 0.00 17.19 -39.81
N LYS A 402 -0.51 17.63 -38.66
CA LYS A 402 -0.67 19.05 -38.44
C LYS A 402 0.70 19.53 -37.96
N MET A 403 1.25 20.53 -38.65
CA MET A 403 2.55 21.10 -38.29
C MET A 403 2.57 22.61 -38.38
N MET A 404 3.75 23.20 -38.21
CA MET A 404 3.92 24.65 -38.24
C MET A 404 4.54 25.13 -39.54
N THR A 405 4.13 26.30 -39.99
CA THR A 405 4.66 26.87 -41.22
C THR A 405 4.60 28.39 -41.07
N LYS A 406 5.55 29.09 -41.67
CA LYS A 406 5.56 30.54 -41.61
C LYS A 406 4.26 31.03 -42.22
N LYS A 407 3.55 31.92 -41.53
CA LYS A 407 2.30 32.46 -42.05
C LYS A 407 2.62 33.03 -43.43
N PRO A 408 2.00 32.48 -44.48
CA PRO A 408 2.21 32.92 -45.86
C PRO A 408 1.89 34.39 -46.08
N GLY A 409 2.75 35.05 -46.87
CA GLY A 409 2.58 36.46 -47.16
C GLY A 409 3.63 37.28 -46.43
N MET A 410 3.36 38.58 -46.26
CA MET A 410 4.30 39.46 -45.57
C MET A 410 4.23 39.24 -44.07
N PHE A 411 4.54 38.03 -43.61
CA PHE A 411 4.49 37.75 -42.19
C PHE A 411 5.75 37.05 -41.75
N PHE A 412 6.08 37.19 -40.47
CA PHE A 412 7.28 36.59 -39.92
C PHE A 412 6.93 35.40 -39.01
N ASN A 413 5.90 35.58 -38.20
CA ASN A 413 5.45 34.55 -37.27
C ASN A 413 4.87 33.33 -37.97
N PRO A 414 4.92 32.16 -37.31
CA PRO A 414 4.40 30.93 -37.89
C PRO A 414 2.96 30.69 -37.44
N GLU A 415 2.28 29.76 -38.11
CA GLU A 415 0.91 29.38 -37.78
C GLU A 415 0.74 27.91 -38.17
N GLU A 416 -0.38 27.31 -37.79
CA GLU A 416 -0.63 25.91 -38.10
C GLU A 416 -1.06 25.64 -39.54
N SER A 417 -0.71 24.47 -40.03
CA SER A 417 -1.02 24.03 -41.40
C SER A 417 -0.82 22.52 -41.37
N GLU A 418 -0.78 21.87 -42.53
CA GLU A 418 -0.63 20.42 -42.53
C GLU A 418 -0.27 19.75 -43.86
N LEU A 419 0.38 18.59 -43.75
CA LEU A 419 0.73 17.80 -44.93
C LEU A 419 -0.39 16.77 -44.94
N ASP A 420 -1.14 16.71 -46.05
CA ASP A 420 -2.30 15.84 -46.14
C ASP A 420 -2.31 14.84 -47.29
N LEU A 421 -3.01 13.73 -47.07
CA LEU A 421 -3.19 12.68 -48.06
C LEU A 421 -4.61 12.14 -47.92
N THR A 422 -5.52 12.57 -48.78
CA THR A 422 -6.91 12.12 -48.74
C THR A 422 -7.16 11.15 -49.89
N TYR A 423 -7.52 9.91 -49.56
CA TYR A 423 -7.78 8.88 -50.58
C TYR A 423 -8.85 9.29 -51.61
N GLY A 424 -9.83 10.07 -51.16
CA GLY A 424 -10.89 10.53 -52.04
C GLY A 424 -10.43 11.29 -53.28
N ASN A 425 -9.36 12.06 -53.16
CA ASN A 425 -8.87 12.82 -54.30
C ASN A 425 -7.67 12.15 -54.93
N ARG A 426 -6.71 11.76 -54.10
CA ARG A 426 -5.50 11.13 -54.58
C ARG A 426 -5.81 9.83 -55.34
N TYR A 427 -6.77 9.06 -54.84
CA TYR A 427 -7.11 7.80 -55.48
C TYR A 427 -8.59 7.71 -55.83
N LYS A 428 -9.07 8.75 -56.50
CA LYS A 428 -10.47 8.89 -56.92
C LYS A 428 -11.10 7.75 -57.69
N ASN A 429 -10.28 6.87 -58.26
CA ASN A 429 -10.81 5.76 -59.04
C ASN A 429 -11.15 4.54 -58.20
N VAL A 430 -10.12 3.94 -57.62
CA VAL A 430 -10.28 2.74 -56.81
C VAL A 430 -11.36 2.82 -55.73
N LYS A 431 -12.23 1.81 -55.71
CA LYS A 431 -13.29 1.73 -54.71
C LYS A 431 -12.74 0.85 -53.61
N LEU A 432 -12.91 1.30 -52.37
CA LEU A 432 -12.41 0.56 -51.23
C LEU A 432 -13.43 -0.48 -50.79
N PRO A 433 -12.98 -1.74 -50.66
CA PRO A 433 -13.82 -2.87 -50.25
C PRO A 433 -14.34 -2.83 -48.82
N ASP A 434 -15.52 -3.39 -48.61
CA ASP A 434 -16.10 -3.44 -47.28
C ASP A 434 -15.25 -4.40 -46.48
N ALA A 435 -15.10 -4.10 -45.20
CA ALA A 435 -14.31 -4.93 -44.31
C ALA A 435 -14.49 -6.43 -44.51
N TYR A 436 -15.77 -6.84 -44.57
CA TYR A 436 -16.09 -8.25 -44.74
C TYR A 436 -15.55 -8.93 -45.99
N GLU A 437 -15.42 -8.18 -47.08
CA GLU A 437 -14.88 -8.77 -48.30
C GLU A 437 -13.44 -9.22 -48.07
N ARG A 438 -12.62 -8.28 -47.62
CA ARG A 438 -11.23 -8.56 -47.36
C ARG A 438 -11.08 -9.63 -46.30
N LEU A 439 -11.96 -9.60 -45.30
CA LEU A 439 -11.89 -10.58 -44.23
C LEU A 439 -12.21 -11.99 -44.72
N ILE A 440 -13.35 -12.15 -45.36
CA ILE A 440 -13.77 -13.46 -45.87
C ILE A 440 -12.69 -14.00 -46.81
N LEU A 441 -12.19 -13.15 -47.68
CA LEU A 441 -11.15 -13.55 -48.63
C LEU A 441 -9.95 -14.05 -47.85
N ASP A 442 -9.58 -13.32 -46.81
CA ASP A 442 -8.48 -13.72 -45.96
C ASP A 442 -8.71 -15.16 -45.50
N VAL A 443 -9.95 -15.49 -45.13
CA VAL A 443 -10.28 -16.85 -44.67
C VAL A 443 -10.02 -17.88 -45.75
N PHE A 444 -10.36 -17.54 -46.99
CA PHE A 444 -10.12 -18.44 -48.12
C PHE A 444 -8.60 -18.61 -48.30
N CYS A 445 -7.86 -17.51 -48.36
CA CYS A 445 -6.42 -17.59 -48.51
C CYS A 445 -5.73 -18.24 -47.29
N GLY A 446 -6.40 -18.19 -46.13
CA GLY A 446 -5.84 -18.77 -44.90
C GLY A 446 -4.92 -17.84 -44.13
N SER A 447 -5.31 -16.57 -43.98
CA SER A 447 -4.50 -15.59 -43.26
C SER A 447 -5.21 -15.15 -41.97
N GLN A 448 -4.78 -15.72 -40.85
CA GLN A 448 -5.35 -15.39 -39.56
C GLN A 448 -4.87 -14.06 -39.02
N MET A 449 -3.98 -13.38 -39.75
CA MET A 449 -3.42 -12.09 -39.32
C MET A 449 -4.45 -11.03 -38.95
N HIS A 450 -5.60 -11.04 -39.59
CA HIS A 450 -6.64 -10.05 -39.32
C HIS A 450 -7.74 -10.59 -38.40
N PHE A 451 -7.41 -11.66 -37.68
CA PHE A 451 -8.35 -12.32 -36.77
C PHE A 451 -7.81 -12.45 -35.34
N VAL A 452 -8.72 -12.37 -34.36
CA VAL A 452 -8.35 -12.46 -32.95
C VAL A 452 -7.90 -13.86 -32.50
N ARG A 453 -6.85 -13.89 -31.70
CA ARG A 453 -6.30 -15.14 -31.18
C ARG A 453 -6.71 -15.36 -29.74
N SER A 454 -6.78 -16.62 -29.34
CA SER A 454 -7.18 -17.00 -27.99
C SER A 454 -6.59 -16.11 -26.90
N ASP A 455 -5.27 -16.05 -26.83
CA ASP A 455 -4.60 -15.25 -25.83
C ASP A 455 -5.00 -13.77 -25.88
N GLU A 456 -5.21 -13.23 -27.08
CA GLU A 456 -5.61 -11.82 -27.21
C GLU A 456 -6.91 -11.56 -26.45
N LEU A 457 -7.85 -12.49 -26.60
CA LEU A 457 -9.15 -12.40 -25.93
C LEU A 457 -8.98 -12.45 -24.43
N LEU A 458 -8.09 -13.31 -23.97
CA LEU A 458 -7.84 -13.44 -22.54
C LEU A 458 -7.33 -12.13 -21.97
N GLU A 459 -6.30 -11.55 -22.58
CA GLU A 459 -5.75 -10.30 -22.09
C GLU A 459 -6.77 -9.16 -22.13
N ALA A 460 -7.67 -9.18 -23.12
CA ALA A 460 -8.70 -8.16 -23.24
C ALA A 460 -9.62 -8.26 -22.02
N TRP A 461 -9.99 -9.49 -21.67
CA TRP A 461 -10.84 -9.71 -20.51
C TRP A 461 -10.10 -9.28 -19.23
N ARG A 462 -8.85 -9.69 -19.13
CA ARG A 462 -7.96 -9.41 -18.00
C ARG A 462 -7.98 -7.94 -17.60
N ILE A 463 -7.95 -7.07 -18.61
CA ILE A 463 -7.90 -5.63 -18.39
C ILE A 463 -9.21 -4.95 -17.96
N PHE A 464 -10.31 -5.35 -18.58
CA PHE A 464 -11.60 -4.74 -18.28
C PHE A 464 -12.51 -5.35 -17.26
N THR A 465 -12.40 -6.65 -16.99
CA THR A 465 -13.31 -7.23 -16.01
C THR A 465 -13.34 -6.55 -14.63
N PRO A 466 -12.16 -6.18 -14.08
CA PRO A 466 -12.16 -5.52 -12.77
C PRO A 466 -13.08 -4.31 -12.74
N LEU A 467 -12.94 -3.46 -13.76
CA LEU A 467 -13.76 -2.26 -13.89
C LEU A 467 -15.23 -2.66 -14.09
N LEU A 468 -15.47 -3.45 -15.13
CA LEU A 468 -16.81 -3.90 -15.48
C LEU A 468 -17.61 -4.42 -14.32
N HIS A 469 -16.97 -5.23 -13.49
CA HIS A 469 -17.64 -5.79 -12.33
C HIS A 469 -17.99 -4.70 -11.31
N GLN A 470 -17.02 -3.81 -11.05
CA GLN A 470 -17.22 -2.71 -10.11
C GLN A 470 -18.42 -1.87 -10.52
N ILE A 471 -18.50 -1.57 -11.81
CA ILE A 471 -19.60 -0.78 -12.35
C ILE A 471 -20.94 -1.44 -12.08
N GLU A 472 -21.00 -2.74 -12.27
CA GLU A 472 -22.25 -3.44 -12.05
C GLU A 472 -22.55 -3.53 -10.56
N LEU A 473 -21.51 -3.56 -9.76
CA LEU A 473 -21.67 -3.66 -8.32
C LEU A 473 -22.23 -2.39 -7.71
N GLU A 474 -21.49 -1.30 -7.89
CA GLU A 474 -21.87 -0.01 -7.34
C GLU A 474 -22.85 0.80 -8.19
N LYS A 475 -23.19 0.28 -9.36
CA LYS A 475 -24.13 0.94 -10.29
C LYS A 475 -24.07 2.48 -10.31
N PRO A 476 -22.96 3.05 -10.78
CA PRO A 476 -22.78 4.50 -10.86
C PRO A 476 -23.76 5.12 -11.85
N LYS A 477 -24.26 6.32 -11.53
CA LYS A 477 -25.17 7.00 -12.44
C LYS A 477 -24.34 7.75 -13.47
N PRO A 478 -24.49 7.41 -14.76
CA PRO A 478 -23.73 8.06 -15.82
C PRO A 478 -24.04 9.53 -15.91
N ILE A 479 -23.12 10.29 -16.50
CA ILE A 479 -23.28 11.73 -16.70
C ILE A 479 -24.15 11.92 -17.94
N PRO A 480 -25.31 12.58 -17.79
CA PRO A 480 -26.22 12.82 -18.90
C PRO A 480 -25.66 13.81 -19.89
N TYR A 481 -25.82 13.52 -21.17
CA TYR A 481 -25.36 14.42 -22.21
C TYR A 481 -26.43 14.51 -23.28
N ILE A 482 -26.78 15.74 -23.65
CA ILE A 482 -27.79 15.99 -24.66
C ILE A 482 -27.44 15.37 -26.01
N TYR A 483 -28.41 14.69 -26.62
CA TYR A 483 -28.26 14.03 -27.91
C TYR A 483 -27.69 15.02 -28.93
N GLY A 484 -26.67 14.59 -29.65
CA GLY A 484 -26.09 15.46 -30.66
C GLY A 484 -24.92 16.30 -30.21
N SER A 485 -24.63 16.33 -28.93
CA SER A 485 -23.50 17.11 -28.45
C SER A 485 -22.25 16.24 -28.50
N ARG A 486 -21.11 16.79 -28.07
CA ARG A 486 -19.85 16.06 -28.06
C ARG A 486 -19.71 15.13 -26.86
N GLY A 487 -20.66 15.18 -25.95
CA GLY A 487 -20.62 14.33 -24.76
C GLY A 487 -20.28 15.12 -23.51
N PRO A 488 -20.13 14.44 -22.36
CA PRO A 488 -19.82 15.05 -21.05
C PRO A 488 -18.55 15.90 -21.07
N THR A 489 -18.64 17.11 -20.56
CA THR A 489 -17.50 18.01 -20.50
C THR A 489 -16.38 17.31 -19.73
N GLU A 490 -16.77 16.59 -18.69
CA GLU A 490 -15.83 15.85 -17.85
C GLU A 490 -14.82 15.06 -18.67
N ALA A 491 -15.28 14.44 -19.75
CA ALA A 491 -14.39 13.66 -20.60
C ALA A 491 -13.25 14.53 -21.10
N ASP A 492 -13.56 15.75 -21.55
CA ASP A 492 -12.53 16.65 -22.04
C ASP A 492 -11.59 17.03 -20.91
N GLU A 493 -12.16 17.30 -19.75
CA GLU A 493 -11.36 17.67 -18.59
C GLU A 493 -10.40 16.54 -18.25
N LEU A 494 -10.82 15.30 -18.49
CA LEU A 494 -9.98 14.13 -18.23
C LEU A 494 -8.78 14.18 -19.15
N MET A 495 -9.04 14.32 -20.45
CA MET A 495 -7.98 14.36 -21.43
C MET A 495 -6.95 15.44 -21.14
N LYS A 496 -7.41 16.62 -20.73
CA LYS A 496 -6.48 17.70 -20.44
C LYS A 496 -5.61 17.35 -19.25
N ARG A 497 -6.25 16.92 -18.16
CA ARG A 497 -5.55 16.54 -16.94
C ARG A 497 -4.43 15.55 -17.21
N VAL A 498 -4.73 14.53 -17.99
CA VAL A 498 -3.79 13.48 -18.30
C VAL A 498 -2.68 13.84 -19.28
N GLY A 499 -2.72 15.03 -19.87
CA GLY A 499 -1.66 15.40 -20.79
C GLY A 499 -2.02 16.07 -22.11
N PHE A 500 -3.24 15.86 -22.58
CA PHE A 500 -3.70 16.43 -23.84
C PHE A 500 -3.94 17.93 -23.80
N GLN A 501 -3.42 18.64 -24.80
CA GLN A 501 -3.60 20.09 -24.90
C GLN A 501 -4.43 20.42 -26.12
N TYR A 502 -5.61 21.00 -25.92
CA TYR A 502 -6.48 21.36 -27.03
C TYR A 502 -6.34 22.80 -27.44
N GLU A 503 -6.14 23.00 -28.74
CA GLU A 503 -5.98 24.32 -29.32
C GLU A 503 -7.19 24.59 -30.23
N GLY A 504 -8.01 25.56 -29.86
CA GLY A 504 -9.16 25.89 -30.68
C GLY A 504 -8.71 26.75 -31.85
N THR A 505 -7.41 27.04 -31.90
CA THR A 505 -6.85 27.86 -32.96
C THR A 505 -6.23 27.02 -34.06
N TYR A 506 -7.07 26.55 -34.96
CA TYR A 506 -6.64 25.76 -36.09
C TYR A 506 -7.70 25.89 -37.18
N LYS A 507 -7.33 26.53 -38.28
CA LYS A 507 -8.21 26.75 -39.42
C LYS A 507 -8.08 25.62 -40.43
N TRP A 508 -9.12 25.39 -41.23
CA TRP A 508 -9.04 24.40 -42.28
C TRP A 508 -9.98 24.68 -43.44
N VAL A 509 -9.44 24.61 -44.65
CA VAL A 509 -10.21 24.85 -45.86
C VAL A 509 -10.00 23.62 -46.72
N ASN A 510 -10.63 23.56 -47.90
CA ASN A 510 -10.47 22.40 -48.78
C ASN A 510 -9.42 22.57 -49.89
N HIS B 10 3.15 49.86 -36.46
CA HIS B 10 4.38 49.16 -36.89
C HIS B 10 4.00 47.81 -37.47
N VAL B 11 4.74 47.38 -38.49
CA VAL B 11 4.51 46.09 -39.15
C VAL B 11 5.14 44.97 -38.31
N CYS B 12 6.48 44.93 -38.28
CA CYS B 12 7.20 43.92 -37.51
C CYS B 12 6.97 44.11 -35.99
N GLY B 13 7.36 43.10 -35.19
CA GLY B 13 7.18 43.18 -33.75
C GLY B 13 8.46 43.20 -32.91
N ILE B 14 8.32 43.58 -31.64
CA ILE B 14 9.46 43.65 -30.71
C ILE B 14 9.05 43.14 -29.33
N GLN B 27 6.74 57.25 -34.24
CA GLN B 27 6.52 56.66 -35.60
C GLN B 27 6.73 57.74 -36.67
N SER B 28 6.36 57.40 -37.90
CA SER B 28 6.46 58.29 -39.07
C SER B 28 7.47 59.45 -39.16
N ASP B 29 8.71 59.09 -39.49
CA ASP B 29 9.78 60.06 -39.71
C ASP B 29 9.78 60.09 -41.24
N THR B 30 10.40 61.09 -41.84
CA THR B 30 10.46 61.17 -43.28
C THR B 30 11.53 60.19 -43.81
N HIS B 31 11.35 59.69 -45.03
CA HIS B 31 12.28 58.75 -45.66
C HIS B 31 12.53 59.13 -47.12
N ILE B 32 13.73 58.84 -47.60
CA ILE B 32 14.10 59.11 -48.99
C ILE B 32 14.74 57.87 -49.62
N PHE B 33 14.13 57.41 -50.71
CA PHE B 33 14.57 56.24 -51.44
C PHE B 33 15.31 56.75 -52.69
N ILE B 34 16.64 56.73 -52.62
CA ILE B 34 17.50 57.17 -53.71
C ILE B 34 17.81 55.98 -54.60
N ILE B 35 17.31 55.98 -55.81
CA ILE B 35 17.59 54.86 -56.71
C ILE B 35 18.77 55.22 -57.60
N MET B 36 19.95 54.78 -57.19
CA MET B 36 21.17 55.06 -57.94
C MET B 36 21.17 54.21 -59.21
N GLY B 37 21.23 54.89 -60.36
CA GLY B 37 21.21 54.18 -61.63
C GLY B 37 19.77 53.96 -62.07
N ALA B 38 18.93 54.94 -61.76
CA ALA B 38 17.51 54.90 -62.07
C ALA B 38 17.16 54.71 -63.56
N SER B 39 18.11 54.93 -64.45
CA SER B 39 17.83 54.76 -65.88
C SER B 39 18.03 53.31 -66.32
N GLY B 40 18.86 52.58 -65.58
CA GLY B 40 19.16 51.19 -65.90
C GLY B 40 18.00 50.22 -65.94
N ASP B 41 18.20 49.13 -66.66
CA ASP B 41 17.19 48.09 -66.83
C ASP B 41 16.62 47.60 -65.49
N LEU B 42 17.51 47.33 -64.54
CA LEU B 42 17.10 46.86 -63.23
C LEU B 42 16.17 47.84 -62.53
N ALA B 43 16.46 49.13 -62.66
CA ALA B 43 15.63 50.14 -62.03
C ALA B 43 14.21 50.19 -62.57
N LYS B 44 14.08 50.50 -63.86
CA LYS B 44 12.77 50.60 -64.49
C LYS B 44 11.96 49.31 -64.52
N LYS B 45 12.65 48.18 -64.53
CA LYS B 45 11.97 46.89 -64.59
C LYS B 45 11.69 46.17 -63.27
N LYS B 46 12.46 46.50 -62.22
CA LYS B 46 12.26 45.84 -60.95
C LYS B 46 12.17 46.77 -59.75
N ILE B 47 13.20 47.59 -59.56
CA ILE B 47 13.23 48.52 -58.42
C ILE B 47 12.04 49.46 -58.36
N TYR B 48 11.84 50.23 -59.42
CA TYR B 48 10.73 51.17 -59.46
C TYR B 48 9.40 50.48 -59.24
N PRO B 49 9.08 49.43 -60.03
CA PRO B 49 7.80 48.74 -59.84
C PRO B 49 7.59 48.31 -58.38
N THR B 50 8.59 47.63 -57.82
CA THR B 50 8.54 47.16 -56.44
C THR B 50 8.22 48.28 -55.45
N ILE B 51 8.98 49.36 -55.50
CA ILE B 51 8.76 50.47 -54.58
C ILE B 51 7.35 51.01 -54.68
N TRP B 52 6.79 50.99 -55.87
CA TRP B 52 5.43 51.47 -56.05
C TRP B 52 4.45 50.49 -55.42
N TRP B 53 4.71 49.19 -55.57
CA TRP B 53 3.83 48.18 -54.99
C TRP B 53 3.81 48.31 -53.48
N LEU B 54 4.98 48.54 -52.89
CA LEU B 54 5.09 48.71 -51.45
C LEU B 54 4.27 49.93 -51.04
N PHE B 55 4.34 50.98 -51.85
CA PHE B 55 3.61 52.21 -51.59
C PHE B 55 2.11 51.92 -51.69
N ARG B 56 1.75 51.24 -52.77
CA ARG B 56 0.37 50.86 -53.07
C ARG B 56 -0.33 50.10 -51.95
N ASP B 57 0.35 49.12 -51.36
CA ASP B 57 -0.23 48.35 -50.28
C ASP B 57 -0.12 49.07 -48.94
N GLY B 58 0.38 50.31 -48.98
CA GLY B 58 0.51 51.11 -47.77
C GLY B 58 1.48 50.51 -46.77
N LEU B 59 2.63 50.06 -47.26
CA LEU B 59 3.65 49.47 -46.42
C LEU B 59 4.79 50.46 -46.18
N LEU B 60 4.89 51.45 -47.05
CA LEU B 60 5.92 52.46 -46.90
C LEU B 60 5.42 53.53 -45.94
N PRO B 61 6.34 54.12 -45.16
CA PRO B 61 5.95 55.16 -44.19
C PRO B 61 5.25 56.31 -44.92
N GLU B 62 4.40 57.03 -44.20
CA GLU B 62 3.64 58.13 -44.78
C GLU B 62 4.52 59.13 -45.51
N ASN B 63 5.57 59.57 -44.83
CA ASN B 63 6.46 60.55 -45.42
C ASN B 63 7.63 59.89 -46.13
N THR B 64 7.42 59.53 -47.39
CA THR B 64 8.46 58.89 -48.17
C THR B 64 8.52 59.57 -49.52
N PHE B 65 9.74 59.75 -50.01
CA PHE B 65 9.96 60.39 -51.30
C PHE B 65 10.92 59.52 -52.09
N ILE B 66 10.70 59.42 -53.40
CA ILE B 66 11.57 58.60 -54.23
C ILE B 66 12.37 59.53 -55.12
N VAL B 67 13.67 59.29 -55.14
CA VAL B 67 14.58 60.09 -55.93
C VAL B 67 15.44 59.22 -56.82
N GLY B 68 15.18 59.31 -58.12
CA GLY B 68 15.93 58.55 -59.09
C GLY B 68 17.11 59.40 -59.53
N TYR B 69 18.26 58.76 -59.69
CA TYR B 69 19.48 59.46 -60.10
C TYR B 69 20.14 58.65 -61.21
N ALA B 70 20.57 59.32 -62.28
CA ALA B 70 21.23 58.64 -63.38
C ALA B 70 22.05 59.61 -64.22
N ARG B 71 22.88 59.04 -65.09
CA ARG B 71 23.76 59.79 -65.97
C ARG B 71 23.06 60.71 -66.97
N SER B 72 22.19 60.14 -67.79
CA SER B 72 21.46 60.86 -68.85
C SER B 72 20.47 61.90 -68.37
N ARG B 73 20.49 63.07 -69.01
CA ARG B 73 19.58 64.16 -68.67
C ARG B 73 18.14 63.71 -68.93
N LEU B 74 17.51 63.11 -67.92
CA LEU B 74 16.15 62.60 -68.07
C LEU B 74 15.03 63.57 -67.86
N THR B 75 14.02 63.41 -68.71
CA THR B 75 12.82 64.23 -68.66
C THR B 75 12.21 64.00 -67.28
N VAL B 76 11.32 64.91 -66.88
CA VAL B 76 10.65 64.85 -65.59
C VAL B 76 10.24 63.41 -65.20
N ALA B 77 10.24 63.14 -63.89
CA ALA B 77 9.86 61.83 -63.37
C ALA B 77 8.53 61.41 -64.03
N ASP B 78 7.48 62.20 -63.82
CA ASP B 78 6.16 61.94 -64.41
C ASP B 78 6.24 61.90 -65.96
N ILE B 79 7.11 62.74 -66.53
CA ILE B 79 7.29 62.80 -67.98
C ILE B 79 7.93 61.50 -68.48
N ARG B 80 9.26 61.43 -68.41
CA ARG B 80 9.99 60.28 -68.90
C ARG B 80 9.99 59.03 -67.99
N LYS B 81 9.74 59.20 -66.69
CA LYS B 81 9.74 58.04 -65.77
C LYS B 81 8.40 57.47 -65.27
N GLN B 82 7.49 57.31 -66.21
CA GLN B 82 6.17 56.72 -66.02
C GLN B 82 5.92 56.09 -67.38
N SER B 83 6.74 56.51 -68.35
CA SER B 83 6.69 56.03 -69.71
C SER B 83 7.53 54.75 -69.79
N GLU B 84 8.71 54.77 -69.20
CA GLU B 84 9.55 53.58 -69.21
C GLU B 84 8.88 52.51 -68.31
N PRO B 85 8.73 52.79 -67.00
CA PRO B 85 8.07 51.78 -66.15
C PRO B 85 6.54 51.99 -66.18
N PHE B 86 5.79 50.93 -65.87
CA PHE B 86 4.32 50.95 -65.90
C PHE B 86 3.84 49.54 -65.52
N PHE B 87 4.80 48.66 -65.30
CA PHE B 87 4.58 47.26 -64.98
C PHE B 87 3.56 46.96 -63.88
N LYS B 88 2.44 46.37 -64.28
CA LYS B 88 1.34 45.97 -63.39
C LYS B 88 0.45 47.10 -62.86
N ALA B 89 -0.13 47.87 -63.78
CA ALA B 89 -1.00 48.98 -63.45
C ALA B 89 -2.45 48.52 -63.45
N THR B 90 -3.26 49.11 -62.60
CA THR B 90 -4.68 48.76 -62.51
C THR B 90 -5.52 50.02 -62.76
N PRO B 91 -6.55 49.91 -63.61
CA PRO B 91 -7.43 51.03 -63.97
C PRO B 91 -7.87 51.89 -62.78
N GLU B 92 -8.54 51.27 -61.81
CA GLU B 92 -9.06 51.95 -60.63
C GLU B 92 -8.01 52.51 -59.65
N GLU B 93 -6.75 52.12 -59.85
CA GLU B 93 -5.69 52.60 -58.97
C GLU B 93 -5.11 53.94 -59.47
N LYS B 94 -5.63 54.45 -60.59
CA LYS B 94 -5.18 55.72 -61.17
C LYS B 94 -4.92 56.85 -60.16
N LEU B 95 -5.82 57.01 -59.20
CA LEU B 95 -5.69 58.05 -58.17
C LEU B 95 -4.38 57.93 -57.39
N LYS B 96 -4.24 56.83 -56.64
CA LYS B 96 -3.04 56.59 -55.85
C LYS B 96 -1.79 56.60 -56.74
N LEU B 97 -1.97 56.31 -58.02
CA LEU B 97 -0.86 56.28 -58.97
C LEU B 97 -0.27 57.68 -59.15
N GLU B 98 -1.14 58.67 -59.38
CA GLU B 98 -0.67 60.05 -59.56
C GLU B 98 -0.07 60.55 -58.25
N ASP B 99 -0.69 60.12 -57.15
CA ASP B 99 -0.26 60.47 -55.80
C ASP B 99 1.20 60.04 -55.63
N PHE B 100 1.49 58.83 -56.08
CA PHE B 100 2.83 58.25 -56.00
C PHE B 100 3.86 59.12 -56.71
N PHE B 101 3.54 59.57 -57.92
CA PHE B 101 4.50 60.37 -58.66
C PHE B 101 4.75 61.75 -58.09
N ALA B 102 3.85 62.19 -57.20
CA ALA B 102 4.00 63.48 -56.54
C ALA B 102 5.13 63.37 -55.53
N ARG B 103 5.49 62.13 -55.17
CA ARG B 103 6.58 61.85 -54.22
C ARG B 103 7.90 61.63 -54.95
N ASN B 104 7.80 61.33 -56.24
CA ASN B 104 8.99 61.09 -57.02
C ASN B 104 9.64 62.37 -57.49
N SER B 105 10.89 62.25 -57.93
CA SER B 105 11.66 63.36 -58.43
C SER B 105 12.90 62.76 -59.10
N TYR B 106 13.59 63.56 -59.89
CA TYR B 106 14.79 63.10 -60.59
C TYR B 106 15.97 64.08 -60.50
N VAL B 107 17.18 63.55 -60.67
CA VAL B 107 18.41 64.31 -60.65
C VAL B 107 19.38 63.63 -61.61
N ALA B 108 20.08 64.41 -62.43
CA ALA B 108 21.02 63.86 -63.40
C ALA B 108 22.44 64.19 -62.96
N GLY B 109 23.40 63.35 -63.34
CA GLY B 109 24.79 63.58 -62.99
C GLY B 109 25.69 62.40 -63.23
N GLN B 110 27.01 62.63 -63.19
CA GLN B 110 27.98 61.56 -63.39
C GLN B 110 28.36 60.94 -62.04
N TYR B 111 28.61 59.64 -62.05
CA TYR B 111 28.95 58.88 -60.84
C TYR B 111 30.39 59.06 -60.34
N ASP B 112 30.93 60.27 -60.42
CA ASP B 112 32.32 60.47 -59.99
C ASP B 112 32.71 61.89 -59.58
N ASP B 113 32.19 62.90 -60.28
CA ASP B 113 32.53 64.28 -59.96
C ASP B 113 31.65 64.82 -58.82
N ALA B 114 32.31 65.16 -57.70
CA ALA B 114 31.64 65.68 -56.51
C ALA B 114 30.63 66.80 -56.78
N ALA B 115 30.77 67.46 -57.92
CA ALA B 115 29.87 68.56 -58.30
C ALA B 115 28.43 68.06 -58.41
N SER B 116 28.26 66.97 -59.16
CA SER B 116 26.95 66.36 -59.36
C SER B 116 26.35 65.91 -58.01
N TYR B 117 27.12 65.12 -57.26
CA TYR B 117 26.71 64.62 -55.94
C TYR B 117 26.41 65.77 -54.99
N GLN B 118 27.05 66.91 -55.24
CA GLN B 118 26.86 68.08 -54.41
C GLN B 118 25.44 68.61 -54.55
N ARG B 119 24.95 68.70 -55.79
CA ARG B 119 23.59 69.19 -55.99
C ARG B 119 22.53 68.15 -55.59
N LEU B 120 22.93 66.88 -55.60
CA LEU B 120 22.00 65.82 -55.19
C LEU B 120 21.65 66.07 -53.74
N ASN B 121 22.69 66.11 -52.90
CA ASN B 121 22.54 66.35 -51.46
C ASN B 121 21.65 67.58 -51.23
N SER B 122 21.92 68.65 -51.96
CA SER B 122 21.16 69.91 -51.87
C SER B 122 19.68 69.63 -52.14
N HIS B 123 19.40 68.95 -53.25
CA HIS B 123 18.04 68.60 -53.64
C HIS B 123 17.31 67.82 -52.54
N MET B 124 18.05 66.93 -51.88
CA MET B 124 17.48 66.12 -50.80
C MET B 124 17.07 67.03 -49.64
N ASN B 125 17.97 67.94 -49.25
CA ASN B 125 17.69 68.87 -48.17
C ASN B 125 16.55 69.82 -48.54
N ALA B 126 16.40 70.05 -49.85
CA ALA B 126 15.33 70.91 -50.37
C ALA B 126 13.96 70.29 -50.09
N LEU B 127 13.91 68.96 -50.03
CA LEU B 127 12.67 68.25 -49.76
C LEU B 127 12.23 68.57 -48.32
N HIS B 128 10.93 68.53 -48.09
CA HIS B 128 10.39 68.80 -46.76
C HIS B 128 11.06 67.88 -45.72
N LEU B 129 11.95 68.46 -44.93
CA LEU B 129 12.68 67.74 -43.87
C LEU B 129 13.79 66.82 -44.38
N GLY B 130 14.38 67.17 -45.52
CA GLY B 130 15.44 66.37 -46.10
C GLY B 130 16.64 66.10 -45.20
N SER B 131 17.01 67.11 -44.42
CA SER B 131 18.13 67.04 -43.49
C SER B 131 17.87 66.08 -42.32
N GLN B 132 16.59 65.89 -42.01
CA GLN B 132 16.13 65.04 -40.92
C GLN B 132 15.90 63.59 -41.40
N ALA B 133 15.38 63.49 -42.61
CA ALA B 133 15.04 62.22 -43.24
C ALA B 133 16.08 61.12 -43.28
N ASN B 134 15.60 59.88 -43.20
CA ASN B 134 16.46 58.71 -43.27
C ASN B 134 16.74 58.55 -44.75
N ARG B 135 17.96 58.17 -45.10
CA ARG B 135 18.31 58.00 -46.49
C ARG B 135 18.65 56.56 -46.77
N LEU B 136 18.06 56.03 -47.83
CA LEU B 136 18.28 54.65 -48.25
C LEU B 136 18.77 54.69 -49.70
N PHE B 137 20.00 54.23 -49.92
CA PHE B 137 20.61 54.24 -51.25
C PHE B 137 20.65 52.88 -51.94
N TYR B 138 19.83 52.70 -52.97
CA TYR B 138 19.79 51.43 -53.69
C TYR B 138 20.77 51.52 -54.85
N LEU B 139 21.75 50.63 -54.90
CA LEU B 139 22.73 50.64 -55.98
C LEU B 139 22.38 49.76 -57.16
N ALA B 140 21.53 50.27 -58.03
CA ALA B 140 21.08 49.55 -59.22
C ALA B 140 21.93 49.85 -60.45
N LEU B 141 23.25 49.66 -60.31
CA LEU B 141 24.18 49.91 -61.40
C LEU B 141 25.40 48.98 -61.33
N PRO B 142 26.15 48.84 -62.45
CA PRO B 142 27.33 47.99 -62.59
C PRO B 142 28.41 48.12 -61.51
N PRO B 143 28.93 46.98 -61.00
CA PRO B 143 29.96 46.82 -59.96
C PRO B 143 31.22 47.65 -60.13
N THR B 144 31.48 48.08 -61.36
CA THR B 144 32.65 48.90 -61.67
C THR B 144 32.57 50.25 -60.95
N VAL B 145 31.38 50.85 -61.05
CA VAL B 145 31.11 52.15 -60.46
C VAL B 145 30.96 52.14 -58.94
N TYR B 146 30.64 50.97 -58.37
CA TYR B 146 30.46 50.82 -56.91
C TYR B 146 31.49 51.57 -56.07
N GLU B 147 32.78 51.33 -56.34
CA GLU B 147 33.85 51.96 -55.60
C GLU B 147 33.69 53.48 -55.52
N ALA B 148 33.44 54.11 -56.67
CA ALA B 148 33.28 55.56 -56.75
C ALA B 148 32.02 56.04 -56.05
N VAL B 149 30.88 55.49 -56.45
CA VAL B 149 29.58 55.86 -55.86
C VAL B 149 29.64 55.83 -54.35
N THR B 150 30.14 54.72 -53.82
CA THR B 150 30.27 54.51 -52.38
C THR B 150 31.09 55.65 -51.79
N LYS B 151 32.21 55.95 -52.43
CA LYS B 151 33.10 57.02 -52.03
C LYS B 151 32.35 58.36 -51.89
N ASN B 152 31.74 58.79 -52.98
CA ASN B 152 31.01 60.06 -53.03
C ASN B 152 29.81 60.16 -52.10
N ILE B 153 29.01 59.11 -52.03
CA ILE B 153 27.84 59.12 -51.17
C ILE B 153 28.24 59.37 -49.71
N HIS B 154 29.32 58.70 -49.28
CA HIS B 154 29.82 58.81 -47.92
C HIS B 154 30.24 60.24 -47.58
N GLU B 155 30.82 60.92 -48.55
CA GLU B 155 31.27 62.29 -48.35
C GLU B 155 30.12 63.28 -48.35
N SER B 156 29.54 63.50 -49.52
CA SER B 156 28.49 64.50 -49.67
C SER B 156 27.00 64.20 -49.43
N CYS B 157 26.60 62.94 -49.40
CA CYS B 157 25.18 62.63 -49.24
C CYS B 157 24.68 62.02 -47.95
N MET B 158 25.59 61.68 -47.05
CA MET B 158 25.19 61.07 -45.78
C MET B 158 24.24 62.01 -45.00
N SER B 159 23.32 61.43 -44.25
CA SER B 159 22.40 62.26 -43.47
C SER B 159 22.95 62.55 -42.09
N GLN B 160 22.91 63.82 -41.70
CA GLN B 160 23.40 64.27 -40.40
C GLN B 160 22.60 63.66 -39.28
N ILE B 161 21.31 63.51 -39.54
CA ILE B 161 20.37 62.94 -38.58
C ILE B 161 19.66 61.82 -39.29
N GLY B 162 19.28 60.79 -38.55
CA GLY B 162 18.59 59.67 -39.16
C GLY B 162 19.59 58.73 -39.81
N TRP B 163 19.16 57.50 -40.04
CA TRP B 163 20.04 56.49 -40.62
C TRP B 163 20.29 56.58 -42.11
N ASN B 164 21.39 55.96 -42.51
CA ASN B 164 21.83 55.90 -43.89
C ASN B 164 22.19 54.44 -44.13
N ARG B 165 21.50 53.83 -45.08
CA ARG B 165 21.73 52.44 -45.45
C ARG B 165 21.91 52.33 -46.94
N ILE B 166 22.82 51.47 -47.33
CA ILE B 166 23.13 51.26 -48.73
C ILE B 166 22.82 49.80 -49.11
N ILE B 167 22.14 49.63 -50.24
CA ILE B 167 21.77 48.31 -50.72
C ILE B 167 22.59 47.96 -51.94
N VAL B 168 23.35 46.88 -51.85
CA VAL B 168 24.19 46.47 -52.97
C VAL B 168 23.57 45.31 -53.74
N GLU B 169 23.38 45.52 -55.04
CA GLU B 169 22.75 44.53 -55.92
C GLU B 169 23.55 43.27 -56.17
N LYS B 170 24.80 43.42 -56.56
CA LYS B 170 25.63 42.27 -56.82
C LYS B 170 26.78 42.30 -55.85
N PRO B 171 26.60 41.72 -54.66
CA PRO B 171 27.62 41.67 -53.61
C PRO B 171 28.87 40.94 -54.09
N PHE B 172 28.67 40.00 -55.00
CA PHE B 172 29.78 39.24 -55.55
C PHE B 172 30.35 39.92 -56.78
N GLY B 173 31.67 40.13 -56.76
CA GLY B 173 32.35 40.71 -57.91
C GLY B 173 32.60 39.47 -58.73
N ARG B 174 33.86 39.02 -58.85
CA ARG B 174 34.13 37.79 -59.59
C ARG B 174 35.30 36.94 -59.06
N ASP B 175 36.47 37.54 -58.89
CA ASP B 175 37.64 36.82 -58.39
C ASP B 175 37.91 37.21 -56.93
N LEU B 176 38.20 36.20 -56.11
CA LEU B 176 38.49 36.38 -54.68
C LEU B 176 39.16 37.71 -54.27
N GLN B 177 40.28 38.04 -54.91
CA GLN B 177 41.02 39.27 -54.61
C GLN B 177 40.36 40.58 -55.05
N SER B 178 40.01 40.69 -56.34
CA SER B 178 39.37 41.89 -56.85
C SER B 178 38.01 42.10 -56.16
N SER B 179 37.51 40.99 -55.61
CA SER B 179 36.25 40.96 -54.88
C SER B 179 36.45 41.03 -53.36
N ASP B 180 37.72 41.17 -52.95
CA ASP B 180 38.09 41.31 -51.55
C ASP B 180 38.30 42.82 -51.45
N ARG B 181 39.14 43.30 -52.36
CA ARG B 181 39.49 44.72 -52.48
C ARG B 181 38.24 45.60 -52.38
N LEU B 182 37.25 45.33 -53.24
CA LEU B 182 36.01 46.08 -53.25
C LEU B 182 35.35 46.09 -51.87
N SER B 183 35.21 44.91 -51.28
CA SER B 183 34.58 44.77 -49.97
C SER B 183 35.28 45.63 -48.92
N ASN B 184 36.61 45.53 -48.88
CA ASN B 184 37.43 46.26 -47.93
C ASN B 184 37.27 47.78 -48.03
N HIS B 185 37.00 48.25 -49.25
CA HIS B 185 36.82 49.68 -49.50
C HIS B 185 35.50 50.16 -48.90
N ILE B 186 34.45 49.40 -49.12
CA ILE B 186 33.12 49.77 -48.62
C ILE B 186 33.07 49.69 -47.10
N SER B 187 33.64 48.62 -46.56
CA SER B 187 33.67 48.39 -45.12
C SER B 187 34.50 49.41 -44.34
N SER B 188 35.29 50.22 -45.07
CA SER B 188 36.12 51.24 -44.44
C SER B 188 35.41 52.59 -44.44
N LEU B 189 34.29 52.68 -45.15
CA LEU B 189 33.51 53.90 -45.22
C LEU B 189 32.23 53.71 -44.41
N PHE B 190 31.63 52.54 -44.57
CA PHE B 190 30.39 52.20 -43.88
C PHE B 190 30.66 51.03 -42.96
N ARG B 191 29.95 50.98 -41.84
CA ARG B 191 30.12 49.88 -40.93
C ARG B 191 29.08 48.83 -41.28
N GLU B 192 29.35 47.58 -40.91
CA GLU B 192 28.47 46.46 -41.24
C GLU B 192 26.98 46.73 -41.16
N ASP B 193 26.54 47.44 -40.12
CA ASP B 193 25.11 47.73 -39.96
C ASP B 193 24.48 48.79 -40.89
N GLN B 194 25.13 49.04 -42.03
CA GLN B 194 24.61 50.00 -43.02
C GLN B 194 24.65 49.32 -44.39
N ILE B 195 25.45 48.25 -44.47
CA ILE B 195 25.63 47.50 -45.70
C ILE B 195 24.63 46.36 -45.81
N TYR B 196 23.71 46.50 -46.76
CA TYR B 196 22.69 45.50 -46.99
C TYR B 196 22.96 44.82 -48.30
N ARG B 197 23.64 43.67 -48.24
CA ARG B 197 23.97 42.91 -49.45
C ARG B 197 22.84 42.03 -49.94
N ILE B 198 22.46 42.25 -51.19
CA ILE B 198 21.37 41.51 -51.83
C ILE B 198 21.69 40.10 -52.30
N ASP B 199 20.68 39.25 -52.17
CA ASP B 199 20.70 37.86 -52.64
C ASP B 199 19.23 37.55 -52.54
N HIS B 200 18.46 38.12 -53.47
CA HIS B 200 17.02 38.01 -53.51
C HIS B 200 16.37 36.68 -53.15
N TYR B 201 17.10 35.57 -53.29
CA TYR B 201 16.50 34.30 -52.94
C TYR B 201 16.13 34.20 -51.47
N LEU B 202 16.89 34.88 -50.62
CA LEU B 202 16.63 34.88 -49.18
C LEU B 202 15.29 35.56 -48.84
N GLY B 203 14.67 36.21 -49.82
CA GLY B 203 13.41 36.89 -49.60
C GLY B 203 12.21 36.19 -50.22
N LYS B 204 12.40 34.96 -50.69
CA LYS B 204 11.31 34.19 -51.30
C LYS B 204 10.60 33.37 -50.22
N GLU B 205 9.26 33.41 -50.27
CA GLU B 205 8.39 32.71 -49.32
C GLU B 205 8.96 31.38 -48.80
N MET B 206 9.03 30.37 -49.67
CA MET B 206 9.52 29.05 -49.27
C MET B 206 10.91 28.97 -48.63
N VAL B 207 11.80 29.87 -49.03
CA VAL B 207 13.16 29.88 -48.49
C VAL B 207 13.14 30.32 -47.04
N GLN B 208 12.35 31.36 -46.76
CA GLN B 208 12.22 31.84 -45.40
C GLN B 208 11.60 30.76 -44.54
N ASN B 209 10.59 30.11 -45.11
CA ASN B 209 9.87 29.05 -44.42
C ASN B 209 10.74 27.91 -43.91
N LEU B 210 11.88 27.67 -44.56
CA LEU B 210 12.80 26.60 -44.17
C LEU B 210 13.11 26.58 -42.70
N MET B 211 13.39 27.75 -42.15
CA MET B 211 13.70 27.88 -40.75
C MET B 211 12.53 27.50 -39.84
N VAL B 212 11.32 27.89 -40.22
CA VAL B 212 10.15 27.55 -39.44
C VAL B 212 9.90 26.05 -39.49
N LEU B 213 9.91 25.48 -40.69
CA LEU B 213 9.71 24.05 -40.87
C LEU B 213 10.62 23.24 -39.96
N ARG B 214 11.91 23.55 -40.02
CA ARG B 214 12.92 22.85 -39.24
C ARG B 214 12.86 23.02 -37.73
N PHE B 215 12.84 24.27 -37.29
CA PHE B 215 12.88 24.58 -35.87
C PHE B 215 11.61 24.74 -35.07
N ALA B 216 10.46 24.63 -35.70
CA ALA B 216 9.20 24.76 -34.95
C ALA B 216 8.42 23.47 -34.99
N ASN B 217 9.02 22.43 -35.58
CA ASN B 217 8.35 21.14 -35.69
C ASN B 217 9.15 19.99 -35.09
N ARG B 218 8.43 19.12 -34.38
CA ARG B 218 9.08 17.98 -33.76
C ARG B 218 9.15 16.81 -34.75
N ILE B 219 8.22 16.78 -35.70
CA ILE B 219 8.23 15.70 -36.69
C ILE B 219 9.44 15.79 -37.61
N PHE B 220 10.16 16.90 -37.58
CA PHE B 220 11.33 17.07 -38.44
C PHE B 220 12.62 17.28 -37.67
N GLY B 221 12.52 17.35 -36.35
CA GLY B 221 13.69 17.58 -35.53
C GLY B 221 14.69 16.44 -35.52
N PRO B 222 14.42 15.36 -34.78
CA PRO B 222 15.26 14.17 -34.64
C PRO B 222 15.65 13.41 -35.90
N ILE B 223 15.13 13.84 -37.05
CA ILE B 223 15.44 13.17 -38.31
C ILE B 223 16.54 13.91 -39.08
N TRP B 224 16.61 15.22 -38.89
CA TRP B 224 17.56 16.08 -39.58
C TRP B 224 19.03 15.81 -39.23
N ASN B 225 19.57 14.64 -39.59
CA ASN B 225 20.96 14.34 -39.26
C ASN B 225 21.50 13.10 -39.99
N ARG B 226 22.81 12.96 -40.02
CA ARG B 226 23.46 11.84 -40.71
C ARG B 226 22.94 10.45 -40.42
N ASP B 227 22.30 10.27 -39.26
CA ASP B 227 21.77 8.96 -38.92
C ASP B 227 20.55 8.60 -39.74
N ASN B 228 19.88 9.62 -40.29
CA ASN B 228 18.69 9.38 -41.09
C ASN B 228 18.75 9.82 -42.54
N ILE B 229 19.44 10.92 -42.84
CA ILE B 229 19.53 11.43 -44.21
C ILE B 229 20.65 10.81 -45.05
N ALA B 230 20.31 10.40 -46.27
CA ALA B 230 21.26 9.78 -47.20
C ALA B 230 21.92 10.80 -48.11
N CYS B 231 21.20 11.89 -48.40
CA CYS B 231 21.74 12.98 -49.21
C CYS B 231 20.78 14.15 -49.36
N VAL B 232 21.32 15.30 -49.74
CA VAL B 232 20.52 16.51 -49.91
C VAL B 232 20.81 17.09 -51.28
N ILE B 233 19.75 17.45 -52.00
CA ILE B 233 19.89 18.00 -53.34
C ILE B 233 19.20 19.35 -53.46
N LEU B 234 19.98 20.35 -53.85
CA LEU B 234 19.50 21.70 -54.03
C LEU B 234 19.54 21.92 -55.53
N THR B 235 18.36 22.07 -56.13
CA THR B 235 18.22 22.23 -57.59
C THR B 235 17.75 23.62 -58.06
N PHE B 236 18.27 24.07 -59.19
CA PHE B 236 17.91 25.35 -59.82
C PHE B 236 17.94 25.19 -61.34
N LYS B 237 16.77 25.25 -61.98
CA LYS B 237 16.68 25.07 -63.42
C LYS B 237 15.88 26.16 -64.14
N GLU B 238 16.39 26.55 -65.31
CA GLU B 238 15.75 27.55 -66.15
C GLU B 238 15.61 26.91 -67.53
N PRO B 239 14.39 26.92 -68.09
CA PRO B 239 14.08 26.35 -69.40
C PRO B 239 14.65 27.11 -70.58
N PHE B 240 14.85 28.41 -70.41
CA PHE B 240 15.38 29.26 -71.46
C PHE B 240 16.89 29.37 -71.40
N GLY B 241 17.51 29.57 -72.55
CA GLY B 241 18.95 29.71 -72.61
C GLY B 241 19.32 31.16 -72.39
N THR B 242 20.52 31.54 -72.80
CA THR B 242 20.94 32.92 -72.63
C THR B 242 20.33 33.76 -73.77
N GLU B 243 19.12 34.28 -73.50
CA GLU B 243 18.35 35.08 -74.44
C GLU B 243 19.10 36.24 -75.11
N GLY B 244 19.92 35.92 -76.11
CA GLY B 244 20.67 36.93 -76.84
C GLY B 244 21.89 37.56 -76.17
N ARG B 245 21.77 37.96 -74.91
CA ARG B 245 22.88 38.59 -74.21
C ARG B 245 23.92 37.62 -73.67
N GLY B 246 24.23 36.59 -74.45
CA GLY B 246 25.20 35.59 -74.03
C GLY B 246 26.55 36.21 -73.65
N GLY B 247 26.90 37.29 -74.35
CA GLY B 247 28.16 37.96 -74.11
C GLY B 247 28.45 38.27 -72.66
N TYR B 248 27.44 38.81 -71.96
CA TYR B 248 27.60 39.18 -70.57
C TYR B 248 27.79 37.97 -69.64
N PHE B 249 26.93 36.98 -69.80
CA PHE B 249 26.99 35.79 -68.98
C PHE B 249 28.34 35.09 -69.09
N ASP B 250 28.91 35.06 -70.28
CA ASP B 250 30.20 34.40 -70.53
C ASP B 250 31.33 34.74 -69.55
N GLU B 251 31.27 35.91 -68.93
CA GLU B 251 32.31 36.30 -68.00
C GLU B 251 32.27 35.57 -66.65
N PHE B 252 31.08 35.15 -66.24
CA PHE B 252 30.92 34.49 -64.95
C PHE B 252 30.81 32.98 -64.98
N GLY B 253 29.89 32.49 -65.81
CA GLY B 253 29.68 31.06 -65.87
C GLY B 253 28.65 30.70 -64.82
N ILE B 254 27.88 29.67 -65.09
CA ILE B 254 26.83 29.21 -64.21
C ILE B 254 27.18 29.14 -62.71
N ILE B 255 28.39 28.69 -62.38
CA ILE B 255 28.78 28.59 -60.97
C ILE B 255 28.62 29.96 -60.28
N ARG B 256 29.46 30.90 -60.69
CA ARG B 256 29.42 32.23 -60.12
C ARG B 256 28.03 32.80 -60.15
N ASP B 257 27.33 32.58 -61.27
CA ASP B 257 25.98 33.11 -61.48
C ASP B 257 24.90 32.58 -60.55
N VAL B 258 24.90 31.28 -60.28
CA VAL B 258 23.85 30.74 -59.43
C VAL B 258 24.29 29.93 -58.24
N MET B 259 25.25 29.05 -58.46
CA MET B 259 25.71 28.16 -57.40
C MET B 259 26.33 28.83 -56.19
N GLN B 260 27.40 29.59 -56.42
CA GLN B 260 28.13 30.28 -55.36
C GLN B 260 27.26 31.15 -54.45
N ASN B 261 26.15 31.62 -54.99
CA ASN B 261 25.26 32.45 -54.22
C ASN B 261 23.97 31.79 -53.76
N HIS B 262 22.97 31.75 -54.61
CA HIS B 262 21.69 31.17 -54.24
C HIS B 262 21.75 29.78 -53.60
N LEU B 263 22.21 28.78 -54.36
CA LEU B 263 22.26 27.42 -53.84
C LEU B 263 22.97 27.33 -52.50
N LEU B 264 24.15 27.91 -52.42
CA LEU B 264 24.93 27.88 -51.18
C LEU B 264 24.10 28.36 -49.99
N GLN B 265 23.40 29.48 -50.16
CA GLN B 265 22.57 30.04 -49.11
C GLN B 265 21.56 29.01 -48.64
N MET B 266 20.92 28.34 -49.59
CA MET B 266 19.92 27.32 -49.28
C MET B 266 20.58 26.20 -48.48
N LEU B 267 21.80 25.85 -48.88
CA LEU B 267 22.55 24.83 -48.18
C LEU B 267 22.71 25.26 -46.71
N CYS B 268 23.12 26.51 -46.50
CA CYS B 268 23.30 27.06 -45.14
C CYS B 268 22.03 26.93 -44.31
N LEU B 269 20.93 27.43 -44.85
CA LEU B 269 19.64 27.34 -44.16
C LEU B 269 19.23 25.90 -43.88
N VAL B 270 19.59 25.00 -44.77
CA VAL B 270 19.26 23.59 -44.60
C VAL B 270 20.11 22.88 -43.54
N ALA B 271 21.38 23.30 -43.42
CA ALA B 271 22.32 22.64 -42.51
C ALA B 271 22.72 23.35 -41.21
N MET B 272 22.38 24.62 -41.08
CA MET B 272 22.75 25.36 -39.87
C MET B 272 22.16 24.74 -38.63
N GLU B 273 22.83 24.98 -37.51
CA GLU B 273 22.39 24.47 -36.22
C GLU B 273 21.34 25.46 -35.70
N LYS B 274 20.55 25.04 -34.72
CA LYS B 274 19.53 25.92 -34.15
C LYS B 274 20.22 27.12 -33.50
N PRO B 275 19.85 28.34 -33.93
CA PRO B 275 20.40 29.61 -33.43
C PRO B 275 19.88 29.96 -32.04
N ALA B 276 20.61 30.83 -31.35
CA ALA B 276 20.22 31.24 -29.99
C ALA B 276 18.89 32.01 -29.98
N SER B 277 18.54 32.60 -31.11
CA SER B 277 17.29 33.35 -31.23
C SER B 277 17.09 33.73 -32.69
N THR B 278 15.99 34.42 -32.99
CA THR B 278 15.70 34.82 -34.35
C THR B 278 16.38 36.15 -34.69
N ASN B 279 17.28 36.59 -33.82
CA ASN B 279 18.00 37.85 -34.03
C ASN B 279 18.89 37.72 -35.25
N SER B 280 18.82 38.72 -36.13
CA SER B 280 19.60 38.75 -37.35
C SER B 280 21.02 38.19 -37.21
N ASP B 281 21.78 38.65 -36.24
CA ASP B 281 23.15 38.16 -36.08
C ASP B 281 23.26 36.75 -35.51
N ASP B 282 22.38 36.39 -34.59
CA ASP B 282 22.43 35.04 -34.01
C ASP B 282 22.23 33.99 -35.10
N VAL B 283 21.39 34.33 -36.07
CA VAL B 283 21.09 33.45 -37.20
C VAL B 283 22.32 33.37 -38.12
N ARG B 284 22.71 34.53 -38.66
CA ARG B 284 23.86 34.61 -39.54
C ARG B 284 25.08 33.90 -38.95
N ASP B 285 25.24 33.95 -37.63
CA ASP B 285 26.36 33.27 -36.97
C ASP B 285 26.26 31.77 -37.25
N GLU B 286 25.08 31.22 -37.03
CA GLU B 286 24.84 29.81 -37.26
C GLU B 286 25.09 29.41 -38.71
N LYS B 287 24.78 30.34 -39.62
CA LYS B 287 24.98 30.11 -41.04
C LYS B 287 26.44 29.93 -41.36
N VAL B 288 27.23 30.95 -41.08
CA VAL B 288 28.65 30.93 -41.36
C VAL B 288 29.37 29.78 -40.65
N LYS B 289 28.85 29.38 -39.49
CA LYS B 289 29.45 28.28 -38.76
C LYS B 289 29.47 27.06 -39.68
N VAL B 290 28.41 26.92 -40.47
CA VAL B 290 28.30 25.80 -41.39
C VAL B 290 29.39 25.86 -42.48
N LEU B 291 29.44 26.99 -43.18
CA LEU B 291 30.40 27.21 -44.27
C LEU B 291 31.83 26.93 -43.82
N LYS B 292 32.16 27.29 -42.59
CA LYS B 292 33.49 27.04 -42.06
C LYS B 292 33.85 25.55 -42.03
N CYS B 293 32.87 24.67 -42.13
CA CYS B 293 33.12 23.23 -42.09
C CYS B 293 33.19 22.58 -43.45
N ILE B 294 33.03 23.38 -44.50
CA ILE B 294 33.05 22.85 -45.85
C ILE B 294 34.44 22.92 -46.44
N SER B 295 34.97 21.76 -46.82
CA SER B 295 36.29 21.68 -47.43
C SER B 295 36.20 22.14 -48.89
N GLU B 296 37.31 22.64 -49.42
CA GLU B 296 37.35 23.14 -50.79
C GLU B 296 36.89 22.10 -51.82
N VAL B 297 36.07 22.56 -52.76
CA VAL B 297 35.49 21.72 -53.81
C VAL B 297 36.53 20.95 -54.61
N GLN B 298 36.28 19.65 -54.76
CA GLN B 298 37.18 18.78 -55.52
C GLN B 298 36.75 18.64 -56.96
N ALA B 299 37.71 18.78 -57.89
CA ALA B 299 37.44 18.67 -59.31
C ALA B 299 36.84 17.31 -59.66
N ASN B 300 37.02 16.35 -58.77
CA ASN B 300 36.49 15.00 -58.96
C ASN B 300 34.98 14.92 -58.74
N ASN B 301 34.42 15.91 -58.05
CA ASN B 301 32.98 15.95 -57.76
C ASN B 301 32.29 17.06 -58.56
N VAL B 302 32.77 17.29 -59.78
CA VAL B 302 32.22 18.35 -60.60
C VAL B 302 31.94 17.90 -62.02
N VAL B 303 30.76 18.25 -62.52
CA VAL B 303 30.37 17.93 -63.89
C VAL B 303 29.95 19.23 -64.55
N LEU B 304 30.62 19.58 -65.64
CA LEU B 304 30.31 20.81 -66.36
C LEU B 304 29.67 20.51 -67.68
N GLY B 305 28.77 21.40 -68.12
CA GLY B 305 28.08 21.22 -69.38
C GLY B 305 27.78 22.53 -70.07
N GLN B 306 27.68 22.48 -71.40
CA GLN B 306 27.40 23.67 -72.19
C GLN B 306 26.32 23.26 -73.19
N TYR B 307 25.26 24.06 -73.29
CA TYR B 307 24.15 23.72 -74.18
C TYR B 307 24.31 23.95 -75.68
N VAL B 308 23.80 22.99 -76.45
CA VAL B 308 23.82 23.01 -77.90
C VAL B 308 22.38 23.16 -78.37
N GLY B 309 22.19 23.84 -79.50
CA GLY B 309 20.85 24.05 -80.00
C GLY B 309 20.15 22.77 -80.41
N ASN B 310 18.81 22.81 -80.35
CA ASN B 310 17.98 21.67 -80.74
C ASN B 310 17.32 21.90 -82.09
N PRO B 311 17.67 21.07 -83.08
CA PRO B 311 17.15 21.13 -84.44
C PRO B 311 15.63 20.95 -84.60
N ASP B 312 14.99 20.22 -83.67
CA ASP B 312 13.53 20.00 -83.72
C ASP B 312 12.75 21.12 -83.05
N GLY B 313 13.46 21.99 -82.34
CA GLY B 313 12.82 23.08 -81.65
C GLY B 313 12.35 24.19 -82.57
N GLU B 314 12.15 25.36 -82.01
CA GLU B 314 11.71 26.50 -82.79
C GLU B 314 12.12 27.74 -82.03
N GLY B 315 12.41 28.81 -82.75
CA GLY B 315 12.81 30.03 -82.10
C GLY B 315 14.15 29.84 -81.43
N GLU B 316 14.30 30.40 -80.24
CA GLU B 316 15.55 30.30 -79.50
C GLU B 316 16.03 28.86 -79.28
N ALA B 317 15.08 27.92 -79.28
CA ALA B 317 15.38 26.51 -79.05
C ALA B 317 16.34 25.84 -80.04
N THR B 318 16.58 26.49 -81.19
CA THR B 318 17.48 25.94 -82.20
C THR B 318 18.91 26.48 -82.08
N LYS B 319 19.03 27.69 -81.58
CA LYS B 319 20.33 28.32 -81.43
C LYS B 319 21.00 27.89 -80.13
N GLY B 320 22.17 27.29 -80.26
CA GLY B 320 22.91 26.86 -79.09
C GLY B 320 23.68 28.01 -78.48
N TYR B 321 24.49 27.71 -77.46
CA TYR B 321 25.29 28.72 -76.78
C TYR B 321 26.19 29.47 -77.75
N LEU B 322 27.08 28.75 -78.43
CA LEU B 322 28.01 29.35 -79.36
C LEU B 322 27.39 30.06 -80.56
N ASP B 323 26.11 29.79 -80.82
CA ASP B 323 25.42 30.44 -81.94
C ASP B 323 25.04 31.89 -81.59
N ASP B 324 25.35 32.30 -80.38
CA ASP B 324 25.09 33.65 -79.89
C ASP B 324 26.29 34.47 -80.36
N PRO B 325 26.05 35.48 -81.21
CA PRO B 325 27.13 36.33 -81.73
C PRO B 325 27.92 37.06 -80.62
N THR B 326 27.23 37.43 -79.55
CA THR B 326 27.85 38.13 -78.43
C THR B 326 28.91 37.31 -77.69
N VAL B 327 28.88 35.99 -77.85
CA VAL B 327 29.84 35.14 -77.16
C VAL B 327 31.03 34.73 -78.03
N PRO B 328 32.25 34.83 -77.47
CA PRO B 328 33.50 34.47 -78.17
C PRO B 328 33.46 33.05 -78.76
N ARG B 329 33.58 32.97 -80.09
CA ARG B 329 33.53 31.71 -80.86
C ARG B 329 34.22 30.46 -80.28
N GLY B 330 35.21 30.64 -79.42
CA GLY B 330 35.89 29.47 -78.85
C GLY B 330 35.73 29.32 -77.35
N SER B 331 34.56 29.71 -76.83
CA SER B 331 34.27 29.64 -75.40
C SER B 331 34.10 28.25 -74.82
N THR B 332 34.50 28.09 -73.56
CA THR B 332 34.37 26.84 -72.83
C THR B 332 33.59 27.07 -71.52
N THR B 333 32.93 28.22 -71.42
CA THR B 333 32.15 28.56 -70.23
C THR B 333 30.95 27.61 -70.10
N ALA B 334 30.72 27.16 -68.87
CA ALA B 334 29.64 26.23 -68.58
C ALA B 334 28.30 26.89 -68.31
N THR B 335 27.25 26.32 -68.89
CA THR B 335 25.89 26.80 -68.69
C THR B 335 25.19 25.88 -67.71
N PHE B 336 25.88 24.82 -67.32
CA PHE B 336 25.35 23.83 -66.40
C PHE B 336 26.48 23.31 -65.53
N ALA B 337 26.16 23.01 -64.28
CA ALA B 337 27.14 22.47 -63.35
C ALA B 337 26.49 21.73 -62.18
N ALA B 338 27.08 20.59 -61.84
CA ALA B 338 26.62 19.75 -60.75
C ALA B 338 27.83 19.56 -59.84
N VAL B 339 27.73 20.04 -58.61
CA VAL B 339 28.84 19.93 -57.69
C VAL B 339 28.41 19.27 -56.40
N VAL B 340 29.31 18.49 -55.82
CA VAL B 340 29.05 17.80 -54.57
C VAL B 340 29.94 18.40 -53.49
N LEU B 341 29.32 18.83 -52.39
CA LEU B 341 30.02 19.43 -51.25
C LEU B 341 29.74 18.62 -49.99
N TYR B 342 30.65 18.72 -49.01
CA TYR B 342 30.49 18.01 -47.74
C TYR B 342 30.67 18.94 -46.54
N VAL B 343 29.90 18.69 -45.49
CA VAL B 343 29.97 19.50 -44.28
C VAL B 343 30.55 18.58 -43.20
N GLU B 344 31.78 18.86 -42.78
CA GLU B 344 32.41 18.04 -41.76
C GLU B 344 32.14 18.49 -40.32
N ASN B 345 31.08 17.94 -39.73
CA ASN B 345 30.72 18.21 -38.36
C ASN B 345 29.83 17.10 -37.85
N GLU B 346 29.80 16.90 -36.54
CA GLU B 346 29.00 15.84 -35.91
C GLU B 346 27.61 15.56 -36.49
N ARG B 347 26.97 16.55 -37.10
CA ARG B 347 25.63 16.35 -37.64
C ARG B 347 25.59 15.85 -39.08
N TRP B 348 26.36 16.48 -39.96
CA TRP B 348 26.35 16.09 -41.38
C TRP B 348 27.58 15.33 -41.88
N ASP B 349 28.45 14.88 -40.98
CA ASP B 349 29.67 14.18 -41.37
C ASP B 349 29.40 13.00 -42.32
N GLY B 350 29.82 13.14 -43.58
CA GLY B 350 29.64 12.09 -44.56
C GLY B 350 28.49 12.25 -45.56
N VAL B 351 27.54 13.12 -45.24
CA VAL B 351 26.39 13.34 -46.10
C VAL B 351 26.65 14.27 -47.26
N PRO B 352 26.43 13.80 -48.49
CA PRO B 352 26.66 14.62 -49.68
C PRO B 352 25.59 15.67 -49.95
N PHE B 353 26.05 16.88 -50.27
CA PHE B 353 25.14 17.95 -50.65
C PHE B 353 25.35 18.14 -52.15
N ILE B 354 24.32 17.82 -52.91
CA ILE B 354 24.39 17.93 -54.35
C ILE B 354 23.75 19.21 -54.82
N LEU B 355 24.56 20.10 -55.36
CA LEU B 355 24.05 21.36 -55.87
C LEU B 355 24.08 21.22 -57.39
N ARG B 356 22.90 21.23 -58.02
CA ARG B 356 22.83 21.10 -59.47
C ARG B 356 22.03 22.26 -60.07
N CYS B 357 22.57 22.88 -61.13
CA CYS B 357 21.93 24.03 -61.79
C CYS B 357 22.31 24.12 -63.26
N GLY B 358 21.51 24.86 -64.03
CA GLY B 358 21.80 25.01 -65.44
C GLY B 358 20.73 25.76 -66.24
N LYS B 359 21.16 26.28 -67.39
CA LYS B 359 20.29 27.02 -68.30
C LYS B 359 19.85 26.16 -69.48
N ALA B 360 18.78 26.60 -70.16
CA ALA B 360 18.28 25.90 -71.33
C ALA B 360 17.86 24.45 -71.04
N LEU B 361 17.14 24.25 -69.95
CA LEU B 361 16.68 22.92 -69.58
C LEU B 361 15.21 22.69 -69.91
N ASN B 362 14.68 21.56 -69.47
CA ASN B 362 13.29 21.16 -69.75
C ASN B 362 12.21 21.84 -68.91
N GLU B 363 12.58 22.52 -67.83
CA GLU B 363 11.61 23.18 -66.96
C GLU B 363 12.23 24.29 -66.14
N ARG B 364 11.44 24.87 -65.25
CA ARG B 364 11.91 25.94 -64.39
C ARG B 364 11.45 25.60 -62.98
N LYS B 365 12.41 25.37 -62.10
CA LYS B 365 12.08 25.07 -60.70
C LYS B 365 13.30 25.24 -59.81
N ALA B 366 13.04 25.43 -58.53
CA ALA B 366 14.08 25.56 -57.52
C ALA B 366 13.55 24.85 -56.26
N GLU B 367 14.22 23.79 -55.84
CA GLU B 367 13.75 23.05 -54.68
C GLU B 367 14.86 22.44 -53.88
N VAL B 368 14.48 22.08 -52.66
CA VAL B 368 15.37 21.44 -51.70
C VAL B 368 14.76 20.07 -51.51
N ARG B 369 15.59 19.04 -51.60
CA ARG B 369 15.10 17.68 -51.42
C ARG B 369 16.05 16.88 -50.57
N LEU B 370 15.49 16.15 -49.61
CA LEU B 370 16.29 15.31 -48.74
C LEU B 370 15.83 13.89 -48.97
N GLN B 371 16.76 12.99 -49.21
CA GLN B 371 16.40 11.58 -49.38
C GLN B 371 16.89 10.87 -48.13
N PHE B 372 15.99 10.20 -47.42
CA PHE B 372 16.36 9.48 -46.19
C PHE B 372 16.88 8.07 -46.45
N HIS B 373 17.44 7.45 -45.42
CA HIS B 373 18.00 6.10 -45.50
C HIS B 373 16.93 5.00 -45.51
N ASP B 374 17.30 3.85 -46.04
CA ASP B 374 16.40 2.70 -46.10
C ASP B 374 16.07 2.31 -44.66
N VAL B 375 14.86 1.82 -44.42
CA VAL B 375 14.47 1.41 -43.07
C VAL B 375 15.34 0.21 -42.68
N ALA B 376 15.77 0.16 -41.43
CA ALA B 376 16.59 -0.94 -40.94
C ALA B 376 15.74 -2.16 -40.61
N GLY B 377 16.22 -3.34 -40.99
CA GLY B 377 15.49 -4.58 -40.73
C GLY B 377 14.19 -4.67 -41.51
N ASP B 378 14.30 -4.63 -42.83
CA ASP B 378 13.13 -4.67 -43.70
C ASP B 378 12.34 -5.96 -43.57
N ILE B 379 11.01 -5.82 -43.50
CA ILE B 379 10.11 -6.98 -43.40
C ILE B 379 9.15 -7.03 -44.58
N PHE B 380 9.34 -6.13 -45.55
CA PHE B 380 8.48 -6.08 -46.73
C PHE B 380 9.15 -6.55 -48.04
N HIS B 381 10.20 -7.34 -47.91
CA HIS B 381 10.94 -7.88 -49.06
C HIS B 381 11.27 -6.80 -50.07
N GLN B 382 12.19 -5.92 -49.67
CA GLN B 382 12.66 -4.80 -50.50
C GLN B 382 11.69 -4.06 -51.41
N GLN B 383 10.40 -4.15 -51.13
CA GLN B 383 9.43 -3.43 -51.95
C GLN B 383 9.45 -1.94 -51.59
N CYS B 384 10.08 -1.61 -50.48
CA CYS B 384 10.14 -0.23 -50.00
C CYS B 384 11.09 0.67 -50.76
N LYS B 385 10.77 1.96 -50.74
CA LYS B 385 11.56 2.96 -51.40
C LYS B 385 11.82 4.05 -50.35
N ARG B 386 12.98 4.70 -50.44
CA ARG B 386 13.40 5.75 -49.51
C ARG B 386 12.44 6.94 -49.44
N ASN B 387 12.21 7.45 -48.23
CA ASN B 387 11.34 8.61 -48.03
C ASN B 387 12.10 9.84 -48.53
N GLU B 388 11.37 10.89 -48.84
CA GLU B 388 11.99 12.11 -49.31
C GLU B 388 11.18 13.32 -48.87
N LEU B 389 11.87 14.41 -48.53
CA LEU B 389 11.17 15.62 -48.16
C LEU B 389 11.53 16.63 -49.23
N VAL B 390 10.51 17.26 -49.78
CA VAL B 390 10.70 18.21 -50.83
C VAL B 390 10.06 19.52 -50.47
N ILE B 391 10.79 20.60 -50.74
CA ILE B 391 10.31 21.95 -50.49
C ILE B 391 10.58 22.65 -51.80
N ARG B 392 9.53 22.86 -52.58
CA ARG B 392 9.64 23.50 -53.88
C ARG B 392 9.51 25.00 -53.70
N VAL B 393 10.61 25.72 -53.94
CA VAL B 393 10.62 27.18 -53.79
C VAL B 393 9.77 27.87 -54.84
N GLN B 394 9.84 27.38 -56.09
CA GLN B 394 9.10 27.90 -57.25
C GLN B 394 9.20 26.95 -58.45
N PRO B 395 8.15 26.86 -59.30
CA PRO B 395 6.88 27.60 -59.19
C PRO B 395 5.92 26.81 -58.31
N ASN B 396 4.70 27.33 -58.16
CA ASN B 396 3.69 26.66 -57.34
C ASN B 396 4.24 26.16 -56.00
N GLU B 397 4.78 27.10 -55.21
CA GLU B 397 5.34 26.80 -53.90
C GLU B 397 4.56 25.75 -53.12
N ALA B 398 5.24 24.65 -52.82
CA ALA B 398 4.64 23.55 -52.10
C ALA B 398 5.71 22.77 -51.36
N VAL B 399 5.30 22.02 -50.34
CA VAL B 399 6.22 21.18 -49.54
C VAL B 399 5.50 19.85 -49.25
N TYR B 400 6.21 18.74 -49.47
CA TYR B 400 5.61 17.43 -49.26
C TYR B 400 6.65 16.36 -48.95
N THR B 401 6.18 15.22 -48.44
CA THR B 401 7.04 14.09 -48.08
C THR B 401 6.56 12.83 -48.76
N LYS B 402 7.42 12.23 -49.57
CA LYS B 402 7.06 11.02 -50.29
C LYS B 402 7.28 9.87 -49.33
N MET B 403 6.22 9.11 -49.07
CA MET B 403 6.32 7.98 -48.15
C MET B 403 5.61 6.75 -48.66
N MET B 404 5.63 5.69 -47.87
CA MET B 404 5.02 4.43 -48.23
C MET B 404 3.65 4.25 -47.60
N THR B 405 2.73 3.64 -48.33
CA THR B 405 1.39 3.39 -47.84
C THR B 405 0.88 2.10 -48.50
N LYS B 406 0.09 1.32 -47.75
CA LYS B 406 -0.46 0.06 -48.26
C LYS B 406 -1.23 0.38 -49.54
N LYS B 407 -0.95 -0.32 -50.63
CA LYS B 407 -1.66 -0.08 -51.89
C LYS B 407 -3.15 -0.16 -51.56
N PRO B 408 -3.90 0.93 -51.82
CA PRO B 408 -5.34 1.02 -51.57
C PRO B 408 -6.18 0.02 -52.35
N GLY B 409 -7.07 -0.66 -51.63
CA GLY B 409 -7.92 -1.65 -52.26
C GLY B 409 -7.55 -3.02 -51.72
N MET B 410 -7.93 -4.07 -52.45
CA MET B 410 -7.64 -5.44 -52.03
C MET B 410 -6.17 -5.81 -52.27
N PHE B 411 -5.27 -5.10 -51.61
CA PHE B 411 -3.85 -5.35 -51.77
C PHE B 411 -3.13 -5.37 -50.44
N PHE B 412 -2.09 -6.19 -50.37
CA PHE B 412 -1.32 -6.34 -49.14
C PHE B 412 -0.04 -5.53 -49.19
N ASN B 413 0.62 -5.56 -50.34
CA ASN B 413 1.89 -4.85 -50.55
C ASN B 413 1.74 -3.32 -50.55
N PRO B 414 2.80 -2.60 -50.17
CA PRO B 414 2.80 -1.14 -50.12
C PRO B 414 3.30 -0.48 -51.39
N GLU B 415 3.01 0.81 -51.55
CA GLU B 415 3.44 1.59 -52.70
C GLU B 415 3.67 3.05 -52.29
N GLU B 416 4.31 3.84 -53.16
CA GLU B 416 4.59 5.23 -52.86
C GLU B 416 3.37 6.14 -52.92
N SER B 417 3.42 7.19 -52.12
CA SER B 417 2.37 8.17 -52.01
C SER B 417 3.01 9.37 -51.33
N GLU B 418 2.20 10.30 -50.82
CA GLU B 418 2.76 11.47 -50.15
C GLU B 418 1.79 12.37 -49.38
N LEU B 419 2.30 13.00 -48.33
CA LEU B 419 1.53 13.93 -47.53
C LEU B 419 1.95 15.23 -48.17
N ASP B 420 0.98 16.00 -48.64
CA ASP B 420 1.28 17.23 -49.36
C ASP B 420 0.63 18.51 -48.82
N LEU B 421 1.27 19.63 -49.12
CA LEU B 421 0.79 20.97 -48.76
C LEU B 421 1.15 21.90 -49.90
N THR B 422 0.15 22.26 -50.70
CA THR B 422 0.34 23.16 -51.83
C THR B 422 -0.33 24.50 -51.54
N TYR B 423 0.47 25.56 -51.47
CA TYR B 423 -0.05 26.90 -51.17
C TYR B 423 -1.15 27.35 -52.12
N GLY B 424 -1.03 27.00 -53.40
CA GLY B 424 -2.03 27.37 -54.39
C GLY B 424 -3.46 26.97 -54.06
N ASN B 425 -3.63 25.86 -53.34
CA ASN B 425 -4.96 25.38 -52.96
C ASN B 425 -5.29 25.70 -51.52
N ARG B 426 -4.39 25.31 -50.61
CA ARG B 426 -4.61 25.55 -49.20
C ARG B 426 -4.76 27.05 -48.85
N TYR B 427 -4.02 27.90 -49.55
CA TYR B 427 -4.07 29.33 -49.30
C TYR B 427 -4.39 30.14 -50.57
N LYS B 428 -5.42 29.69 -51.28
CA LYS B 428 -5.87 30.30 -52.54
C LYS B 428 -6.14 31.80 -52.57
N ASN B 429 -6.30 32.43 -51.41
CA ASN B 429 -6.59 33.86 -51.36
C ASN B 429 -5.37 34.76 -51.35
N VAL B 430 -4.50 34.56 -50.37
CA VAL B 430 -3.29 35.36 -50.21
C VAL B 430 -2.30 35.32 -51.36
N LYS B 431 -1.92 36.52 -51.83
CA LYS B 431 -0.98 36.67 -52.91
C LYS B 431 0.40 36.78 -52.27
N LEU B 432 1.34 35.98 -52.76
CA LEU B 432 2.71 35.96 -52.24
C LEU B 432 3.54 37.09 -52.83
N PRO B 433 4.17 37.89 -51.98
CA PRO B 433 4.99 39.04 -52.41
C PRO B 433 6.27 38.69 -53.14
N ASP B 434 6.67 39.58 -54.05
CA ASP B 434 7.90 39.40 -54.80
C ASP B 434 9.03 39.53 -53.78
N ALA B 435 10.11 38.78 -53.97
CA ALA B 435 11.25 38.80 -53.07
C ALA B 435 11.69 40.22 -52.70
N TYR B 436 11.84 41.07 -53.71
CA TYR B 436 12.26 42.45 -53.51
C TYR B 436 11.38 43.32 -52.64
N GLU B 437 10.10 42.96 -52.50
CA GLU B 437 9.17 43.72 -51.65
C GLU B 437 9.52 43.44 -50.19
N ARG B 438 9.57 42.15 -49.83
CA ARG B 438 9.88 41.76 -48.46
C ARG B 438 11.28 42.23 -48.09
N LEU B 439 12.20 42.11 -49.02
CA LEU B 439 13.58 42.53 -48.80
C LEU B 439 13.67 44.04 -48.53
N ILE B 440 13.18 44.87 -49.46
CA ILE B 440 13.22 46.31 -49.26
C ILE B 440 12.57 46.68 -47.94
N LEU B 441 11.40 46.13 -47.66
CA LEU B 441 10.71 46.41 -46.40
C LEU B 441 11.67 46.08 -45.26
N ASP B 442 12.34 44.93 -45.36
CA ASP B 442 13.30 44.51 -44.33
C ASP B 442 14.30 45.63 -44.06
N VAL B 443 14.78 46.28 -45.12
CA VAL B 443 15.76 47.37 -44.99
C VAL B 443 15.19 48.53 -44.18
N PHE B 444 13.94 48.91 -44.47
CA PHE B 444 13.28 49.98 -43.74
C PHE B 444 13.21 49.55 -42.26
N CYS B 445 12.69 48.35 -42.03
CA CYS B 445 12.58 47.81 -40.68
C CYS B 445 13.95 47.58 -40.03
N GLY B 446 15.01 47.56 -40.82
CA GLY B 446 16.34 47.35 -40.27
C GLY B 446 16.64 45.89 -39.90
N SER B 447 16.18 44.93 -40.69
CA SER B 447 16.45 43.53 -40.38
C SER B 447 17.46 43.00 -41.39
N GLN B 448 18.70 42.84 -40.95
CA GLN B 448 19.75 42.32 -41.82
C GLN B 448 19.75 40.79 -41.94
N MET B 449 18.78 40.15 -41.29
CA MET B 449 18.67 38.69 -41.31
C MET B 449 18.62 38.04 -42.69
N HIS B 450 18.01 38.74 -43.64
CA HIS B 450 17.86 38.22 -45.00
C HIS B 450 18.92 38.78 -45.97
N PHE B 451 20.02 39.28 -45.44
CA PHE B 451 21.09 39.86 -46.25
C PHE B 451 22.47 39.24 -45.94
N VAL B 452 23.35 39.21 -46.93
CA VAL B 452 24.67 38.63 -46.75
C VAL B 452 25.62 39.45 -45.88
N ARG B 453 26.42 38.75 -45.08
CA ARG B 453 27.37 39.40 -44.20
C ARG B 453 28.79 39.20 -44.75
N SER B 454 29.67 40.16 -44.45
CA SER B 454 31.07 40.13 -44.90
C SER B 454 31.76 38.74 -44.82
N ASP B 455 31.73 38.14 -43.64
CA ASP B 455 32.34 36.83 -43.43
C ASP B 455 31.71 35.73 -44.28
N GLU B 456 30.42 35.85 -44.56
CA GLU B 456 29.71 34.86 -45.39
C GLU B 456 30.29 34.85 -46.80
N LEU B 457 30.47 36.03 -47.38
CA LEU B 457 31.03 36.15 -48.72
C LEU B 457 32.42 35.54 -48.75
N LEU B 458 33.21 35.91 -47.75
CA LEU B 458 34.58 35.44 -47.63
C LEU B 458 34.65 33.93 -47.78
N GLU B 459 33.86 33.24 -46.96
CA GLU B 459 33.82 31.77 -46.97
C GLU B 459 33.34 31.23 -48.31
N ALA B 460 32.43 31.95 -48.95
CA ALA B 460 31.92 31.54 -50.26
C ALA B 460 33.09 31.43 -51.25
N TRP B 461 33.90 32.48 -51.33
CA TRP B 461 35.05 32.46 -52.23
C TRP B 461 36.12 31.49 -51.78
N ARG B 462 36.24 31.31 -50.47
CA ARG B 462 37.22 30.40 -49.90
C ARG B 462 37.00 29.00 -50.51
N ILE B 463 35.74 28.62 -50.63
CA ILE B 463 35.36 27.30 -51.14
C ILE B 463 35.52 27.09 -52.66
N PHE B 464 35.01 28.04 -53.43
CA PHE B 464 35.04 27.95 -54.90
C PHE B 464 36.27 28.44 -55.67
N THR B 465 36.97 29.47 -55.19
CA THR B 465 38.13 29.98 -55.93
C THR B 465 39.12 28.93 -56.44
N PRO B 466 39.54 27.97 -55.59
CA PRO B 466 40.49 26.95 -56.06
C PRO B 466 39.99 26.30 -57.34
N LEU B 467 38.72 25.91 -57.32
CA LEU B 467 38.10 25.29 -58.47
C LEU B 467 38.07 26.29 -59.63
N LEU B 468 37.42 27.44 -59.40
CA LEU B 468 37.28 28.48 -60.41
C LEU B 468 38.58 28.82 -61.12
N HIS B 469 39.66 28.85 -60.35
CA HIS B 469 40.97 29.11 -60.90
C HIS B 469 41.31 27.94 -61.85
N GLN B 470 41.34 26.72 -61.30
CA GLN B 470 41.67 25.53 -62.09
C GLN B 470 40.94 25.49 -63.43
N ILE B 471 39.67 25.89 -63.40
CA ILE B 471 38.84 25.91 -64.61
C ILE B 471 39.35 26.92 -65.64
N GLU B 472 39.60 28.14 -65.20
CA GLU B 472 40.08 29.21 -66.08
C GLU B 472 41.51 28.95 -66.57
N LEU B 473 42.22 28.04 -65.91
CA LEU B 473 43.60 27.69 -66.25
C LEU B 473 43.66 26.58 -67.31
N GLU B 474 43.13 25.41 -66.96
CA GLU B 474 43.14 24.24 -67.85
C GLU B 474 42.03 24.22 -68.91
N LYS B 475 41.14 25.22 -68.85
CA LYS B 475 40.00 25.36 -69.78
C LYS B 475 39.39 24.05 -70.29
N PRO B 476 38.78 23.25 -69.38
CA PRO B 476 38.15 21.97 -69.73
C PRO B 476 36.95 22.19 -70.64
N LYS B 477 36.74 21.27 -71.56
CA LYS B 477 35.62 21.39 -72.47
C LYS B 477 34.38 20.82 -71.79
N PRO B 478 33.33 21.64 -71.63
CA PRO B 478 32.07 21.20 -71.01
C PRO B 478 31.35 20.15 -71.88
N ILE B 479 30.61 19.27 -71.22
CA ILE B 479 29.83 18.24 -71.91
C ILE B 479 28.63 18.89 -72.57
N PRO B 480 28.49 18.71 -73.88
CA PRO B 480 27.36 19.32 -74.60
C PRO B 480 26.05 18.62 -74.25
N TYR B 481 25.00 19.39 -74.10
CA TYR B 481 23.68 18.83 -73.82
C TYR B 481 22.67 19.59 -74.66
N ILE B 482 21.85 18.84 -75.38
CA ILE B 482 20.83 19.45 -76.23
C ILE B 482 19.87 20.36 -75.45
N TYR B 483 19.59 21.52 -76.03
CA TYR B 483 18.68 22.51 -75.46
C TYR B 483 17.35 21.82 -75.15
N GLY B 484 16.86 21.96 -73.93
CA GLY B 484 15.58 21.38 -73.57
C GLY B 484 15.62 20.04 -72.87
N SER B 485 16.80 19.47 -72.73
CA SER B 485 16.92 18.18 -72.07
C SER B 485 17.15 18.44 -70.57
N ARG B 486 17.42 17.39 -69.82
CA ARG B 486 17.68 17.50 -68.38
C ARG B 486 19.17 17.72 -68.11
N GLY B 487 19.96 17.75 -69.18
CA GLY B 487 21.39 17.93 -69.04
C GLY B 487 22.22 16.66 -69.21
N PRO B 488 23.56 16.77 -69.11
CA PRO B 488 24.51 15.66 -69.25
C PRO B 488 24.17 14.47 -68.36
N THR B 489 24.15 13.29 -68.97
CA THR B 489 23.85 12.07 -68.23
C THR B 489 24.86 11.91 -67.10
N GLU B 490 26.10 12.36 -67.35
CA GLU B 490 27.17 12.28 -66.37
C GLU B 490 26.78 12.83 -65.00
N ALA B 491 25.99 13.91 -65.00
CA ALA B 491 25.53 14.52 -63.75
C ALA B 491 24.71 13.52 -62.94
N ASP B 492 23.79 12.83 -63.61
CA ASP B 492 22.96 11.83 -62.95
C ASP B 492 23.85 10.71 -62.45
N GLU B 493 24.82 10.31 -63.26
CA GLU B 493 25.74 9.24 -62.87
C GLU B 493 26.55 9.66 -61.63
N LEU B 494 26.80 10.96 -61.50
CA LEU B 494 27.53 11.48 -60.35
C LEU B 494 26.66 11.26 -59.12
N MET B 495 25.45 11.81 -59.18
CA MET B 495 24.49 11.69 -58.09
C MET B 495 24.35 10.28 -57.60
N LYS B 496 24.18 9.32 -58.52
CA LYS B 496 24.05 7.93 -58.12
C LYS B 496 25.29 7.44 -57.37
N ARG B 497 26.46 7.70 -57.94
CA ARG B 497 27.74 7.30 -57.37
C ARG B 497 27.93 7.80 -55.94
N VAL B 498 27.53 9.04 -55.70
CA VAL B 498 27.69 9.64 -54.38
C VAL B 498 26.64 9.22 -53.35
N GLY B 499 25.65 8.42 -53.77
CA GLY B 499 24.65 7.95 -52.84
C GLY B 499 23.18 8.01 -53.22
N PHE B 500 22.83 8.97 -54.08
CA PHE B 500 21.44 9.16 -54.50
C PHE B 500 20.87 8.00 -55.29
N GLN B 501 19.71 7.52 -54.88
CA GLN B 501 19.05 6.43 -55.58
C GLN B 501 17.80 6.96 -56.27
N TYR B 502 17.73 6.78 -57.58
CA TYR B 502 16.56 7.22 -58.34
C TYR B 502 15.80 6.01 -58.84
N GLU B 503 14.49 5.97 -58.62
CA GLU B 503 13.69 4.87 -59.11
C GLU B 503 12.47 5.55 -59.72
N GLY B 504 12.36 5.45 -61.03
CA GLY B 504 11.26 6.07 -61.76
C GLY B 504 9.88 5.52 -61.46
N THR B 505 9.79 4.68 -60.42
CA THR B 505 8.52 4.10 -60.03
C THR B 505 7.84 4.98 -58.99
N TYR B 506 7.19 6.04 -59.46
CA TYR B 506 6.45 6.95 -58.62
C TYR B 506 5.42 7.69 -59.46
N LYS B 507 4.15 7.36 -59.27
CA LYS B 507 3.06 7.99 -60.01
C LYS B 507 2.46 9.13 -59.23
N TRP B 508 2.06 10.20 -59.91
CA TRP B 508 1.44 11.33 -59.25
C TRP B 508 0.24 11.87 -60.00
N VAL B 509 -0.84 12.14 -59.27
CA VAL B 509 -2.08 12.70 -59.84
C VAL B 509 -2.42 13.96 -59.02
N ASN B 510 -3.39 14.74 -59.48
CA ASN B 510 -3.77 15.97 -58.79
C ASN B 510 -4.88 15.75 -57.74
N HIS C 10 61.43 24.84 -29.52
CA HIS C 10 60.53 23.69 -29.88
C HIS C 10 60.08 22.99 -28.59
N VAL C 11 58.90 23.37 -28.10
CA VAL C 11 58.34 22.79 -26.87
C VAL C 11 56.82 22.66 -26.96
N CYS C 12 56.14 23.80 -27.05
CA CYS C 12 54.66 23.85 -27.12
C CYS C 12 54.03 22.76 -28.01
N GLY C 13 53.44 21.75 -27.36
CA GLY C 13 52.82 20.64 -28.07
C GLY C 13 51.73 20.94 -29.08
N ILE C 14 52.15 21.20 -30.34
CA ILE C 14 51.23 21.48 -31.45
C ILE C 14 51.93 21.28 -32.80
N GLN C 27 63.79 31.05 -34.32
CA GLN C 27 63.54 29.87 -33.44
C GLN C 27 63.35 30.31 -31.98
N SER C 28 64.39 30.16 -31.15
CA SER C 28 64.33 30.57 -29.75
C SER C 28 64.75 32.05 -29.69
N ASP C 29 64.26 32.76 -28.67
CA ASP C 29 64.56 34.18 -28.47
C ASP C 29 64.59 34.46 -26.97
N THR C 30 64.91 35.69 -26.58
CA THR C 30 64.95 36.08 -25.16
C THR C 30 63.55 36.44 -24.64
N HIS C 31 63.32 36.14 -23.36
CA HIS C 31 62.04 36.41 -22.70
C HIS C 31 62.30 37.01 -21.31
N ILE C 32 61.41 37.90 -20.85
CA ILE C 32 61.55 38.51 -19.53
C ILE C 32 60.23 38.35 -18.80
N PHE C 33 60.30 37.69 -17.65
CA PHE C 33 59.12 37.44 -16.84
C PHE C 33 59.10 38.48 -15.73
N ILE C 34 58.31 39.53 -15.89
CA ILE C 34 58.22 40.57 -14.87
C ILE C 34 57.16 40.18 -13.85
N ILE C 35 57.56 40.10 -12.60
CA ILE C 35 56.64 39.74 -11.55
C ILE C 35 56.25 40.97 -10.74
N MET C 36 55.16 41.61 -11.15
CA MET C 36 54.68 42.80 -10.45
C MET C 36 54.15 42.38 -9.09
N GLY C 37 54.61 43.06 -8.05
CA GLY C 37 54.18 42.73 -6.70
C GLY C 37 54.96 41.52 -6.22
N ALA C 38 56.22 41.41 -6.68
CA ALA C 38 57.10 40.31 -6.31
C ALA C 38 57.28 40.12 -4.80
N SER C 39 56.91 41.12 -4.00
CA SER C 39 57.04 41.01 -2.54
C SER C 39 55.80 40.38 -1.92
N GLY C 40 54.68 40.47 -2.64
CA GLY C 40 53.41 39.93 -2.15
C GLY C 40 53.36 38.43 -1.88
N ASP C 41 52.44 38.03 -1.00
CA ASP C 41 52.25 36.64 -0.62
C ASP C 41 52.16 35.69 -1.82
N LEU C 42 51.31 36.05 -2.78
CA LEU C 42 51.10 35.27 -3.98
C LEU C 42 52.39 35.06 -4.77
N ALA C 43 53.23 36.09 -4.83
CA ALA C 43 54.48 36.00 -5.56
C ALA C 43 55.45 35.01 -4.94
N LYS C 44 55.75 35.20 -3.66
CA LYS C 44 56.69 34.34 -2.96
C LYS C 44 56.23 32.92 -2.68
N LYS C 45 54.92 32.69 -2.64
CA LYS C 45 54.42 31.36 -2.35
C LYS C 45 53.92 30.57 -3.55
N LYS C 46 53.60 31.26 -4.65
CA LYS C 46 53.08 30.57 -5.82
C LYS C 46 53.82 30.92 -7.10
N ILE C 47 53.74 32.18 -7.52
CA ILE C 47 54.37 32.63 -8.76
C ILE C 47 55.85 32.27 -8.87
N TYR C 48 56.64 32.70 -7.89
CA TYR C 48 58.07 32.40 -7.89
C TYR C 48 58.36 30.90 -7.93
N PRO C 49 57.73 30.13 -7.03
CA PRO C 49 58.01 28.69 -7.05
C PRO C 49 57.74 28.10 -8.44
N THR C 50 56.53 28.36 -8.94
CA THR C 50 56.09 27.88 -10.24
C THR C 50 57.08 28.18 -11.36
N ILE C 51 57.52 29.43 -11.44
CA ILE C 51 58.47 29.82 -12.49
C ILE C 51 59.77 29.04 -12.42
N TRP C 52 60.19 28.70 -11.20
CA TRP C 52 61.41 27.93 -11.04
C TRP C 52 61.16 26.50 -11.48
N TRP C 53 60.01 25.94 -11.13
CA TRP C 53 59.69 24.57 -11.54
C TRP C 53 59.68 24.46 -13.06
N LEU C 54 59.11 25.46 -13.71
CA LEU C 54 59.03 25.50 -15.17
C LEU C 54 60.44 25.51 -15.76
N PHE C 55 61.34 26.25 -15.12
CA PHE C 55 62.72 26.34 -15.54
C PHE C 55 63.38 25.01 -15.30
N ARG C 56 63.14 24.48 -14.10
CA ARG C 56 63.70 23.22 -13.65
C ARG C 56 63.49 22.06 -14.63
N ASP C 57 62.26 21.91 -15.08
CA ASP C 57 61.94 20.84 -16.03
C ASP C 57 62.35 21.21 -17.47
N GLY C 58 62.95 22.40 -17.62
CA GLY C 58 63.41 22.85 -18.92
C GLY C 58 62.29 23.15 -19.90
N LEU C 59 61.23 23.77 -19.40
CA LEU C 59 60.08 24.12 -20.23
C LEU C 59 60.19 25.58 -20.68
N LEU C 60 60.94 26.36 -19.91
CA LEU C 60 61.18 27.78 -20.19
C LEU C 60 62.27 27.90 -21.27
N PRO C 61 62.07 28.80 -22.24
CA PRO C 61 63.04 29.02 -23.33
C PRO C 61 64.42 29.32 -22.80
N GLU C 62 65.42 28.94 -23.58
CA GLU C 62 66.82 29.14 -23.19
C GLU C 62 67.16 30.53 -22.69
N ASN C 63 66.70 31.55 -23.39
CA ASN C 63 67.01 32.90 -22.97
C ASN C 63 65.89 33.54 -22.16
N THR C 64 65.79 33.16 -20.89
CA THR C 64 64.75 33.71 -20.05
C THR C 64 65.32 34.38 -18.79
N PHE C 65 64.75 35.53 -18.44
CA PHE C 65 65.18 36.27 -17.25
C PHE C 65 63.95 36.63 -16.45
N ILE C 66 64.09 36.54 -15.12
CA ILE C 66 62.98 36.85 -14.22
C ILE C 66 63.33 38.16 -13.54
N VAL C 67 62.42 39.12 -13.62
CA VAL C 67 62.66 40.42 -13.00
C VAL C 67 61.55 40.73 -12.00
N GLY C 68 61.89 40.70 -10.72
CA GLY C 68 60.90 41.00 -9.70
C GLY C 68 60.79 42.52 -9.58
N TYR C 69 59.62 42.99 -9.17
CA TYR C 69 59.38 44.42 -8.99
C TYR C 69 58.41 44.58 -7.82
N ALA C 70 58.72 45.50 -6.90
CA ALA C 70 57.85 45.73 -5.76
C ALA C 70 58.13 47.09 -5.14
N ARG C 71 57.28 47.47 -4.20
CA ARG C 71 57.39 48.74 -3.50
C ARG C 71 58.65 48.82 -2.64
N SER C 72 58.99 47.70 -1.99
CA SER C 72 60.15 47.64 -1.12
C SER C 72 61.48 47.44 -1.86
N ARG C 73 62.56 47.96 -1.28
CA ARG C 73 63.92 47.82 -1.83
C ARG C 73 64.47 46.60 -1.10
N LEU C 74 64.22 45.43 -1.67
CA LEU C 74 64.63 44.16 -1.06
C LEU C 74 66.08 43.75 -1.26
N THR C 75 66.58 42.96 -0.30
CA THR C 75 67.95 42.49 -0.35
C THR C 75 68.13 41.65 -1.60
N VAL C 76 69.36 41.67 -2.11
CA VAL C 76 69.80 40.98 -3.32
C VAL C 76 68.89 39.94 -4.00
N ALA C 77 69.00 39.91 -5.32
CA ALA C 77 68.25 38.98 -6.16
C ALA C 77 68.88 37.58 -6.04
N ASP C 78 68.87 37.07 -4.81
CA ASP C 78 69.42 35.76 -4.42
C ASP C 78 69.50 35.74 -2.89
N ILE C 79 69.51 36.92 -2.29
CA ILE C 79 69.57 37.04 -0.84
C ILE C 79 68.17 36.95 -0.28
N ARG C 80 67.37 37.99 -0.51
CA ARG C 80 66.01 37.99 -0.01
C ARG C 80 65.12 37.01 -0.77
N LYS C 81 65.16 37.11 -2.09
CA LYS C 81 64.36 36.23 -2.91
C LYS C 81 65.05 34.87 -3.12
N GLN C 82 65.06 34.12 -2.03
CA GLN C 82 65.61 32.77 -1.91
C GLN C 82 65.46 32.54 -0.42
N SER C 83 65.43 33.64 0.32
CA SER C 83 65.23 33.57 1.76
C SER C 83 63.72 33.44 1.97
N GLU C 84 62.95 34.33 1.34
CA GLU C 84 61.49 34.29 1.45
C GLU C 84 60.95 33.00 0.75
N PRO C 85 61.25 32.79 -0.55
CA PRO C 85 60.79 31.59 -1.27
C PRO C 85 61.85 30.47 -1.20
N PHE C 86 61.42 29.22 -1.32
CA PHE C 86 62.33 28.06 -1.21
C PHE C 86 61.49 26.78 -1.32
N PHE C 87 60.19 26.97 -1.50
CA PHE C 87 59.22 25.89 -1.59
C PHE C 87 59.55 24.73 -2.55
N LYS C 88 59.78 23.55 -1.97
CA LYS C 88 60.10 22.30 -2.68
C LYS C 88 61.45 22.23 -3.38
N ALA C 89 62.51 22.45 -2.59
CA ALA C 89 63.86 22.39 -3.10
C ALA C 89 64.36 20.98 -2.97
N THR C 90 65.25 20.59 -3.88
CA THR C 90 65.83 19.25 -3.85
C THR C 90 67.37 19.34 -3.76
N PRO C 91 67.98 18.60 -2.80
CA PRO C 91 69.44 18.57 -2.55
C PRO C 91 70.28 18.55 -3.82
N GLU C 92 70.05 17.55 -4.66
CA GLU C 92 70.80 17.39 -5.91
C GLU C 92 70.53 18.46 -6.95
N GLU C 93 69.50 19.26 -6.75
CA GLU C 93 69.18 20.32 -7.70
C GLU C 93 69.98 21.62 -7.44
N LYS C 94 70.78 21.63 -6.37
CA LYS C 94 71.61 22.79 -5.99
C LYS C 94 72.29 23.58 -7.13
N LEU C 95 72.81 22.86 -8.13
CA LEU C 95 73.48 23.50 -9.26
C LEU C 95 72.49 24.37 -10.07
N LYS C 96 71.47 23.71 -10.64
CA LYS C 96 70.45 24.37 -11.44
C LYS C 96 69.78 25.50 -10.64
N LEU C 97 69.67 25.27 -9.34
CA LEU C 97 69.07 26.25 -8.44
C LEU C 97 69.84 27.57 -8.54
N GLU C 98 71.16 27.50 -8.36
CA GLU C 98 72.00 28.70 -8.42
C GLU C 98 71.94 29.27 -9.83
N ASP C 99 71.93 28.36 -10.80
CA ASP C 99 71.87 28.70 -12.21
C ASP C 99 70.64 29.59 -12.46
N PHE C 100 69.54 29.24 -11.78
CA PHE C 100 68.28 29.97 -11.91
C PHE C 100 68.38 31.41 -11.43
N PHE C 101 68.91 31.60 -10.22
CA PHE C 101 69.03 32.94 -9.68
C PHE C 101 69.91 33.84 -10.52
N ALA C 102 70.80 33.23 -11.30
CA ALA C 102 71.68 33.99 -12.20
C ALA C 102 70.81 34.71 -13.25
N ARG C 103 69.59 34.21 -13.45
CA ARG C 103 68.63 34.78 -14.38
C ARG C 103 67.76 35.82 -13.68
N ASN C 104 67.70 35.73 -12.35
CA ASN C 104 66.91 36.63 -11.54
C ASN C 104 67.57 37.98 -11.22
N SER C 105 66.73 38.99 -11.03
CA SER C 105 67.15 40.35 -10.69
C SER C 105 65.98 41.07 -9.99
N TYR C 106 66.24 42.25 -9.42
CA TYR C 106 65.20 42.99 -8.73
C TYR C 106 65.26 44.49 -9.07
N VAL C 107 64.13 45.17 -8.81
CA VAL C 107 63.97 46.60 -9.02
C VAL C 107 62.88 47.03 -8.05
N ALA C 108 63.07 48.19 -7.42
CA ALA C 108 62.07 48.66 -6.49
C ALA C 108 61.44 49.90 -7.13
N GLY C 109 60.27 50.29 -6.62
CA GLY C 109 59.58 51.45 -7.14
C GLY C 109 58.13 51.49 -6.71
N GLN C 110 57.52 52.68 -6.79
CA GLN C 110 56.12 52.83 -6.43
C GLN C 110 55.29 52.57 -7.67
N TYR C 111 54.11 51.99 -7.49
CA TYR C 111 53.23 51.66 -8.61
C TYR C 111 52.42 52.82 -9.20
N ASP C 112 53.03 54.00 -9.36
CA ASP C 112 52.28 55.13 -9.92
C ASP C 112 53.10 56.30 -10.48
N ASP C 113 54.32 56.49 -9.99
CA ASP C 113 55.18 57.58 -10.48
C ASP C 113 56.05 57.11 -11.66
N ALA C 114 55.81 57.69 -12.84
CA ALA C 114 56.55 57.34 -14.05
C ALA C 114 58.06 57.17 -13.84
N ALA C 115 58.62 57.86 -12.85
CA ALA C 115 60.05 57.80 -12.54
C ALA C 115 60.51 56.36 -12.22
N SER C 116 59.77 55.69 -11.32
CA SER C 116 60.08 54.32 -10.95
C SER C 116 60.00 53.38 -12.15
N TYR C 117 58.90 53.49 -12.91
CA TYR C 117 58.70 52.65 -14.11
C TYR C 117 59.74 52.95 -15.18
N GLN C 118 60.28 54.16 -15.13
CA GLN C 118 61.29 54.60 -16.09
C GLN C 118 62.61 53.81 -15.97
N ARG C 119 63.07 53.58 -14.73
CA ARG C 119 64.31 52.83 -14.53
C ARG C 119 64.11 51.34 -14.70
N LEU C 120 62.86 50.89 -14.57
CA LEU C 120 62.54 49.48 -14.75
C LEU C 120 62.81 49.18 -16.22
N ASN C 121 62.18 49.97 -17.09
CA ASN C 121 62.34 49.81 -18.53
C ASN C 121 63.81 49.79 -18.90
N SER C 122 64.57 50.74 -18.35
CA SER C 122 66.00 50.84 -18.60
C SER C 122 66.66 49.52 -18.20
N HIS C 123 66.37 49.07 -16.97
CA HIS C 123 66.94 47.83 -16.45
C HIS C 123 66.72 46.63 -17.38
N MET C 124 65.55 46.56 -17.99
CA MET C 124 65.23 45.47 -18.91
C MET C 124 66.08 45.58 -20.18
N ASN C 125 66.16 46.78 -20.74
CA ASN C 125 66.98 46.99 -21.95
C ASN C 125 68.43 46.67 -21.60
N ALA C 126 68.78 46.85 -20.33
CA ALA C 126 70.12 46.58 -19.84
C ALA C 126 70.46 45.10 -19.97
N LEU C 127 69.43 44.27 -19.82
CA LEU C 127 69.61 42.82 -19.94
C LEU C 127 69.99 42.47 -21.37
N HIS C 128 70.77 41.39 -21.53
CA HIS C 128 71.22 40.95 -22.84
C HIS C 128 70.05 40.88 -23.84
N LEU C 129 69.99 41.87 -24.72
CA LEU C 129 68.95 41.96 -25.76
C LEU C 129 67.57 42.41 -25.25
N GLY C 130 67.56 43.08 -24.10
CA GLY C 130 66.33 43.54 -23.48
C GLY C 130 65.34 44.24 -24.39
N SER C 131 65.86 44.93 -25.40
CA SER C 131 65.03 45.64 -26.35
C SER C 131 64.35 44.72 -27.37
N GLN C 132 64.96 43.55 -27.56
CA GLN C 132 64.47 42.53 -28.50
C GLN C 132 63.49 41.54 -27.88
N ALA C 133 63.81 41.15 -26.64
CA ALA C 133 63.03 40.18 -25.87
C ALA C 133 61.51 40.40 -25.82
N ASN C 134 60.80 39.32 -25.51
CA ASN C 134 59.35 39.37 -25.36
C ASN C 134 59.11 39.66 -23.88
N ARG C 135 58.13 40.49 -23.57
CA ARG C 135 57.86 40.82 -22.17
C ARG C 135 56.53 40.29 -21.67
N LEU C 136 56.60 39.56 -20.56
CA LEU C 136 55.43 38.95 -19.99
C LEU C 136 55.29 39.52 -18.57
N PHE C 137 54.23 40.28 -18.36
CA PHE C 137 53.97 40.92 -17.08
C PHE C 137 52.93 40.22 -16.24
N TYR C 138 53.34 39.69 -15.10
CA TYR C 138 52.40 39.01 -14.21
C TYR C 138 52.00 39.97 -13.08
N LEU C 139 50.71 40.28 -12.98
CA LEU C 139 50.23 41.20 -11.95
C LEU C 139 49.83 40.53 -10.65
N ALA C 140 50.82 40.15 -9.86
CA ALA C 140 50.59 39.49 -8.57
C ALA C 140 50.38 40.51 -7.47
N LEU C 141 49.39 41.38 -7.64
CA LEU C 141 49.10 42.42 -6.64
C LEU C 141 47.61 42.78 -6.59
N PRO C 142 47.19 43.51 -5.55
CA PRO C 142 45.79 43.93 -5.36
C PRO C 142 45.15 44.74 -6.50
N PRO C 143 43.90 44.37 -6.85
CA PRO C 143 43.05 44.96 -7.90
C PRO C 143 42.99 46.49 -7.95
N THR C 144 43.16 47.14 -6.81
CA THR C 144 43.12 48.60 -6.73
C THR C 144 44.18 49.22 -7.64
N VAL C 145 45.41 48.76 -7.45
CA VAL C 145 46.55 49.24 -8.20
C VAL C 145 46.50 48.93 -9.69
N TYR C 146 45.72 47.92 -10.07
CA TYR C 146 45.58 47.49 -11.47
C TYR C 146 45.47 48.65 -12.45
N GLU C 147 44.49 49.52 -12.21
CA GLU C 147 44.28 50.67 -13.08
C GLU C 147 45.59 51.41 -13.37
N ALA C 148 46.31 51.78 -12.31
CA ALA C 148 47.57 52.51 -12.45
C ALA C 148 48.66 51.69 -13.14
N VAL C 149 48.93 50.49 -12.61
CA VAL C 149 49.96 49.62 -13.15
C VAL C 149 49.80 49.45 -14.65
N THR C 150 48.58 49.15 -15.07
CA THR C 150 48.26 48.95 -16.46
C THR C 150 48.61 50.20 -17.28
N LYS C 151 48.25 51.35 -16.73
CA LYS C 151 48.51 52.65 -17.35
C LYS C 151 50.02 52.85 -17.62
N ASN C 152 50.81 52.79 -16.54
CA ASN C 152 52.25 52.99 -16.62
C ASN C 152 52.92 52.03 -17.60
N ILE C 153 52.69 50.74 -17.39
CA ILE C 153 53.27 49.69 -18.23
C ILE C 153 53.11 49.98 -19.73
N HIS C 154 51.91 50.40 -20.14
CA HIS C 154 51.63 50.70 -21.54
C HIS C 154 52.48 51.84 -22.11
N GLU C 155 52.72 52.87 -21.30
CA GLU C 155 53.50 54.03 -21.73
C GLU C 155 55.01 53.78 -21.80
N SER C 156 55.61 53.48 -20.64
CA SER C 156 57.04 53.30 -20.56
C SER C 156 57.70 51.93 -20.70
N CYS C 157 56.98 50.84 -20.44
CA CYS C 157 57.61 49.51 -20.49
C CYS C 157 57.33 48.61 -21.69
N MET C 158 56.53 49.09 -22.64
CA MET C 158 56.19 48.29 -23.81
C MET C 158 57.40 47.98 -24.70
N SER C 159 57.51 46.75 -25.19
CA SER C 159 58.63 46.40 -26.05
C SER C 159 58.31 46.78 -27.48
N GLN C 160 59.29 47.45 -28.12
CA GLN C 160 59.14 47.90 -29.50
C GLN C 160 59.13 46.71 -30.47
N ILE C 161 59.77 45.62 -30.05
CA ILE C 161 59.85 44.43 -30.85
C ILE C 161 59.47 43.23 -30.00
N GLY C 162 58.80 42.27 -30.63
CA GLY C 162 58.38 41.08 -29.90
C GLY C 162 57.05 41.38 -29.26
N TRP C 163 56.47 40.37 -28.64
CA TRP C 163 55.17 40.54 -28.01
C TRP C 163 55.24 40.95 -26.55
N ASN C 164 54.11 41.43 -26.07
CA ASN C 164 53.92 41.89 -24.69
C ASN C 164 52.59 41.30 -24.23
N ARG C 165 52.58 40.61 -23.09
CA ARG C 165 51.36 40.03 -22.57
C ARG C 165 51.21 40.31 -21.09
N ILE C 166 49.98 40.56 -20.66
CA ILE C 166 49.73 40.87 -19.27
C ILE C 166 48.76 39.87 -18.64
N ILE C 167 49.17 39.29 -17.52
CA ILE C 167 48.37 38.30 -16.80
C ILE C 167 47.70 38.92 -15.58
N VAL C 168 46.37 38.88 -15.53
CA VAL C 168 45.63 39.46 -14.41
C VAL C 168 45.12 38.39 -13.43
N GLU C 169 45.70 38.36 -12.24
CA GLU C 169 45.35 37.38 -11.20
C GLU C 169 43.88 37.40 -10.77
N LYS C 170 43.35 38.59 -10.51
CA LYS C 170 41.95 38.70 -10.10
C LYS C 170 41.18 39.51 -11.13
N PRO C 171 40.42 38.83 -12.00
CA PRO C 171 39.64 39.49 -13.05
C PRO C 171 38.35 40.11 -12.48
N PHE C 172 38.15 39.94 -11.19
CA PHE C 172 36.92 40.44 -10.59
C PHE C 172 37.00 41.62 -9.65
N GLY C 173 35.93 42.41 -9.71
CA GLY C 173 35.76 43.56 -8.85
C GLY C 173 34.64 43.16 -7.89
N ARG C 174 33.91 44.13 -7.36
CA ARG C 174 32.81 43.83 -6.43
C ARG C 174 31.44 44.26 -7.00
N ASP C 175 31.45 44.99 -8.11
CA ASP C 175 30.22 45.46 -8.75
C ASP C 175 30.34 45.45 -10.28
N LEU C 176 29.21 45.27 -10.97
CA LEU C 176 29.18 45.26 -12.42
C LEU C 176 29.68 46.54 -13.10
N GLN C 177 28.92 47.63 -12.99
CA GLN C 177 29.30 48.89 -13.64
C GLN C 177 30.68 49.44 -13.28
N SER C 178 31.15 49.15 -12.07
CA SER C 178 32.48 49.61 -11.63
C SER C 178 33.57 48.71 -12.25
N SER C 179 33.38 47.39 -12.18
CA SER C 179 34.34 46.46 -12.76
C SER C 179 34.31 46.65 -14.28
N ASP C 180 33.19 47.20 -14.78
CA ASP C 180 33.04 47.50 -16.20
C ASP C 180 34.14 48.52 -16.56
N ARG C 181 34.30 49.55 -15.72
CA ARG C 181 35.31 50.60 -15.94
C ARG C 181 36.73 50.05 -15.77
N LEU C 182 36.95 49.31 -14.68
CA LEU C 182 38.25 48.69 -14.38
C LEU C 182 38.65 47.86 -15.59
N SER C 183 37.65 47.19 -16.17
CA SER C 183 37.82 46.35 -17.34
C SER C 183 38.11 47.21 -18.58
N ASN C 184 37.13 48.05 -18.96
CA ASN C 184 37.24 48.94 -20.12
C ASN C 184 38.62 49.59 -20.23
N HIS C 185 39.05 50.20 -19.14
CA HIS C 185 40.34 50.87 -19.06
C HIS C 185 41.51 50.04 -19.63
N ILE C 186 41.59 48.78 -19.19
CA ILE C 186 42.64 47.89 -19.64
C ILE C 186 42.45 47.62 -21.13
N SER C 187 41.19 47.41 -21.50
CA SER C 187 40.83 47.15 -22.89
C SER C 187 41.11 48.31 -23.86
N SER C 188 41.27 49.52 -23.32
CA SER C 188 41.57 50.68 -24.16
C SER C 188 43.07 50.85 -24.39
N LEU C 189 43.87 50.12 -23.62
CA LEU C 189 45.31 50.21 -23.76
C LEU C 189 45.86 48.98 -24.47
N PHE C 190 45.38 47.82 -24.04
CA PHE C 190 45.80 46.53 -24.60
C PHE C 190 44.68 45.85 -25.33
N ARG C 191 45.01 45.16 -26.41
CA ARG C 191 43.98 44.43 -27.16
C ARG C 191 43.84 43.03 -26.57
N GLU C 192 42.64 42.48 -26.66
CA GLU C 192 42.30 41.16 -26.13
C GLU C 192 43.37 40.05 -26.22
N ASP C 193 44.14 40.02 -27.31
CA ASP C 193 45.18 39.00 -27.49
C ASP C 193 46.45 39.26 -26.71
N GLN C 194 46.35 40.17 -25.74
CA GLN C 194 47.47 40.53 -24.86
C GLN C 194 47.02 40.32 -23.43
N ILE C 195 45.71 40.32 -23.25
CA ILE C 195 45.09 40.18 -21.94
C ILE C 195 44.87 38.71 -21.59
N TYR C 196 45.55 38.27 -20.54
CA TYR C 196 45.42 36.90 -20.09
C TYR C 196 44.76 36.86 -18.71
N ARG C 197 43.44 36.75 -18.69
CA ARG C 197 42.72 36.72 -17.41
C ARG C 197 42.73 35.34 -16.76
N ILE C 198 43.17 35.31 -15.50
CA ILE C 198 43.31 34.09 -14.73
C ILE C 198 42.06 33.57 -14.01
N ASP C 199 41.97 32.24 -13.99
CA ASP C 199 40.91 31.48 -13.30
C ASP C 199 41.59 30.12 -13.22
N HIS C 200 42.56 30.02 -12.31
CA HIS C 200 43.36 28.82 -12.16
C HIS C 200 42.72 27.45 -12.28
N TYR C 201 41.42 27.34 -12.04
CA TYR C 201 40.80 26.03 -12.16
C TYR C 201 40.86 25.49 -13.59
N LEU C 202 40.90 26.40 -14.56
CA LEU C 202 40.97 26.02 -15.98
C LEU C 202 42.29 25.37 -16.36
N GLY C 203 43.20 25.27 -15.39
CA GLY C 203 44.48 24.65 -15.65
C GLY C 203 44.70 23.40 -14.81
N LYS C 204 43.63 22.88 -14.21
CA LYS C 204 43.76 21.67 -13.40
C LYS C 204 43.49 20.45 -14.29
N GLU C 205 44.34 19.43 -14.15
CA GLU C 205 44.25 18.20 -14.92
C GLU C 205 42.84 17.74 -15.29
N MET C 206 42.04 17.42 -14.29
CA MET C 206 40.67 16.95 -14.52
C MET C 206 39.72 17.90 -15.25
N VAL C 207 39.88 19.21 -15.04
CA VAL C 207 39.02 20.19 -15.69
C VAL C 207 39.27 20.21 -17.18
N GLN C 208 40.54 20.22 -17.57
CA GLN C 208 40.88 20.21 -18.99
C GLN C 208 40.34 18.94 -19.60
N ASN C 209 40.58 17.83 -18.92
CA ASN C 209 40.14 16.52 -19.39
C ASN C 209 38.66 16.47 -19.79
N LEU C 210 37.82 17.30 -19.15
CA LEU C 210 36.38 17.33 -19.45
C LEU C 210 36.07 17.36 -20.95
N MET C 211 36.78 18.21 -21.67
CA MET C 211 36.57 18.33 -23.10
C MET C 211 36.94 17.05 -23.87
N VAL C 212 37.92 16.30 -23.37
CA VAL C 212 38.32 15.07 -24.03
C VAL C 212 37.30 13.99 -23.75
N LEU C 213 36.96 13.83 -22.47
CA LEU C 213 35.98 12.85 -22.05
C LEU C 213 34.69 12.99 -22.88
N ARG C 214 34.22 14.22 -23.04
CA ARG C 214 33.01 14.47 -23.78
C ARG C 214 33.08 14.30 -25.30
N PHE C 215 34.02 14.99 -25.93
CA PHE C 215 34.12 14.99 -27.37
C PHE C 215 34.94 13.95 -28.13
N ALA C 216 35.62 13.07 -27.42
CA ALA C 216 36.41 12.04 -28.09
C ALA C 216 35.84 10.64 -27.82
N ASN C 217 34.74 10.59 -27.09
CA ASN C 217 34.11 9.32 -26.76
C ASN C 217 32.70 9.18 -27.23
N ARG C 218 32.37 7.99 -27.68
CA ARG C 218 31.02 7.69 -28.15
C ARG C 218 30.12 7.15 -27.03
N ILE C 219 30.73 6.60 -25.98
CA ILE C 219 29.97 6.09 -24.85
C ILE C 219 29.38 7.22 -24.01
N PHE C 220 29.79 8.46 -24.29
CA PHE C 220 29.28 9.59 -23.55
C PHE C 220 28.55 10.59 -24.42
N GLY C 221 28.69 10.44 -25.74
CA GLY C 221 28.04 11.37 -26.66
C GLY C 221 26.52 11.45 -26.56
N PRO C 222 25.80 10.48 -27.17
CA PRO C 222 24.33 10.41 -27.20
C PRO C 222 23.60 10.42 -25.86
N ILE C 223 24.32 10.49 -24.75
CA ILE C 223 23.70 10.50 -23.43
C ILE C 223 23.68 11.92 -22.84
N TRP C 224 24.62 12.74 -23.29
CA TRP C 224 24.76 14.10 -22.77
C TRP C 224 23.62 15.03 -23.19
N ASN C 225 22.41 14.82 -22.67
CA ASN C 225 21.29 15.70 -23.03
C ASN C 225 20.08 15.46 -22.17
N ARG C 226 19.14 16.42 -22.22
CA ARG C 226 17.89 16.40 -21.43
C ARG C 226 17.08 15.12 -21.45
N ASP C 227 17.27 14.30 -22.48
CA ASP C 227 16.53 13.03 -22.58
C ASP C 227 17.09 11.98 -21.61
N ASN C 228 18.34 12.16 -21.19
CA ASN C 228 18.95 11.19 -20.29
C ASN C 228 19.40 11.74 -18.93
N ILE C 229 19.81 13.00 -18.89
CA ILE C 229 20.28 13.58 -17.63
C ILE C 229 19.20 14.23 -16.77
N ALA C 230 19.14 13.84 -15.50
CA ALA C 230 18.17 14.38 -14.56
C ALA C 230 18.67 15.68 -13.95
N CYS C 231 19.96 15.77 -13.65
CA CYS C 231 20.54 17.00 -13.11
C CYS C 231 22.07 16.95 -13.06
N VAL C 232 22.68 18.13 -12.92
CA VAL C 232 24.12 18.27 -12.85
C VAL C 232 24.51 19.01 -11.59
N ILE C 233 25.48 18.45 -10.86
CA ILE C 233 25.94 19.03 -9.61
C ILE C 233 27.43 19.38 -9.61
N LEU C 234 27.70 20.67 -9.45
CA LEU C 234 29.07 21.20 -9.42
C LEU C 234 29.36 21.59 -7.97
N THR C 235 30.22 20.78 -7.33
CA THR C 235 30.59 20.94 -5.93
C THR C 235 32.01 21.48 -5.68
N PHE C 236 32.13 22.30 -4.63
CA PHE C 236 33.41 22.89 -4.19
C PHE C 236 33.39 23.02 -2.66
N LYS C 237 34.18 22.21 -1.97
CA LYS C 237 34.23 22.20 -0.50
C LYS C 237 35.62 22.32 0.11
N GLU C 238 35.72 23.12 1.16
CA GLU C 238 36.96 23.35 1.91
C GLU C 238 36.65 23.05 3.36
N PRO C 239 37.47 22.22 4.01
CA PRO C 239 37.31 21.80 5.41
C PRO C 239 37.64 22.87 6.44
N PHE C 240 38.48 23.82 6.05
CA PHE C 240 38.90 24.88 6.94
C PHE C 240 38.06 26.13 6.75
N GLY C 241 37.96 26.91 7.81
CA GLY C 241 37.22 28.15 7.75
C GLY C 241 38.12 29.29 7.26
N THR C 242 37.71 30.52 7.56
CA THR C 242 38.50 31.66 7.15
C THR C 242 39.62 31.83 8.19
N GLU C 243 40.74 31.16 7.92
CA GLU C 243 41.90 31.16 8.80
C GLU C 243 42.36 32.56 9.21
N GLY C 244 41.70 33.11 10.23
CA GLY C 244 42.06 34.42 10.73
C GLY C 244 41.77 35.63 9.86
N ARG C 245 42.05 35.56 8.55
CA ARG C 245 41.84 36.71 7.68
C ARG C 245 40.39 36.95 7.25
N GLY C 246 39.46 36.64 8.15
CA GLY C 246 38.04 36.82 7.87
C GLY C 246 37.69 38.20 7.36
N GLY C 247 38.40 39.20 7.85
CA GLY C 247 38.15 40.57 7.45
C GLY C 247 38.19 40.79 5.96
N TYR C 248 39.15 40.17 5.29
CA TYR C 248 39.26 40.34 3.85
C TYR C 248 38.05 39.72 3.12
N PHE C 249 37.86 38.42 3.34
CA PHE C 249 36.79 37.66 2.71
C PHE C 249 35.42 38.33 2.80
N ASP C 250 35.10 38.87 3.97
CA ASP C 250 33.83 39.54 4.22
C ASP C 250 33.38 40.54 3.14
N GLU C 251 34.34 41.06 2.37
CA GLU C 251 34.05 42.02 1.31
C GLU C 251 33.44 41.37 0.09
N PHE C 252 33.74 40.09 -0.11
CA PHE C 252 33.25 39.38 -1.28
C PHE C 252 32.12 38.38 -1.10
N GLY C 253 32.23 37.52 -0.09
CA GLY C 253 31.21 36.52 0.13
C GLY C 253 31.48 35.32 -0.76
N ILE C 254 31.13 34.14 -0.28
CA ILE C 254 31.35 32.90 -1.01
C ILE C 254 30.98 32.94 -2.51
N ILE C 255 29.85 33.56 -2.86
CA ILE C 255 29.41 33.64 -4.26
C ILE C 255 30.51 34.26 -5.15
N ARG C 256 30.94 35.47 -4.79
CA ARG C 256 31.98 36.18 -5.56
C ARG C 256 33.33 35.49 -5.46
N ASP C 257 33.52 34.75 -4.38
CA ASP C 257 34.77 34.08 -4.17
C ASP C 257 34.97 32.81 -4.97
N VAL C 258 33.92 32.00 -5.10
CA VAL C 258 34.04 30.73 -5.80
C VAL C 258 33.04 30.44 -6.91
N MET C 259 31.75 30.55 -6.59
CA MET C 259 30.68 30.26 -7.53
C MET C 259 30.74 31.08 -8.83
N GLN C 260 30.73 32.40 -8.70
CA GLN C 260 30.77 33.29 -9.85
C GLN C 260 31.85 32.95 -10.89
N ASN C 261 33.00 32.42 -10.45
CA ASN C 261 34.07 32.12 -11.40
C ASN C 261 34.43 30.66 -11.66
N HIS C 262 34.79 29.91 -10.63
CA HIS C 262 35.18 28.51 -10.82
C HIS C 262 34.01 27.63 -11.28
N LEU C 263 33.05 27.41 -10.38
CA LEU C 263 31.89 26.59 -10.69
C LEU C 263 31.30 26.92 -12.05
N LEU C 264 31.07 28.21 -12.30
CA LEU C 264 30.51 28.64 -13.57
C LEU C 264 31.33 28.13 -14.75
N GLN C 265 32.65 28.20 -14.65
CA GLN C 265 33.53 27.74 -15.73
C GLN C 265 33.34 26.25 -15.96
N MET C 266 33.25 25.49 -14.87
CA MET C 266 33.04 24.05 -14.99
C MET C 266 31.70 23.85 -15.68
N LEU C 267 30.70 24.65 -15.30
CA LEU C 267 29.38 24.55 -15.91
C LEU C 267 29.51 24.72 -17.41
N CYS C 268 30.21 25.76 -17.85
CA CYS C 268 30.41 26.01 -19.28
C CYS C 268 30.99 24.78 -19.97
N LEU C 269 32.07 24.25 -19.40
CA LEU C 269 32.73 23.09 -19.99
C LEU C 269 31.83 21.86 -20.05
N VAL C 270 30.95 21.72 -19.07
CA VAL C 270 30.07 20.58 -19.06
C VAL C 270 28.87 20.72 -20.00
N ALA C 271 28.49 21.95 -20.32
CA ALA C 271 27.30 22.18 -21.16
C ALA C 271 27.47 22.71 -22.58
N MET C 272 28.63 23.28 -22.89
CA MET C 272 28.86 23.83 -24.22
C MET C 272 28.65 22.81 -25.32
N GLU C 273 28.38 23.31 -26.51
CA GLU C 273 28.19 22.45 -27.67
C GLU C 273 29.58 22.12 -28.24
N LYS C 274 29.66 21.11 -29.11
CA LYS C 274 30.94 20.75 -29.71
C LYS C 274 31.45 21.92 -30.57
N PRO C 275 32.68 22.39 -30.33
CA PRO C 275 33.31 23.50 -31.05
C PRO C 275 33.79 23.14 -32.44
N ALA C 276 34.00 24.16 -33.26
CA ALA C 276 34.46 23.98 -34.63
C ALA C 276 35.84 23.33 -34.65
N SER C 277 36.63 23.60 -33.62
CA SER C 277 37.98 23.04 -33.50
C SER C 277 38.51 23.31 -32.09
N THR C 278 39.73 22.89 -31.82
CA THR C 278 40.33 23.11 -30.50
C THR C 278 40.99 24.49 -30.41
N ASN C 279 40.75 25.33 -31.41
CA ASN C 279 41.30 26.69 -31.46
C ASN C 279 40.74 27.50 -30.30
N SER C 280 41.62 28.22 -29.61
CA SER C 280 41.25 29.04 -28.47
C SER C 280 39.91 29.75 -28.60
N ASP C 281 39.74 30.54 -29.65
CA ASP C 281 38.50 31.27 -29.84
C ASP C 281 37.28 30.41 -30.19
N ASP C 282 37.47 29.40 -31.03
CA ASP C 282 36.36 28.54 -31.41
C ASP C 282 35.77 27.89 -30.14
N VAL C 283 36.63 27.53 -29.19
CA VAL C 283 36.21 26.92 -27.94
C VAL C 283 35.49 27.96 -27.07
N ARG C 284 36.16 29.07 -26.82
CA ARG C 284 35.59 30.13 -26.00
C ARG C 284 34.23 30.56 -26.54
N ASP C 285 34.08 30.56 -27.87
CA ASP C 285 32.81 30.94 -28.48
C ASP C 285 31.70 30.02 -27.94
N GLU C 286 31.94 28.72 -28.00
CA GLU C 286 30.96 27.75 -27.54
C GLU C 286 30.63 27.91 -26.07
N LYS C 287 31.62 28.35 -25.30
CA LYS C 287 31.45 28.58 -23.88
C LYS C 287 30.45 29.69 -23.63
N VAL C 288 30.74 30.87 -24.17
CA VAL C 288 29.87 32.03 -24.00
C VAL C 288 28.46 31.80 -24.54
N LYS C 289 28.36 31.05 -25.62
CA LYS C 289 27.07 30.71 -26.24
C LYS C 289 26.17 30.13 -25.14
N VAL C 290 26.75 29.29 -24.27
CA VAL C 290 26.00 28.68 -23.18
C VAL C 290 25.55 29.75 -22.20
N LEU C 291 26.49 30.54 -21.73
CA LEU C 291 26.18 31.59 -20.77
C LEU C 291 25.01 32.46 -21.23
N LYS C 292 24.96 32.76 -22.52
CA LYS C 292 23.88 33.59 -23.07
C LYS C 292 22.47 32.98 -22.94
N CYS C 293 22.40 31.69 -22.57
CA CYS C 293 21.12 31.01 -22.41
C CYS C 293 20.72 30.82 -20.96
N ILE C 294 21.45 31.48 -20.05
CA ILE C 294 21.14 31.37 -18.63
C ILE C 294 20.39 32.60 -18.15
N SER C 295 19.20 32.36 -17.62
CA SER C 295 18.39 33.45 -17.11
C SER C 295 18.94 33.85 -15.75
N GLU C 296 18.68 35.09 -15.37
CA GLU C 296 19.16 35.64 -14.10
C GLU C 296 18.71 34.78 -12.93
N VAL C 297 19.61 34.58 -11.98
CA VAL C 297 19.33 33.76 -10.81
C VAL C 297 18.16 34.23 -9.95
N GLN C 298 17.28 33.30 -9.62
CA GLN C 298 16.13 33.61 -8.80
C GLN C 298 16.41 33.39 -7.32
N ALA C 299 15.95 34.32 -6.48
CA ALA C 299 16.15 34.23 -5.04
C ALA C 299 15.49 32.98 -4.47
N ASN C 300 14.52 32.44 -5.21
CA ASN C 300 13.84 31.25 -4.77
C ASN C 300 14.69 29.98 -4.85
N ASN C 301 15.75 30.03 -5.67
CA ASN C 301 16.63 28.88 -5.87
C ASN C 301 17.96 29.10 -5.19
N VAL C 302 17.94 29.80 -4.07
CA VAL C 302 19.18 30.08 -3.37
C VAL C 302 19.12 29.77 -1.91
N VAL C 303 20.19 29.18 -1.40
CA VAL C 303 20.32 28.86 0.02
C VAL C 303 21.66 29.41 0.48
N LEU C 304 21.59 30.26 1.50
CA LEU C 304 22.77 30.89 2.07
C LEU C 304 23.03 30.39 3.48
N GLY C 305 24.31 30.25 3.84
CA GLY C 305 24.66 29.78 5.16
C GLY C 305 25.94 30.43 5.66
N GLN C 306 26.04 30.55 6.98
CA GLN C 306 27.21 31.13 7.64
C GLN C 306 27.62 30.17 8.77
N TYR C 307 28.90 29.83 8.82
CA TYR C 307 29.37 28.88 9.84
C TYR C 307 29.55 29.40 11.25
N VAL C 308 29.20 28.55 12.20
CA VAL C 308 29.30 28.84 13.64
C VAL C 308 30.32 27.84 14.19
N GLY C 309 31.09 28.27 15.19
CA GLY C 309 32.10 27.40 15.77
C GLY C 309 31.56 26.11 16.38
N ASN C 310 32.41 25.09 16.46
CA ASN C 310 32.04 23.81 17.03
C ASN C 310 32.69 23.63 18.39
N PRO C 311 31.89 23.52 19.46
CA PRO C 311 32.34 23.34 20.85
C PRO C 311 33.12 22.05 21.13
N ASP C 312 32.83 20.99 20.37
CA ASP C 312 33.51 19.70 20.55
C ASP C 312 34.81 19.58 19.74
N GLY C 313 35.13 20.62 18.97
CA GLY C 313 36.34 20.59 18.17
C GLY C 313 37.58 21.06 18.91
N GLU C 314 38.57 21.54 18.17
CA GLU C 314 39.81 22.03 18.77
C GLU C 314 40.49 22.97 17.78
N GLY C 315 41.22 23.94 18.31
CA GLY C 315 41.89 24.90 17.45
C GLY C 315 40.86 25.76 16.75
N GLU C 316 41.12 26.07 15.49
CA GLU C 316 40.21 26.90 14.70
C GLU C 316 38.76 26.39 14.68
N ALA C 317 38.59 25.08 14.84
CA ALA C 317 37.29 24.42 14.82
C ALA C 317 36.26 24.90 15.84
N THR C 318 36.70 25.63 16.86
CA THR C 318 35.79 26.13 17.88
C THR C 318 35.34 27.55 17.59
N LYS C 319 36.17 28.27 16.85
CA LYS C 319 35.88 29.67 16.52
C LYS C 319 35.01 29.79 15.28
N GLY C 320 33.83 30.36 15.45
CA GLY C 320 32.93 30.58 14.34
C GLY C 320 33.36 31.77 13.50
N TYR C 321 32.57 32.08 12.47
CA TYR C 321 32.87 33.19 11.56
C TYR C 321 32.96 34.51 12.33
N LEU C 322 31.91 34.87 13.05
CA LEU C 322 31.88 36.12 13.80
C LEU C 322 32.91 36.23 14.94
N ASP C 323 33.46 35.09 15.36
CA ASP C 323 34.47 35.09 16.41
C ASP C 323 35.81 35.60 15.88
N ASP C 324 35.86 35.89 14.57
CA ASP C 324 37.05 36.43 13.93
C ASP C 324 37.00 37.94 14.17
N PRO C 325 37.99 38.49 14.88
CA PRO C 325 38.05 39.92 15.18
C PRO C 325 38.05 40.80 13.94
N THR C 326 38.68 40.31 12.87
CA THR C 326 38.77 41.06 11.61
C THR C 326 37.43 41.25 10.90
N VAL C 327 36.40 40.53 11.32
CA VAL C 327 35.08 40.66 10.68
C VAL C 327 34.09 41.48 11.51
N PRO C 328 33.45 42.48 10.87
CA PRO C 328 32.45 43.36 11.51
C PRO C 328 31.43 42.57 12.32
N ARG C 329 31.40 42.83 13.62
CA ARG C 329 30.51 42.15 14.56
C ARG C 329 29.08 41.78 14.11
N GLY C 330 28.48 42.57 13.22
CA GLY C 330 27.13 42.25 12.78
C GLY C 330 27.01 41.82 11.33
N SER C 331 28.00 41.09 10.83
CA SER C 331 28.02 40.63 9.44
C SER C 331 27.01 39.53 9.09
N THR C 332 26.51 39.60 7.87
CA THR C 332 25.56 38.63 7.34
C THR C 332 26.13 38.00 6.08
N THR C 333 27.44 38.17 5.86
CA THR C 333 28.07 37.61 4.69
C THR C 333 28.04 36.08 4.78
N ALA C 334 27.70 35.42 3.67
CA ALA C 334 27.59 33.97 3.61
C ALA C 334 28.90 33.28 3.30
N THR C 335 29.12 32.16 3.97
CA THR C 335 30.32 31.35 3.78
C THR C 335 29.96 30.09 2.98
N PHE C 336 28.67 29.88 2.80
CA PHE C 336 28.13 28.73 2.09
C PHE C 336 26.94 29.16 1.23
N ALA C 337 26.86 28.62 0.01
CA ALA C 337 25.78 28.94 -0.91
C ALA C 337 25.49 27.84 -1.90
N ALA C 338 24.20 27.56 -2.07
CA ALA C 338 23.74 26.55 -3.01
C ALA C 338 22.77 27.29 -3.93
N VAL C 339 23.07 27.29 -5.21
CA VAL C 339 22.25 27.98 -6.20
C VAL C 339 21.89 27.08 -7.37
N VAL C 340 20.68 27.26 -7.90
CA VAL C 340 20.20 26.46 -9.03
C VAL C 340 20.07 27.34 -10.27
N LEU C 341 20.74 26.94 -11.34
CA LEU C 341 20.72 27.67 -12.62
C LEU C 341 20.13 26.78 -13.70
N TYR C 342 19.60 27.42 -14.75
CA TYR C 342 19.01 26.70 -15.88
C TYR C 342 19.53 27.19 -17.23
N VAL C 343 19.80 26.26 -18.14
CA VAL C 343 20.29 26.60 -19.46
C VAL C 343 19.13 26.39 -20.43
N GLU C 344 18.61 27.47 -21.01
CA GLU C 344 17.48 27.36 -21.93
C GLU C 344 17.82 27.15 -23.40
N ASN C 345 18.08 25.91 -23.78
CA ASN C 345 18.35 25.59 -25.17
C ASN C 345 17.97 24.15 -25.45
N GLU C 346 17.86 23.82 -26.73
CA GLU C 346 17.46 22.49 -27.17
C GLU C 346 18.10 21.30 -26.44
N ARG C 347 19.30 21.48 -25.92
CA ARG C 347 19.97 20.38 -25.24
C ARG C 347 19.69 20.23 -23.75
N TRP C 348 19.74 21.33 -23.01
CA TRP C 348 19.55 21.31 -21.55
C TRP C 348 18.23 21.86 -21.03
N ASP C 349 17.32 22.21 -21.93
CA ASP C 349 16.05 22.80 -21.52
C ASP C 349 15.36 22.03 -20.40
N GLY C 350 15.30 22.65 -19.23
CA GLY C 350 14.66 22.04 -18.08
C GLY C 350 15.56 21.33 -17.10
N VAL C 351 16.83 21.10 -17.47
CA VAL C 351 17.77 20.42 -16.57
C VAL C 351 18.39 21.37 -15.57
N PRO C 352 18.29 21.03 -14.28
CA PRO C 352 18.85 21.87 -13.22
C PRO C 352 20.35 21.73 -13.01
N PHE C 353 21.04 22.87 -12.89
CA PHE C 353 22.47 22.90 -12.61
C PHE C 353 22.62 23.41 -11.20
N ILE C 354 23.01 22.51 -10.31
CA ILE C 354 23.16 22.85 -8.92
C ILE C 354 24.62 23.19 -8.58
N LEU C 355 24.84 24.43 -8.18
CA LEU C 355 26.17 24.88 -7.80
C LEU C 355 26.18 24.98 -6.26
N ARG C 356 26.95 24.12 -5.60
CA ARG C 356 27.02 24.15 -4.15
C ARG C 356 28.47 24.28 -3.70
N CYS C 357 28.72 25.22 -2.78
CA CYS C 357 30.08 25.50 -2.29
C CYS C 357 30.05 26.10 -0.88
N GLY C 358 31.15 25.95 -0.15
CA GLY C 358 31.23 26.49 1.18
C GLY C 358 32.53 26.21 1.91
N LYS C 359 32.81 27.03 2.93
CA LYS C 359 34.01 26.89 3.75
C LYS C 359 33.62 26.26 5.08
N ALA C 360 34.63 25.79 5.82
CA ALA C 360 34.42 25.18 7.13
C ALA C 360 33.52 23.93 7.11
N LEU C 361 33.69 23.10 6.08
CA LEU C 361 32.91 21.88 5.93
C LEU C 361 33.64 20.62 6.38
N ASN C 362 33.01 19.46 6.18
CA ASN C 362 33.59 18.18 6.58
C ASN C 362 34.72 17.61 5.72
N GLU C 363 35.04 18.26 4.61
CA GLU C 363 36.09 17.75 3.73
C GLU C 363 36.58 18.78 2.71
N ARG C 364 37.42 18.32 1.79
CA ARG C 364 37.95 19.17 0.74
C ARG C 364 37.83 18.43 -0.59
N LYS C 365 36.97 18.92 -1.49
CA LYS C 365 36.82 18.29 -2.79
C LYS C 365 36.12 19.20 -3.79
N ALA C 366 36.29 18.91 -5.08
CA ALA C 366 35.66 19.65 -6.17
C ALA C 366 35.38 18.62 -7.26
N GLU C 367 34.11 18.44 -7.61
CA GLU C 367 33.74 17.47 -8.63
C GLU C 367 32.51 17.87 -9.42
N VAL C 368 32.33 17.18 -10.53
CA VAL C 368 31.21 17.39 -11.41
C VAL C 368 30.49 16.05 -11.33
N ARG C 369 29.18 16.09 -11.19
CA ARG C 369 28.40 14.87 -11.11
C ARG C 369 27.11 14.95 -11.91
N LEU C 370 26.90 13.96 -12.77
CA LEU C 370 25.69 13.91 -13.58
C LEU C 370 24.84 12.73 -13.11
N GLN C 371 23.60 13.00 -12.75
CA GLN C 371 22.71 11.93 -12.34
C GLN C 371 21.73 11.76 -13.48
N PHE C 372 21.66 10.55 -14.02
CA PHE C 372 20.76 10.26 -15.15
C PHE C 372 19.33 9.84 -14.71
N HIS C 373 18.42 9.79 -15.69
CA HIS C 373 17.02 9.42 -15.43
C HIS C 373 16.85 7.93 -15.21
N ASP C 374 15.77 7.59 -14.52
CA ASP C 374 15.49 6.19 -14.23
C ASP C 374 15.28 5.51 -15.58
N VAL C 375 15.57 4.22 -15.67
CA VAL C 375 15.39 3.47 -16.91
C VAL C 375 13.90 3.34 -17.21
N ALA C 376 13.50 3.45 -18.48
CA ALA C 376 12.09 3.35 -18.87
C ALA C 376 11.58 1.89 -18.96
N GLY C 377 10.39 1.64 -18.41
CA GLY C 377 9.82 0.30 -18.43
C GLY C 377 10.62 -0.67 -17.57
N ASP C 378 10.69 -0.37 -16.28
CA ASP C 378 11.43 -1.17 -15.30
C ASP C 378 10.90 -2.58 -15.16
N ILE C 379 11.81 -3.56 -15.19
CA ILE C 379 11.42 -4.97 -15.06
C ILE C 379 12.08 -5.57 -13.84
N PHE C 380 12.70 -4.72 -13.03
CA PHE C 380 13.37 -5.19 -11.84
C PHE C 380 12.67 -4.79 -10.53
N HIS C 381 11.38 -4.46 -10.60
CA HIS C 381 10.62 -4.07 -9.41
C HIS C 381 11.32 -3.03 -8.58
N GLN C 382 11.48 -1.84 -9.18
CA GLN C 382 12.13 -0.65 -8.59
C GLN C 382 13.40 -0.82 -7.75
N GLN C 383 14.08 -1.93 -7.92
CA GLN C 383 15.32 -2.15 -7.17
C GLN C 383 16.45 -1.32 -7.74
N CYS C 384 16.25 -0.76 -8.92
CA CYS C 384 17.31 0.03 -9.54
C CYS C 384 17.47 1.44 -8.98
N LYS C 385 18.68 2.00 -9.15
CA LYS C 385 19.01 3.34 -8.69
C LYS C 385 19.61 4.06 -9.89
N ARG C 386 19.42 5.36 -9.98
CA ARG C 386 19.94 6.15 -11.10
C ARG C 386 21.46 6.08 -11.30
N ASN C 387 21.88 6.06 -12.56
CA ASN C 387 23.31 6.04 -12.91
C ASN C 387 23.86 7.44 -12.69
N GLU C 388 25.15 7.54 -12.41
CA GLU C 388 25.79 8.82 -12.19
C GLU C 388 27.21 8.80 -12.72
N LEU C 389 27.62 9.90 -13.34
CA LEU C 389 28.97 10.01 -13.85
C LEU C 389 29.63 11.06 -12.96
N VAL C 390 30.78 10.71 -12.39
CA VAL C 390 31.51 11.60 -11.50
C VAL C 390 32.92 11.89 -11.98
N ILE C 391 33.28 13.15 -11.94
CA ILE C 391 34.59 13.59 -12.33
C ILE C 391 35.15 14.39 -11.15
N ARG C 392 36.01 13.74 -10.37
CA ARG C 392 36.61 14.37 -9.19
C ARG C 392 37.89 15.13 -9.56
N VAL C 393 37.79 16.46 -9.58
CA VAL C 393 38.92 17.32 -9.92
C VAL C 393 40.04 17.19 -8.90
N GLN C 394 39.67 17.17 -7.62
CA GLN C 394 40.63 17.07 -6.50
C GLN C 394 39.89 16.79 -5.21
N PRO C 395 40.52 16.05 -4.29
CA PRO C 395 41.88 15.49 -4.42
C PRO C 395 41.79 14.11 -5.09
N ASN C 396 42.92 13.41 -5.22
CA ASN C 396 42.94 12.08 -5.83
C ASN C 396 42.14 12.02 -7.13
N GLU C 397 42.46 12.91 -8.07
CA GLU C 397 41.77 13.00 -9.36
C GLU C 397 41.35 11.65 -9.94
N ALA C 398 40.04 11.48 -10.08
CA ALA C 398 39.47 10.25 -10.59
C ALA C 398 38.17 10.54 -11.32
N VAL C 399 37.72 9.57 -12.11
CA VAL C 399 36.48 9.66 -12.87
C VAL C 399 35.86 8.27 -12.87
N TYR C 400 34.55 8.19 -12.61
CA TYR C 400 33.86 6.90 -12.58
C TYR C 400 32.37 7.04 -12.85
N THR C 401 31.71 5.93 -13.15
CA THR C 401 30.28 5.88 -13.42
C THR C 401 29.59 4.87 -12.52
N LYS C 402 28.72 5.35 -11.65
CA LYS C 402 28.01 4.47 -10.74
C LYS C 402 26.90 3.80 -11.51
N MET C 403 26.93 2.47 -11.59
CA MET C 403 25.89 1.75 -12.30
C MET C 403 25.38 0.53 -11.55
N MET C 404 24.55 -0.26 -12.21
CA MET C 404 23.96 -1.47 -11.63
C MET C 404 24.64 -2.72 -12.15
N THR C 405 24.73 -3.73 -11.29
CA THR C 405 25.33 -5.01 -11.63
C THR C 405 24.68 -6.07 -10.75
N LYS C 406 24.53 -7.27 -11.28
CA LYS C 406 23.94 -8.37 -10.51
C LYS C 406 24.75 -8.55 -9.25
N LYS C 407 24.07 -8.63 -8.11
CA LYS C 407 24.74 -8.85 -6.83
C LYS C 407 25.56 -10.13 -6.97
N PRO C 408 26.88 -10.01 -6.91
CA PRO C 408 27.78 -11.14 -7.05
C PRO C 408 27.53 -12.25 -6.04
N GLY C 409 27.52 -13.48 -6.53
CA GLY C 409 27.30 -14.64 -5.68
C GLY C 409 25.98 -15.27 -6.06
N MET C 410 25.45 -16.13 -5.22
CA MET C 410 24.18 -16.78 -5.50
C MET C 410 23.03 -15.80 -5.29
N PHE C 411 22.96 -14.78 -6.14
CA PHE C 411 21.90 -13.80 -6.03
C PHE C 411 21.32 -13.48 -7.39
N PHE C 412 20.04 -13.13 -7.38
CA PHE C 412 19.35 -12.80 -8.62
C PHE C 412 19.20 -11.28 -8.78
N ASN C 413 18.94 -10.59 -7.68
CA ASN C 413 18.74 -9.14 -7.70
C ASN C 413 20.00 -8.32 -7.93
N PRO C 414 19.86 -7.10 -8.49
CA PRO C 414 20.99 -6.22 -8.76
C PRO C 414 21.29 -5.23 -7.63
N GLU C 415 22.51 -4.68 -7.65
CA GLU C 415 22.95 -3.68 -6.66
C GLU C 415 23.94 -2.72 -7.34
N GLU C 416 24.25 -1.62 -6.66
CA GLU C 416 25.14 -0.61 -7.21
C GLU C 416 26.59 -0.99 -7.18
N SER C 417 27.29 -0.56 -8.22
CA SER C 417 28.71 -0.83 -8.37
C SER C 417 29.21 0.27 -9.30
N GLU C 418 30.48 0.21 -9.70
CA GLU C 418 31.00 1.26 -10.56
C GLU C 418 32.21 0.96 -11.41
N LEU C 419 32.28 1.61 -12.56
CA LEU C 419 33.40 1.45 -13.48
C LEU C 419 34.25 2.62 -13.07
N ASP C 420 35.48 2.35 -12.68
CA ASP C 420 36.38 3.37 -12.17
C ASP C 420 37.73 3.55 -12.86
N LEU C 421 38.26 4.77 -12.75
CA LEU C 421 39.57 5.17 -13.26
C LEU C 421 40.19 6.18 -12.28
N THR C 422 41.14 5.73 -11.47
CA THR C 422 41.80 6.59 -10.51
C THR C 422 43.23 6.85 -10.98
N TYR C 423 43.55 8.10 -11.23
CA TYR C 423 44.89 8.45 -11.70
C TYR C 423 46.00 7.98 -10.75
N GLY C 424 45.68 7.93 -9.46
CA GLY C 424 46.67 7.50 -8.48
C GLY C 424 47.23 6.10 -8.67
N ASN C 425 46.42 5.18 -9.17
CA ASN C 425 46.88 3.81 -9.38
C ASN C 425 47.23 3.56 -10.83
N ARG C 426 46.33 3.92 -11.72
CA ARG C 426 46.54 3.72 -13.15
C ARG C 426 47.81 4.43 -13.64
N TYR C 427 48.03 5.65 -13.18
CA TYR C 427 49.18 6.43 -13.59
C TYR C 427 50.07 6.83 -12.40
N LYS C 428 50.40 5.85 -11.57
CA LYS C 428 51.23 6.02 -10.37
C LYS C 428 52.57 6.72 -10.55
N ASN C 429 53.08 6.78 -11.77
CA ASN C 429 54.38 7.41 -12.02
C ASN C 429 54.32 8.92 -12.24
N VAL C 430 53.64 9.32 -13.31
CA VAL C 430 53.53 10.74 -13.68
C VAL C 430 52.97 11.67 -12.58
N LYS C 431 53.71 12.75 -12.32
CA LYS C 431 53.32 13.75 -11.32
C LYS C 431 52.49 14.79 -12.04
N LEU C 432 51.36 15.15 -11.46
CA LEU C 432 50.48 16.14 -12.07
C LEU C 432 50.92 17.56 -11.77
N PRO C 433 51.18 18.37 -12.80
CA PRO C 433 51.61 19.76 -12.64
C PRO C 433 50.59 20.67 -11.97
N ASP C 434 51.08 21.65 -11.22
CA ASP C 434 50.19 22.59 -10.55
C ASP C 434 49.58 23.44 -11.64
N ALA C 435 48.33 23.83 -11.44
CA ALA C 435 47.59 24.66 -12.38
C ALA C 435 48.46 25.77 -12.97
N TYR C 436 49.08 26.54 -12.08
CA TYR C 436 49.91 27.65 -12.48
C TYR C 436 51.02 27.33 -13.48
N GLU C 437 51.62 26.16 -13.39
CA GLU C 437 52.68 25.78 -14.32
C GLU C 437 52.12 25.69 -15.75
N ARG C 438 51.03 24.92 -15.89
CA ARG C 438 50.41 24.72 -17.18
C ARG C 438 49.92 26.06 -17.73
N LEU C 439 49.32 26.87 -16.87
CA LEU C 439 48.81 28.19 -17.28
C LEU C 439 49.90 29.12 -17.80
N ILE C 440 50.94 29.35 -16.99
CA ILE C 440 52.03 30.23 -17.39
C ILE C 440 52.61 29.73 -18.70
N LEU C 441 52.86 28.42 -18.80
CA LEU C 441 53.41 27.87 -20.04
C LEU C 441 52.49 28.25 -21.21
N ASP C 442 51.18 28.10 -20.99
CA ASP C 442 50.19 28.44 -22.01
C ASP C 442 50.47 29.86 -22.49
N VAL C 443 50.73 30.76 -21.54
CA VAL C 443 50.99 32.16 -21.87
C VAL C 443 52.19 32.30 -22.79
N PHE C 444 53.25 31.55 -22.49
CA PHE C 444 54.45 31.57 -23.32
C PHE C 444 54.09 31.10 -24.71
N CYS C 445 53.30 30.03 -24.78
CA CYS C 445 52.88 29.47 -26.06
C CYS C 445 51.84 30.36 -26.77
N GLY C 446 51.15 31.20 -26.01
CA GLY C 446 50.14 32.07 -26.58
C GLY C 446 48.81 31.36 -26.82
N SER C 447 48.39 30.55 -25.86
CA SER C 447 47.12 29.82 -25.98
C SER C 447 46.12 30.40 -24.98
N GLN C 448 45.26 31.29 -25.47
CA GLN C 448 44.25 31.90 -24.62
C GLN C 448 43.09 30.97 -24.25
N MET C 449 43.12 29.74 -24.74
CA MET C 449 42.05 28.77 -24.49
C MET C 449 41.69 28.54 -23.01
N HIS C 450 42.67 28.63 -22.13
CA HIS C 450 42.43 28.41 -20.72
C HIS C 450 42.28 29.71 -19.93
N PHE C 451 42.04 30.81 -20.62
CA PHE C 451 41.89 32.11 -19.97
C PHE C 451 40.56 32.73 -20.31
N VAL C 452 40.04 33.52 -19.37
CA VAL C 452 38.74 34.20 -19.51
C VAL C 452 38.74 35.34 -20.54
N ARG C 453 37.67 35.42 -21.31
CA ARG C 453 37.54 36.46 -22.33
C ARG C 453 36.56 37.54 -21.91
N SER C 454 36.76 38.75 -22.41
CA SER C 454 35.91 39.90 -22.08
C SER C 454 34.42 39.58 -21.94
N ASP C 455 33.83 39.08 -23.02
CA ASP C 455 32.41 38.72 -23.04
C ASP C 455 32.02 37.68 -22.00
N GLU C 456 32.93 36.76 -21.68
CA GLU C 456 32.64 35.74 -20.67
C GLU C 456 32.41 36.43 -19.34
N LEU C 457 33.25 37.44 -19.07
CA LEU C 457 33.15 38.23 -17.85
C LEU C 457 31.80 38.89 -17.81
N LEU C 458 31.51 39.66 -18.85
CA LEU C 458 30.25 40.39 -18.96
C LEU C 458 29.03 39.52 -18.60
N GLU C 459 28.93 38.33 -19.19
CA GLU C 459 27.81 37.43 -18.93
C GLU C 459 27.75 36.94 -17.48
N ALA C 460 28.91 36.71 -16.86
CA ALA C 460 28.96 36.25 -15.48
C ALA C 460 28.32 37.27 -14.54
N TRP C 461 28.53 38.56 -14.83
CA TRP C 461 27.96 39.65 -14.02
C TRP C 461 26.47 39.71 -14.31
N ARG C 462 26.15 39.67 -15.60
CA ARG C 462 24.77 39.72 -16.08
C ARG C 462 23.86 38.79 -15.25
N ILE C 463 24.36 37.59 -14.99
CA ILE C 463 23.63 36.56 -14.24
C ILE C 463 23.49 36.77 -12.75
N PHE C 464 24.61 37.10 -12.09
CA PHE C 464 24.63 37.26 -10.65
C PHE C 464 24.34 38.62 -10.00
N THR C 465 24.63 39.71 -10.71
CA THR C 465 24.41 41.02 -10.13
C THR C 465 23.05 41.26 -9.51
N PRO C 466 21.95 40.89 -10.22
CA PRO C 466 20.62 41.10 -9.65
C PRO C 466 20.49 40.46 -8.28
N LEU C 467 20.96 39.21 -8.17
CA LEU C 467 20.90 38.53 -6.89
C LEU C 467 21.78 39.27 -5.88
N LEU C 468 23.07 39.39 -6.22
CA LEU C 468 24.05 40.05 -5.35
C LEU C 468 23.56 41.39 -4.79
N HIS C 469 22.95 42.15 -5.67
CA HIS C 469 22.42 43.46 -5.33
C HIS C 469 21.34 43.26 -4.25
N GLN C 470 20.33 42.45 -4.57
CA GLN C 470 19.23 42.17 -3.66
C GLN C 470 19.73 41.72 -2.28
N ILE C 471 20.82 40.95 -2.26
CA ILE C 471 21.37 40.46 -1.01
C ILE C 471 21.92 41.60 -0.15
N GLU C 472 22.64 42.52 -0.77
CA GLU C 472 23.19 43.64 -0.02
C GLU C 472 22.11 44.59 0.45
N LEU C 473 21.06 44.71 -0.36
CA LEU C 473 19.95 45.58 -0.02
C LEU C 473 19.13 45.10 1.19
N GLU C 474 18.53 43.92 1.07
CA GLU C 474 17.70 43.34 2.12
C GLU C 474 18.48 42.61 3.24
N LYS C 475 19.79 42.45 3.06
CA LYS C 475 20.68 41.77 4.02
C LYS C 475 20.08 40.57 4.78
N PRO C 476 19.82 39.47 4.07
CA PRO C 476 19.25 38.25 4.66
C PRO C 476 20.22 37.60 5.62
N LYS C 477 19.69 37.04 6.71
CA LYS C 477 20.54 36.36 7.69
C LYS C 477 20.76 34.93 7.21
N PRO C 478 22.02 34.59 6.93
CA PRO C 478 22.34 33.24 6.46
C PRO C 478 21.96 32.19 7.51
N ILE C 479 21.77 30.97 7.06
CA ILE C 479 21.42 29.87 7.94
C ILE C 479 22.70 29.40 8.62
N PRO C 480 22.69 29.31 9.94
CA PRO C 480 23.88 28.87 10.66
C PRO C 480 24.15 27.38 10.48
N TYR C 481 25.43 27.03 10.32
CA TYR C 481 25.83 25.63 10.21
C TYR C 481 27.10 25.40 10.98
N ILE C 482 27.04 24.44 11.89
CA ILE C 482 28.19 24.08 12.72
C ILE C 482 29.45 23.72 11.90
N TYR C 483 30.58 24.28 12.29
CA TYR C 483 31.87 24.05 11.64
C TYR C 483 32.12 22.54 11.56
N GLY C 484 32.44 22.06 10.36
CA GLY C 484 32.73 20.65 10.21
C GLY C 484 31.59 19.77 9.71
N SER C 485 30.41 20.35 9.52
CA SER C 485 29.29 19.57 9.02
C SER C 485 29.24 19.71 7.49
N ARG C 486 28.19 19.18 6.88
CA ARG C 486 28.01 19.26 5.44
C ARG C 486 27.28 20.54 5.03
N GLY C 487 26.84 21.33 6.00
CA GLY C 487 26.15 22.55 5.70
C GLY C 487 24.68 22.49 6.04
N PRO C 488 23.91 23.55 5.75
CA PRO C 488 22.47 23.67 6.02
C PRO C 488 21.64 22.57 5.38
N THR C 489 20.77 21.96 6.16
CA THR C 489 19.91 20.91 5.66
C THR C 489 19.11 21.45 4.48
N GLU C 490 18.74 22.73 4.59
CA GLU C 490 17.97 23.42 3.57
C GLU C 490 18.55 23.22 2.18
N ALA C 491 19.88 23.19 2.07
CA ALA C 491 20.53 23.00 0.78
C ALA C 491 20.19 21.65 0.19
N ASP C 492 20.21 20.61 1.02
CA ASP C 492 19.87 19.27 0.55
C ASP C 492 18.39 19.24 0.14
N GLU C 493 17.54 19.83 0.95
CA GLU C 493 16.11 19.87 0.67
C GLU C 493 15.86 20.57 -0.66
N LEU C 494 16.72 21.52 -1.01
CA LEU C 494 16.62 22.26 -2.28
C LEU C 494 16.96 21.29 -3.43
N MET C 495 18.09 20.61 -3.31
CA MET C 495 18.49 19.67 -4.33
C MET C 495 17.40 18.65 -4.61
N LYS C 496 16.85 18.05 -3.55
CA LYS C 496 15.79 17.07 -3.71
C LYS C 496 14.62 17.65 -4.50
N ARG C 497 14.09 18.78 -4.03
CA ARG C 497 12.96 19.46 -4.65
C ARG C 497 13.12 19.73 -6.14
N VAL C 498 14.32 20.12 -6.53
CA VAL C 498 14.59 20.45 -7.91
C VAL C 498 14.82 19.24 -8.82
N GLY C 499 14.90 18.03 -8.26
CA GLY C 499 15.09 16.85 -9.08
C GLY C 499 16.08 15.78 -8.66
N PHE C 500 17.03 16.13 -7.80
CA PHE C 500 18.05 15.20 -7.34
C PHE C 500 17.54 14.18 -6.32
N GLN C 501 17.87 12.92 -6.54
CA GLN C 501 17.48 11.83 -5.64
C GLN C 501 18.72 11.27 -4.99
N TYR C 502 18.78 11.35 -3.67
CA TYR C 502 19.92 10.83 -2.92
C TYR C 502 19.60 9.48 -2.32
N GLU C 503 20.45 8.52 -2.64
CA GLU C 503 20.33 7.15 -2.17
C GLU C 503 21.46 6.83 -1.17
N GLY C 504 21.11 6.71 0.11
CA GLY C 504 22.13 6.39 1.10
C GLY C 504 22.57 4.94 1.03
N THR C 505 22.06 4.22 0.04
CA THR C 505 22.40 2.83 -0.12
C THR C 505 23.43 2.63 -1.23
N TYR C 506 24.70 2.84 -0.88
CA TYR C 506 25.78 2.68 -1.83
C TYR C 506 27.04 2.43 -1.03
N LYS C 507 27.56 1.23 -1.15
CA LYS C 507 28.75 0.81 -0.43
C LYS C 507 30.02 0.92 -1.28
N TRP C 508 31.13 1.35 -0.69
CA TRP C 508 32.38 1.45 -1.44
C TRP C 508 33.61 0.91 -0.69
N VAL C 509 34.46 0.18 -1.39
CA VAL C 509 35.69 -0.39 -0.82
C VAL C 509 36.82 -0.06 -1.81
N ASN C 510 38.07 -0.31 -1.43
CA ASN C 510 39.21 0.02 -2.27
C ASN C 510 39.70 -1.13 -3.19
N THR D 9 8.18 -13.50 -6.23
CA THR D 9 8.13 -14.21 -4.92
C THR D 9 9.51 -14.15 -4.23
N HIS D 10 9.68 -14.90 -3.13
CA HIS D 10 10.95 -14.94 -2.37
C HIS D 10 12.15 -15.11 -3.30
N VAL D 11 13.25 -14.43 -2.97
CA VAL D 11 14.48 -14.48 -3.76
C VAL D 11 15.21 -15.83 -3.71
N CYS D 12 14.45 -16.94 -3.71
CA CYS D 12 15.01 -18.30 -3.63
C CYS D 12 15.89 -18.44 -2.36
N GLY D 13 16.02 -17.34 -1.62
CA GLY D 13 16.77 -17.33 -0.39
C GLY D 13 15.65 -17.25 0.63
N ILE D 14 14.72 -18.20 0.50
CA ILE D 14 13.55 -18.31 1.36
C ILE D 14 12.81 -16.98 1.56
N GLN D 27 9.68 -24.44 1.25
CA GLN D 27 11.08 -24.96 1.36
C GLN D 27 11.25 -26.05 2.44
N SER D 28 10.16 -26.44 3.09
CA SER D 28 10.22 -27.48 4.12
C SER D 28 9.98 -28.90 3.57
N ASP D 29 9.21 -28.98 2.49
CA ASP D 29 8.86 -30.25 1.83
C ASP D 29 10.06 -31.17 1.70
N THR D 30 9.80 -32.47 1.57
CA THR D 30 10.88 -33.42 1.39
C THR D 30 11.26 -33.39 -0.09
N HIS D 31 12.55 -33.56 -0.38
CA HIS D 31 13.05 -33.55 -1.76
C HIS D 31 13.96 -34.75 -1.97
N ILE D 32 13.95 -35.31 -3.17
CA ILE D 32 14.80 -36.45 -3.50
C ILE D 32 15.61 -36.18 -4.76
N PHE D 33 16.91 -36.09 -4.58
CA PHE D 33 17.83 -35.82 -5.68
C PHE D 33 18.39 -37.14 -6.22
N ILE D 34 17.79 -37.66 -7.26
CA ILE D 34 18.25 -38.93 -7.84
C ILE D 34 19.33 -38.68 -8.88
N ILE D 35 20.48 -39.28 -8.69
CA ILE D 35 21.57 -39.11 -9.65
C ILE D 35 21.69 -40.34 -10.54
N MET D 36 21.05 -40.28 -11.70
CA MET D 36 21.07 -41.38 -12.65
C MET D 36 22.46 -41.47 -13.27
N GLY D 37 23.09 -42.63 -13.09
CA GLY D 37 24.44 -42.84 -13.62
C GLY D 37 25.43 -42.36 -12.59
N ALA D 38 25.11 -42.60 -11.32
CA ALA D 38 25.92 -42.19 -10.18
C ALA D 38 27.38 -42.63 -10.21
N SER D 39 27.70 -43.65 -11.00
CA SER D 39 29.08 -44.15 -11.09
C SER D 39 29.91 -43.46 -12.18
N GLY D 40 29.24 -42.72 -13.06
CA GLY D 40 29.92 -42.03 -14.15
C GLY D 40 30.90 -40.95 -13.70
N ASP D 41 31.84 -40.62 -14.58
CA ASP D 41 32.84 -39.60 -14.29
C ASP D 41 32.20 -38.28 -13.84
N LEU D 42 31.21 -37.81 -14.60
CA LEU D 42 30.53 -36.57 -14.30
C LEU D 42 29.91 -36.59 -12.90
N ALA D 43 29.37 -37.74 -12.53
CA ALA D 43 28.74 -37.86 -11.23
C ALA D 43 29.73 -37.64 -10.11
N LYS D 44 30.77 -38.46 -10.07
CA LYS D 44 31.78 -38.37 -9.01
C LYS D 44 32.70 -37.16 -9.03
N LYS D 45 32.78 -36.46 -10.15
CA LYS D 45 33.67 -35.32 -10.24
C LYS D 45 33.00 -33.96 -10.25
N LYS D 46 31.69 -33.93 -10.46
CA LYS D 46 30.97 -32.65 -10.52
C LYS D 46 29.63 -32.66 -9.80
N ILE D 47 28.73 -33.56 -10.19
CA ILE D 47 27.41 -33.61 -9.57
C ILE D 47 27.45 -33.83 -8.07
N TYR D 48 28.09 -34.92 -7.65
CA TYR D 48 28.20 -35.23 -6.22
C TYR D 48 28.83 -34.10 -5.42
N PRO D 49 30.01 -33.61 -5.84
CA PRO D 49 30.63 -32.52 -5.08
C PRO D 49 29.70 -31.30 -4.98
N THR D 50 29.11 -30.90 -6.12
CA THR D 50 28.21 -29.74 -6.15
C THR D 50 27.02 -29.89 -5.21
N ILE D 51 26.39 -31.06 -5.20
CA ILE D 51 25.24 -31.26 -4.33
C ILE D 51 25.62 -31.15 -2.88
N TRP D 52 26.85 -31.52 -2.56
CA TRP D 52 27.32 -31.44 -1.19
C TRP D 52 27.59 -29.99 -0.81
N TRP D 53 28.19 -29.21 -1.69
CA TRP D 53 28.46 -27.80 -1.40
C TRP D 53 27.16 -27.06 -1.15
N LEU D 54 26.15 -27.39 -1.92
CA LEU D 54 24.83 -26.77 -1.77
C LEU D 54 24.30 -27.10 -0.37
N PHE D 55 24.52 -28.34 0.05
CA PHE D 55 24.09 -28.81 1.35
C PHE D 55 24.87 -28.06 2.42
N ARG D 56 26.18 -28.06 2.27
CA ARG D 56 27.15 -27.43 3.18
C ARG D 56 26.83 -25.96 3.48
N ASP D 57 26.46 -25.19 2.45
CA ASP D 57 26.15 -23.79 2.69
C ASP D 57 24.71 -23.60 3.14
N GLY D 58 24.01 -24.72 3.37
CA GLY D 58 22.63 -24.67 3.83
C GLY D 58 21.65 -24.10 2.83
N LEU D 59 21.87 -24.41 1.56
CA LEU D 59 21.00 -23.94 0.49
C LEU D 59 19.94 -24.98 0.13
N LEU D 60 20.26 -26.26 0.33
CA LEU D 60 19.29 -27.30 0.04
C LEU D 60 18.27 -27.33 1.16
N PRO D 61 17.00 -27.60 0.83
CA PRO D 61 15.91 -27.66 1.83
C PRO D 61 16.28 -28.62 2.95
N GLU D 62 15.68 -28.43 4.13
CA GLU D 62 15.97 -29.29 5.27
C GLU D 62 15.80 -30.77 4.99
N ASN D 63 14.66 -31.13 4.43
CA ASN D 63 14.41 -32.54 4.14
C ASN D 63 14.81 -32.89 2.71
N THR D 64 16.09 -33.17 2.53
CA THR D 64 16.60 -33.51 1.22
C THR D 64 17.43 -34.77 1.31
N PHE D 65 17.14 -35.73 0.44
CA PHE D 65 17.86 -37.00 0.39
C PHE D 65 18.49 -37.17 -1.00
N ILE D 66 19.66 -37.80 -1.04
CA ILE D 66 20.35 -38.02 -2.29
C ILE D 66 20.39 -39.52 -2.58
N VAL D 67 19.95 -39.90 -3.77
CA VAL D 67 19.93 -41.30 -4.15
C VAL D 67 20.69 -41.52 -5.45
N GLY D 68 21.80 -42.23 -5.34
CA GLY D 68 22.60 -42.52 -6.50
C GLY D 68 22.09 -43.81 -7.10
N TYR D 69 22.08 -43.88 -8.42
CA TYR D 69 21.62 -45.07 -9.12
C TYR D 69 22.59 -45.36 -10.25
N ALA D 70 23.00 -46.61 -10.36
CA ALA D 70 23.93 -47.01 -11.40
C ALA D 70 23.97 -48.51 -11.63
N ARG D 71 24.51 -48.87 -12.78
CA ARG D 71 24.66 -50.24 -13.23
C ARG D 71 25.39 -51.16 -12.24
N SER D 72 26.54 -50.71 -11.74
CA SER D 72 27.36 -51.50 -10.81
C SER D 72 26.66 -51.71 -9.48
N ARG D 73 26.71 -52.94 -8.95
CA ARG D 73 26.09 -53.25 -7.65
C ARG D 73 27.02 -52.66 -6.60
N LEU D 74 27.27 -51.36 -6.70
CA LEU D 74 28.18 -50.64 -5.84
C LEU D 74 28.02 -50.66 -4.34
N THR D 75 29.19 -50.64 -3.70
CA THR D 75 29.29 -50.64 -2.27
C THR D 75 28.65 -49.33 -1.78
N VAL D 76 27.64 -49.48 -0.95
CA VAL D 76 26.87 -48.38 -0.37
C VAL D 76 27.56 -47.03 -0.14
N ALA D 77 26.71 -46.05 0.14
CA ALA D 77 27.07 -44.65 0.38
C ALA D 77 28.43 -44.38 1.00
N ASP D 78 28.76 -45.06 2.10
CA ASP D 78 30.03 -44.82 2.78
C ASP D 78 31.22 -45.59 2.19
N ILE D 79 30.91 -46.62 1.40
CA ILE D 79 31.94 -47.47 0.81
C ILE D 79 32.60 -46.97 -0.47
N ARG D 80 32.07 -47.37 -1.62
CA ARG D 80 32.69 -46.93 -2.88
C ARG D 80 32.43 -45.44 -3.09
N LYS D 81 31.44 -44.94 -2.36
CA LYS D 81 31.10 -43.52 -2.38
C LYS D 81 31.86 -42.91 -1.20
N GLN D 82 32.23 -41.64 -1.36
CA GLN D 82 33.04 -40.90 -0.39
C GLN D 82 34.49 -41.36 -0.64
N SER D 83 34.64 -42.57 -1.15
CA SER D 83 35.96 -43.09 -1.49
C SER D 83 36.26 -42.50 -2.86
N GLU D 84 35.32 -42.64 -3.80
CA GLU D 84 35.50 -42.09 -5.15
C GLU D 84 35.49 -40.55 -5.11
N PRO D 85 34.44 -39.94 -4.51
CA PRO D 85 34.37 -38.46 -4.43
C PRO D 85 34.93 -38.02 -3.07
N PHE D 86 35.27 -36.76 -2.95
CA PHE D 86 35.86 -36.24 -1.71
C PHE D 86 36.33 -34.82 -2.00
N PHE D 87 36.22 -34.45 -3.27
CA PHE D 87 36.66 -33.16 -3.82
C PHE D 87 36.33 -31.90 -3.00
N LYS D 88 37.39 -31.33 -2.42
CA LYS D 88 37.36 -30.11 -1.60
C LYS D 88 36.79 -30.26 -0.20
N ALA D 89 37.34 -31.21 0.55
CA ALA D 89 36.92 -31.46 1.91
C ALA D 89 37.68 -30.54 2.85
N THR D 90 37.03 -30.12 3.93
CA THR D 90 37.66 -29.24 4.92
C THR D 90 37.62 -29.94 6.28
N PRO D 91 38.76 -30.02 6.98
CA PRO D 91 38.94 -30.65 8.28
C PRO D 91 37.80 -30.46 9.28
N GLU D 92 37.58 -29.22 9.71
CA GLU D 92 36.52 -28.90 10.68
C GLU D 92 35.09 -29.14 10.21
N GLU D 93 34.92 -29.43 8.93
CA GLU D 93 33.60 -29.70 8.37
C GLU D 93 33.17 -31.16 8.60
N LYS D 94 34.09 -31.98 9.08
CA LYS D 94 33.85 -33.40 9.34
C LYS D 94 32.44 -33.74 9.87
N LEU D 95 31.89 -32.90 10.75
CA LEU D 95 30.55 -33.14 11.31
C LEU D 95 29.45 -33.14 10.25
N LYS D 96 29.27 -31.98 9.62
CA LYS D 96 28.26 -31.81 8.57
C LYS D 96 28.52 -32.81 7.43
N LEU D 97 29.79 -33.22 7.28
CA LEU D 97 30.19 -34.18 6.26
C LEU D 97 29.51 -35.52 6.52
N GLU D 98 29.65 -36.04 7.73
CA GLU D 98 29.03 -37.32 8.07
C GLU D 98 27.51 -37.17 8.04
N ASP D 99 27.04 -36.00 8.46
CA ASP D 99 25.62 -35.65 8.50
C ASP D 99 25.06 -35.83 7.07
N PHE D 100 25.84 -35.35 6.09
CA PHE D 100 25.48 -35.42 4.68
C PHE D 100 25.23 -36.87 4.23
N PHE D 101 26.21 -37.73 4.43
CA PHE D 101 26.07 -39.13 4.01
C PHE D 101 24.94 -39.91 4.67
N ALA D 102 24.45 -39.44 5.81
CA ALA D 102 23.34 -40.10 6.49
C ALA D 102 22.09 -39.94 5.62
N ARG D 103 22.12 -38.93 4.75
CA ARG D 103 21.03 -38.62 3.81
C ARG D 103 21.20 -39.38 2.49
N ASN D 104 22.44 -39.78 2.21
CA ASN D 104 22.77 -40.51 0.98
C ASN D 104 22.38 -41.99 0.98
N SER D 105 22.08 -42.50 -0.21
CA SER D 105 21.72 -43.90 -0.38
C SER D 105 22.03 -44.34 -1.82
N TYR D 106 22.07 -45.65 -2.06
CA TYR D 106 22.38 -46.19 -3.38
C TYR D 106 21.45 -47.31 -3.80
N VAL D 107 21.30 -47.45 -5.11
CA VAL D 107 20.46 -48.47 -5.73
C VAL D 107 21.14 -48.88 -7.02
N ALA D 108 21.21 -50.18 -7.26
CA ALA D 108 21.84 -50.70 -8.47
C ALA D 108 20.77 -51.34 -9.38
N GLY D 109 21.00 -51.26 -10.69
CA GLY D 109 20.05 -51.82 -11.64
C GLY D 109 20.40 -51.42 -13.06
N GLN D 110 19.76 -52.05 -14.05
CA GLN D 110 20.01 -51.73 -15.45
C GLN D 110 19.06 -50.63 -15.96
N TYR D 111 19.57 -49.80 -16.89
CA TYR D 111 18.79 -48.69 -17.44
C TYR D 111 17.75 -49.07 -18.49
N ASP D 112 17.09 -50.22 -18.35
CA ASP D 112 16.09 -50.62 -19.34
C ASP D 112 15.01 -51.61 -18.88
N ASP D 113 15.32 -52.47 -17.91
CA ASP D 113 14.33 -53.44 -17.43
C ASP D 113 13.48 -52.88 -16.29
N ALA D 114 12.16 -52.91 -16.50
CA ALA D 114 11.21 -52.41 -15.52
C ALA D 114 11.51 -52.90 -14.10
N ALA D 115 11.93 -54.15 -13.98
CA ALA D 115 12.23 -54.74 -12.68
C ALA D 115 13.13 -53.87 -11.81
N SER D 116 14.27 -53.45 -12.36
CA SER D 116 15.20 -52.60 -11.63
C SER D 116 14.54 -51.29 -11.18
N TYR D 117 14.00 -50.55 -12.15
CA TYR D 117 13.33 -49.29 -11.86
C TYR D 117 12.21 -49.46 -10.83
N GLN D 118 11.61 -50.65 -10.81
CA GLN D 118 10.55 -50.93 -9.88
C GLN D 118 11.00 -50.83 -8.44
N ARG D 119 12.16 -51.39 -8.12
CA ARG D 119 12.65 -51.35 -6.75
C ARG D 119 13.21 -50.00 -6.38
N LEU D 120 13.61 -49.21 -7.38
CA LEU D 120 14.12 -47.86 -7.14
C LEU D 120 12.95 -47.08 -6.55
N ASN D 121 11.83 -47.08 -7.27
CA ASN D 121 10.61 -46.41 -6.84
C ASN D 121 10.27 -46.84 -5.43
N SER D 122 10.30 -48.15 -5.18
CA SER D 122 10.01 -48.69 -3.86
C SER D 122 10.93 -48.08 -2.82
N HIS D 123 12.23 -48.06 -3.13
CA HIS D 123 13.24 -47.50 -2.23
C HIS D 123 12.97 -46.06 -1.86
N MET D 124 12.47 -45.29 -2.82
CA MET D 124 12.14 -43.88 -2.58
C MET D 124 10.95 -43.75 -1.66
N ASN D 125 9.90 -44.55 -1.89
CA ASN D 125 8.72 -44.50 -1.03
C ASN D 125 9.07 -44.95 0.38
N ALA D 126 10.14 -45.75 0.48
CA ALA D 126 10.63 -46.27 1.76
C ALA D 126 11.15 -45.14 2.64
N LEU D 127 11.76 -44.14 2.00
CA LEU D 127 12.29 -42.99 2.71
C LEU D 127 11.13 -42.24 3.39
N HIS D 128 11.43 -41.62 4.53
CA HIS D 128 10.42 -40.89 5.27
C HIS D 128 9.69 -39.89 4.38
N LEU D 129 8.48 -40.27 3.97
CA LEU D 129 7.61 -39.45 3.12
C LEU D 129 7.97 -39.45 1.64
N GLY D 130 8.57 -40.54 1.18
CA GLY D 130 8.96 -40.65 -0.21
C GLY D 130 7.85 -40.40 -1.22
N SER D 131 6.65 -40.86 -0.90
CA SER D 131 5.48 -40.71 -1.78
C SER D 131 4.96 -39.28 -1.91
N GLN D 132 5.34 -38.43 -0.96
CA GLN D 132 4.92 -37.02 -0.92
C GLN D 132 5.98 -36.11 -1.54
N ALA D 133 7.24 -36.53 -1.41
CA ALA D 133 8.42 -35.81 -1.88
C ALA D 133 8.51 -35.39 -3.35
N ASN D 134 9.24 -34.30 -3.56
CA ASN D 134 9.48 -33.77 -4.88
C ASN D 134 10.67 -34.59 -5.38
N ARG D 135 10.62 -35.01 -6.63
CA ARG D 135 11.70 -35.82 -7.19
C ARG D 135 12.43 -35.09 -8.29
N LEU D 136 13.74 -35.04 -8.17
CA LEU D 136 14.57 -34.37 -9.15
C LEU D 136 15.55 -35.41 -9.71
N PHE D 137 15.44 -35.69 -11.00
CA PHE D 137 16.30 -36.68 -11.64
C PHE D 137 17.38 -36.06 -12.49
N TYR D 138 18.62 -36.23 -12.07
CA TYR D 138 19.72 -35.68 -12.84
C TYR D 138 20.24 -36.79 -13.71
N LEU D 139 20.18 -36.60 -15.02
CA LEU D 139 20.62 -37.61 -15.97
C LEU D 139 22.10 -37.50 -16.23
N ALA D 140 22.90 -38.09 -15.35
CA ALA D 140 24.34 -38.03 -15.49
C ALA D 140 24.88 -39.24 -16.25
N LEU D 141 24.36 -39.47 -17.46
CA LEU D 141 24.82 -40.62 -18.24
C LEU D 141 24.73 -40.35 -19.75
N PRO D 142 25.35 -41.22 -20.58
CA PRO D 142 25.37 -41.12 -22.06
C PRO D 142 24.03 -41.02 -22.78
N PRO D 143 23.90 -40.05 -23.70
CA PRO D 143 22.71 -39.76 -24.50
C PRO D 143 22.00 -40.96 -25.12
N THR D 144 22.74 -42.03 -25.39
CA THR D 144 22.15 -43.24 -25.97
C THR D 144 21.03 -43.73 -25.06
N VAL D 145 21.37 -43.88 -23.79
CA VAL D 145 20.46 -44.38 -22.78
C VAL D 145 19.28 -43.45 -22.46
N TYR D 146 19.42 -42.15 -22.74
CA TYR D 146 18.36 -41.19 -22.45
C TYR D 146 16.96 -41.68 -22.80
N GLU D 147 16.79 -42.14 -24.05
CA GLU D 147 15.50 -42.63 -24.52
C GLU D 147 14.84 -43.63 -23.57
N ALA D 148 15.59 -44.67 -23.21
CA ALA D 148 15.07 -45.70 -22.31
C ALA D 148 14.87 -45.17 -20.90
N VAL D 149 15.88 -44.49 -20.35
CA VAL D 149 15.82 -43.95 -19.00
C VAL D 149 14.59 -43.08 -18.83
N THR D 150 14.39 -42.17 -19.77
CA THR D 150 13.25 -41.27 -19.75
C THR D 150 11.93 -42.06 -19.77
N LYS D 151 11.86 -43.06 -20.65
CA LYS D 151 10.69 -43.93 -20.80
C LYS D 151 10.31 -44.61 -19.48
N ASN D 152 11.28 -45.25 -18.84
CA ASN D 152 11.05 -45.93 -17.56
C ASN D 152 10.66 -44.99 -16.41
N ILE D 153 11.43 -43.91 -16.25
CA ILE D 153 11.18 -42.95 -15.18
C ILE D 153 9.74 -42.47 -15.20
N HIS D 154 9.25 -42.16 -16.38
CA HIS D 154 7.88 -41.68 -16.54
C HIS D 154 6.84 -42.70 -16.09
N GLU D 155 7.11 -43.97 -16.33
CA GLU D 155 6.18 -45.04 -15.97
C GLU D 155 6.17 -45.37 -14.49
N SER D 156 7.30 -45.89 -14.00
CA SER D 156 7.38 -46.33 -12.61
C SER D 156 7.97 -45.44 -11.51
N CYS D 157 8.59 -44.32 -11.83
CA CYS D 157 9.20 -43.49 -10.78
C CYS D 157 8.62 -42.11 -10.55
N MET D 158 7.58 -41.75 -11.30
CA MET D 158 6.94 -40.44 -11.17
C MET D 158 6.28 -40.31 -9.79
N SER D 159 6.35 -39.14 -9.18
CA SER D 159 5.74 -38.97 -7.88
C SER D 159 4.28 -38.56 -8.06
N GLN D 160 3.41 -39.20 -7.28
CA GLN D 160 1.98 -38.94 -7.34
C GLN D 160 1.67 -37.55 -6.82
N ILE D 161 2.45 -37.12 -5.85
CA ILE D 161 2.28 -35.81 -5.24
C ILE D 161 3.63 -35.12 -5.32
N GLY D 162 3.60 -33.82 -5.58
CA GLY D 162 4.84 -33.10 -5.67
C GLY D 162 5.40 -33.17 -7.08
N TRP D 163 6.19 -32.15 -7.43
CA TRP D 163 6.75 -32.09 -8.76
C TRP D 163 7.82 -33.12 -9.11
N ASN D 164 8.04 -33.25 -10.40
CA ASN D 164 9.02 -34.17 -10.94
C ASN D 164 9.74 -33.42 -12.06
N ARG D 165 11.04 -33.20 -11.90
CA ARG D 165 11.81 -32.50 -12.91
C ARG D 165 12.99 -33.36 -13.29
N ILE D 166 13.34 -33.30 -14.58
CA ILE D 166 14.43 -34.07 -15.14
C ILE D 166 15.49 -33.14 -15.75
N ILE D 167 16.73 -33.31 -15.31
CA ILE D 167 17.83 -32.49 -15.79
C ILE D 167 18.57 -33.21 -16.90
N VAL D 168 18.56 -32.65 -18.09
CA VAL D 168 19.24 -33.25 -19.23
C VAL D 168 20.61 -32.65 -19.51
N GLU D 169 21.64 -33.48 -19.36
CA GLU D 169 23.02 -33.06 -19.55
C GLU D 169 23.43 -32.66 -20.98
N LYS D 170 23.32 -33.57 -21.94
CA LYS D 170 23.71 -33.27 -23.33
C LYS D 170 22.51 -33.05 -24.24
N PRO D 171 22.06 -31.81 -24.40
CA PRO D 171 20.91 -31.42 -25.23
C PRO D 171 21.12 -31.65 -26.71
N PHE D 172 22.37 -31.74 -27.12
CA PHE D 172 22.69 -31.97 -28.52
C PHE D 172 23.20 -33.37 -28.79
N GLY D 173 22.78 -33.92 -29.92
CA GLY D 173 23.21 -35.27 -30.31
C GLY D 173 24.27 -35.21 -31.41
N ARG D 174 24.56 -36.37 -31.99
CA ARG D 174 25.55 -36.50 -33.05
C ARG D 174 25.07 -35.82 -34.34
N ASP D 175 23.86 -36.20 -34.76
CA ASP D 175 23.24 -35.69 -35.98
C ASP D 175 21.98 -34.90 -35.68
N LEU D 176 21.50 -34.18 -36.68
CA LEU D 176 20.27 -33.40 -36.56
C LEU D 176 19.11 -34.34 -36.30
N GLN D 177 19.08 -35.44 -37.03
CA GLN D 177 17.99 -36.39 -36.87
C GLN D 177 17.93 -36.97 -35.46
N SER D 178 19.00 -37.65 -35.05
CA SER D 178 19.08 -38.28 -33.74
C SER D 178 18.60 -37.45 -32.55
N SER D 179 18.99 -36.18 -32.51
CA SER D 179 18.61 -35.31 -31.40
C SER D 179 17.16 -34.86 -31.49
N ASP D 180 16.74 -34.40 -32.67
CA ASP D 180 15.38 -33.94 -32.83
C ASP D 180 14.40 -35.06 -32.49
N ARG D 181 14.80 -36.28 -32.78
CA ARG D 181 13.99 -37.45 -32.50
C ARG D 181 13.83 -37.67 -31.01
N LEU D 182 14.96 -37.69 -30.29
CA LEU D 182 14.95 -37.90 -28.84
C LEU D 182 14.18 -36.79 -28.12
N SER D 183 14.42 -35.54 -28.53
CA SER D 183 13.74 -34.40 -27.92
C SER D 183 12.25 -34.66 -27.99
N ASN D 184 11.76 -35.03 -29.17
CA ASN D 184 10.35 -35.33 -29.39
C ASN D 184 9.86 -36.45 -28.48
N HIS D 185 10.74 -37.43 -28.26
CA HIS D 185 10.42 -38.57 -27.41
C HIS D 185 10.19 -38.14 -25.97
N ILE D 186 11.09 -37.33 -25.46
CA ILE D 186 11.00 -36.84 -24.09
C ILE D 186 9.82 -35.90 -23.95
N SER D 187 9.65 -35.03 -24.93
CA SER D 187 8.56 -34.06 -24.94
C SER D 187 7.16 -34.68 -24.98
N SER D 188 7.06 -35.96 -25.34
CA SER D 188 5.76 -36.62 -25.39
C SER D 188 5.39 -37.22 -24.04
N LEU D 189 6.40 -37.45 -23.20
CA LEU D 189 6.19 -38.01 -21.87
C LEU D 189 6.12 -36.90 -20.82
N PHE D 190 7.04 -35.97 -20.91
CA PHE D 190 7.13 -34.84 -19.99
C PHE D 190 6.76 -33.54 -20.69
N ARG D 191 6.21 -32.59 -19.94
CA ARG D 191 5.87 -31.32 -20.54
C ARG D 191 7.05 -30.38 -20.31
N GLU D 192 7.17 -29.38 -21.18
CA GLU D 192 8.27 -28.43 -21.11
C GLU D 192 8.69 -27.95 -19.73
N ASP D 193 7.71 -27.73 -18.84
CA ASP D 193 7.99 -27.26 -17.48
C ASP D 193 8.50 -28.35 -16.51
N GLN D 194 9.07 -29.40 -17.07
CA GLN D 194 9.63 -30.49 -16.29
C GLN D 194 11.00 -30.79 -16.87
N ILE D 195 11.23 -30.30 -18.09
CA ILE D 195 12.47 -30.53 -18.79
C ILE D 195 13.47 -29.41 -18.55
N TYR D 196 14.61 -29.74 -17.93
CA TYR D 196 15.63 -28.75 -17.65
C TYR D 196 16.88 -29.09 -18.43
N ARG D 197 17.04 -28.45 -19.59
CA ARG D 197 18.19 -28.68 -20.46
C ARG D 197 19.42 -27.84 -20.09
N ILE D 198 20.53 -28.55 -19.89
CA ILE D 198 21.80 -27.95 -19.48
C ILE D 198 22.70 -27.33 -20.54
N ASP D 199 23.25 -26.18 -20.18
CA ASP D 199 24.23 -25.41 -20.97
C ASP D 199 24.85 -24.61 -19.85
N HIS D 200 25.79 -25.24 -19.15
CA HIS D 200 26.42 -24.62 -17.98
C HIS D 200 26.88 -23.18 -18.07
N TYR D 201 27.18 -22.69 -19.25
CA TYR D 201 27.62 -21.30 -19.31
C TYR D 201 26.57 -20.33 -18.83
N LEU D 202 25.31 -20.71 -19.00
CA LEU D 202 24.20 -19.86 -18.57
C LEU D 202 24.18 -19.71 -17.05
N GLY D 203 25.00 -20.49 -16.36
CA GLY D 203 25.06 -20.41 -14.91
C GLY D 203 26.31 -19.74 -14.38
N LYS D 204 27.09 -19.10 -15.25
CA LYS D 204 28.30 -18.43 -14.81
C LYS D 204 28.01 -16.96 -14.47
N GLU D 205 28.54 -16.52 -13.33
CA GLU D 205 28.34 -15.17 -12.84
C GLU D 205 28.22 -14.08 -13.90
N MET D 206 29.29 -13.89 -14.66
CA MET D 206 29.30 -12.85 -15.68
C MET D 206 28.24 -12.95 -16.78
N VAL D 207 27.91 -14.18 -17.17
CA VAL D 207 26.92 -14.40 -18.24
C VAL D 207 25.54 -13.97 -17.77
N GLN D 208 25.22 -14.27 -16.52
CA GLN D 208 23.95 -13.86 -15.94
C GLN D 208 23.91 -12.34 -15.84
N ASN D 209 25.03 -11.77 -15.41
CA ASN D 209 25.15 -10.33 -15.24
C ASN D 209 24.80 -9.53 -16.51
N LEU D 210 25.05 -10.11 -17.68
CA LEU D 210 24.74 -9.45 -18.95
C LEU D 210 23.38 -8.75 -18.97
N MET D 211 22.34 -9.47 -18.56
CA MET D 211 21.01 -8.91 -18.56
C MET D 211 20.88 -7.69 -17.66
N VAL D 212 21.51 -7.72 -16.48
CA VAL D 212 21.44 -6.59 -15.56
C VAL D 212 22.16 -5.41 -16.16
N LEU D 213 23.39 -5.64 -16.60
CA LEU D 213 24.19 -4.59 -17.20
C LEU D 213 23.40 -3.86 -18.28
N ARG D 214 22.74 -4.61 -19.15
CA ARG D 214 21.99 -4.01 -20.26
C ARG D 214 20.68 -3.32 -19.89
N PHE D 215 19.84 -4.01 -19.13
CA PHE D 215 18.51 -3.51 -18.80
C PHE D 215 18.26 -2.73 -17.51
N ALA D 216 19.29 -2.54 -16.70
CA ALA D 216 19.10 -1.77 -15.47
C ALA D 216 19.96 -0.52 -15.50
N ASN D 217 20.61 -0.28 -16.63
CA ASN D 217 21.49 0.88 -16.77
C ASN D 217 21.11 1.75 -17.93
N ARG D 218 21.16 3.06 -17.72
CA ARG D 218 20.83 3.99 -18.77
C ARG D 218 22.07 4.34 -19.57
N ILE D 219 23.25 4.20 -18.97
CA ILE D 219 24.50 4.51 -19.68
C ILE D 219 24.77 3.51 -20.78
N PHE D 220 24.03 2.40 -20.77
CA PHE D 220 24.22 1.37 -21.77
C PHE D 220 23.01 1.13 -22.66
N GLY D 221 21.93 1.84 -22.39
CA GLY D 221 20.72 1.66 -23.17
C GLY D 221 20.76 2.19 -24.59
N PRO D 222 20.66 3.50 -24.77
CA PRO D 222 20.68 4.16 -26.08
C PRO D 222 21.90 3.95 -26.95
N ILE D 223 22.83 3.11 -26.53
CA ILE D 223 24.05 2.86 -27.30
C ILE D 223 24.02 1.48 -27.94
N TRP D 224 23.26 0.57 -27.32
CA TRP D 224 23.17 -0.81 -27.78
C TRP D 224 22.39 -0.94 -29.10
N ASN D 225 22.96 -0.51 -30.21
CA ASN D 225 22.28 -0.59 -31.51
C ASN D 225 23.16 -0.25 -32.71
N ARG D 226 22.75 -0.70 -33.89
CA ARG D 226 23.50 -0.46 -35.12
C ARG D 226 24.02 0.96 -35.37
N ASP D 227 23.36 1.96 -34.80
CA ASP D 227 23.82 3.32 -34.99
C ASP D 227 25.11 3.60 -34.24
N ASN D 228 25.41 2.81 -33.22
CA ASN D 228 26.61 3.04 -32.43
C ASN D 228 27.59 1.89 -32.39
N ILE D 229 27.12 0.66 -32.57
CA ILE D 229 28.01 -0.50 -32.54
C ILE D 229 28.50 -0.91 -33.94
N ALA D 230 29.80 -1.09 -34.06
CA ALA D 230 30.45 -1.49 -35.32
C ALA D 230 30.52 -3.01 -35.46
N CYS D 231 30.71 -3.72 -34.34
CA CYS D 231 30.74 -5.18 -34.34
C CYS D 231 30.79 -5.78 -32.94
N VAL D 232 30.39 -7.05 -32.83
CA VAL D 232 30.38 -7.74 -31.55
C VAL D 232 31.24 -9.00 -31.68
N ILE D 233 32.06 -9.28 -30.67
CA ILE D 233 32.93 -10.44 -30.71
C ILE D 233 32.81 -11.31 -29.47
N LEU D 234 32.41 -12.55 -29.70
CA LEU D 234 32.24 -13.53 -28.62
C LEU D 234 33.40 -14.51 -28.78
N THR D 235 34.30 -14.51 -27.81
CA THR D 235 35.49 -15.36 -27.84
C THR D 235 35.48 -16.46 -26.81
N PHE D 236 36.10 -17.58 -27.16
CA PHE D 236 36.23 -18.75 -26.28
C PHE D 236 37.55 -19.46 -26.58
N LYS D 237 38.52 -19.34 -25.67
CA LYS D 237 39.85 -19.92 -25.86
C LYS D 237 40.34 -20.84 -24.73
N GLU D 238 40.95 -21.96 -25.10
CA GLU D 238 41.52 -22.93 -24.17
C GLU D 238 42.98 -23.12 -24.57
N PRO D 239 43.91 -23.04 -23.62
CA PRO D 239 45.35 -23.19 -23.84
C PRO D 239 45.83 -24.62 -24.12
N PHE D 240 45.10 -25.60 -23.60
CA PHE D 240 45.45 -27.01 -23.77
C PHE D 240 44.75 -27.62 -24.99
N GLY D 241 45.38 -28.64 -25.57
CA GLY D 241 44.78 -29.28 -26.70
C GLY D 241 43.85 -30.38 -26.23
N THR D 242 43.62 -31.36 -27.07
CA THR D 242 42.77 -32.47 -26.68
C THR D 242 43.64 -33.43 -25.89
N GLU D 243 43.62 -33.26 -24.58
CA GLU D 243 44.43 -34.08 -23.68
C GLU D 243 44.20 -35.58 -23.84
N GLY D 244 44.90 -36.18 -24.80
CA GLY D 244 44.80 -37.61 -25.03
C GLY D 244 43.52 -38.20 -25.61
N ARG D 245 42.36 -37.80 -25.09
CA ARG D 245 41.11 -38.36 -25.60
C ARG D 245 40.61 -37.73 -26.90
N GLY D 246 41.53 -37.49 -27.81
CA GLY D 246 41.20 -36.90 -29.10
C GLY D 246 40.14 -37.69 -29.85
N GLY D 247 40.15 -39.02 -29.66
CA GLY D 247 39.20 -39.90 -30.34
C GLY D 247 37.75 -39.48 -30.22
N TYR D 248 37.34 -39.11 -29.02
CA TYR D 248 35.96 -38.69 -28.77
C TYR D 248 35.60 -37.38 -29.50
N PHE D 249 36.36 -36.33 -29.21
CA PHE D 249 36.15 -35.00 -29.80
C PHE D 249 36.00 -35.02 -31.31
N ASP D 250 36.81 -35.84 -31.97
CA ASP D 250 36.79 -35.95 -33.43
C ASP D 250 35.41 -36.08 -34.04
N GLU D 251 34.49 -36.69 -33.31
CA GLU D 251 33.13 -36.85 -33.81
C GLU D 251 32.41 -35.52 -33.92
N PHE D 252 32.54 -34.71 -32.89
CA PHE D 252 31.84 -33.44 -32.80
C PHE D 252 32.42 -32.22 -33.50
N GLY D 253 33.71 -31.99 -33.37
CA GLY D 253 34.32 -30.82 -34.00
C GLY D 253 34.04 -29.58 -33.17
N ILE D 254 34.96 -28.62 -33.21
CA ILE D 254 34.83 -27.41 -32.42
C ILE D 254 33.47 -26.71 -32.51
N ILE D 255 32.86 -26.67 -33.69
CA ILE D 255 31.56 -26.00 -33.86
C ILE D 255 30.48 -26.58 -32.94
N ARG D 256 30.23 -27.88 -33.09
CA ARG D 256 29.22 -28.54 -32.28
C ARG D 256 29.59 -28.44 -30.83
N ASP D 257 30.88 -28.61 -30.54
CA ASP D 257 31.38 -28.60 -29.17
C ASP D 257 31.19 -27.31 -28.38
N VAL D 258 31.50 -26.17 -28.99
CA VAL D 258 31.41 -24.90 -28.29
C VAL D 258 30.56 -23.80 -28.93
N MET D 259 30.71 -23.62 -30.24
CA MET D 259 30.02 -22.56 -30.96
C MET D 259 28.52 -22.67 -30.96
N GLN D 260 28.02 -23.83 -31.36
CA GLN D 260 26.60 -24.04 -31.42
C GLN D 260 25.86 -23.81 -30.09
N ASN D 261 26.45 -24.26 -28.99
CA ASN D 261 25.81 -24.07 -27.71
C ASN D 261 26.17 -22.78 -26.99
N HIS D 262 27.33 -22.77 -26.35
CA HIS D 262 27.79 -21.62 -25.57
C HIS D 262 27.78 -20.28 -26.27
N LEU D 263 28.69 -20.08 -27.22
CA LEU D 263 28.77 -18.81 -27.93
C LEU D 263 27.42 -18.28 -28.41
N LEU D 264 26.59 -19.17 -28.96
CA LEU D 264 25.29 -18.78 -29.46
C LEU D 264 24.45 -18.18 -28.34
N GLN D 265 24.46 -18.85 -27.19
CA GLN D 265 23.71 -18.38 -26.03
C GLN D 265 24.12 -16.95 -25.68
N MET D 266 25.41 -16.72 -25.53
CA MET D 266 25.88 -15.39 -25.20
C MET D 266 25.38 -14.41 -26.24
N LEU D 267 25.36 -14.83 -27.50
CA LEU D 267 24.88 -13.97 -28.57
C LEU D 267 23.44 -13.56 -28.29
N CYS D 268 22.61 -14.54 -27.91
CA CYS D 268 21.22 -14.25 -27.60
C CYS D 268 21.09 -13.21 -26.50
N LEU D 269 21.84 -13.41 -25.42
CA LEU D 269 21.78 -12.49 -24.31
C LEU D 269 22.27 -11.10 -24.70
N VAL D 270 23.20 -11.04 -25.64
CA VAL D 270 23.73 -9.78 -26.07
C VAL D 270 22.83 -9.03 -27.04
N ALA D 271 22.06 -9.77 -27.84
CA ALA D 271 21.20 -9.15 -28.84
C ALA D 271 19.68 -9.12 -28.60
N MET D 272 19.19 -9.89 -27.63
CA MET D 272 17.76 -9.93 -27.37
C MET D 272 17.17 -8.58 -27.02
N GLU D 273 15.88 -8.43 -27.27
CA GLU D 273 15.18 -7.19 -26.97
C GLU D 273 14.78 -7.27 -25.50
N LYS D 274 14.35 -6.14 -24.93
CA LYS D 274 13.96 -6.13 -23.52
C LYS D 274 12.70 -6.98 -23.34
N PRO D 275 12.75 -8.00 -22.44
CA PRO D 275 11.62 -8.90 -22.16
C PRO D 275 10.53 -8.23 -21.33
N ALA D 276 9.32 -8.76 -21.40
CA ALA D 276 8.18 -8.20 -20.67
C ALA D 276 8.37 -8.29 -19.17
N SER D 277 9.23 -9.20 -18.73
CA SER D 277 9.52 -9.38 -17.32
C SER D 277 10.70 -10.30 -17.19
N THR D 278 11.04 -10.64 -15.95
CA THR D 278 12.14 -11.54 -15.67
C THR D 278 11.65 -12.99 -15.58
N ASN D 279 10.39 -13.21 -15.95
CA ASN D 279 9.80 -14.55 -15.93
C ASN D 279 10.49 -15.44 -16.95
N SER D 280 10.90 -16.63 -16.50
CA SER D 280 11.60 -17.61 -17.33
C SER D 280 11.17 -17.60 -18.80
N ASP D 281 9.88 -17.78 -19.05
CA ASP D 281 9.40 -17.81 -20.42
C ASP D 281 9.46 -16.47 -21.15
N ASP D 282 9.15 -15.38 -20.45
CA ASP D 282 9.17 -14.06 -21.08
C ASP D 282 10.56 -13.74 -21.60
N VAL D 283 11.57 -14.24 -20.89
CA VAL D 283 12.95 -14.03 -21.28
C VAL D 283 13.28 -14.95 -22.46
N ARG D 284 13.08 -16.25 -22.28
CA ARG D 284 13.35 -17.24 -23.32
C ARG D 284 12.69 -16.85 -24.64
N ASP D 285 11.52 -16.23 -24.57
CA ASP D 285 10.82 -15.78 -25.75
C ASP D 285 11.71 -14.80 -26.49
N GLU D 286 12.16 -13.76 -25.81
CA GLU D 286 13.01 -12.76 -26.44
C GLU D 286 14.31 -13.32 -27.03
N LYS D 287 14.80 -14.41 -26.45
CA LYS D 287 16.03 -15.05 -26.92
C LYS D 287 15.82 -15.68 -28.29
N VAL D 288 14.86 -16.59 -28.37
CA VAL D 288 14.54 -17.28 -29.62
C VAL D 288 14.10 -16.30 -30.73
N LYS D 289 13.45 -15.20 -30.33
CA LYS D 289 13.01 -14.18 -31.28
C LYS D 289 14.22 -13.69 -32.06
N VAL D 290 15.37 -13.66 -31.39
CA VAL D 290 16.63 -13.24 -32.00
C VAL D 290 17.12 -14.30 -32.98
N LEU D 291 17.19 -15.54 -32.52
CA LEU D 291 17.64 -16.63 -33.36
C LEU D 291 16.85 -16.67 -34.66
N LYS D 292 15.55 -16.44 -34.57
CA LYS D 292 14.68 -16.45 -35.74
C LYS D 292 15.07 -15.44 -36.82
N CYS D 293 15.91 -14.47 -36.46
CA CYS D 293 16.32 -13.47 -37.44
C CYS D 293 17.73 -13.68 -37.97
N ILE D 294 18.32 -14.83 -37.67
CA ILE D 294 19.66 -15.13 -38.14
C ILE D 294 19.57 -16.02 -39.37
N SER D 295 20.11 -15.54 -40.49
CA SER D 295 20.10 -16.31 -41.72
C SER D 295 21.17 -17.40 -41.65
N GLU D 296 20.98 -18.51 -42.36
CA GLU D 296 21.92 -19.63 -42.36
C GLU D 296 23.36 -19.22 -42.67
N VAL D 297 24.29 -19.83 -41.93
CA VAL D 297 25.70 -19.53 -42.05
C VAL D 297 26.29 -19.77 -43.43
N GLN D 298 27.00 -18.75 -43.93
CA GLN D 298 27.64 -18.81 -45.25
C GLN D 298 29.09 -19.30 -45.16
N ALA D 299 29.45 -20.23 -46.05
CA ALA D 299 30.79 -20.80 -46.11
C ALA D 299 31.87 -19.73 -46.37
N ASN D 300 31.43 -18.57 -46.83
CA ASN D 300 32.31 -17.45 -47.11
C ASN D 300 32.74 -16.71 -45.85
N ASN D 301 31.99 -16.89 -44.76
CA ASN D 301 32.27 -16.23 -43.49
C ASN D 301 32.74 -17.24 -42.46
N VAL D 302 33.52 -18.22 -42.90
CA VAL D 302 34.01 -19.25 -41.99
C VAL D 302 35.49 -19.44 -42.17
N VAL D 303 36.19 -19.71 -41.08
CA VAL D 303 37.62 -19.96 -41.09
C VAL D 303 37.82 -21.15 -40.18
N LEU D 304 38.36 -22.24 -40.73
CA LEU D 304 38.56 -23.44 -39.95
C LEU D 304 40.04 -23.67 -39.73
N GLY D 305 40.40 -24.34 -38.64
CA GLY D 305 41.79 -24.60 -38.37
C GLY D 305 41.97 -25.84 -37.52
N GLN D 306 43.14 -26.46 -37.63
CA GLN D 306 43.48 -27.67 -36.88
C GLN D 306 44.88 -27.43 -36.34
N TYR D 307 45.12 -27.80 -35.09
CA TYR D 307 46.43 -27.58 -34.48
C TYR D 307 47.52 -28.60 -34.75
N VAL D 308 48.73 -28.08 -34.95
CA VAL D 308 49.92 -28.88 -35.18
C VAL D 308 50.85 -28.68 -33.99
N GLY D 309 51.54 -29.75 -33.58
CA GLY D 309 52.44 -29.66 -32.44
C GLY D 309 53.54 -28.61 -32.57
N ASN D 310 54.07 -28.18 -31.43
CA ASN D 310 55.15 -27.19 -31.37
C ASN D 310 56.43 -27.86 -30.90
N PRO D 311 57.46 -27.87 -31.77
CA PRO D 311 58.79 -28.45 -31.50
C PRO D 311 59.57 -27.78 -30.35
N ASP D 312 59.31 -26.51 -30.09
CA ASP D 312 60.01 -25.79 -29.03
C ASP D 312 59.29 -25.90 -27.68
N GLY D 313 58.14 -26.57 -27.68
CA GLY D 313 57.38 -26.72 -26.44
C GLY D 313 57.86 -27.88 -25.60
N GLU D 314 56.99 -28.37 -24.72
CA GLU D 314 57.33 -29.50 -23.86
C GLU D 314 56.05 -30.19 -23.42
N GLY D 315 56.12 -31.51 -23.25
CA GLY D 315 54.96 -32.28 -22.86
C GLY D 315 53.95 -32.34 -23.99
N GLU D 316 52.69 -32.09 -23.68
CA GLU D 316 51.61 -32.13 -24.68
C GLU D 316 51.83 -31.10 -25.81
N ALA D 317 52.53 -30.02 -25.48
CA ALA D 317 52.81 -28.94 -26.43
C ALA D 317 53.53 -29.33 -27.71
N THR D 318 54.11 -30.52 -27.73
CA THR D 318 54.84 -30.98 -28.90
C THR D 318 53.98 -31.87 -29.77
N LYS D 319 52.99 -32.53 -29.17
CA LYS D 319 52.10 -33.43 -29.90
C LYS D 319 50.92 -32.70 -30.53
N GLY D 320 50.86 -32.71 -31.86
CA GLY D 320 49.78 -32.06 -32.57
C GLY D 320 48.50 -32.88 -32.53
N TYR D 321 47.48 -32.43 -33.24
CA TYR D 321 46.20 -33.13 -33.23
C TYR D 321 46.33 -34.57 -33.70
N LEU D 322 46.80 -34.75 -34.93
CA LEU D 322 46.94 -36.09 -35.50
C LEU D 322 47.88 -37.03 -34.77
N ASP D 323 48.75 -36.48 -33.92
CA ASP D 323 49.71 -37.29 -33.16
C ASP D 323 49.02 -38.08 -32.05
N ASP D 324 47.72 -37.82 -31.90
CA ASP D 324 46.90 -38.49 -30.92
C ASP D 324 46.51 -39.81 -31.58
N PRO D 325 46.86 -40.94 -30.95
CA PRO D 325 46.55 -42.26 -31.50
C PRO D 325 45.05 -42.53 -31.65
N THR D 326 44.26 -41.97 -30.73
CA THR D 326 42.82 -42.17 -30.73
C THR D 326 42.11 -41.55 -31.93
N VAL D 327 42.79 -40.64 -32.64
CA VAL D 327 42.18 -39.98 -33.78
C VAL D 327 42.64 -40.55 -35.11
N PRO D 328 41.68 -40.87 -35.99
CA PRO D 328 41.88 -41.43 -37.33
C PRO D 328 42.91 -40.64 -38.11
N ARG D 329 44.01 -41.32 -38.45
CA ARG D 329 45.14 -40.74 -39.17
C ARG D 329 44.85 -39.71 -40.27
N GLY D 330 43.69 -39.80 -40.93
CA GLY D 330 43.38 -38.85 -42.00
C GLY D 330 42.28 -37.86 -41.71
N SER D 331 42.10 -37.49 -40.45
CA SER D 331 41.06 -36.55 -40.04
C SER D 331 41.23 -35.11 -40.52
N THR D 332 40.10 -34.45 -40.72
CA THR D 332 40.07 -33.07 -41.15
C THR D 332 39.20 -32.26 -40.20
N THR D 333 38.93 -32.83 -39.03
CA THR D 333 38.11 -32.17 -38.01
C THR D 333 38.80 -30.91 -37.51
N ALA D 334 38.04 -29.83 -37.37
CA ALA D 334 38.60 -28.57 -36.90
C ALA D 334 38.64 -28.42 -35.38
N THR D 335 39.72 -27.83 -34.90
CA THR D 335 39.91 -27.58 -33.50
C THR D 335 39.77 -26.07 -33.25
N PHE D 336 39.61 -25.31 -34.32
CA PHE D 336 39.45 -23.86 -34.26
C PHE D 336 38.45 -23.45 -35.34
N ALA D 337 37.66 -22.44 -35.06
CA ALA D 337 36.68 -21.94 -36.01
C ALA D 337 36.27 -20.52 -35.70
N ALA D 338 36.20 -19.71 -36.74
CA ALA D 338 35.80 -18.34 -36.59
C ALA D 338 34.66 -18.21 -37.59
N VAL D 339 33.50 -17.80 -37.12
CA VAL D 339 32.33 -17.66 -37.98
C VAL D 339 31.65 -16.32 -37.77
N VAL D 340 31.12 -15.75 -38.84
CA VAL D 340 30.42 -14.47 -38.76
C VAL D 340 28.93 -14.67 -39.02
N LEU D 341 28.12 -14.17 -38.08
CA LEU D 341 26.67 -14.27 -38.19
C LEU D 341 26.06 -12.89 -38.22
N TYR D 342 24.82 -12.78 -38.71
CA TYR D 342 24.09 -11.52 -38.79
C TYR D 342 22.65 -11.65 -38.31
N VAL D 343 22.17 -10.65 -37.59
CA VAL D 343 20.80 -10.63 -37.06
C VAL D 343 20.04 -9.57 -37.86
N GLU D 344 19.13 -10.01 -38.71
CA GLU D 344 18.36 -9.08 -39.54
C GLU D 344 17.14 -8.49 -38.89
N ASN D 345 17.34 -7.44 -38.10
CA ASN D 345 16.22 -6.75 -37.45
C ASN D 345 16.53 -5.29 -37.24
N GLU D 346 15.51 -4.48 -36.99
CA GLU D 346 15.65 -3.05 -36.82
C GLU D 346 16.80 -2.62 -35.94
N ARG D 347 17.17 -3.47 -34.99
CA ARG D 347 18.25 -3.12 -34.07
C ARG D 347 19.64 -3.48 -34.54
N TRP D 348 19.83 -4.72 -34.99
CA TRP D 348 21.14 -5.17 -35.41
C TRP D 348 21.39 -5.32 -36.93
N ASP D 349 20.47 -4.81 -37.73
CA ASP D 349 20.60 -4.92 -39.18
C ASP D 349 21.94 -4.40 -39.67
N GLY D 350 22.78 -5.32 -40.14
CA GLY D 350 24.09 -4.96 -40.67
C GLY D 350 25.29 -5.14 -39.76
N VAL D 351 25.04 -5.39 -38.48
CA VAL D 351 26.12 -5.56 -37.49
C VAL D 351 26.62 -6.99 -37.43
N PRO D 352 27.93 -7.17 -37.63
CA PRO D 352 28.58 -8.48 -37.58
C PRO D 352 28.87 -9.06 -36.21
N PHE D 353 28.44 -10.29 -36.00
CA PHE D 353 28.69 -10.98 -34.75
C PHE D 353 29.75 -12.00 -35.11
N ILE D 354 30.94 -11.82 -34.56
CA ILE D 354 32.04 -12.71 -34.83
C ILE D 354 32.19 -13.69 -33.68
N LEU D 355 32.01 -14.97 -33.95
CA LEU D 355 32.15 -15.99 -32.91
C LEU D 355 33.45 -16.71 -33.22
N ARG D 356 34.43 -16.61 -32.32
CA ARG D 356 35.72 -17.25 -32.54
C ARG D 356 36.07 -18.13 -31.37
N CYS D 357 36.51 -19.35 -31.66
CA CYS D 357 36.86 -20.30 -30.60
C CYS D 357 37.92 -21.27 -31.10
N GLY D 358 38.61 -21.93 -30.16
CA GLY D 358 39.63 -22.88 -30.52
C GLY D 358 40.39 -23.49 -29.35
N LYS D 359 40.94 -24.70 -29.54
CA LYS D 359 41.71 -25.38 -28.52
C LYS D 359 43.20 -25.21 -28.79
N ALA D 360 44.03 -25.55 -27.79
CA ALA D 360 45.48 -25.45 -27.92
C ALA D 360 45.97 -24.07 -28.31
N LEU D 361 45.39 -23.04 -27.71
CA LEU D 361 45.78 -21.65 -27.99
C LEU D 361 46.72 -21.08 -26.93
N ASN D 362 46.99 -19.77 -27.02
CA ASN D 362 47.90 -19.11 -26.09
C ASN D 362 47.39 -18.80 -24.67
N GLU D 363 46.08 -18.87 -24.46
CA GLU D 363 45.54 -18.57 -23.15
C GLU D 363 44.20 -19.26 -22.93
N ARG D 364 43.54 -18.90 -21.84
CA ARG D 364 42.22 -19.43 -21.51
C ARG D 364 41.35 -18.24 -21.11
N LYS D 365 40.31 -17.95 -21.89
CA LYS D 365 39.40 -16.84 -21.58
C LYS D 365 38.11 -16.98 -22.36
N ALA D 366 37.09 -16.23 -21.95
CA ALA D 366 35.79 -16.23 -22.60
C ALA D 366 35.26 -14.85 -22.33
N GLU D 367 35.01 -14.07 -23.39
CA GLU D 367 34.52 -12.71 -23.19
C GLU D 367 33.63 -12.21 -24.31
N VAL D 368 32.87 -11.19 -23.99
CA VAL D 368 31.99 -10.56 -24.94
C VAL D 368 32.60 -9.20 -25.14
N ARG D 369 32.74 -8.78 -26.40
CA ARG D 369 33.32 -7.47 -26.66
C ARG D 369 32.54 -6.73 -27.72
N LEU D 370 32.23 -5.46 -27.47
CA LEU D 370 31.51 -4.63 -28.45
C LEU D 370 32.41 -3.50 -28.88
N GLN D 371 32.59 -3.30 -30.18
CA GLN D 371 33.42 -2.19 -30.65
C GLN D 371 32.49 -1.16 -31.26
N PHE D 372 32.50 0.06 -30.73
CA PHE D 372 31.63 1.13 -31.24
C PHE D 372 32.21 1.87 -32.42
N HIS D 373 31.38 2.67 -33.08
CA HIS D 373 31.80 3.43 -34.26
C HIS D 373 32.63 4.65 -33.93
N ASP D 374 33.37 5.12 -34.93
CA ASP D 374 34.21 6.29 -34.77
C ASP D 374 33.29 7.47 -34.49
N VAL D 375 33.75 8.42 -33.69
CA VAL D 375 32.94 9.59 -33.38
C VAL D 375 32.74 10.39 -34.66
N ALA D 376 31.57 11.01 -34.79
CA ALA D 376 31.26 11.79 -35.98
C ALA D 376 31.78 13.22 -35.87
N GLY D 377 32.42 13.69 -36.94
CA GLY D 377 32.95 15.04 -36.93
C GLY D 377 34.11 15.16 -35.97
N ASP D 378 35.17 14.40 -36.27
CA ASP D 378 36.38 14.38 -35.46
C ASP D 378 37.07 15.74 -35.43
N ILE D 379 37.49 16.18 -34.25
CA ILE D 379 38.19 17.46 -34.11
C ILE D 379 39.56 17.26 -33.47
N PHE D 380 40.00 16.01 -33.40
CA PHE D 380 41.30 15.67 -32.81
C PHE D 380 42.29 15.08 -33.81
N HIS D 381 42.05 15.32 -35.10
CA HIS D 381 42.92 14.83 -36.18
C HIS D 381 43.22 13.32 -36.08
N GLN D 382 42.18 12.52 -36.26
CA GLN D 382 42.26 11.06 -36.21
C GLN D 382 43.15 10.39 -35.15
N GLN D 383 43.38 11.08 -34.04
CA GLN D 383 44.18 10.50 -32.96
C GLN D 383 43.31 9.57 -32.12
N CYS D 384 41.99 9.63 -32.33
CA CYS D 384 41.04 8.81 -31.58
C CYS D 384 40.96 7.36 -32.02
N LYS D 385 40.58 6.51 -31.08
CA LYS D 385 40.43 5.08 -31.33
C LYS D 385 39.04 4.72 -30.83
N ARG D 386 38.39 3.77 -31.50
CA ARG D 386 37.05 3.35 -31.15
C ARG D 386 36.93 2.83 -29.72
N ASN D 387 35.83 3.18 -29.06
CA ASN D 387 35.54 2.74 -27.69
C ASN D 387 35.13 1.28 -27.74
N GLU D 388 35.22 0.58 -26.61
CA GLU D 388 34.86 -0.82 -26.57
C GLU D 388 34.35 -1.16 -25.18
N LEU D 389 33.44 -2.13 -25.11
CA LEU D 389 32.92 -2.60 -23.84
C LEU D 389 33.31 -4.05 -23.76
N VAL D 390 33.94 -4.44 -22.66
CA VAL D 390 34.41 -5.79 -22.47
C VAL D 390 33.87 -6.43 -21.21
N ILE D 391 33.33 -7.62 -21.38
CA ILE D 391 32.80 -8.38 -20.28
C ILE D 391 33.52 -9.70 -20.33
N ARG D 392 34.51 -9.86 -19.47
CA ARG D 392 35.30 -11.09 -19.40
C ARG D 392 34.61 -12.07 -18.46
N VAL D 393 34.13 -13.17 -19.02
CA VAL D 393 33.42 -14.18 -18.23
C VAL D 393 34.35 -14.94 -17.32
N GLN D 394 35.54 -15.24 -17.83
CA GLN D 394 36.53 -15.98 -17.07
C GLN D 394 37.82 -15.92 -17.86
N PRO D 395 38.98 -15.90 -17.18
CA PRO D 395 39.12 -15.92 -15.71
C PRO D 395 39.08 -14.51 -15.15
N ASN D 396 39.18 -14.38 -13.84
CA ASN D 396 39.16 -13.05 -13.20
C ASN D 396 38.03 -12.17 -13.72
N GLU D 397 36.80 -12.67 -13.57
CA GLU D 397 35.63 -11.95 -14.02
C GLU D 397 35.71 -10.45 -13.81
N ALA D 398 35.56 -9.71 -14.90
CA ALA D 398 35.62 -8.25 -14.87
C ALA D 398 34.88 -7.67 -16.08
N VAL D 399 34.55 -6.39 -16.01
CA VAL D 399 33.87 -5.68 -17.08
C VAL D 399 34.47 -4.28 -17.15
N TYR D 400 34.72 -3.77 -18.34
CA TYR D 400 35.32 -2.44 -18.46
C TYR D 400 35.08 -1.82 -19.82
N THR D 401 35.21 -0.51 -19.92
CA THR D 401 35.00 0.18 -21.19
C THR D 401 36.26 0.95 -21.58
N LYS D 402 36.86 0.56 -22.70
CA LYS D 402 38.05 1.24 -23.18
C LYS D 402 37.66 2.56 -23.83
N MET D 403 38.11 3.68 -23.26
CA MET D 403 37.78 4.98 -23.82
C MET D 403 38.99 5.92 -23.92
N MET D 404 38.75 7.12 -24.41
CA MET D 404 39.81 8.13 -24.57
C MET D 404 39.90 9.11 -23.40
N THR D 405 41.11 9.52 -23.07
CA THR D 405 41.30 10.47 -21.99
C THR D 405 42.51 11.31 -22.36
N LYS D 406 42.55 12.56 -21.88
CA LYS D 406 43.66 13.46 -22.18
C LYS D 406 44.90 12.85 -21.55
N LYS D 407 45.95 12.69 -22.36
CA LYS D 407 47.20 12.12 -21.86
C LYS D 407 47.56 12.90 -20.61
N PRO D 408 47.59 12.22 -19.46
CA PRO D 408 47.91 12.84 -18.18
C PRO D 408 49.27 13.54 -18.18
N GLY D 409 49.30 14.73 -17.61
CA GLY D 409 50.53 15.49 -17.54
C GLY D 409 50.46 16.71 -18.43
N MET D 410 51.62 17.23 -18.83
CA MET D 410 51.70 18.41 -19.70
C MET D 410 51.47 18.01 -21.16
N PHE D 411 50.29 17.45 -21.44
CA PHE D 411 49.99 17.04 -22.79
C PHE D 411 48.61 17.53 -23.20
N PHE D 412 48.46 17.76 -24.50
CA PHE D 412 47.21 18.25 -25.06
C PHE D 412 46.42 17.11 -25.74
N ASN D 413 47.14 16.23 -26.44
CA ASN D 413 46.54 15.11 -27.16
C ASN D 413 46.02 14.01 -26.23
N PRO D 414 44.99 13.27 -26.68
CA PRO D 414 44.37 12.18 -25.91
C PRO D 414 45.00 10.82 -26.17
N GLU D 415 44.70 9.87 -25.29
CA GLU D 415 45.20 8.50 -25.42
C GLU D 415 44.21 7.55 -24.77
N GLU D 416 44.35 6.26 -25.05
CA GLU D 416 43.44 5.26 -24.52
C GLU D 416 43.63 5.00 -23.04
N SER D 417 42.53 4.65 -22.41
CA SER D 417 42.49 4.35 -20.99
C SER D 417 41.17 3.62 -20.79
N GLU D 418 40.75 3.36 -19.56
CA GLU D 418 39.50 2.64 -19.37
C GLU D 418 38.87 2.75 -17.99
N LEU D 419 37.55 2.62 -17.94
CA LEU D 419 36.82 2.65 -16.67
C LEU D 419 36.68 1.17 -16.37
N ASP D 420 37.15 0.73 -15.21
CA ASP D 420 37.16 -0.68 -14.89
C ASP D 420 36.44 -1.12 -13.61
N LEU D 421 36.06 -2.40 -13.58
CA LEU D 421 35.42 -3.05 -12.45
C LEU D 421 35.86 -4.52 -12.47
N THR D 422 36.77 -4.87 -11.57
CA THR D 422 37.27 -6.23 -11.46
C THR D 422 36.75 -6.85 -10.18
N TYR D 423 35.95 -7.91 -10.30
CA TYR D 423 35.39 -8.58 -9.12
C TYR D 423 36.42 -9.04 -8.09
N GLY D 424 37.62 -9.41 -8.55
CA GLY D 424 38.66 -9.86 -7.65
C GLY D 424 39.11 -8.88 -6.59
N ASN D 425 39.05 -7.58 -6.90
CA ASN D 425 39.47 -6.54 -5.96
C ASN D 425 38.26 -5.88 -5.29
N ARG D 426 37.32 -5.40 -6.09
CA ARG D 426 36.13 -4.74 -5.59
C ARG D 426 35.34 -5.63 -4.66
N TYR D 427 35.28 -6.92 -4.96
CA TYR D 427 34.54 -7.86 -4.14
C TYR D 427 35.41 -9.03 -3.66
N LYS D 428 36.60 -8.70 -3.17
CA LYS D 428 37.59 -9.67 -2.67
C LYS D 428 37.12 -10.74 -1.67
N ASN D 429 35.99 -10.51 -1.02
CA ASN D 429 35.47 -11.44 -0.03
C ASN D 429 34.63 -12.59 -0.58
N VAL D 430 33.51 -12.23 -1.20
CA VAL D 430 32.58 -13.20 -1.76
C VAL D 430 33.16 -14.19 -2.77
N LYS D 431 32.90 -15.47 -2.53
CA LYS D 431 33.38 -16.54 -3.41
C LYS D 431 32.29 -16.78 -4.43
N LEU D 432 32.67 -16.83 -5.70
CA LEU D 432 31.72 -17.05 -6.78
C LEU D 432 31.45 -18.55 -6.96
N PRO D 433 30.16 -18.95 -6.89
CA PRO D 433 29.74 -20.35 -7.03
C PRO D 433 29.96 -20.94 -8.42
N ASP D 434 30.25 -22.23 -8.46
CA ASP D 434 30.46 -22.95 -9.72
C ASP D 434 29.15 -22.95 -10.45
N ALA D 435 29.19 -22.86 -11.77
CA ALA D 435 27.97 -22.84 -12.56
C ALA D 435 26.94 -23.88 -12.11
N TYR D 436 27.38 -25.13 -11.98
CA TYR D 436 26.48 -26.21 -11.57
C TYR D 436 25.75 -26.01 -10.24
N GLU D 437 26.33 -25.24 -9.33
CA GLU D 437 25.70 -24.98 -8.04
C GLU D 437 24.46 -24.14 -8.26
N ARG D 438 24.66 -23.00 -8.92
CA ARG D 438 23.55 -22.11 -9.19
C ARG D 438 22.50 -22.78 -10.04
N LEU D 439 22.94 -23.58 -11.01
CA LEU D 439 22.01 -24.29 -11.87
C LEU D 439 21.19 -25.31 -11.08
N ILE D 440 21.84 -26.23 -10.39
CA ILE D 440 21.09 -27.22 -9.64
C ILE D 440 20.10 -26.55 -8.72
N LEU D 441 20.53 -25.49 -8.06
CA LEU D 441 19.64 -24.80 -7.17
C LEU D 441 18.43 -24.32 -7.96
N ASP D 442 18.67 -23.78 -9.15
CA ASP D 442 17.59 -23.29 -10.01
C ASP D 442 16.57 -24.38 -10.20
N VAL D 443 17.04 -25.61 -10.37
CA VAL D 443 16.13 -26.73 -10.58
C VAL D 443 15.24 -26.96 -9.37
N PHE D 444 15.82 -26.84 -8.18
CA PHE D 444 15.05 -27.00 -6.95
C PHE D 444 14.04 -25.87 -6.87
N CYS D 445 14.52 -24.64 -7.06
CA CYS D 445 13.65 -23.46 -7.04
C CYS D 445 12.70 -23.34 -8.25
N GLY D 446 12.83 -24.24 -9.23
CA GLY D 446 11.94 -24.21 -10.37
C GLY D 446 12.06 -23.02 -11.32
N SER D 447 13.28 -22.65 -11.69
CA SER D 447 13.48 -21.54 -12.60
C SER D 447 14.16 -22.00 -13.88
N GLN D 448 13.36 -22.22 -14.92
CA GLN D 448 13.86 -22.66 -16.21
C GLN D 448 14.59 -21.58 -16.99
N MET D 449 14.64 -20.37 -16.47
CA MET D 449 15.27 -19.26 -17.15
C MET D 449 16.69 -19.48 -17.64
N HIS D 450 17.47 -20.29 -16.92
CA HIS D 450 18.86 -20.54 -17.32
C HIS D 450 19.06 -21.85 -18.07
N PHE D 451 17.96 -22.43 -18.57
CA PHE D 451 17.99 -23.70 -19.29
C PHE D 451 17.45 -23.55 -20.72
N VAL D 452 17.91 -24.41 -21.61
CA VAL D 452 17.51 -24.36 -23.03
C VAL D 452 16.09 -24.89 -23.30
N ARG D 453 15.37 -24.21 -24.19
CA ARG D 453 14.00 -24.63 -24.52
C ARG D 453 13.96 -25.32 -25.88
N SER D 454 12.98 -26.21 -26.05
CA SER D 454 12.82 -26.97 -27.29
C SER D 454 13.06 -26.18 -28.57
N ASP D 455 12.34 -25.08 -28.73
CA ASP D 455 12.48 -24.21 -29.89
C ASP D 455 13.84 -23.57 -30.04
N GLU D 456 14.53 -23.29 -28.93
CA GLU D 456 15.86 -22.68 -28.97
C GLU D 456 16.76 -23.68 -29.64
N LEU D 457 16.66 -24.92 -29.17
CA LEU D 457 17.44 -26.02 -29.72
C LEU D 457 17.27 -26.08 -31.22
N LEU D 458 16.04 -26.19 -31.69
CA LEU D 458 15.77 -26.29 -33.11
C LEU D 458 16.43 -25.17 -33.92
N GLU D 459 16.19 -23.92 -33.53
CA GLU D 459 16.77 -22.77 -34.23
C GLU D 459 18.28 -22.87 -34.31
N ALA D 460 18.88 -23.50 -33.32
CA ALA D 460 20.33 -23.68 -33.30
C ALA D 460 20.71 -24.57 -34.47
N TRP D 461 20.06 -25.73 -34.58
CA TRP D 461 20.36 -26.66 -35.66
C TRP D 461 20.07 -25.98 -37.00
N ARG D 462 18.90 -25.35 -37.10
CA ARG D 462 18.44 -24.64 -38.32
C ARG D 462 19.59 -23.84 -38.94
N ILE D 463 20.31 -23.10 -38.10
CA ILE D 463 21.40 -22.24 -38.52
C ILE D 463 22.67 -22.96 -38.94
N PHE D 464 23.09 -23.93 -38.15
CA PHE D 464 24.33 -24.64 -38.42
C PHE D 464 24.36 -25.86 -39.33
N THR D 465 23.28 -26.65 -39.37
CA THR D 465 23.27 -27.86 -40.20
C THR D 465 23.72 -27.72 -41.64
N PRO D 466 23.23 -26.70 -42.38
CA PRO D 466 23.65 -26.53 -43.77
C PRO D 466 25.17 -26.47 -43.88
N LEU D 467 25.80 -25.68 -43.02
CA LEU D 467 27.24 -25.57 -43.00
C LEU D 467 27.85 -26.91 -42.59
N LEU D 468 27.42 -27.43 -41.46
CA LEU D 468 27.91 -28.71 -40.96
C LEU D 468 27.90 -29.84 -41.97
N HIS D 469 26.83 -29.96 -42.73
CA HIS D 469 26.74 -31.01 -43.74
C HIS D 469 27.80 -30.74 -44.82
N GLN D 470 27.78 -29.53 -45.38
CA GLN D 470 28.73 -29.15 -46.42
C GLN D 470 30.15 -29.53 -46.06
N ILE D 471 30.51 -29.31 -44.80
CA ILE D 471 31.84 -29.62 -44.31
C ILE D 471 32.06 -31.13 -44.35
N GLU D 472 31.10 -31.91 -43.85
CA GLU D 472 31.22 -33.36 -43.85
C GLU D 472 31.25 -33.92 -45.26
N LEU D 473 30.65 -33.18 -46.19
CA LEU D 473 30.59 -33.59 -47.58
C LEU D 473 31.91 -33.35 -48.33
N GLU D 474 32.25 -32.07 -48.48
CA GLU D 474 33.45 -31.67 -49.19
C GLU D 474 34.75 -31.82 -48.40
N LYS D 475 34.64 -32.19 -47.13
CA LYS D 475 35.80 -32.38 -46.25
C LYS D 475 36.98 -31.43 -46.49
N PRO D 476 36.78 -30.12 -46.24
CA PRO D 476 37.84 -29.13 -46.44
C PRO D 476 38.99 -29.36 -45.46
N LYS D 477 40.22 -29.09 -45.88
CA LYS D 477 41.36 -29.27 -45.00
C LYS D 477 41.50 -28.00 -44.18
N PRO D 478 41.48 -28.13 -42.84
CA PRO D 478 41.62 -26.96 -41.98
C PRO D 478 43.02 -26.36 -42.04
N ILE D 479 43.11 -25.06 -41.82
CA ILE D 479 44.37 -24.35 -41.83
C ILE D 479 45.12 -24.74 -40.57
N PRO D 480 46.39 -25.16 -40.72
CA PRO D 480 47.21 -25.56 -39.57
C PRO D 480 47.73 -24.36 -38.77
N TYR D 481 47.67 -24.46 -37.45
CA TYR D 481 48.17 -23.42 -36.58
C TYR D 481 48.94 -24.10 -35.45
N ILE D 482 50.16 -23.64 -35.23
CA ILE D 482 51.06 -24.17 -34.21
C ILE D 482 50.46 -24.06 -32.80
N TYR D 483 50.56 -25.15 -32.05
CA TYR D 483 50.07 -25.23 -30.68
C TYR D 483 50.62 -24.07 -29.89
N GLY D 484 49.74 -23.31 -29.26
CA GLY D 484 50.20 -22.18 -28.46
C GLY D 484 50.10 -20.81 -29.10
N SER D 485 49.75 -20.75 -30.37
CA SER D 485 49.63 -19.46 -31.02
C SER D 485 48.19 -18.96 -30.87
N ARG D 486 47.89 -17.84 -31.52
CA ARG D 486 46.54 -17.28 -31.47
C ARG D 486 45.64 -17.88 -32.54
N GLY D 487 46.18 -18.79 -33.33
CA GLY D 487 45.39 -19.41 -34.38
C GLY D 487 45.66 -18.83 -35.76
N PRO D 488 44.99 -19.35 -36.81
CA PRO D 488 45.13 -18.93 -38.20
C PRO D 488 45.07 -17.43 -38.43
N THR D 489 46.05 -16.90 -39.17
CA THR D 489 46.08 -15.47 -39.47
C THR D 489 44.78 -15.10 -40.20
N GLU D 490 44.32 -16.02 -41.04
CA GLU D 490 43.11 -15.84 -41.83
C GLU D 490 41.93 -15.39 -40.98
N ALA D 491 41.84 -15.91 -39.75
CA ALA D 491 40.76 -15.53 -38.86
C ALA D 491 40.81 -14.03 -38.60
N ASP D 492 41.98 -13.51 -38.31
CA ASP D 492 42.12 -12.09 -38.05
C ASP D 492 41.78 -11.29 -39.32
N GLU D 493 42.24 -11.79 -40.46
CA GLU D 493 41.96 -11.13 -41.73
C GLU D 493 40.46 -11.08 -41.97
N LEU D 494 39.74 -12.09 -41.48
CA LEU D 494 38.30 -12.16 -41.61
C LEU D 494 37.72 -11.01 -40.78
N MET D 495 38.06 -10.99 -39.49
CA MET D 495 37.55 -9.95 -38.61
C MET D 495 37.72 -8.55 -39.17
N LYS D 496 38.90 -8.26 -39.66
CA LYS D 496 39.16 -6.94 -40.22
C LYS D 496 38.23 -6.65 -41.41
N ARG D 497 38.19 -7.57 -42.35
CA ARG D 497 37.36 -7.42 -43.56
C ARG D 497 35.91 -7.11 -43.27
N VAL D 498 35.37 -7.80 -42.28
CA VAL D 498 33.98 -7.67 -41.90
C VAL D 498 33.62 -6.42 -41.08
N GLY D 499 34.63 -5.68 -40.59
CA GLY D 499 34.35 -4.47 -39.84
C GLY D 499 35.22 -4.11 -38.64
N PHE D 500 35.84 -5.12 -38.04
CA PHE D 500 36.68 -4.94 -36.87
C PHE D 500 38.01 -4.23 -37.14
N GLN D 501 38.36 -3.27 -36.30
CA GLN D 501 39.63 -2.54 -36.44
C GLN D 501 40.49 -2.80 -35.21
N TYR D 502 41.65 -3.44 -35.40
CA TYR D 502 42.55 -3.71 -34.28
C TYR D 502 43.76 -2.80 -34.33
N GLU D 503 44.15 -2.27 -33.18
CA GLU D 503 45.35 -1.43 -33.12
C GLU D 503 46.12 -1.72 -31.85
N GLY D 504 47.29 -2.31 -32.07
CA GLY D 504 48.16 -2.70 -30.99
C GLY D 504 48.62 -1.54 -30.13
N THR D 505 48.02 -0.37 -30.28
CA THR D 505 48.40 0.79 -29.49
C THR D 505 47.47 0.98 -28.30
N TYR D 506 47.65 0.13 -27.30
CA TYR D 506 46.86 0.22 -26.09
C TYR D 506 47.69 -0.40 -24.98
N LYS D 507 48.08 0.45 -24.03
CA LYS D 507 48.91 0.04 -22.89
C LYS D 507 48.07 -0.30 -21.65
N TRP D 508 48.51 -1.26 -20.86
CA TRP D 508 47.78 -1.58 -19.63
C TRP D 508 48.68 -1.96 -18.44
N VAL D 509 48.35 -1.41 -17.27
CA VAL D 509 49.09 -1.66 -16.04
C VAL D 509 48.03 -2.04 -14.98
N ASN D 510 48.45 -2.49 -13.81
CA ASN D 510 47.51 -2.89 -12.77
C ASN D 510 47.13 -1.78 -11.77
N THR E 9 -51.82 -30.79 15.14
CA THR E 9 -52.97 -29.88 15.40
C THR E 9 -52.50 -28.44 15.66
N HIS E 10 -51.44 -28.28 16.44
CA HIS E 10 -50.91 -26.94 16.74
C HIS E 10 -50.41 -26.24 15.47
N VAL E 11 -50.91 -25.01 15.25
CA VAL E 11 -50.56 -24.19 14.08
C VAL E 11 -49.06 -23.94 13.95
N CYS E 12 -48.46 -24.65 12.98
CA CYS E 12 -47.04 -24.57 12.69
C CYS E 12 -46.56 -23.14 12.42
N SER E 28 -58.19 -24.62 6.78
CA SER E 28 -59.08 -25.48 5.96
C SER E 28 -59.65 -24.80 4.69
N ASP E 29 -58.83 -24.73 3.65
CA ASP E 29 -59.20 -24.17 2.35
C ASP E 29 -58.42 -24.93 1.27
N THR E 30 -58.50 -24.49 0.01
CA THR E 30 -57.85 -25.22 -1.06
C THR E 30 -56.47 -24.76 -1.48
N HIS E 31 -55.61 -25.74 -1.75
CA HIS E 31 -54.23 -25.49 -2.16
C HIS E 31 -53.86 -26.39 -3.34
N ILE E 32 -53.12 -25.84 -4.30
CA ILE E 32 -52.68 -26.57 -5.49
C ILE E 32 -51.14 -26.58 -5.60
N PHE E 33 -50.56 -27.76 -5.50
CA PHE E 33 -49.11 -27.95 -5.55
C PHE E 33 -48.66 -28.33 -6.98
N ILE E 34 -48.33 -27.32 -7.79
CA ILE E 34 -47.88 -27.56 -9.17
C ILE E 34 -46.41 -27.98 -9.19
N ILE E 35 -46.13 -29.15 -9.73
CA ILE E 35 -44.75 -29.64 -9.81
C ILE E 35 -44.15 -29.49 -11.22
N MET E 36 -43.69 -28.30 -11.54
CA MET E 36 -43.10 -28.05 -12.85
C MET E 36 -41.89 -28.95 -13.03
N GLY E 37 -41.85 -29.67 -14.15
CA GLY E 37 -40.75 -30.58 -14.42
C GLY E 37 -40.95 -31.90 -13.70
N ALA E 38 -42.21 -32.27 -13.50
CA ALA E 38 -42.60 -33.50 -12.80
C ALA E 38 -41.98 -34.80 -13.32
N SER E 39 -41.41 -34.75 -14.53
CA SER E 39 -40.77 -35.93 -15.12
C SER E 39 -39.32 -36.08 -14.66
N GLY E 40 -38.70 -34.93 -14.35
CA GLY E 40 -37.31 -34.90 -13.92
C GLY E 40 -36.96 -35.79 -12.75
N ASP E 41 -35.67 -36.14 -12.67
CA ASP E 41 -35.15 -36.99 -11.62
C ASP E 41 -35.46 -36.44 -10.23
N LEU E 42 -35.34 -35.12 -10.09
CA LEU E 42 -35.61 -34.48 -8.82
C LEU E 42 -37.03 -34.74 -8.36
N ALA E 43 -37.99 -34.47 -9.24
CA ALA E 43 -39.39 -34.65 -8.94
C ALA E 43 -39.75 -36.08 -8.52
N LYS E 44 -39.38 -37.06 -9.34
CA LYS E 44 -39.70 -38.45 -9.02
C LYS E 44 -38.92 -39.06 -7.86
N LYS E 45 -37.75 -38.50 -7.56
CA LYS E 45 -36.96 -39.05 -6.49
C LYS E 45 -36.98 -38.29 -5.17
N LYS E 46 -37.41 -37.03 -5.22
CA LYS E 46 -37.44 -36.23 -4.00
C LYS E 46 -38.76 -35.49 -3.78
N ILE E 47 -39.10 -34.60 -4.70
CA ILE E 47 -40.33 -33.82 -4.57
C ILE E 47 -41.58 -34.67 -4.35
N TYR E 48 -41.81 -35.62 -5.26
CA TYR E 48 -42.98 -36.48 -5.14
C TYR E 48 -43.00 -37.23 -3.83
N PRO E 49 -41.92 -37.97 -3.51
CA PRO E 49 -41.90 -38.71 -2.25
C PRO E 49 -42.22 -37.82 -1.03
N THR E 50 -41.53 -36.69 -0.93
CA THR E 50 -41.70 -35.74 0.17
C THR E 50 -43.15 -35.30 0.33
N ILE E 51 -43.73 -34.77 -0.75
CA ILE E 51 -45.10 -34.27 -0.71
C ILE E 51 -46.06 -35.33 -0.18
N TRP E 52 -45.79 -36.57 -0.53
CA TRP E 52 -46.62 -37.67 -0.06
C TRP E 52 -46.42 -37.88 1.43
N TRP E 53 -45.19 -37.78 1.91
CA TRP E 53 -44.93 -37.97 3.33
C TRP E 53 -45.63 -36.89 4.15
N LEU E 54 -45.68 -35.66 3.61
CA LEU E 54 -46.33 -34.55 4.29
C LEU E 54 -47.82 -34.82 4.38
N PHE E 55 -48.37 -35.41 3.32
CA PHE E 55 -49.79 -35.75 3.28
C PHE E 55 -50.03 -36.88 4.27
N ARG E 56 -49.17 -37.90 4.21
CA ARG E 56 -49.24 -39.08 5.08
C ARG E 56 -49.32 -38.76 6.57
N ASP E 57 -48.46 -37.85 7.02
CA ASP E 57 -48.42 -37.47 8.43
C ASP E 57 -49.51 -36.47 8.78
N GLY E 58 -50.35 -36.15 7.79
CA GLY E 58 -51.45 -35.22 7.96
C GLY E 58 -51.02 -33.79 8.21
N LEU E 59 -49.97 -33.36 7.53
CA LEU E 59 -49.47 -32.00 7.71
C LEU E 59 -50.03 -31.07 6.64
N LEU E 60 -50.37 -31.63 5.48
CA LEU E 60 -50.93 -30.83 4.38
C LEU E 60 -52.40 -30.52 4.67
N PRO E 61 -52.88 -29.34 4.23
CA PRO E 61 -54.28 -28.94 4.46
C PRO E 61 -55.22 -29.98 3.84
N GLU E 62 -56.46 -30.03 4.35
CA GLU E 62 -57.45 -30.98 3.84
C GLU E 62 -57.67 -30.89 2.33
N ASN E 63 -57.81 -29.68 1.82
CA ASN E 63 -58.06 -29.51 0.40
C ASN E 63 -56.79 -29.23 -0.39
N THR E 64 -55.99 -30.26 -0.57
CA THR E 64 -54.75 -30.10 -1.30
C THR E 64 -54.78 -31.03 -2.49
N PHE E 65 -54.32 -30.54 -3.63
CA PHE E 65 -54.28 -31.32 -4.84
C PHE E 65 -52.89 -31.20 -5.43
N ILE E 66 -52.39 -32.26 -6.04
CA ILE E 66 -51.07 -32.22 -6.65
C ILE E 66 -51.26 -32.32 -8.14
N VAL E 67 -50.53 -31.49 -8.88
CA VAL E 67 -50.63 -31.47 -10.33
C VAL E 67 -49.24 -31.47 -10.94
N GLY E 68 -48.84 -32.63 -11.46
CA GLY E 68 -47.54 -32.69 -12.10
C GLY E 68 -47.66 -32.05 -13.47
N TYR E 69 -46.59 -31.44 -13.95
CA TYR E 69 -46.57 -30.82 -15.27
C TYR E 69 -45.19 -31.05 -15.86
N ALA E 70 -45.14 -31.49 -17.11
CA ALA E 70 -43.88 -31.75 -17.80
C ALA E 70 -44.01 -31.79 -19.33
N ARG E 71 -42.85 -31.79 -19.99
CA ARG E 71 -42.73 -31.82 -21.44
C ARG E 71 -43.39 -33.04 -22.10
N SER E 72 -43.12 -34.23 -21.57
CA SER E 72 -43.66 -35.46 -22.12
C SER E 72 -45.12 -35.74 -21.76
N ARG E 73 -45.91 -36.23 -22.72
CA ARG E 73 -47.31 -36.55 -22.48
C ARG E 73 -47.38 -37.89 -21.75
N LEU E 74 -47.29 -37.83 -20.42
CA LEU E 74 -47.29 -39.03 -19.61
C LEU E 74 -48.64 -39.63 -19.23
N THR E 75 -48.63 -40.96 -19.20
CA THR E 75 -49.78 -41.80 -18.89
C THR E 75 -50.56 -41.39 -17.65
N VAL E 76 -51.65 -42.12 -17.41
CA VAL E 76 -52.53 -41.87 -16.27
C VAL E 76 -51.79 -41.35 -15.04
N ALA E 77 -52.26 -40.21 -14.54
CA ALA E 77 -51.70 -39.56 -13.36
C ALA E 77 -52.19 -40.31 -12.10
N ASP E 78 -52.01 -41.62 -12.16
CA ASP E 78 -52.39 -42.57 -11.11
C ASP E 78 -52.00 -43.93 -11.69
N ILE E 79 -51.09 -43.90 -12.65
CA ILE E 79 -50.61 -45.09 -13.35
C ILE E 79 -49.17 -44.88 -13.79
N ARG E 80 -48.94 -43.92 -14.70
CA ARG E 80 -47.60 -43.62 -15.16
C ARG E 80 -46.81 -43.27 -13.88
N LYS E 81 -47.32 -42.29 -13.15
CA LYS E 81 -46.68 -41.91 -11.90
C LYS E 81 -47.30 -42.74 -10.79
N GLN E 82 -46.40 -43.40 -10.09
CA GLN E 82 -46.61 -44.34 -8.99
C GLN E 82 -45.73 -45.50 -9.45
N SER E 83 -45.46 -45.51 -10.77
CA SER E 83 -44.59 -46.51 -11.38
C SER E 83 -43.16 -45.98 -11.25
N GLU E 84 -42.96 -44.70 -11.60
CA GLU E 84 -41.64 -44.10 -11.47
C GLU E 84 -41.30 -43.91 -9.96
N PRO E 85 -42.17 -43.21 -9.19
CA PRO E 85 -41.94 -43.00 -7.74
C PRO E 85 -42.62 -44.14 -6.97
N PHE E 86 -42.24 -44.32 -5.71
CA PHE E 86 -42.78 -45.41 -4.88
C PHE E 86 -41.93 -45.47 -3.60
N PHE E 87 -40.90 -44.62 -3.60
CA PHE E 87 -39.93 -44.55 -2.54
C PHE E 87 -40.49 -44.47 -1.11
N LYS E 88 -40.24 -45.55 -0.36
CA LYS E 88 -40.64 -45.73 1.04
C LYS E 88 -42.13 -45.97 1.28
N ALA E 89 -42.65 -47.01 0.61
CA ALA E 89 -44.04 -47.39 0.74
C ALA E 89 -44.22 -48.39 1.89
N THR E 90 -45.35 -48.30 2.59
CA THR E 90 -45.63 -49.20 3.69
C THR E 90 -46.92 -49.97 3.40
N PRO E 91 -46.90 -51.31 3.62
CA PRO E 91 -48.05 -52.22 3.39
C PRO E 91 -49.40 -51.71 3.88
N GLU E 92 -49.52 -51.56 5.20
CA GLU E 92 -50.77 -51.11 5.81
C GLU E 92 -51.19 -49.69 5.41
N GLU E 93 -50.31 -48.97 4.75
CA GLU E 93 -50.64 -47.61 4.32
C GLU E 93 -51.38 -47.55 2.98
N LYS E 94 -51.51 -48.70 2.32
CA LYS E 94 -52.19 -48.81 1.02
C LYS E 94 -53.47 -47.97 0.86
N LEU E 95 -54.29 -47.89 1.92
CA LEU E 95 -55.52 -47.11 1.87
C LEU E 95 -55.26 -45.63 1.56
N LYS E 96 -54.54 -45.00 2.48
CA LYS E 96 -54.17 -43.58 2.37
C LYS E 96 -53.36 -43.34 1.09
N LEU E 97 -52.66 -44.37 0.64
CA LEU E 97 -51.86 -44.31 -0.57
C LEU E 97 -52.75 -44.02 -1.78
N GLU E 98 -53.80 -44.82 -1.94
CA GLU E 98 -54.73 -44.66 -3.07
C GLU E 98 -55.46 -43.32 -2.94
N ASP E 99 -55.74 -42.97 -1.68
CA ASP E 99 -56.42 -41.72 -1.33
C ASP E 99 -55.59 -40.54 -1.92
N PHE E 100 -54.28 -40.62 -1.73
CA PHE E 100 -53.35 -39.61 -2.20
C PHE E 100 -53.47 -39.36 -3.70
N PHE E 101 -53.34 -40.44 -4.47
CA PHE E 101 -53.41 -40.33 -5.93
C PHE E 101 -54.73 -39.79 -6.49
N ALA E 102 -55.79 -39.89 -5.69
CA ALA E 102 -57.10 -39.38 -6.09
C ALA E 102 -56.95 -37.86 -6.22
N ARG E 103 -56.00 -37.30 -5.46
CA ARG E 103 -55.70 -35.87 -5.46
C ARG E 103 -54.75 -35.50 -6.58
N ASN E 104 -54.00 -36.49 -7.04
CA ASN E 104 -53.04 -36.26 -8.11
C ASN E 104 -53.65 -36.15 -9.49
N SER E 105 -52.96 -35.41 -10.36
CA SER E 105 -53.36 -35.23 -11.73
C SER E 105 -52.13 -34.81 -12.54
N TYR E 106 -52.22 -34.93 -13.87
CA TYR E 106 -51.10 -34.56 -14.71
C TYR E 106 -51.56 -33.68 -15.87
N VAL E 107 -50.59 -33.01 -16.48
CA VAL E 107 -50.82 -32.11 -17.63
C VAL E 107 -49.52 -32.11 -18.42
N ALA E 108 -49.61 -32.08 -19.75
CA ALA E 108 -48.40 -32.07 -20.56
C ALA E 108 -48.33 -30.77 -21.37
N GLY E 109 -47.12 -30.34 -21.72
CA GLY E 109 -46.94 -29.12 -22.48
C GLY E 109 -45.50 -28.65 -22.50
N GLN E 110 -45.20 -27.69 -23.38
CA GLN E 110 -43.84 -27.16 -23.47
C GLN E 110 -43.69 -25.94 -22.57
N TYR E 111 -42.50 -25.72 -22.04
CA TYR E 111 -42.20 -24.62 -21.13
C TYR E 111 -42.01 -23.27 -21.82
N ASP E 112 -42.76 -22.99 -22.90
CA ASP E 112 -42.58 -21.71 -23.58
C ASP E 112 -43.72 -21.20 -24.45
N ASP E 113 -44.54 -22.09 -25.00
CA ASP E 113 -45.66 -21.64 -25.82
C ASP E 113 -46.90 -21.40 -24.96
N ALA E 114 -47.44 -20.20 -25.03
CA ALA E 114 -48.63 -19.80 -24.25
C ALA E 114 -49.78 -20.81 -24.28
N ALA E 115 -49.92 -21.51 -25.40
CA ALA E 115 -50.96 -22.51 -25.58
C ALA E 115 -50.99 -23.56 -24.48
N SER E 116 -49.85 -24.19 -24.26
CA SER E 116 -49.71 -25.23 -23.23
C SER E 116 -50.10 -24.71 -21.85
N TYR E 117 -49.47 -23.61 -21.44
CA TYR E 117 -49.74 -23.02 -20.13
C TYR E 117 -51.22 -22.67 -19.99
N GLN E 118 -51.82 -22.25 -21.10
CA GLN E 118 -53.22 -21.87 -21.11
C GLN E 118 -54.14 -22.97 -20.59
N ARG E 119 -53.97 -24.20 -21.07
CA ARG E 119 -54.81 -25.30 -20.63
C ARG E 119 -54.45 -25.79 -19.24
N LEU E 120 -53.27 -25.43 -18.77
CA LEU E 120 -52.83 -25.81 -17.41
C LEU E 120 -53.71 -25.03 -16.44
N ASN E 121 -53.76 -23.73 -16.68
CA ASN E 121 -54.57 -22.81 -15.89
C ASN E 121 -55.99 -23.37 -15.84
N SER E 122 -56.56 -23.59 -17.01
CA SER E 122 -57.91 -24.13 -17.15
C SER E 122 -58.08 -25.35 -16.28
N HIS E 123 -57.15 -26.29 -16.41
CA HIS E 123 -57.18 -27.53 -15.64
C HIS E 123 -57.23 -27.24 -14.15
N MET E 124 -56.52 -26.19 -13.73
CA MET E 124 -56.49 -25.80 -12.34
C MET E 124 -57.85 -25.25 -11.93
N ASN E 125 -58.43 -24.39 -12.75
CA ASN E 125 -59.73 -23.83 -12.44
C ASN E 125 -60.77 -24.93 -12.46
N ALA E 126 -60.50 -25.99 -13.22
CA ALA E 126 -61.41 -27.12 -13.33
C ALA E 126 -61.54 -27.83 -11.99
N LEU E 127 -60.43 -27.90 -11.23
CA LEU E 127 -60.47 -28.55 -9.93
C LEU E 127 -61.46 -27.87 -9.00
N HIS E 128 -61.84 -28.56 -7.93
CA HIS E 128 -62.80 -28.01 -6.98
C HIS E 128 -62.34 -26.70 -6.36
N LEU E 129 -62.86 -25.59 -6.91
CA LEU E 129 -62.56 -24.23 -6.42
C LEU E 129 -61.20 -23.70 -6.92
N GLY E 130 -60.73 -24.22 -8.05
CA GLY E 130 -59.45 -23.81 -8.59
C GLY E 130 -59.13 -22.32 -8.61
N SER E 131 -60.15 -21.51 -8.87
CA SER E 131 -60.00 -20.05 -8.92
C SER E 131 -59.72 -19.44 -7.56
N GLN E 132 -60.21 -20.09 -6.51
CA GLN E 132 -60.05 -19.63 -5.14
C GLN E 132 -58.75 -20.12 -4.52
N ALA E 133 -58.40 -21.36 -4.84
CA ALA E 133 -57.23 -22.04 -4.31
C ALA E 133 -55.90 -21.30 -4.37
N ASN E 134 -55.05 -21.63 -3.41
CA ASN E 134 -53.73 -21.05 -3.33
C ASN E 134 -52.87 -21.88 -4.27
N ARG E 135 -51.99 -21.22 -5.00
CA ARG E 135 -51.14 -21.91 -5.94
C ARG E 135 -49.69 -21.84 -5.51
N LEU E 136 -49.06 -23.00 -5.46
CA LEU E 136 -47.68 -23.14 -5.05
C LEU E 136 -47.00 -23.83 -6.21
N PHE E 137 -46.03 -23.17 -6.81
CA PHE E 137 -45.31 -23.72 -7.96
C PHE E 137 -43.90 -24.15 -7.63
N TYR E 138 -43.64 -25.45 -7.67
CA TYR E 138 -42.30 -25.95 -7.39
C TYR E 138 -41.55 -26.13 -8.70
N LEU E 139 -40.45 -25.40 -8.88
CA LEU E 139 -39.68 -25.49 -10.12
C LEU E 139 -38.58 -26.54 -10.11
N ALA E 140 -38.97 -27.79 -10.31
CA ALA E 140 -38.02 -28.89 -10.33
C ALA E 140 -37.47 -29.13 -11.75
N LEU E 141 -36.87 -28.10 -12.34
CA LEU E 141 -36.30 -28.22 -13.68
C LEU E 141 -35.08 -27.30 -13.90
N PRO E 142 -34.23 -27.60 -14.90
CA PRO E 142 -33.03 -26.81 -15.22
C PRO E 142 -33.18 -25.29 -15.33
N PRO E 143 -32.21 -24.53 -14.75
CA PRO E 143 -32.07 -23.07 -14.69
C PRO E 143 -32.24 -22.28 -15.97
N THR E 144 -31.93 -22.90 -17.10
CA THR E 144 -32.07 -22.26 -18.41
C THR E 144 -33.53 -21.89 -18.67
N VAL E 145 -34.42 -22.83 -18.35
CA VAL E 145 -35.85 -22.70 -18.53
C VAL E 145 -36.51 -21.70 -17.56
N TYR E 146 -35.88 -21.49 -16.40
CA TYR E 146 -36.38 -20.57 -15.38
C TYR E 146 -36.95 -19.30 -15.96
N GLU E 147 -36.15 -18.58 -16.74
CA GLU E 147 -36.57 -17.31 -17.33
C GLU E 147 -37.94 -17.40 -18.04
N ALA E 148 -38.11 -18.45 -18.84
CA ALA E 148 -39.34 -18.68 -19.57
C ALA E 148 -40.48 -19.07 -18.65
N VAL E 149 -40.33 -20.20 -17.95
CA VAL E 149 -41.34 -20.70 -17.03
C VAL E 149 -41.90 -19.60 -16.13
N THR E 150 -41.01 -18.76 -15.61
CA THR E 150 -41.42 -17.66 -14.73
C THR E 150 -42.33 -16.66 -15.47
N LYS E 151 -41.93 -16.26 -16.67
CA LYS E 151 -42.69 -15.32 -17.50
C LYS E 151 -44.12 -15.79 -17.74
N ASN E 152 -44.26 -17.02 -18.21
CA ASN E 152 -45.57 -17.61 -18.50
C ASN E 152 -46.45 -17.69 -17.27
N ILE E 153 -45.96 -18.34 -16.22
CA ILE E 153 -46.72 -18.50 -14.99
C ILE E 153 -47.31 -17.17 -14.53
N HIS E 154 -46.53 -16.11 -14.63
CA HIS E 154 -47.00 -14.78 -14.22
C HIS E 154 -48.21 -14.31 -15.01
N GLU E 155 -48.16 -14.57 -16.31
CA GLU E 155 -49.24 -14.17 -17.22
C GLU E 155 -50.50 -15.02 -17.11
N SER E 156 -50.39 -16.28 -17.48
CA SER E 156 -51.53 -17.19 -17.50
C SER E 156 -51.89 -18.10 -16.32
N CYS E 157 -50.99 -18.25 -15.35
CA CYS E 157 -51.30 -19.15 -14.22
C CYS E 157 -51.49 -18.52 -12.83
N MET E 158 -51.37 -17.22 -12.74
CA MET E 158 -51.54 -16.54 -11.47
C MET E 158 -52.98 -16.64 -10.97
N SER E 159 -53.15 -16.96 -9.69
CA SER E 159 -54.49 -17.06 -9.12
C SER E 159 -55.02 -15.66 -8.84
N GLN E 160 -56.28 -15.45 -9.16
CA GLN E 160 -56.92 -14.16 -8.95
C GLN E 160 -57.26 -13.95 -7.49
N ILE E 161 -57.29 -15.05 -6.74
CA ILE E 161 -57.60 -15.00 -5.32
C ILE E 161 -56.68 -16.00 -4.66
N GLY E 162 -56.29 -15.70 -3.42
CA GLY E 162 -55.38 -16.60 -2.74
C GLY E 162 -53.96 -16.30 -3.18
N TRP E 163 -52.99 -16.76 -2.41
CA TRP E 163 -51.61 -16.48 -2.74
C TRP E 163 -51.02 -17.38 -3.81
N ASN E 164 -49.89 -16.93 -4.34
CA ASN E 164 -49.15 -17.62 -5.37
C ASN E 164 -47.69 -17.53 -4.96
N ARG E 165 -47.08 -18.68 -4.73
CA ARG E 165 -45.70 -18.70 -4.33
C ARG E 165 -44.94 -19.63 -5.24
N ILE E 166 -43.73 -19.21 -5.58
CA ILE E 166 -42.87 -19.99 -6.45
C ILE E 166 -41.60 -20.47 -5.73
N ILE E 167 -41.33 -21.76 -5.83
CA ILE E 167 -40.16 -22.34 -5.22
C ILE E 167 -39.12 -22.58 -6.30
N VAL E 168 -37.95 -21.97 -6.15
CA VAL E 168 -36.90 -22.14 -7.12
C VAL E 168 -35.71 -22.85 -6.47
N GLU E 169 -35.07 -23.74 -7.21
CA GLU E 169 -33.95 -24.47 -6.66
C GLU E 169 -32.59 -23.96 -7.11
N LYS E 170 -31.54 -24.58 -6.58
CA LYS E 170 -30.17 -24.24 -6.90
C LYS E 170 -29.89 -24.57 -8.36
N PRO E 171 -29.04 -23.76 -9.02
CA PRO E 171 -28.34 -22.58 -8.49
C PRO E 171 -28.94 -21.25 -8.95
N PHE E 172 -28.29 -20.15 -8.57
CA PHE E 172 -28.76 -18.81 -8.93
C PHE E 172 -27.70 -17.99 -9.67
N GLY E 173 -27.08 -18.60 -10.68
CA GLY E 173 -26.05 -17.94 -11.47
C GLY E 173 -24.63 -18.46 -11.25
N ARG E 174 -23.64 -17.85 -11.90
CA ARG E 174 -22.24 -18.26 -11.75
C ARG E 174 -21.37 -17.11 -11.23
N ASP E 175 -21.64 -15.90 -11.71
CA ASP E 175 -20.89 -14.71 -11.28
C ASP E 175 -21.92 -13.59 -11.12
N LEU E 176 -21.77 -12.77 -10.08
CA LEU E 176 -22.66 -11.64 -9.79
C LEU E 176 -23.16 -10.94 -11.08
N GLN E 177 -22.36 -11.01 -12.15
CA GLN E 177 -22.72 -10.42 -13.43
C GLN E 177 -24.03 -11.10 -13.88
N SER E 178 -23.94 -12.18 -14.63
CA SER E 178 -25.15 -12.88 -15.05
C SER E 178 -25.62 -13.81 -13.93
N SER E 179 -26.21 -13.17 -12.94
CA SER E 179 -26.78 -13.77 -11.75
C SER E 179 -27.61 -12.63 -11.18
N ASP E 180 -27.09 -11.40 -11.30
CA ASP E 180 -27.81 -10.19 -10.87
C ASP E 180 -28.99 -10.09 -11.86
N ARG E 181 -28.85 -10.79 -12.99
CA ARG E 181 -29.87 -10.82 -14.03
C ARG E 181 -31.02 -11.78 -13.74
N LEU E 182 -30.69 -13.08 -13.60
CA LEU E 182 -31.71 -14.10 -13.35
C LEU E 182 -32.60 -13.78 -12.16
N SER E 183 -32.04 -13.03 -11.21
CA SER E 183 -32.78 -12.63 -10.01
C SER E 183 -33.67 -11.42 -10.32
N ASN E 184 -33.17 -10.46 -11.08
CA ASN E 184 -33.98 -9.28 -11.39
C ASN E 184 -35.13 -9.51 -12.36
N HIS E 185 -35.01 -10.52 -13.23
CA HIS E 185 -36.09 -10.86 -14.16
C HIS E 185 -37.24 -11.38 -13.30
N ILE E 186 -36.93 -12.37 -12.46
CA ILE E 186 -37.93 -12.95 -11.58
C ILE E 186 -38.48 -11.87 -10.65
N SER E 187 -37.57 -11.01 -10.18
CA SER E 187 -37.91 -9.92 -9.27
C SER E 187 -38.78 -8.82 -9.90
N SER E 188 -38.81 -8.75 -11.23
CA SER E 188 -39.61 -7.72 -11.89
C SER E 188 -41.04 -8.22 -12.08
N LEU E 189 -41.22 -9.52 -11.94
CA LEU E 189 -42.54 -10.11 -12.11
C LEU E 189 -43.22 -10.36 -10.77
N PHE E 190 -42.54 -11.10 -9.90
CA PHE E 190 -43.06 -11.42 -8.58
C PHE E 190 -42.37 -10.54 -7.56
N ARG E 191 -42.95 -10.42 -6.38
CA ARG E 191 -42.30 -9.64 -5.36
C ARG E 191 -41.66 -10.60 -4.37
N GLU E 192 -40.62 -10.11 -3.69
CA GLU E 192 -39.85 -10.89 -2.74
C GLU E 192 -40.65 -11.89 -1.88
N ASP E 193 -41.81 -11.49 -1.38
CA ASP E 193 -42.59 -12.38 -0.54
C ASP E 193 -43.24 -13.56 -1.24
N GLN E 194 -42.92 -13.75 -2.52
CA GLN E 194 -43.48 -14.85 -3.28
C GLN E 194 -42.36 -15.80 -3.68
N ILE E 195 -41.15 -15.28 -3.70
CA ILE E 195 -39.97 -16.03 -4.08
C ILE E 195 -39.42 -16.84 -2.90
N TYR E 196 -39.34 -18.14 -3.05
CA TYR E 196 -38.80 -18.99 -2.00
C TYR E 196 -37.56 -19.70 -2.51
N ARG E 197 -36.40 -19.07 -2.29
CA ARG E 197 -35.12 -19.62 -2.75
C ARG E 197 -34.56 -20.74 -1.87
N ILE E 198 -34.41 -21.91 -2.45
CA ILE E 198 -33.92 -23.09 -1.76
C ILE E 198 -32.42 -23.17 -1.51
N ASP E 199 -32.10 -23.76 -0.36
CA ASP E 199 -30.75 -24.05 0.11
C ASP E 199 -31.05 -25.03 1.24
N HIS E 200 -31.29 -26.27 0.85
CA HIS E 200 -31.68 -27.30 1.81
C HIS E 200 -30.95 -27.42 3.14
N TYR E 201 -29.75 -26.88 3.26
CA TYR E 201 -29.05 -26.99 4.53
C TYR E 201 -29.79 -26.27 5.63
N LEU E 202 -30.45 -25.18 5.26
CA LEU E 202 -31.22 -24.40 6.22
C LEU E 202 -32.39 -25.20 6.81
N GLY E 203 -32.64 -26.39 6.27
CA GLY E 203 -33.73 -27.21 6.78
C GLY E 203 -33.29 -28.46 7.52
N LYS E 204 -32.00 -28.56 7.84
CA LYS E 204 -31.49 -29.73 8.57
C LYS E 204 -31.56 -29.47 10.07
N GLU E 205 -32.04 -30.47 10.82
CA GLU E 205 -32.18 -30.39 12.27
C GLU E 205 -31.13 -29.53 13.00
N MET E 206 -29.88 -29.98 12.98
CA MET E 206 -28.81 -29.26 13.65
C MET E 206 -28.61 -27.79 13.24
N VAL E 207 -28.83 -27.49 11.97
CA VAL E 207 -28.66 -26.13 11.45
C VAL E 207 -29.70 -25.19 12.04
N GLN E 208 -30.91 -25.68 12.20
CA GLN E 208 -31.95 -24.84 12.79
C GLN E 208 -31.63 -24.65 14.26
N ASN E 209 -31.24 -25.74 14.91
CA ASN E 209 -30.90 -25.74 16.33
C ASN E 209 -29.92 -24.66 16.76
N LEU E 210 -29.02 -24.28 15.84
CA LEU E 210 -28.02 -23.24 16.09
C LEU E 210 -28.60 -22.03 16.81
N MET E 211 -29.70 -21.53 16.28
CA MET E 211 -30.34 -20.36 16.85
C MET E 211 -30.83 -20.58 18.27
N VAL E 212 -31.29 -21.79 18.57
CA VAL E 212 -31.79 -22.08 19.91
C VAL E 212 -30.60 -22.18 20.85
N LEU E 213 -29.59 -22.94 20.46
CA LEU E 213 -28.41 -23.11 21.27
C LEU E 213 -27.82 -21.76 21.67
N ARG E 214 -27.72 -20.85 20.71
CA ARG E 214 -27.18 -19.54 21.01
C ARG E 214 -28.08 -18.60 21.79
N PHE E 215 -29.33 -18.47 21.37
CA PHE E 215 -30.20 -17.51 22.00
C PHE E 215 -31.15 -17.90 23.12
N ALA E 216 -31.11 -19.16 23.54
CA ALA E 216 -31.99 -19.59 24.62
C ALA E 216 -31.18 -20.08 25.81
N ASN E 217 -29.86 -19.96 25.71
CA ASN E 217 -28.97 -20.41 26.76
C ASN E 217 -28.02 -19.32 27.30
N ARG E 218 -27.83 -19.31 28.61
CA ARG E 218 -26.95 -18.33 29.21
C ARG E 218 -25.52 -18.84 29.21
N ILE E 219 -25.35 -20.15 29.24
CA ILE E 219 -24.01 -20.75 29.24
C ILE E 219 -23.26 -20.53 27.93
N PHE E 220 -23.94 -19.97 26.92
CA PHE E 220 -23.32 -19.72 25.62
C PHE E 220 -23.42 -18.29 25.19
N GLY E 221 -24.06 -17.47 26.01
CA GLY E 221 -24.23 -16.07 25.67
C GLY E 221 -22.98 -15.22 25.75
N PRO E 222 -22.50 -14.90 26.95
CA PRO E 222 -21.31 -14.08 27.21
C PRO E 222 -19.96 -14.59 26.67
N ILE E 223 -19.96 -15.76 26.06
CA ILE E 223 -18.72 -16.32 25.54
C ILE E 223 -18.61 -16.09 24.03
N TRP E 224 -19.75 -15.97 23.38
CA TRP E 224 -19.84 -15.80 21.93
C TRP E 224 -19.30 -14.47 21.42
N ASN E 225 -18.00 -14.21 21.58
CA ASN E 225 -17.38 -12.96 21.12
C ASN E 225 -15.85 -13.01 21.08
N ARG E 226 -15.23 -12.09 20.33
CA ARG E 226 -13.77 -12.00 20.16
C ARG E 226 -12.92 -12.10 21.41
N ASP E 227 -13.47 -11.71 22.56
CA ASP E 227 -12.72 -11.78 23.81
C ASP E 227 -12.47 -13.22 24.23
N ASN E 228 -13.36 -14.13 23.83
CA ASN E 228 -13.20 -15.53 24.20
C ASN E 228 -12.92 -16.51 23.07
N ILE E 229 -13.36 -16.22 21.86
CA ILE E 229 -13.16 -17.15 20.75
C ILE E 229 -11.92 -16.86 19.89
N ALA E 230 -11.13 -17.91 19.65
CA ALA E 230 -9.91 -17.82 18.86
C ALA E 230 -10.14 -17.98 17.35
N CYS E 231 -11.07 -18.85 16.97
CA CYS E 231 -11.41 -19.04 15.56
C CYS E 231 -12.64 -19.92 15.39
N VAL E 232 -13.28 -19.81 14.23
CA VAL E 232 -14.48 -20.58 13.91
C VAL E 232 -14.24 -21.38 12.64
N ILE E 233 -14.56 -22.67 12.67
CA ILE E 233 -14.34 -23.54 11.52
C ILE E 233 -15.63 -24.20 11.07
N LEU E 234 -15.98 -23.94 9.82
CA LEU E 234 -17.17 -24.49 9.20
C LEU E 234 -16.67 -25.48 8.15
N THR E 235 -16.89 -26.76 8.42
CA THR E 235 -16.44 -27.86 7.58
C THR E 235 -17.55 -28.59 6.80
N PHE E 236 -17.20 -29.07 5.61
CA PHE E 236 -18.08 -29.82 4.72
C PHE E 236 -17.24 -30.82 3.94
N LYS E 237 -17.44 -32.11 4.19
CA LYS E 237 -16.65 -33.14 3.51
C LYS E 237 -17.45 -34.32 2.99
N GLU E 238 -17.13 -34.75 1.76
CA GLU E 238 -17.75 -35.90 1.14
C GLU E 238 -16.64 -36.88 0.79
N PRO E 239 -16.84 -38.17 1.08
CA PRO E 239 -15.89 -39.26 0.83
C PRO E 239 -15.78 -39.71 -0.62
N PHE E 240 -16.81 -39.43 -1.41
CA PHE E 240 -16.82 -39.85 -2.80
C PHE E 240 -16.44 -38.71 -3.71
N GLY E 241 -15.89 -39.03 -4.87
CA GLY E 241 -15.50 -38.01 -5.81
C GLY E 241 -16.68 -37.66 -6.68
N THR E 242 -16.41 -37.11 -7.86
CA THR E 242 -17.49 -36.76 -8.77
C THR E 242 -17.89 -38.04 -9.51
N GLU E 243 -18.84 -38.75 -8.94
CA GLU E 243 -19.32 -40.01 -9.49
C GLU E 243 -19.70 -39.97 -10.97
N GLY E 244 -18.71 -40.13 -11.83
CA GLY E 244 -18.94 -40.14 -13.26
C GLY E 244 -19.35 -38.84 -13.93
N ARG E 245 -20.25 -38.08 -13.30
CA ARG E 245 -20.71 -36.83 -13.91
C ARG E 245 -19.80 -35.62 -13.69
N GLY E 246 -18.50 -35.83 -13.76
CA GLY E 246 -17.57 -34.74 -13.56
C GLY E 246 -17.78 -33.58 -14.51
N GLY E 247 -18.30 -33.89 -15.71
CA GLY E 247 -18.54 -32.88 -16.70
C GLY E 247 -19.41 -31.73 -16.23
N TYR E 248 -20.48 -32.04 -15.53
CA TYR E 248 -21.38 -31.01 -15.04
C TYR E 248 -20.71 -30.14 -13.96
N PHE E 249 -20.10 -30.79 -12.98
CA PHE E 249 -19.45 -30.10 -11.86
C PHE E 249 -18.36 -29.13 -12.29
N ASP E 250 -17.63 -29.47 -13.34
CA ASP E 250 -16.55 -28.65 -13.84
C ASP E 250 -16.96 -27.22 -14.17
N GLU E 251 -18.24 -27.04 -14.49
CA GLU E 251 -18.77 -25.72 -14.83
C GLU E 251 -18.85 -24.78 -13.64
N PHE E 252 -18.86 -25.33 -12.43
CA PHE E 252 -19.01 -24.55 -11.21
C PHE E 252 -17.85 -24.50 -10.21
N GLY E 253 -17.26 -25.65 -9.91
CA GLY E 253 -16.18 -25.66 -8.96
C GLY E 253 -16.72 -25.73 -7.56
N ILE E 254 -15.90 -26.26 -6.66
CA ILE E 254 -16.29 -26.44 -5.26
C ILE E 254 -16.78 -25.19 -4.53
N ILE E 255 -16.22 -24.03 -4.85
CA ILE E 255 -16.62 -22.78 -4.20
C ILE E 255 -18.09 -22.49 -4.42
N ARG E 256 -18.45 -22.33 -5.69
CA ARG E 256 -19.84 -22.07 -6.07
C ARG E 256 -20.75 -23.21 -5.61
N ASP E 257 -20.28 -24.44 -5.75
CA ASP E 257 -21.07 -25.61 -5.39
C ASP E 257 -21.46 -25.74 -3.91
N VAL E 258 -20.51 -25.48 -3.01
CA VAL E 258 -20.77 -25.61 -1.58
C VAL E 258 -20.48 -24.42 -0.68
N MET E 259 -19.32 -23.82 -0.86
CA MET E 259 -18.90 -22.70 -0.01
C MET E 259 -19.80 -21.47 0.00
N GLN E 260 -19.98 -20.86 -1.15
CA GLN E 260 -20.78 -19.65 -1.28
C GLN E 260 -22.19 -19.78 -0.73
N ASN E 261 -22.75 -20.98 -0.77
CA ASN E 261 -24.10 -21.14 -0.28
C ASN E 261 -24.23 -21.78 1.11
N HIS E 262 -24.03 -23.07 1.21
CA HIS E 262 -24.17 -23.74 2.49
C HIS E 262 -23.30 -23.16 3.60
N LEU E 263 -21.98 -23.28 3.45
CA LEU E 263 -21.05 -22.77 4.45
C LEU E 263 -21.35 -21.34 4.87
N LEU E 264 -21.52 -20.45 3.90
CA LEU E 264 -21.82 -19.05 4.21
C LEU E 264 -23.04 -18.94 5.08
N GLN E 265 -24.06 -19.73 4.79
CA GLN E 265 -25.28 -19.71 5.58
C GLN E 265 -24.98 -20.04 7.04
N MET E 266 -24.23 -21.12 7.25
CA MET E 266 -23.87 -21.53 8.61
C MET E 266 -23.13 -20.39 9.31
N LEU E 267 -22.24 -19.71 8.58
CA LEU E 267 -21.49 -18.59 9.13
C LEU E 267 -22.45 -17.52 9.61
N CYS E 268 -23.40 -17.13 8.77
CA CYS E 268 -24.38 -16.13 9.17
C CYS E 268 -25.12 -16.53 10.45
N LEU E 269 -25.56 -17.78 10.52
CA LEU E 269 -26.28 -18.25 11.70
C LEU E 269 -25.43 -18.23 12.95
N VAL E 270 -24.14 -18.47 12.77
CA VAL E 270 -23.21 -18.49 13.88
C VAL E 270 -22.76 -17.10 14.33
N ALA E 271 -22.77 -16.13 13.42
CA ALA E 271 -22.31 -14.78 13.72
C ALA E 271 -23.34 -13.67 13.90
N MET E 272 -24.56 -13.90 13.47
CA MET E 272 -25.58 -12.87 13.54
C MET E 272 -25.85 -12.39 14.96
N GLU E 273 -26.34 -11.16 15.06
CA GLU E 273 -26.67 -10.60 16.36
C GLU E 273 -28.04 -11.15 16.71
N LYS E 274 -28.47 -10.99 17.95
CA LYS E 274 -29.80 -11.50 18.36
C LYS E 274 -30.85 -10.65 17.68
N PRO E 275 -31.81 -11.31 17.01
CA PRO E 275 -32.92 -10.67 16.28
C PRO E 275 -34.00 -10.10 17.17
N ALA E 276 -34.76 -9.15 16.64
CA ALA E 276 -35.84 -8.53 17.39
C ALA E 276 -36.91 -9.53 17.76
N SER E 277 -37.00 -10.60 16.97
CA SER E 277 -37.99 -11.66 17.20
C SER E 277 -37.68 -12.80 16.27
N THR E 278 -38.49 -13.86 16.32
CA THR E 278 -38.28 -15.01 15.47
C THR E 278 -38.99 -14.84 14.12
N ASN E 279 -39.45 -13.61 13.87
CA ASN E 279 -40.14 -13.30 12.62
C ASN E 279 -39.20 -13.44 11.46
N SER E 280 -39.62 -14.19 10.44
CA SER E 280 -38.81 -14.43 9.25
C SER E 280 -37.94 -13.26 8.80
N ASP E 281 -38.51 -12.08 8.66
CA ASP E 281 -37.72 -10.96 8.22
C ASP E 281 -36.76 -10.41 9.27
N ASP E 282 -37.22 -10.35 10.51
CA ASP E 282 -36.38 -9.85 11.59
C ASP E 282 -35.10 -10.68 11.68
N VAL E 283 -35.20 -11.98 11.43
CA VAL E 283 -34.06 -12.88 11.46
C VAL E 283 -33.17 -12.65 10.22
N ARG E 284 -33.77 -12.75 9.04
CA ARG E 284 -33.04 -12.55 7.80
C ARG E 284 -32.33 -11.20 7.79
N ASP E 285 -32.90 -10.22 8.47
CA ASP E 285 -32.28 -8.92 8.53
C ASP E 285 -30.93 -9.07 9.23
N GLU E 286 -30.95 -9.71 10.41
CA GLU E 286 -29.74 -9.91 11.20
C GLU E 286 -28.67 -10.67 10.45
N LYS E 287 -29.10 -11.59 9.60
CA LYS E 287 -28.21 -12.41 8.78
C LYS E 287 -27.45 -11.58 7.76
N VAL E 288 -28.16 -10.76 7.00
CA VAL E 288 -27.54 -9.94 5.97
C VAL E 288 -26.66 -8.86 6.59
N LYS E 289 -27.01 -8.44 7.81
CA LYS E 289 -26.25 -7.43 8.53
C LYS E 289 -24.80 -7.93 8.66
N VAL E 290 -24.66 -9.21 8.98
CA VAL E 290 -23.35 -9.84 9.12
C VAL E 290 -22.57 -9.83 7.81
N LEU E 291 -23.23 -10.27 6.75
CA LEU E 291 -22.61 -10.31 5.44
C LEU E 291 -22.07 -8.95 5.03
N LYS E 292 -22.82 -7.91 5.37
CA LYS E 292 -22.42 -6.54 5.06
C LYS E 292 -21.09 -6.14 5.69
N CYS E 293 -20.61 -6.90 6.65
CA CYS E 293 -19.35 -6.56 7.28
C CYS E 293 -18.20 -7.45 6.87
N ILE E 294 -18.39 -8.25 5.82
CA ILE E 294 -17.32 -9.12 5.36
C ILE E 294 -16.66 -8.51 4.15
N SER E 295 -15.37 -8.26 4.24
CA SER E 295 -14.64 -7.67 3.13
C SER E 295 -14.37 -8.76 2.10
N GLU E 296 -14.15 -8.36 0.86
CA GLU E 296 -13.90 -9.28 -0.25
C GLU E 296 -12.73 -10.25 -0.01
N VAL E 297 -12.96 -11.53 -0.34
CA VAL E 297 -11.97 -12.57 -0.13
C VAL E 297 -10.63 -12.28 -0.77
N GLN E 298 -9.57 -12.51 0.00
CA GLN E 298 -8.21 -12.29 -0.48
C GLN E 298 -7.58 -13.57 -0.99
N ALA E 299 -6.93 -13.48 -2.14
CA ALA E 299 -6.27 -14.63 -2.74
C ALA E 299 -5.19 -15.22 -1.84
N ASN E 300 -4.77 -14.44 -0.84
CA ASN E 300 -3.74 -14.86 0.10
C ASN E 300 -4.27 -15.83 1.17
N ASN E 301 -5.59 -15.82 1.37
CA ASN E 301 -6.23 -16.67 2.36
C ASN E 301 -6.99 -17.80 1.69
N VAL E 302 -6.48 -18.28 0.56
CA VAL E 302 -7.15 -19.34 -0.19
C VAL E 302 -6.22 -20.48 -0.55
N VAL E 303 -6.72 -21.69 -0.39
CA VAL E 303 -5.97 -22.87 -0.73
C VAL E 303 -6.90 -23.71 -1.59
N LEU E 304 -6.45 -24.03 -2.81
CA LEU E 304 -7.24 -24.82 -3.74
C LEU E 304 -6.63 -26.18 -3.98
N GLY E 305 -7.46 -27.18 -4.20
CA GLY E 305 -6.96 -28.52 -4.45
C GLY E 305 -7.82 -29.26 -5.46
N GLN E 306 -7.25 -30.28 -6.10
CA GLN E 306 -7.95 -31.09 -7.08
C GLN E 306 -7.49 -32.52 -6.77
N TYR E 307 -8.41 -33.47 -6.75
CA TYR E 307 -8.07 -34.84 -6.42
C TYR E 307 -7.51 -35.74 -7.50
N VAL E 308 -6.53 -36.55 -7.09
CA VAL E 308 -5.87 -37.51 -7.97
C VAL E 308 -6.26 -38.89 -7.49
N GLY E 309 -6.33 -39.85 -8.41
CA GLY E 309 -6.71 -41.20 -8.05
C GLY E 309 -5.72 -41.90 -7.14
N ASN E 310 -6.21 -42.88 -6.38
CA ASN E 310 -5.39 -43.64 -5.45
C ASN E 310 -5.16 -45.07 -5.93
N PRO E 311 -3.90 -45.39 -6.29
CA PRO E 311 -3.49 -46.72 -6.78
C PRO E 311 -3.78 -47.92 -5.88
N ASP E 312 -3.80 -47.70 -4.56
CA ASP E 312 -4.05 -48.79 -3.62
C ASP E 312 -5.53 -48.97 -3.33
N GLY E 313 -6.35 -48.12 -3.93
CA GLY E 313 -7.78 -48.20 -3.73
C GLY E 313 -8.46 -49.23 -4.60
N GLU E 314 -9.75 -49.03 -4.86
CA GLU E 314 -10.52 -49.93 -5.69
C GLU E 314 -11.78 -49.22 -6.15
N GLY E 315 -12.23 -49.56 -7.35
CA GLY E 315 -13.44 -48.94 -7.86
C GLY E 315 -13.15 -47.48 -8.16
N GLU E 316 -14.11 -46.62 -7.88
CA GLU E 316 -13.95 -45.21 -8.14
C GLU E 316 -12.70 -44.61 -7.49
N ALA E 317 -12.28 -45.19 -6.38
CA ALA E 317 -11.11 -44.71 -5.65
C ALA E 317 -9.80 -44.63 -6.43
N THR E 318 -9.74 -45.30 -7.58
CA THR E 318 -8.52 -45.27 -8.37
C THR E 318 -8.55 -44.17 -9.40
N LYS E 319 -9.74 -43.85 -9.89
CA LYS E 319 -9.89 -42.82 -10.90
C LYS E 319 -9.90 -41.42 -10.30
N GLY E 320 -8.94 -40.61 -10.73
CA GLY E 320 -8.85 -39.23 -10.26
C GLY E 320 -9.83 -38.35 -11.01
N TYR E 321 -9.75 -37.04 -10.76
CA TYR E 321 -10.64 -36.08 -11.41
C TYR E 321 -10.54 -36.11 -12.92
N LEU E 322 -9.35 -35.84 -13.44
CA LEU E 322 -9.15 -35.81 -14.88
C LEU E 322 -9.35 -37.15 -15.61
N ASP E 323 -9.42 -38.25 -14.86
CA ASP E 323 -9.63 -39.58 -15.44
C ASP E 323 -11.08 -39.75 -15.86
N ASP E 324 -11.89 -38.76 -15.50
CA ASP E 324 -13.31 -38.71 -15.83
C ASP E 324 -13.39 -38.19 -17.27
N PRO E 325 -13.92 -39.00 -18.19
CA PRO E 325 -14.02 -38.59 -19.60
C PRO E 325 -14.83 -37.31 -19.83
N THR E 326 -15.86 -37.11 -19.00
CA THR E 326 -16.73 -35.95 -19.12
C THR E 326 -16.04 -34.62 -18.82
N VAL E 327 -14.89 -34.67 -18.17
CA VAL E 327 -14.18 -33.44 -17.84
C VAL E 327 -13.04 -33.14 -18.81
N PRO E 328 -12.99 -31.89 -19.32
CA PRO E 328 -11.97 -31.39 -20.27
C PRO E 328 -10.55 -31.73 -19.83
N ARG E 329 -9.83 -32.45 -20.69
CA ARG E 329 -8.48 -32.92 -20.40
C ARG E 329 -7.51 -31.97 -19.67
N GLY E 330 -7.67 -30.66 -19.86
CA GLY E 330 -6.76 -29.72 -19.21
C GLY E 330 -7.40 -28.85 -18.13
N SER E 331 -8.35 -29.41 -17.38
CA SER E 331 -9.06 -28.69 -16.33
C SER E 331 -8.24 -28.29 -15.11
N THR E 332 -8.55 -27.12 -14.55
CA THR E 332 -7.89 -26.60 -13.37
C THR E 332 -8.93 -26.34 -12.28
N THR E 333 -10.14 -26.85 -12.49
CA THR E 333 -11.23 -26.65 -11.53
C THR E 333 -10.92 -27.34 -10.21
N ALA E 334 -11.17 -26.63 -9.12
CA ALA E 334 -10.92 -27.16 -7.80
C ALA E 334 -12.05 -27.98 -7.21
N THR E 335 -11.69 -29.10 -6.60
CA THR E 335 -12.62 -30.01 -5.95
C THR E 335 -12.52 -29.84 -4.43
N PHE E 336 -11.57 -29.00 -3.99
CA PHE E 336 -11.33 -28.71 -2.58
C PHE E 336 -10.94 -27.25 -2.44
N ALA E 337 -11.36 -26.61 -1.36
CA ALA E 337 -11.03 -25.22 -1.14
C ALA E 337 -11.16 -24.85 0.33
N ALA E 338 -10.17 -24.13 0.83
CA ALA E 338 -10.16 -23.68 2.21
C ALA E 338 -9.97 -22.18 2.13
N VAL E 339 -10.93 -21.44 2.65
CA VAL E 339 -10.89 -19.98 2.59
C VAL E 339 -11.10 -19.37 3.98
N VAL E 340 -10.44 -18.24 4.22
CA VAL E 340 -10.56 -17.54 5.49
C VAL E 340 -11.26 -16.23 5.30
N LEU E 341 -12.33 -16.02 6.07
CA LEU E 341 -13.09 -14.79 6.01
C LEU E 341 -13.10 -14.08 7.36
N TYR E 342 -13.36 -12.77 7.34
CA TYR E 342 -13.39 -11.96 8.56
C TYR E 342 -14.62 -11.08 8.63
N VAL E 343 -15.20 -10.97 9.82
CA VAL E 343 -16.38 -10.14 10.03
C VAL E 343 -15.96 -8.92 10.82
N GLU E 344 -15.92 -7.77 10.15
CA GLU E 344 -15.50 -6.54 10.81
C GLU E 344 -16.58 -5.84 11.59
N ASN E 345 -16.75 -6.21 12.85
CA ASN E 345 -17.73 -5.54 13.69
C ASN E 345 -17.37 -5.74 15.15
N GLU E 346 -17.93 -4.92 16.01
CA GLU E 346 -17.64 -4.97 17.44
C GLU E 346 -17.59 -6.35 18.08
N ARG E 347 -18.30 -7.32 17.52
CA ARG E 347 -18.30 -8.65 18.12
C ARG E 347 -17.25 -9.65 17.61
N TRP E 348 -16.97 -9.62 16.31
CA TRP E 348 -16.04 -10.56 15.73
C TRP E 348 -14.75 -9.97 15.18
N ASP E 349 -14.59 -8.66 15.30
CA ASP E 349 -13.41 -8.00 14.77
C ASP E 349 -12.12 -8.75 15.10
N GLY E 350 -11.41 -9.21 14.08
CA GLY E 350 -10.18 -9.94 14.31
C GLY E 350 -10.26 -11.46 14.32
N VAL E 351 -11.45 -12.03 14.52
CA VAL E 351 -11.60 -13.49 14.55
C VAL E 351 -11.73 -14.08 13.15
N PRO E 352 -10.95 -15.14 12.88
CA PRO E 352 -10.97 -15.83 11.59
C PRO E 352 -12.03 -16.91 11.43
N PHE E 353 -12.72 -16.86 10.30
CA PHE E 353 -13.73 -17.84 9.97
C PHE E 353 -13.13 -18.71 8.87
N ILE E 354 -12.89 -19.97 9.21
CA ILE E 354 -12.31 -20.91 8.27
C ILE E 354 -13.36 -21.79 7.63
N LEU E 355 -13.53 -21.65 6.33
CA LEU E 355 -14.49 -22.45 5.57
C LEU E 355 -13.69 -23.45 4.77
N ARG E 356 -13.79 -24.72 5.12
CA ARG E 356 -13.07 -25.73 4.38
C ARG E 356 -14.06 -26.77 3.88
N CYS E 357 -13.90 -27.21 2.64
CA CYS E 357 -14.81 -28.18 2.06
C CYS E 357 -14.12 -28.91 0.92
N GLY E 358 -14.62 -30.08 0.57
CA GLY E 358 -14.04 -30.82 -0.53
C GLY E 358 -14.63 -32.19 -0.78
N LYS E 359 -14.39 -32.69 -1.99
CA LYS E 359 -14.85 -34.01 -2.43
C LYS E 359 -13.71 -35.01 -2.41
N ALA E 360 -14.07 -36.28 -2.45
CA ALA E 360 -13.09 -37.35 -2.47
C ALA E 360 -12.19 -37.36 -1.26
N LEU E 361 -12.75 -37.05 -0.09
CA LEU E 361 -11.96 -37.04 1.11
C LEU E 361 -12.11 -38.32 1.92
N ASN E 362 -11.57 -38.34 3.14
CA ASN E 362 -11.62 -39.52 4.01
C ASN E 362 -12.92 -39.82 4.74
N GLU E 363 -13.88 -38.90 4.73
CA GLU E 363 -15.14 -39.14 5.44
C GLU E 363 -16.25 -38.25 4.90
N ARG E 364 -17.38 -38.26 5.59
CA ARG E 364 -18.52 -37.43 5.22
C ARG E 364 -19.02 -36.77 6.47
N LYS E 365 -18.93 -35.43 6.55
CA LYS E 365 -19.41 -34.70 7.73
C LYS E 365 -19.54 -33.21 7.46
N ALA E 366 -20.34 -32.56 8.28
CA ALA E 366 -20.57 -31.12 8.18
C ALA E 366 -20.74 -30.67 9.61
N GLU E 367 -19.89 -29.76 10.06
CA GLU E 367 -19.97 -29.31 11.45
C GLU E 367 -19.47 -27.92 11.63
N VAL E 368 -19.87 -27.34 12.75
CA VAL E 368 -19.45 -26.00 13.13
C VAL E 368 -18.60 -26.23 14.36
N ARG E 369 -17.45 -25.57 14.41
CA ARG E 369 -16.56 -25.72 15.53
C ARG E 369 -16.00 -24.39 15.97
N LEU E 370 -16.02 -24.14 17.28
CA LEU E 370 -15.46 -22.91 17.81
C LEU E 370 -14.32 -23.25 18.75
N GLN E 371 -13.16 -22.65 18.51
CA GLN E 371 -12.00 -22.87 19.39
C GLN E 371 -11.82 -21.60 20.19
N PHE E 372 -11.90 -21.71 21.52
CA PHE E 372 -11.78 -20.59 22.44
C PHE E 372 -10.31 -20.28 22.76
N HIS E 373 -10.05 -19.13 23.37
CA HIS E 373 -8.70 -18.73 23.75
C HIS E 373 -8.17 -19.45 24.97
N ASP E 374 -6.86 -19.41 25.16
CA ASP E 374 -6.23 -20.05 26.31
C ASP E 374 -6.65 -19.30 27.58
N VAL E 375 -6.79 -20.01 28.69
CA VAL E 375 -7.18 -19.36 29.94
C VAL E 375 -6.09 -18.37 30.36
N ALA E 376 -6.47 -17.21 30.86
CA ALA E 376 -5.51 -16.21 31.28
C ALA E 376 -4.97 -16.51 32.67
N GLY E 377 -3.67 -16.33 32.86
CA GLY E 377 -3.04 -16.60 34.15
C GLY E 377 -3.06 -18.07 34.49
N ASP E 378 -2.44 -18.88 33.63
CA ASP E 378 -2.40 -20.32 33.83
C ASP E 378 -1.69 -20.70 35.11
N ILE E 379 -2.25 -21.65 35.83
CA ILE E 379 -1.63 -22.10 37.06
C ILE E 379 -1.38 -23.60 36.96
N PHE E 380 -1.55 -24.15 35.77
CA PHE E 380 -1.37 -25.58 35.55
C PHE E 380 -0.19 -25.93 34.66
N HIS E 381 0.78 -25.02 34.59
CA HIS E 381 1.99 -25.21 33.79
C HIS E 381 1.71 -25.72 32.37
N GLN E 382 1.04 -24.88 31.58
CA GLN E 382 0.66 -25.18 30.20
C GLN E 382 0.15 -26.58 29.84
N GLN E 383 -0.37 -27.31 30.82
CA GLN E 383 -0.91 -28.64 30.55
C GLN E 383 -2.31 -28.51 29.94
N CYS E 384 -2.86 -27.31 29.96
CA CYS E 384 -4.18 -27.05 29.42
C CYS E 384 -4.21 -26.93 27.91
N LYS E 385 -5.36 -27.26 27.33
CA LYS E 385 -5.59 -27.19 25.88
C LYS E 385 -6.87 -26.37 25.71
N ARG E 386 -6.96 -25.62 24.62
CA ARG E 386 -8.13 -24.80 24.35
C ARG E 386 -9.45 -25.55 24.31
N ASN E 387 -10.48 -24.94 24.89
CA ASN E 387 -11.84 -25.50 24.91
C ASN E 387 -12.43 -25.35 23.51
N GLU E 388 -13.36 -26.21 23.15
CA GLU E 388 -13.98 -26.12 21.83
C GLU E 388 -15.46 -26.52 21.93
N LEU E 389 -16.27 -25.94 21.05
CA LEU E 389 -17.68 -26.26 20.99
C LEU E 389 -17.88 -26.86 19.58
N VAL E 390 -18.47 -28.04 19.52
CA VAL E 390 -18.71 -28.69 18.24
C VAL E 390 -20.18 -29.05 18.04
N ILE E 391 -20.71 -28.67 16.89
CA ILE E 391 -22.09 -28.95 16.54
C ILE E 391 -22.00 -29.73 15.23
N ARG E 392 -22.16 -31.03 15.30
CA ARG E 392 -22.08 -31.89 14.12
C ARG E 392 -23.43 -32.01 13.40
N VAL E 393 -23.57 -31.36 12.24
CA VAL E 393 -24.81 -31.38 11.47
C VAL E 393 -25.16 -32.75 10.91
N GLN E 394 -24.14 -33.49 10.51
CA GLN E 394 -24.33 -34.83 9.97
C GLN E 394 -22.95 -35.45 9.76
N PRO E 395 -22.84 -36.78 9.95
CA PRO E 395 -23.90 -37.69 10.34
C PRO E 395 -24.03 -37.76 11.87
N ASN E 396 -24.91 -38.61 12.37
CA ASN E 396 -25.11 -38.77 13.81
C ASN E 396 -25.15 -37.44 14.53
N GLU E 397 -26.07 -36.57 14.13
CA GLU E 397 -26.19 -35.26 14.75
C GLU E 397 -25.94 -35.30 16.26
N ALA E 398 -25.02 -34.43 16.69
CA ALA E 398 -24.63 -34.33 18.09
C ALA E 398 -23.93 -32.99 18.35
N VAL E 399 -23.90 -32.58 19.62
CA VAL E 399 -23.26 -31.32 20.01
C VAL E 399 -22.53 -31.57 21.31
N TYR E 400 -21.30 -31.06 21.41
CA TYR E 400 -20.51 -31.26 22.60
C TYR E 400 -19.45 -30.17 22.80
N THR E 401 -18.93 -30.07 24.03
CA THR E 401 -17.91 -29.10 24.38
C THR E 401 -16.71 -29.82 24.95
N LYS E 402 -15.58 -29.72 24.27
CA LYS E 402 -14.36 -30.37 24.72
C LYS E 402 -13.77 -29.46 25.79
N MET E 403 -13.55 -29.99 26.99
CA MET E 403 -12.99 -29.20 28.08
C MET E 403 -12.00 -29.99 28.92
N MET E 404 -11.50 -29.36 29.98
CA MET E 404 -10.51 -29.97 30.86
C MET E 404 -11.10 -30.52 32.15
N THR E 405 -10.58 -31.66 32.58
CA THR E 405 -11.01 -32.28 33.82
C THR E 405 -9.81 -32.95 34.48
N LYS E 406 -9.83 -33.06 35.80
CA LYS E 406 -8.73 -33.74 36.51
C LYS E 406 -8.67 -35.19 36.04
N LYS E 407 -7.49 -35.67 35.68
CA LYS E 407 -7.33 -37.04 35.22
C LYS E 407 -7.90 -37.94 36.31
N PRO E 408 -8.96 -38.67 36.00
CA PRO E 408 -9.62 -39.57 36.93
C PRO E 408 -8.68 -40.61 37.52
N GLY E 409 -8.80 -40.82 38.83
CA GLY E 409 -7.97 -41.79 39.52
C GLY E 409 -6.97 -41.05 40.38
N MET E 410 -5.91 -41.74 40.80
CA MET E 410 -4.88 -41.14 41.63
C MET E 410 -3.97 -40.19 40.83
N PHE E 411 -4.54 -39.14 40.27
CA PHE E 411 -3.76 -38.19 39.49
C PHE E 411 -4.09 -36.76 39.91
N PHE E 412 -3.16 -35.85 39.69
CA PHE E 412 -3.34 -34.46 40.06
C PHE E 412 -3.54 -33.59 38.81
N ASN E 413 -2.80 -33.91 37.76
CA ASN E 413 -2.86 -33.17 36.50
C ASN E 413 -4.17 -33.37 35.74
N PRO E 414 -4.58 -32.36 34.94
CA PRO E 414 -5.81 -32.44 34.15
C PRO E 414 -5.59 -32.94 32.71
N GLU E 415 -6.66 -33.43 32.08
CA GLU E 415 -6.61 -33.91 30.71
C GLU E 415 -7.92 -33.56 30.01
N GLU E 416 -7.98 -33.80 28.69
CA GLU E 416 -9.19 -33.49 27.94
C GLU E 416 -10.32 -34.46 28.10
N SER E 417 -11.52 -33.92 28.02
CA SER E 417 -12.73 -34.69 28.18
C SER E 417 -13.81 -33.81 27.54
N GLU E 418 -15.08 -34.19 27.68
CA GLU E 418 -16.13 -33.41 27.06
C GLU E 418 -17.54 -33.68 27.58
N LEU E 419 -18.38 -32.65 27.51
CA LEU E 419 -19.77 -32.76 27.90
C LEU E 419 -20.42 -33.03 26.56
N ASP E 420 -21.20 -34.09 26.46
CA ASP E 420 -21.78 -34.50 25.20
C ASP E 420 -23.30 -34.68 25.15
N LEU E 421 -23.85 -34.54 23.95
CA LEU E 421 -25.29 -34.74 23.69
C LEU E 421 -25.43 -35.29 22.29
N THR E 422 -25.65 -36.59 22.19
CA THR E 422 -25.82 -37.24 20.89
C THR E 422 -27.29 -37.58 20.70
N TYR E 423 -27.91 -37.02 19.66
CA TYR E 423 -29.32 -37.29 19.42
C TYR E 423 -29.60 -38.78 19.30
N GLY E 424 -28.63 -39.52 18.77
CA GLY E 424 -28.80 -40.95 18.58
C GLY E 424 -29.12 -41.79 19.81
N ASN E 425 -28.64 -41.37 20.98
CA ASN E 425 -28.90 -42.12 22.19
C ASN E 425 -29.93 -41.45 23.07
N ARG E 426 -29.77 -40.15 23.25
CA ARG E 426 -30.68 -39.37 24.07
C ARG E 426 -32.11 -39.38 23.51
N TYR E 427 -32.23 -39.35 22.19
CA TYR E 427 -33.53 -39.33 21.55
C TYR E 427 -33.71 -40.48 20.56
N LYS E 428 -33.33 -41.68 20.98
CA LYS E 428 -33.40 -42.90 20.15
C LYS E 428 -34.71 -43.23 19.42
N ASN E 429 -35.81 -42.62 19.82
CA ASN E 429 -37.11 -42.89 19.18
C ASN E 429 -37.40 -42.02 17.96
N VAL E 430 -37.50 -40.72 18.18
CA VAL E 430 -37.83 -39.78 17.12
C VAL E 430 -36.95 -39.86 15.87
N LYS E 431 -37.61 -39.94 14.71
CA LYS E 431 -36.95 -40.00 13.42
C LYS E 431 -36.85 -38.57 12.91
N LEU E 432 -35.66 -38.16 12.51
CA LEU E 432 -35.44 -36.81 12.03
C LEU E 432 -35.82 -36.69 10.57
N PRO E 433 -36.73 -35.75 10.26
CA PRO E 433 -37.21 -35.51 8.90
C PRO E 433 -36.13 -35.03 7.93
N ASP E 434 -36.33 -35.33 6.64
CA ASP E 434 -35.40 -34.91 5.61
C ASP E 434 -35.59 -33.40 5.45
N ALA E 435 -34.51 -32.70 5.11
CA ALA E 435 -34.56 -31.26 4.94
C ALA E 435 -35.78 -30.76 4.15
N TYR E 436 -36.03 -31.37 3.00
CA TYR E 436 -37.15 -30.98 2.14
C TYR E 436 -38.53 -31.05 2.78
N GLU E 437 -38.74 -32.01 3.68
CA GLU E 437 -40.03 -32.14 4.34
C GLU E 437 -40.31 -30.85 5.10
N ARG E 438 -39.39 -30.52 6.01
CA ARG E 438 -39.56 -29.32 6.82
C ARG E 438 -39.63 -28.09 5.96
N LEU E 439 -38.82 -28.08 4.91
CA LEU E 439 -38.80 -26.92 4.02
C LEU E 439 -40.11 -26.73 3.28
N ILE E 440 -40.59 -27.77 2.60
CA ILE E 440 -41.84 -27.67 1.84
C ILE E 440 -43.00 -27.30 2.76
N LEU E 441 -43.02 -27.92 3.94
CA LEU E 441 -44.08 -27.62 4.89
C LEU E 441 -44.00 -26.15 5.21
N ASP E 442 -42.79 -25.65 5.38
CA ASP E 442 -42.58 -24.24 5.67
C ASP E 442 -43.28 -23.42 4.61
N VAL E 443 -43.16 -23.80 3.34
CA VAL E 443 -43.78 -23.06 2.24
C VAL E 443 -45.28 -23.02 2.38
N PHE E 444 -45.86 -24.12 2.85
CA PHE E 444 -47.30 -24.19 3.05
C PHE E 444 -47.65 -23.21 4.16
N CYS E 445 -47.00 -23.34 5.32
CA CYS E 445 -47.23 -22.43 6.44
C CYS E 445 -46.80 -20.97 6.17
N GLY E 446 -46.15 -20.74 5.03
CA GLY E 446 -45.71 -19.38 4.69
C GLY E 446 -44.58 -18.81 5.54
N SER E 447 -43.56 -19.60 5.82
CA SER E 447 -42.42 -19.15 6.63
C SER E 447 -41.17 -19.05 5.77
N GLN E 448 -40.81 -17.84 5.38
CA GLN E 448 -39.63 -17.60 4.55
C GLN E 448 -38.32 -17.60 5.34
N MET E 449 -38.42 -17.81 6.65
CA MET E 449 -37.26 -17.80 7.52
C MET E 449 -36.15 -18.75 7.09
N HIS E 450 -36.51 -19.88 6.52
CA HIS E 450 -35.50 -20.86 6.09
C HIS E 450 -35.16 -20.77 4.60
N PHE E 451 -35.47 -19.64 3.98
CA PHE E 451 -35.23 -19.42 2.56
C PHE E 451 -34.38 -18.19 2.31
N VAL E 452 -33.59 -18.21 1.24
CA VAL E 452 -32.70 -17.08 0.91
C VAL E 452 -33.45 -15.85 0.39
N ARG E 453 -32.98 -14.68 0.80
CA ARG E 453 -33.59 -13.43 0.39
C ARG E 453 -32.75 -12.77 -0.68
N SER E 454 -33.39 -11.96 -1.53
CA SER E 454 -32.71 -11.25 -2.61
C SER E 454 -31.38 -10.65 -2.18
N ASP E 455 -31.41 -9.74 -1.21
CA ASP E 455 -30.22 -9.08 -0.71
C ASP E 455 -29.13 -10.03 -0.18
N GLU E 456 -29.53 -11.15 0.41
CA GLU E 456 -28.57 -12.12 0.92
C GLU E 456 -27.76 -12.64 -0.24
N LEU E 457 -28.40 -12.81 -1.38
CA LEU E 457 -27.71 -13.31 -2.56
C LEU E 457 -26.70 -12.31 -3.09
N LEU E 458 -27.14 -11.07 -3.26
CA LEU E 458 -26.29 -10.01 -3.76
C LEU E 458 -24.99 -10.00 -2.99
N GLU E 459 -25.08 -9.94 -1.67
CA GLU E 459 -23.90 -9.92 -0.80
C GLU E 459 -23.01 -11.15 -1.00
N ALA E 460 -23.62 -12.32 -1.17
CA ALA E 460 -22.86 -13.55 -1.36
C ALA E 460 -22.03 -13.37 -2.61
N TRP E 461 -22.63 -12.83 -3.65
CA TRP E 461 -21.92 -12.61 -4.88
C TRP E 461 -20.83 -11.58 -4.67
N ARG E 462 -21.18 -10.51 -3.97
CA ARG E 462 -20.28 -9.39 -3.68
C ARG E 462 -18.91 -9.83 -3.19
N ILE E 463 -18.92 -10.73 -2.20
CA ILE E 463 -17.73 -11.27 -1.55
C ILE E 463 -16.84 -12.18 -2.37
N PHE E 464 -17.45 -13.10 -3.12
CA PHE E 464 -16.70 -14.07 -3.91
C PHE E 464 -16.37 -13.75 -5.36
N THR E 465 -17.19 -12.97 -6.06
CA THR E 465 -16.89 -12.70 -7.47
C THR E 465 -15.47 -12.24 -7.80
N PRO E 466 -14.90 -11.32 -7.00
CA PRO E 466 -13.53 -10.87 -7.28
C PRO E 466 -12.57 -12.05 -7.31
N LEU E 467 -12.68 -12.93 -6.31
CA LEU E 467 -11.83 -14.10 -6.25
C LEU E 467 -12.12 -14.99 -7.45
N LEU E 468 -13.38 -15.33 -7.64
CA LEU E 468 -13.81 -16.20 -8.74
C LEU E 468 -13.31 -15.74 -10.08
N HIS E 469 -13.39 -14.43 -10.34
CA HIS E 469 -12.93 -13.87 -11.59
C HIS E 469 -11.44 -14.08 -11.77
N GLN E 470 -10.69 -13.75 -10.72
CA GLN E 470 -9.24 -13.90 -10.72
C GLN E 470 -8.86 -15.34 -11.06
N ILE E 471 -9.52 -16.28 -10.41
CA ILE E 471 -9.24 -17.69 -10.66
C ILE E 471 -9.46 -18.04 -12.11
N GLU E 472 -10.61 -17.63 -12.66
CA GLU E 472 -10.98 -17.89 -14.04
C GLU E 472 -10.02 -17.23 -15.01
N LEU E 473 -9.38 -16.17 -14.55
CA LEU E 473 -8.46 -15.40 -15.38
C LEU E 473 -7.03 -15.95 -15.38
N GLU E 474 -6.46 -16.11 -14.20
CA GLU E 474 -5.09 -16.60 -14.07
C GLU E 474 -4.96 -18.11 -14.02
N LYS E 475 -6.09 -18.81 -14.06
CA LYS E 475 -6.13 -20.27 -14.03
C LYS E 475 -5.02 -20.95 -13.23
N PRO E 476 -5.03 -20.78 -11.90
CA PRO E 476 -4.04 -21.37 -11.00
C PRO E 476 -4.18 -22.88 -10.96
N LYS E 477 -3.07 -23.60 -10.89
CA LYS E 477 -3.13 -25.05 -10.84
C LYS E 477 -3.35 -25.50 -9.40
N PRO E 478 -4.47 -26.19 -9.14
CA PRO E 478 -4.81 -26.67 -7.79
C PRO E 478 -3.80 -27.69 -7.29
N ILE E 479 -3.64 -27.74 -5.97
CA ILE E 479 -2.72 -28.67 -5.34
C ILE E 479 -3.36 -30.04 -5.42
N PRO E 480 -2.61 -31.04 -5.91
CA PRO E 480 -3.15 -32.40 -6.01
C PRO E 480 -3.21 -33.10 -4.66
N TYR E 481 -4.31 -33.78 -4.39
CA TYR E 481 -4.44 -34.54 -3.15
C TYR E 481 -5.01 -35.89 -3.48
N ILE E 482 -4.35 -36.93 -2.99
CA ILE E 482 -4.77 -38.29 -3.24
C ILE E 482 -6.19 -38.56 -2.72
N TYR E 483 -6.97 -39.26 -3.53
CA TYR E 483 -8.35 -39.63 -3.21
C TYR E 483 -8.36 -40.37 -1.87
N GLY E 484 -9.19 -39.89 -0.94
CA GLY E 484 -9.29 -40.55 0.35
C GLY E 484 -8.49 -39.94 1.49
N SER E 485 -7.72 -38.91 1.21
CA SER E 485 -6.94 -38.27 2.26
C SER E 485 -7.75 -37.15 2.88
N ARG E 486 -7.10 -36.32 3.69
CA ARG E 486 -7.77 -35.20 4.33
C ARG E 486 -7.66 -33.93 3.48
N GLY E 487 -6.91 -34.01 2.39
CA GLY E 487 -6.71 -32.86 1.53
C GLY E 487 -5.32 -32.29 1.62
N PRO E 488 -5.01 -31.23 0.86
CA PRO E 488 -3.71 -30.58 0.84
C PRO E 488 -3.20 -30.20 2.23
N THR E 489 -1.94 -30.51 2.51
CA THR E 489 -1.35 -30.17 3.79
C THR E 489 -1.43 -28.64 3.97
N GLU E 490 -1.22 -27.93 2.87
CA GLU E 490 -1.26 -26.47 2.86
C GLU E 490 -2.47 -25.89 3.55
N ALA E 491 -3.60 -26.57 3.45
CA ALA E 491 -4.83 -26.11 4.08
C ALA E 491 -4.66 -26.09 5.59
N ASP E 492 -4.08 -27.16 6.13
CA ASP E 492 -3.84 -27.24 7.56
C ASP E 492 -2.86 -26.14 7.96
N GLU E 493 -1.84 -25.94 7.14
CA GLU E 493 -0.84 -24.91 7.41
C GLU E 493 -1.50 -23.52 7.42
N LEU E 494 -2.54 -23.36 6.61
CA LEU E 494 -3.26 -22.09 6.55
C LEU E 494 -3.94 -21.88 7.90
N MET E 495 -4.70 -22.90 8.32
CA MET E 495 -5.43 -22.83 9.57
C MET E 495 -4.54 -22.46 10.76
N LYS E 496 -3.40 -23.13 10.87
CA LYS E 496 -2.47 -22.85 11.96
C LYS E 496 -1.99 -21.40 11.90
N ARG E 497 -1.56 -20.97 10.73
CA ARG E 497 -1.07 -19.62 10.53
C ARG E 497 -2.05 -18.56 10.99
N VAL E 498 -3.31 -18.77 10.67
CA VAL E 498 -4.33 -17.80 10.99
C VAL E 498 -4.82 -17.80 12.46
N GLY E 499 -4.43 -18.79 13.25
CA GLY E 499 -4.86 -18.81 14.64
C GLY E 499 -5.24 -20.14 15.25
N PHE E 500 -5.57 -21.12 14.42
CA PHE E 500 -5.98 -22.44 14.91
C PHE E 500 -4.84 -23.32 15.42
N GLN E 501 -5.05 -23.91 16.59
CA GLN E 501 -4.05 -24.78 17.20
C GLN E 501 -4.56 -26.21 17.26
N TYR E 502 -3.90 -27.11 16.54
CA TYR E 502 -4.33 -28.51 16.52
C TYR E 502 -3.60 -29.36 17.56
N GLU E 503 -4.41 -30.02 18.36
CA GLU E 503 -3.97 -30.89 19.45
C GLU E 503 -4.18 -32.39 19.17
N GLY E 504 -3.17 -33.08 18.67
CA GLY E 504 -3.32 -34.49 18.38
C GLY E 504 -3.49 -35.34 19.63
N THR E 505 -3.52 -34.67 20.77
CA THR E 505 -3.65 -35.33 22.06
C THR E 505 -5.06 -35.24 22.62
N TYR E 506 -5.95 -36.07 22.09
CA TYR E 506 -7.32 -36.11 22.55
C TYR E 506 -7.90 -37.48 22.22
N LYS E 507 -8.05 -38.33 23.23
CA LYS E 507 -8.58 -39.67 23.03
C LYS E 507 -10.10 -39.66 23.22
N TRP E 508 -10.81 -40.52 22.50
CA TRP E 508 -12.26 -40.60 22.65
C TRP E 508 -12.77 -42.04 22.64
N VAL E 509 -13.74 -42.33 23.50
CA VAL E 509 -14.33 -43.66 23.58
C VAL E 509 -15.86 -43.49 23.52
N ASN E 510 -16.62 -44.58 23.42
CA ASN E 510 -18.09 -44.47 23.34
C ASN E 510 -18.84 -44.59 24.69
N SER F 7 7.89 -25.60 37.89
CA SER F 7 8.13 -26.50 39.06
C SER F 7 9.06 -27.62 38.61
N ARG F 8 9.84 -28.16 39.54
CA ARG F 8 10.73 -29.27 39.23
C ARG F 8 9.83 -30.50 39.11
N THR F 9 9.40 -30.80 37.88
CA THR F 9 8.50 -31.92 37.56
C THR F 9 7.06 -31.52 37.91
N HIS F 10 6.16 -32.50 37.91
CA HIS F 10 4.76 -32.23 38.24
C HIS F 10 4.07 -33.55 38.59
N VAL F 11 4.35 -34.04 39.81
CA VAL F 11 3.76 -35.29 40.30
C VAL F 11 4.24 -35.66 41.72
N CYS F 12 3.51 -36.57 42.33
CA CYS F 12 3.83 -37.12 43.64
C CYS F 12 4.14 -38.58 43.29
N GLY F 13 5.30 -38.75 42.63
CA GLY F 13 5.75 -40.06 42.20
C GLY F 13 6.60 -39.98 40.94
N GLN F 27 14.35 -38.58 47.78
CA GLN F 27 13.47 -39.79 47.73
C GLN F 27 14.02 -40.87 48.69
N SER F 28 13.48 -42.08 48.60
CA SER F 28 13.85 -43.24 49.43
C SER F 28 14.48 -43.04 50.82
N ASP F 29 13.64 -42.68 51.78
CA ASP F 29 14.02 -42.48 53.18
C ASP F 29 13.07 -43.38 53.98
N THR F 30 13.36 -43.59 55.26
CA THR F 30 12.51 -44.42 56.08
C THR F 30 11.32 -43.61 56.62
N HIS F 31 10.15 -44.25 56.67
CA HIS F 31 8.93 -43.61 57.13
C HIS F 31 8.21 -44.50 58.14
N ILE F 32 7.69 -43.89 59.21
CA ILE F 32 6.97 -44.64 60.21
C ILE F 32 5.56 -44.07 60.31
N PHE F 33 4.58 -44.95 60.12
CA PHE F 33 3.18 -44.58 60.19
C PHE F 33 2.69 -45.06 61.56
N ILE F 34 2.46 -44.12 62.47
CA ILE F 34 1.99 -44.50 63.79
C ILE F 34 0.48 -44.34 63.80
N ILE F 35 -0.23 -45.42 64.12
CA ILE F 35 -1.69 -45.36 64.17
C ILE F 35 -2.17 -45.32 65.62
N MET F 36 -2.32 -44.12 66.16
CA MET F 36 -2.77 -43.96 67.53
C MET F 36 -4.23 -44.38 67.62
N GLY F 37 -4.53 -45.31 68.51
CA GLY F 37 -5.89 -45.79 68.64
C GLY F 37 -6.13 -46.93 67.69
N ALA F 38 -5.07 -47.70 67.42
CA ALA F 38 -5.13 -48.83 66.50
C ALA F 38 -6.17 -49.91 66.79
N SER F 39 -6.78 -49.87 67.97
CA SER F 39 -7.80 -50.86 68.33
C SER F 39 -9.18 -50.35 67.95
N GLY F 40 -9.28 -49.02 67.83
CA GLY F 40 -10.54 -48.38 67.49
C GLY F 40 -11.19 -48.80 66.19
N ASP F 41 -12.50 -48.61 66.12
CA ASP F 41 -13.29 -48.96 64.94
C ASP F 41 -12.71 -48.32 63.69
N LEU F 42 -12.47 -47.02 63.75
CA LEU F 42 -11.93 -46.29 62.63
C LEU F 42 -10.64 -46.93 62.13
N ALA F 43 -9.75 -47.27 63.05
CA ALA F 43 -8.49 -47.86 62.70
C ALA F 43 -8.65 -49.16 61.91
N LYS F 44 -9.31 -50.15 62.52
CA LYS F 44 -9.47 -51.44 61.88
C LYS F 44 -10.34 -51.47 60.63
N LYS F 45 -11.26 -50.53 60.52
CA LYS F 45 -12.15 -50.52 59.37
C LYS F 45 -11.82 -49.54 58.24
N LYS F 46 -10.92 -48.59 58.48
CA LYS F 46 -10.58 -47.63 57.43
C LYS F 46 -9.09 -47.38 57.30
N ILE F 47 -8.47 -46.89 58.37
CA ILE F 47 -7.05 -46.58 58.35
C ILE F 47 -6.18 -47.76 57.96
N TYR F 48 -6.32 -48.87 58.67
CA TYR F 48 -5.52 -50.05 58.37
C TYR F 48 -5.71 -50.52 56.93
N PRO F 49 -6.97 -50.73 56.51
CA PRO F 49 -7.17 -51.16 55.12
C PRO F 49 -6.49 -50.20 54.14
N THR F 50 -6.82 -48.91 54.25
CA THR F 50 -6.27 -47.89 53.38
C THR F 50 -4.74 -47.91 53.26
N ILE F 51 -4.06 -47.96 54.41
CA ILE F 51 -2.60 -47.96 54.42
C ILE F 51 -2.10 -49.16 53.63
N TRP F 52 -2.84 -50.26 53.67
CA TRP F 52 -2.45 -51.46 52.95
C TRP F 52 -2.65 -51.31 51.45
N TRP F 53 -3.74 -50.65 51.06
CA TRP F 53 -3.99 -50.43 49.65
C TRP F 53 -2.87 -49.58 49.09
N LEU F 54 -2.49 -48.55 49.83
CA LEU F 54 -1.42 -47.66 49.42
C LEU F 54 -0.12 -48.44 49.23
N PHE F 55 0.15 -49.39 50.12
CA PHE F 55 1.34 -50.22 50.06
C PHE F 55 1.21 -51.11 48.83
N ARG F 56 0.08 -51.81 48.74
CA ARG F 56 -0.23 -52.73 47.65
C ARG F 56 0.06 -52.17 46.25
N ASP F 57 -0.42 -50.96 45.96
CA ASP F 57 -0.20 -50.33 44.66
C ASP F 57 1.19 -49.71 44.51
N GLY F 58 2.03 -49.89 45.53
CA GLY F 58 3.38 -49.36 45.49
C GLY F 58 3.46 -47.85 45.55
N LEU F 59 2.58 -47.25 46.33
CA LEU F 59 2.55 -45.79 46.48
C LEU F 59 3.34 -45.32 47.70
N LEU F 60 3.47 -46.18 48.71
CA LEU F 60 4.21 -45.87 49.92
C LEU F 60 5.70 -46.10 49.69
N PRO F 61 6.56 -45.25 50.27
CA PRO F 61 8.01 -45.37 50.12
C PRO F 61 8.49 -46.76 50.50
N GLU F 62 9.59 -47.18 49.89
CA GLU F 62 10.17 -48.50 50.11
C GLU F 62 10.39 -48.84 51.56
N ASN F 63 10.96 -47.90 52.30
CA ASN F 63 11.26 -48.11 53.70
C ASN F 63 10.16 -47.56 54.59
N THR F 64 9.05 -48.27 54.65
CA THR F 64 7.92 -47.85 55.46
C THR F 64 7.58 -48.92 56.47
N PHE F 65 7.26 -48.49 57.68
CA PHE F 65 6.89 -49.38 58.76
C PHE F 65 5.63 -48.83 59.37
N ILE F 66 4.75 -49.72 59.78
CA ILE F 66 3.51 -49.31 60.39
C ILE F 66 3.56 -49.76 61.84
N VAL F 67 3.25 -48.84 62.74
CA VAL F 67 3.27 -49.12 64.17
C VAL F 67 1.93 -48.79 64.77
N GLY F 68 1.18 -49.81 65.16
CA GLY F 68 -0.10 -49.57 65.78
C GLY F 68 0.09 -49.37 67.27
N TYR F 69 -0.71 -48.50 67.87
CA TYR F 69 -0.62 -48.24 69.30
C TYR F 69 -2.04 -48.15 69.85
N ALA F 70 -2.28 -48.77 71.01
CA ALA F 70 -3.59 -48.73 71.64
C ALA F 70 -3.52 -49.11 73.11
N ARG F 71 -4.59 -48.81 73.81
CA ARG F 71 -4.71 -49.09 75.24
C ARG F 71 -4.61 -50.59 75.53
N SER F 72 -5.33 -51.35 74.72
CA SER F 72 -5.42 -52.78 74.87
C SER F 72 -4.07 -53.48 74.72
N ARG F 73 -3.82 -54.45 75.61
CA ARG F 73 -2.59 -55.23 75.56
C ARG F 73 -2.84 -56.28 74.48
N LEU F 74 -3.12 -55.78 73.27
CA LEU F 74 -3.42 -56.63 72.13
C LEU F 74 -2.31 -57.54 71.66
N THR F 75 -2.73 -58.73 71.25
CA THR F 75 -1.84 -59.75 70.75
C THR F 75 -0.92 -59.15 69.69
N VAL F 76 0.15 -59.88 69.39
CA VAL F 76 1.13 -59.46 68.41
C VAL F 76 0.53 -58.80 67.17
N ALA F 77 1.38 -58.08 66.44
CA ALA F 77 0.96 -57.39 65.23
C ALA F 77 0.14 -58.36 64.36
N ASP F 78 0.82 -59.32 63.74
CA ASP F 78 0.16 -60.31 62.88
C ASP F 78 -0.96 -61.10 63.59
N ILE F 79 -1.05 -60.93 64.91
CA ILE F 79 -2.06 -61.62 65.69
C ILE F 79 -3.46 -61.02 65.52
N ARG F 80 -3.97 -60.33 66.52
CA ARG F 80 -5.32 -59.78 66.42
C ARG F 80 -5.50 -58.73 65.32
N LYS F 81 -4.38 -58.23 64.80
CA LYS F 81 -4.43 -57.22 63.74
C LYS F 81 -4.74 -57.70 62.31
N GLN F 82 -4.59 -59.00 62.03
CA GLN F 82 -4.92 -59.52 60.70
C GLN F 82 -6.23 -60.27 60.87
N SER F 83 -6.67 -60.36 62.13
CA SER F 83 -7.91 -61.03 62.46
C SER F 83 -9.06 -60.02 62.43
N GLU F 84 -8.85 -58.86 63.05
CA GLU F 84 -9.88 -57.82 63.06
C GLU F 84 -10.04 -57.23 61.64
N PRO F 85 -8.93 -56.78 61.00
CA PRO F 85 -8.98 -56.22 59.63
C PRO F 85 -8.65 -57.32 58.60
N PHE F 86 -9.02 -57.09 57.36
CA PHE F 86 -8.84 -58.07 56.26
C PHE F 86 -9.60 -57.53 55.05
N PHE F 87 -10.26 -56.38 55.26
CA PHE F 87 -11.09 -55.72 54.27
C PHE F 87 -10.50 -55.59 52.86
N LYS F 88 -11.08 -56.39 51.93
CA LYS F 88 -10.74 -56.45 50.51
C LYS F 88 -9.45 -57.16 50.16
N ALA F 89 -9.38 -58.43 50.57
CA ALA F 89 -8.22 -59.26 50.30
C ALA F 89 -8.43 -60.01 48.99
N THR F 90 -7.36 -60.10 48.20
CA THR F 90 -7.38 -60.79 46.91
C THR F 90 -6.45 -62.01 46.99
N PRO F 91 -6.95 -63.19 46.58
CA PRO F 91 -6.23 -64.48 46.59
C PRO F 91 -4.75 -64.46 46.18
N GLU F 92 -4.48 -64.06 44.96
CA GLU F 92 -3.11 -64.02 44.44
C GLU F 92 -2.18 -63.02 45.13
N GLU F 93 -2.75 -62.03 45.81
CA GLU F 93 -1.94 -61.01 46.50
C GLU F 93 -1.26 -61.54 47.78
N LYS F 94 -1.54 -62.80 48.14
CA LYS F 94 -1.01 -63.45 49.34
C LYS F 94 0.45 -63.19 49.68
N LEU F 95 1.29 -63.08 48.66
CA LEU F 95 2.72 -62.82 48.88
C LEU F 95 2.96 -61.43 49.47
N LYS F 96 2.54 -60.41 48.73
CA LYS F 96 2.70 -59.02 49.16
C LYS F 96 1.96 -58.80 50.50
N LEU F 97 0.90 -59.56 50.73
CA LEU F 97 0.15 -59.45 51.97
C LEU F 97 1.02 -59.78 53.18
N GLU F 98 1.70 -60.93 53.14
CA GLU F 98 2.59 -61.32 54.25
C GLU F 98 3.75 -60.32 54.35
N ASP F 99 4.18 -59.84 53.18
CA ASP F 99 5.26 -58.86 53.04
C ASP F 99 4.88 -57.62 53.87
N PHE F 100 3.64 -57.17 53.69
CA PHE F 100 3.10 -56.01 54.39
C PHE F 100 3.20 -56.16 55.92
N PHE F 101 2.72 -57.29 56.45
CA PHE F 101 2.75 -57.51 57.89
C PHE F 101 4.14 -57.54 58.50
N ALA F 102 5.13 -57.87 57.68
CA ALA F 102 6.50 -57.91 58.13
C ALA F 102 6.91 -56.48 58.53
N ARG F 103 6.20 -55.49 57.99
CA ARG F 103 6.44 -54.08 58.28
C ARG F 103 5.61 -53.56 59.46
N ASN F 104 4.65 -54.37 59.89
CA ASN F 104 3.79 -53.98 60.99
C ASN F 104 4.31 -54.44 62.35
N SER F 105 3.96 -53.68 63.37
CA SER F 105 4.37 -54.01 64.74
C SER F 105 3.36 -53.34 65.67
N TYR F 106 3.32 -53.79 66.93
CA TYR F 106 2.38 -53.23 67.89
C TYR F 106 3.04 -52.79 69.18
N VAL F 107 2.35 -51.89 69.87
CA VAL F 107 2.77 -51.33 71.16
C VAL F 107 1.50 -51.04 71.96
N ALA F 108 1.52 -51.37 73.25
CA ALA F 108 0.38 -51.14 74.13
C ALA F 108 0.76 -50.14 75.22
N GLY F 109 -0.20 -49.31 75.63
CA GLY F 109 0.05 -48.32 76.66
C GLY F 109 -1.10 -47.33 76.85
N GLN F 110 -1.12 -46.63 77.98
CA GLN F 110 -2.18 -45.66 78.24
C GLN F 110 -1.86 -44.32 77.60
N TYR F 111 -2.90 -43.58 77.21
CA TYR F 111 -2.74 -42.28 76.53
C TYR F 111 -2.42 -41.07 77.45
N ASP F 112 -1.76 -41.29 78.58
CA ASP F 112 -1.46 -40.18 79.48
C ASP F 112 -0.19 -40.30 80.33
N ASP F 113 0.23 -41.52 80.63
CA ASP F 113 1.44 -41.69 81.43
C ASP F 113 2.70 -41.75 80.57
N ALA F 114 3.64 -40.85 80.86
CA ALA F 114 4.89 -40.76 80.12
C ALA F 114 5.61 -42.10 79.98
N ALA F 115 5.45 -42.99 80.96
CA ALA F 115 6.10 -44.31 80.92
C ALA F 115 5.77 -45.09 79.65
N SER F 116 4.50 -45.09 79.27
CA SER F 116 4.07 -45.82 78.09
C SER F 116 4.64 -45.21 76.81
N TYR F 117 4.51 -43.89 76.68
CA TYR F 117 5.01 -43.19 75.51
C TYR F 117 6.53 -43.35 75.37
N GLN F 118 7.18 -43.50 76.51
CA GLN F 118 8.62 -43.65 76.56
C GLN F 118 9.08 -44.89 75.79
N ARG F 119 8.43 -46.03 76.03
CA ARG F 119 8.83 -47.24 75.33
C ARG F 119 8.38 -47.28 73.87
N LEU F 120 7.45 -46.41 73.51
CA LEU F 120 6.98 -46.33 72.14
C LEU F 120 8.14 -45.73 71.35
N ASN F 121 8.63 -44.59 71.84
CA ASN F 121 9.76 -43.91 71.22
C ASN F 121 10.90 -44.90 71.04
N SER F 122 11.22 -45.61 72.11
CA SER F 122 12.29 -46.60 72.06
C SER F 122 12.02 -47.57 70.89
N HIS F 123 10.85 -48.20 70.92
CA HIS F 123 10.46 -49.16 69.89
C HIS F 123 10.68 -48.60 68.49
N MET F 124 10.45 -47.31 68.31
CA MET F 124 10.63 -46.69 67.01
C MET F 124 12.10 -46.58 66.64
N ASN F 125 12.91 -46.07 67.55
CA ASN F 125 14.34 -45.95 67.30
C ASN F 125 14.91 -47.34 67.07
N ALA F 126 14.22 -48.35 67.60
CA ALA F 126 14.63 -49.76 67.47
C ALA F 126 14.46 -50.24 66.03
N LEU F 127 13.53 -49.62 65.30
CA LEU F 127 13.28 -49.98 63.91
C LEU F 127 14.48 -49.53 63.12
N HIS F 128 14.77 -50.22 62.03
CA HIS F 128 15.91 -49.86 61.21
C HIS F 128 15.92 -48.39 60.84
N LEU F 129 16.81 -47.65 61.50
CA LEU F 129 16.99 -46.22 61.28
C LEU F 129 15.94 -45.34 61.93
N GLY F 130 15.32 -45.86 62.99
CA GLY F 130 14.28 -45.14 63.70
C GLY F 130 14.54 -43.69 64.03
N SER F 131 15.77 -43.37 64.39
CA SER F 131 16.13 -42.01 64.74
C SER F 131 16.18 -41.08 63.52
N GLN F 132 16.38 -41.66 62.35
CA GLN F 132 16.46 -40.94 61.08
C GLN F 132 15.11 -40.75 60.36
N ALA F 133 14.27 -41.78 60.47
CA ALA F 133 12.96 -41.83 59.83
C ALA F 133 11.99 -40.70 60.11
N ASN F 134 11.10 -40.48 59.14
CA ASN F 134 10.06 -39.46 59.22
C ASN F 134 8.91 -40.09 59.98
N ARG F 135 8.33 -39.32 60.90
CA ARG F 135 7.23 -39.83 61.72
C ARG F 135 5.91 -39.15 61.41
N LEU F 136 4.91 -39.98 61.12
CA LEU F 136 3.56 -39.56 60.77
C LEU F 136 2.60 -40.16 61.77
N PHE F 137 1.95 -39.31 62.56
CA PHE F 137 1.03 -39.76 63.58
C PHE F 137 -0.42 -39.59 63.24
N TYR F 138 -1.12 -40.70 63.07
CA TYR F 138 -2.53 -40.64 62.75
C TYR F 138 -3.31 -40.82 64.04
N LEU F 139 -4.13 -39.83 64.37
CA LEU F 139 -4.95 -39.86 65.59
C LEU F 139 -6.37 -40.42 65.44
N ALA F 140 -6.45 -41.75 65.33
CA ALA F 140 -7.72 -42.45 65.17
C ALA F 140 -8.38 -42.76 66.52
N LEU F 141 -8.59 -41.73 67.32
CA LEU F 141 -9.19 -41.92 68.64
C LEU F 141 -10.03 -40.70 69.08
N PRO F 142 -10.87 -40.86 70.14
CA PRO F 142 -11.75 -39.82 70.69
C PRO F 142 -11.12 -38.46 71.03
N PRO F 143 -11.75 -37.36 70.56
CA PRO F 143 -11.31 -35.97 70.76
C PRO F 143 -10.95 -35.56 72.18
N THR F 144 -11.52 -36.26 73.17
CA THR F 144 -11.23 -35.98 74.57
C THR F 144 -9.73 -36.14 74.81
N VAL F 145 -9.26 -37.33 74.46
CA VAL F 145 -7.87 -37.71 74.63
C VAL F 145 -6.91 -36.84 73.82
N TYR F 146 -7.40 -36.20 72.77
CA TYR F 146 -6.57 -35.36 71.91
C TYR F 146 -5.58 -34.49 72.68
N GLU F 147 -6.08 -33.75 73.66
CA GLU F 147 -5.24 -32.88 74.45
C GLU F 147 -3.99 -33.57 74.98
N ALA F 148 -4.18 -34.70 75.64
CA ALA F 148 -3.09 -35.48 76.22
C ALA F 148 -2.15 -36.09 75.18
N VAL F 149 -2.70 -36.84 74.25
CA VAL F 149 -1.90 -37.48 73.21
C VAL F 149 -0.98 -36.46 72.52
N THR F 150 -1.50 -35.30 72.18
CA THR F 150 -0.72 -34.26 71.54
C THR F 150 0.46 -33.82 72.42
N LYS F 151 0.18 -33.60 73.71
CA LYS F 151 1.22 -33.20 74.66
C LYS F 151 2.35 -34.22 74.69
N ASN F 152 2.03 -35.44 75.08
CA ASN F 152 3.01 -36.52 75.18
C ASN F 152 3.86 -36.69 73.92
N ILE F 153 3.21 -36.90 72.79
CA ILE F 153 3.93 -37.07 71.53
C ILE F 153 4.95 -35.96 71.31
N HIS F 154 4.58 -34.73 71.63
CA HIS F 154 5.47 -33.60 71.45
C HIS F 154 6.71 -33.67 72.32
N GLU F 155 6.57 -34.26 73.50
CA GLU F 155 7.68 -34.40 74.41
C GLU F 155 8.58 -35.57 74.10
N SER F 156 8.02 -36.76 74.19
CA SER F 156 8.80 -37.96 73.99
C SER F 156 8.89 -38.71 72.66
N CYS F 157 8.04 -38.39 71.68
CA CYS F 157 8.11 -39.16 70.44
C CYS F 157 8.51 -38.42 69.17
N MET F 158 8.80 -37.12 69.28
CA MET F 158 9.21 -36.31 68.13
C MET F 158 10.54 -36.81 67.56
N SER F 159 10.71 -36.75 66.24
CA SER F 159 11.97 -37.20 65.68
C SER F 159 12.96 -36.05 65.66
N GLN F 160 14.21 -36.36 66.02
CA GLN F 160 15.28 -35.37 66.04
C GLN F 160 15.71 -35.02 64.64
N ILE F 161 15.51 -35.96 63.71
CA ILE F 161 15.86 -35.79 62.31
C ILE F 161 14.63 -36.19 61.51
N GLY F 162 14.36 -35.46 60.44
CA GLY F 162 13.18 -35.79 59.64
C GLY F 162 11.95 -35.11 60.19
N TRP F 163 10.91 -35.05 59.37
CA TRP F 163 9.68 -34.38 59.75
C TRP F 163 8.73 -35.17 60.63
N ASN F 164 7.88 -34.42 61.32
CA ASN F 164 6.88 -34.99 62.21
C ASN F 164 5.54 -34.34 61.88
N ARG F 165 4.60 -35.14 61.40
CA ARG F 165 3.29 -34.64 61.01
C ARG F 165 2.21 -35.41 61.71
N ILE F 166 1.24 -34.66 62.21
CA ILE F 166 0.13 -35.24 62.94
C ILE F 166 -1.20 -35.04 62.22
N ILE F 167 -1.97 -36.11 62.10
CA ILE F 167 -3.25 -36.04 61.42
C ILE F 167 -4.40 -36.05 62.43
N VAL F 168 -5.11 -34.93 62.53
CA VAL F 168 -6.25 -34.80 63.45
C VAL F 168 -7.54 -35.20 62.77
N GLU F 169 -8.15 -36.28 63.24
CA GLU F 169 -9.37 -36.80 62.67
C GLU F 169 -10.62 -35.92 62.78
N LYS F 170 -11.03 -35.64 64.01
CA LYS F 170 -12.22 -34.82 64.25
C LYS F 170 -11.78 -33.45 64.78
N PRO F 171 -11.45 -32.52 63.87
CA PRO F 171 -11.01 -31.16 64.21
C PRO F 171 -12.11 -30.30 64.86
N PHE F 172 -13.22 -30.92 65.20
CA PHE F 172 -14.30 -30.20 65.83
C PHE F 172 -14.57 -30.82 67.19
N GLY F 173 -15.44 -30.16 67.95
CA GLY F 173 -15.82 -30.65 69.25
C GLY F 173 -17.33 -30.71 69.13
N ARG F 174 -18.01 -30.02 70.03
CA ARG F 174 -19.48 -29.96 70.02
C ARG F 174 -19.86 -28.58 70.58
N ASP F 175 -18.86 -27.71 70.66
CA ASP F 175 -19.01 -26.36 71.19
C ASP F 175 -17.76 -25.52 70.91
N LEU F 176 -17.92 -24.30 70.42
CA LEU F 176 -16.77 -23.44 70.16
C LEU F 176 -15.98 -23.32 71.46
N GLN F 177 -16.69 -23.48 72.57
CA GLN F 177 -16.14 -23.43 73.92
C GLN F 177 -14.82 -24.22 74.08
N SER F 178 -14.92 -25.52 74.36
CA SER F 178 -13.72 -26.35 74.54
C SER F 178 -13.08 -26.83 73.22
N SER F 179 -13.68 -26.49 72.08
CA SER F 179 -13.14 -26.87 70.78
C SER F 179 -12.16 -25.77 70.33
N ASP F 180 -12.26 -24.60 70.95
CA ASP F 180 -11.35 -23.52 70.63
C ASP F 180 -10.05 -23.74 71.40
N ARG F 181 -10.20 -24.10 72.69
CA ARG F 181 -9.10 -24.37 73.62
C ARG F 181 -8.17 -25.51 73.14
N LEU F 182 -8.77 -26.65 72.79
CA LEU F 182 -8.00 -27.80 72.32
C LEU F 182 -7.10 -27.40 71.14
N SER F 183 -7.59 -26.46 70.33
CA SER F 183 -6.85 -25.96 69.16
C SER F 183 -5.65 -25.11 69.55
N ASN F 184 -5.86 -24.14 70.44
CA ASN F 184 -4.77 -23.29 70.89
C ASN F 184 -3.70 -24.14 71.58
N HIS F 185 -4.14 -25.26 72.13
CA HIS F 185 -3.24 -26.20 72.79
C HIS F 185 -2.34 -26.87 71.76
N ILE F 186 -2.93 -27.35 70.67
CA ILE F 186 -2.17 -28.03 69.64
C ILE F 186 -1.25 -27.07 68.91
N SER F 187 -1.75 -25.88 68.60
CA SER F 187 -0.98 -24.85 67.90
C SER F 187 0.24 -24.32 68.67
N SER F 188 0.30 -24.59 69.98
CA SER F 188 1.41 -24.12 70.82
C SER F 188 2.56 -25.13 70.89
N LEU F 189 2.27 -26.37 70.51
CA LEU F 189 3.26 -27.42 70.53
C LEU F 189 3.76 -27.70 69.12
N PHE F 190 2.84 -27.69 68.16
CA PHE F 190 3.17 -27.92 66.76
C PHE F 190 2.88 -26.66 65.96
N ARG F 191 3.61 -26.48 64.88
CA ARG F 191 3.35 -25.33 64.03
C ARG F 191 2.43 -25.79 62.90
N GLU F 192 1.68 -24.85 62.34
CA GLU F 192 0.72 -25.15 61.29
C GLU F 192 1.16 -26.18 60.25
N ASP F 193 2.41 -26.11 59.80
CA ASP F 193 2.92 -27.05 58.81
C ASP F 193 3.15 -28.47 59.29
N GLN F 194 2.63 -28.82 60.46
CA GLN F 194 2.76 -30.16 61.00
C GLN F 194 1.38 -30.71 61.29
N ILE F 195 0.39 -29.83 61.31
CA ILE F 195 -1.00 -30.19 61.62
C ILE F 195 -1.82 -30.43 60.35
N TYR F 196 -2.27 -31.66 60.18
CA TYR F 196 -3.06 -32.04 59.02
C TYR F 196 -4.50 -32.33 59.44
N ARG F 197 -5.35 -31.31 59.39
CA ARG F 197 -6.75 -31.49 59.80
C ARG F 197 -7.61 -32.13 58.72
N ILE F 198 -8.29 -33.21 59.11
CA ILE F 198 -9.15 -34.01 58.22
C ILE F 198 -10.59 -33.55 57.98
N ASP F 199 -11.04 -33.79 56.75
CA ASP F 199 -12.39 -33.51 56.26
C ASP F 199 -12.41 -34.30 54.95
N HIS F 200 -12.46 -35.65 55.08
CA HIS F 200 -12.40 -36.58 53.95
C HIS F 200 -13.03 -36.22 52.62
N TYR F 201 -14.03 -35.33 52.65
CA TYR F 201 -14.68 -34.92 51.41
C TYR F 201 -13.71 -34.22 50.48
N LEU F 202 -12.71 -33.55 51.05
CA LEU F 202 -11.70 -32.84 50.27
C LEU F 202 -10.80 -33.81 49.52
N GLY F 203 -11.02 -35.11 49.74
CA GLY F 203 -10.24 -36.12 49.07
C GLY F 203 -11.04 -36.95 48.08
N LYS F 204 -12.26 -36.53 47.79
CA LYS F 204 -13.12 -37.26 46.83
C LYS F 204 -12.94 -36.71 45.41
N GLU F 205 -12.73 -37.63 44.48
CA GLU F 205 -12.51 -37.32 43.06
C GLU F 205 -13.17 -36.05 42.53
N MET F 206 -14.51 -35.99 42.61
CA MET F 206 -15.27 -34.85 42.11
C MET F 206 -15.06 -33.54 42.84
N VAL F 207 -14.82 -33.59 44.13
CA VAL F 207 -14.61 -32.38 44.90
C VAL F 207 -13.31 -31.70 44.46
N GLN F 208 -12.25 -32.49 44.28
CA GLN F 208 -10.98 -31.96 43.83
C GLN F 208 -11.17 -31.34 42.45
N ASN F 209 -11.83 -32.07 41.58
CA ASN F 209 -12.08 -31.66 40.21
C ASN F 209 -12.66 -30.26 40.10
N LEU F 210 -13.37 -29.83 41.13
CA LEU F 210 -13.99 -28.50 41.16
C LEU F 210 -13.08 -27.39 40.68
N MET F 211 -11.88 -27.37 41.24
CA MET F 211 -10.88 -26.38 40.92
C MET F 211 -10.45 -26.40 39.45
N VAL F 212 -10.28 -27.60 38.92
CA VAL F 212 -9.89 -27.76 37.53
C VAL F 212 -11.02 -27.28 36.63
N LEU F 213 -12.24 -27.76 36.90
CA LEU F 213 -13.41 -27.38 36.12
C LEU F 213 -13.52 -25.88 36.02
N ARG F 214 -13.39 -25.19 37.15
CA ARG F 214 -13.48 -23.72 37.21
C ARG F 214 -12.31 -22.92 36.62
N PHE F 215 -11.09 -23.30 36.98
CA PHE F 215 -9.91 -22.56 36.58
C PHE F 215 -9.14 -22.97 35.35
N ALA F 216 -9.49 -24.08 34.73
CA ALA F 216 -8.76 -24.49 33.54
C ALA F 216 -9.64 -24.43 32.29
N ASN F 217 -10.84 -23.88 32.43
CA ASN F 217 -11.77 -23.80 31.32
C ASN F 217 -12.28 -22.39 31.13
N ARG F 218 -12.46 -22.03 29.87
CA ARG F 218 -12.96 -20.71 29.53
C ARG F 218 -14.50 -20.73 29.42
N ILE F 219 -15.06 -21.91 29.13
CA ILE F 219 -16.50 -22.01 29.00
C ILE F 219 -17.19 -21.84 30.34
N PHE F 220 -16.41 -21.79 31.42
CA PHE F 220 -16.95 -21.64 32.77
C PHE F 220 -16.46 -20.40 33.53
N GLY F 221 -15.49 -19.70 32.95
CA GLY F 221 -14.95 -18.52 33.62
C GLY F 221 -15.89 -17.35 33.74
N PRO F 222 -16.16 -16.62 32.65
CA PRO F 222 -17.04 -15.45 32.61
C PRO F 222 -18.49 -15.62 33.04
N ILE F 223 -18.88 -16.84 33.41
CA ILE F 223 -20.26 -17.08 33.83
C ILE F 223 -20.34 -17.19 35.35
N TRP F 224 -19.25 -17.59 35.97
CA TRP F 224 -19.19 -17.78 37.42
C TRP F 224 -19.30 -16.48 38.23
N ASN F 225 -20.46 -15.83 38.21
CA ASN F 225 -20.63 -14.59 38.97
C ASN F 225 -22.09 -14.14 39.08
N ARG F 226 -22.36 -13.26 40.05
CA ARG F 226 -23.71 -12.75 40.31
C ARG F 226 -24.49 -12.25 39.10
N ASP F 227 -23.80 -11.89 38.03
CA ASP F 227 -24.49 -11.43 36.83
C ASP F 227 -25.16 -12.59 36.10
N ASN F 228 -24.65 -13.81 36.27
CA ASN F 228 -25.24 -14.95 35.58
C ASN F 228 -25.82 -16.03 36.47
N ILE F 229 -25.35 -16.14 37.69
CA ILE F 229 -25.87 -17.17 38.57
C ILE F 229 -27.01 -16.68 39.44
N ALA F 230 -28.07 -17.47 39.52
CA ALA F 230 -29.22 -17.12 40.32
C ALA F 230 -29.11 -17.70 41.73
N CYS F 231 -28.49 -18.86 41.84
CA CYS F 231 -28.30 -19.48 43.15
C CYS F 231 -27.47 -20.75 43.08
N VAL F 232 -26.92 -21.15 44.22
CA VAL F 232 -26.09 -22.34 44.34
C VAL F 232 -26.67 -23.26 45.42
N ILE F 233 -26.68 -24.55 45.15
CA ILE F 233 -27.23 -25.52 46.08
C ILE F 233 -26.24 -26.65 46.33
N LEU F 234 -25.86 -26.81 47.59
CA LEU F 234 -24.93 -27.85 47.99
C LEU F 234 -25.76 -28.83 48.80
N THR F 235 -25.95 -30.02 48.24
CA THR F 235 -26.77 -31.06 48.83
C THR F 235 -26.02 -32.27 49.38
N PHE F 236 -26.55 -32.84 50.45
CA PHE F 236 -25.96 -34.03 51.07
C PHE F 236 -27.11 -34.86 51.65
N LYS F 237 -27.34 -36.04 51.07
CA LYS F 237 -28.44 -36.90 51.51
C LYS F 237 -28.05 -38.35 51.78
N GLU F 238 -28.61 -38.89 52.86
CA GLU F 238 -28.38 -40.28 53.24
C GLU F 238 -29.76 -40.91 53.41
N PRO F 239 -29.98 -42.07 52.78
CA PRO F 239 -31.23 -42.83 52.81
C PRO F 239 -31.53 -43.53 54.11
N PHE F 240 -30.50 -43.87 54.85
CA PHE F 240 -30.65 -44.57 56.12
C PHE F 240 -30.67 -43.59 57.29
N GLY F 241 -31.36 -43.97 58.35
CA GLY F 241 -31.44 -43.14 59.54
C GLY F 241 -30.27 -43.44 60.45
N THR F 242 -30.38 -43.08 61.71
CA THR F 242 -29.31 -43.35 62.64
C THR F 242 -29.39 -44.82 63.03
N GLU F 243 -28.67 -45.64 62.27
CA GLU F 243 -28.65 -47.08 62.49
C GLU F 243 -28.32 -47.50 63.93
N GLY F 244 -29.34 -47.51 64.78
CA GLY F 244 -29.15 -47.91 66.16
C GLY F 244 -28.40 -46.96 67.07
N ARG F 245 -27.23 -46.48 66.63
CA ARG F 245 -26.43 -45.58 67.46
C ARG F 245 -26.90 -44.14 67.55
N GLY F 246 -28.21 -43.97 67.73
CA GLY F 246 -28.79 -42.64 67.84
C GLY F 246 -28.19 -41.83 68.96
N GLY F 247 -27.88 -42.51 70.06
CA GLY F 247 -27.31 -41.87 71.23
C GLY F 247 -26.10 -40.96 71.03
N TYR F 248 -25.18 -41.36 70.15
CA TYR F 248 -23.97 -40.58 69.89
C TYR F 248 -24.22 -39.37 68.99
N PHE F 249 -25.06 -39.54 67.98
CA PHE F 249 -25.37 -38.47 67.06
C PHE F 249 -26.06 -37.30 67.78
N ASP F 250 -26.95 -37.64 68.71
CA ASP F 250 -27.72 -36.65 69.46
C ASP F 250 -26.96 -35.46 70.02
N GLU F 251 -25.67 -35.63 70.28
CA GLU F 251 -24.86 -34.54 70.82
C GLU F 251 -24.63 -33.38 69.84
N PHE F 252 -24.13 -33.72 68.66
CA PHE F 252 -23.80 -32.76 67.61
C PHE F 252 -24.93 -32.25 66.72
N GLY F 253 -25.81 -33.15 66.29
CA GLY F 253 -26.89 -32.72 65.41
C GLY F 253 -26.39 -32.57 63.99
N ILE F 254 -27.29 -32.72 63.03
CA ILE F 254 -26.94 -32.65 61.62
C ILE F 254 -26.02 -31.49 61.24
N ILE F 255 -26.26 -30.28 61.74
CA ILE F 255 -25.43 -29.12 61.40
C ILE F 255 -23.94 -29.39 61.57
N ARG F 256 -23.52 -29.66 62.81
CA ARG F 256 -22.11 -29.93 63.07
C ARG F 256 -21.66 -31.17 62.32
N ASP F 257 -22.47 -32.22 62.37
CA ASP F 257 -22.13 -33.47 61.72
C ASP F 257 -21.75 -33.37 60.25
N VAL F 258 -22.50 -32.57 59.48
CA VAL F 258 -22.24 -32.46 58.04
C VAL F 258 -22.13 -31.06 57.44
N MET F 259 -23.05 -30.17 57.78
CA MET F 259 -23.05 -28.82 57.24
C MET F 259 -21.80 -28.01 57.55
N GLN F 260 -21.48 -27.90 58.83
CA GLN F 260 -20.34 -27.13 59.29
C GLN F 260 -19.03 -27.48 58.59
N ASN F 261 -18.84 -28.76 58.31
CA ASN F 261 -17.62 -29.16 57.64
C ASN F 261 -17.71 -29.39 56.14
N HIS F 262 -18.26 -30.54 55.74
CA HIS F 262 -18.37 -30.90 54.33
C HIS F 262 -19.00 -29.85 53.41
N LEU F 263 -20.27 -29.54 53.62
CA LEU F 263 -20.93 -28.57 52.77
C LEU F 263 -20.15 -27.28 52.68
N LEU F 264 -19.76 -26.74 53.82
CA LEU F 264 -19.03 -25.47 53.84
C LEU F 264 -17.77 -25.51 52.99
N GLN F 265 -17.04 -26.61 53.05
CA GLN F 265 -15.83 -26.75 52.25
C GLN F 265 -16.17 -26.62 50.77
N MET F 266 -17.19 -27.35 50.34
CA MET F 266 -17.62 -27.33 48.95
C MET F 266 -17.95 -25.91 48.59
N LEU F 267 -18.60 -25.19 49.51
CA LEU F 267 -18.97 -23.81 49.26
C LEU F 267 -17.73 -22.99 48.96
N CYS F 268 -16.68 -23.21 49.76
CA CYS F 268 -15.41 -22.49 49.59
C CYS F 268 -14.81 -22.79 48.22
N LEU F 269 -14.77 -24.06 47.86
CA LEU F 269 -14.22 -24.43 46.59
C LEU F 269 -14.97 -23.80 45.43
N VAL F 270 -16.28 -23.69 45.59
CA VAL F 270 -17.14 -23.14 44.56
C VAL F 270 -17.07 -21.63 44.41
N ALA F 271 -16.85 -20.92 45.52
CA ALA F 271 -16.82 -19.46 45.53
C ALA F 271 -15.47 -18.72 45.56
N MET F 272 -14.40 -19.43 45.93
CA MET F 272 -13.08 -18.82 46.03
C MET F 272 -12.65 -18.17 44.75
N GLU F 273 -11.81 -17.16 44.88
CA GLU F 273 -11.29 -16.46 43.71
C GLU F 273 -10.12 -17.29 43.21
N LYS F 274 -9.64 -16.99 42.01
CA LYS F 274 -8.53 -17.74 41.47
C LYS F 274 -7.27 -17.45 42.29
N PRO F 275 -6.60 -18.50 42.79
CA PRO F 275 -5.39 -18.41 43.61
C PRO F 275 -4.14 -18.08 42.80
N ALA F 276 -3.12 -17.58 43.50
CA ALA F 276 -1.86 -17.22 42.87
C ALA F 276 -1.14 -18.42 42.26
N SER F 277 -1.47 -19.62 42.73
CA SER F 277 -0.88 -20.83 42.20
C SER F 277 -1.57 -22.00 42.86
N THR F 278 -1.11 -23.21 42.57
CA THR F 278 -1.70 -24.39 43.16
C THR F 278 -1.04 -24.77 44.48
N ASN F 279 -0.22 -23.87 45.01
CA ASN F 279 0.47 -24.11 46.27
C ASN F 279 -0.49 -24.19 47.43
N SER F 280 -0.33 -25.23 48.25
CA SER F 280 -1.18 -25.48 49.40
C SER F 280 -1.70 -24.23 50.12
N ASP F 281 -0.79 -23.35 50.51
CA ASP F 281 -1.22 -22.15 51.20
C ASP F 281 -1.84 -21.08 50.32
N ASP F 282 -1.41 -20.96 49.07
CA ASP F 282 -1.99 -19.97 48.16
C ASP F 282 -3.46 -20.27 47.91
N VAL F 283 -3.78 -21.55 47.90
CA VAL F 283 -5.15 -22.02 47.70
C VAL F 283 -5.97 -21.77 48.98
N ARG F 284 -5.50 -22.31 50.10
CA ARG F 284 -6.16 -22.16 51.39
C ARG F 284 -6.44 -20.70 51.72
N ASP F 285 -5.54 -19.81 51.31
CA ASP F 285 -5.76 -18.39 51.55
C ASP F 285 -7.05 -17.95 50.87
N GLU F 286 -7.19 -18.30 49.59
CA GLU F 286 -8.37 -17.93 48.82
C GLU F 286 -9.63 -18.47 49.44
N LYS F 287 -9.53 -19.66 50.01
CA LYS F 287 -10.66 -20.30 50.66
C LYS F 287 -11.15 -19.46 51.83
N VAL F 288 -10.28 -19.24 52.80
CA VAL F 288 -10.64 -18.48 53.98
C VAL F 288 -11.12 -17.07 53.61
N LYS F 289 -10.52 -16.50 52.57
CA LYS F 289 -10.90 -15.17 52.11
C LYS F 289 -12.42 -15.12 51.94
N VAL F 290 -12.96 -16.22 51.39
CA VAL F 290 -14.39 -16.34 51.16
C VAL F 290 -15.12 -16.35 52.49
N LEU F 291 -14.74 -17.27 53.36
CA LEU F 291 -15.38 -17.41 54.67
C LEU F 291 -15.45 -16.08 55.41
N LYS F 292 -14.43 -15.26 55.21
CA LYS F 292 -14.39 -13.97 55.86
C LYS F 292 -15.52 -13.06 55.41
N CYS F 293 -16.09 -13.31 54.25
CA CYS F 293 -17.17 -12.46 53.75
C CYS F 293 -18.57 -12.98 54.02
N ILE F 294 -18.69 -14.02 54.83
CA ILE F 294 -19.98 -14.60 55.17
C ILE F 294 -20.47 -14.09 56.52
N SER F 295 -21.62 -13.42 56.51
CA SER F 295 -22.21 -12.90 57.73
C SER F 295 -22.83 -14.05 58.52
N GLU F 296 -22.98 -13.87 59.83
CA GLU F 296 -23.53 -14.89 60.70
C GLU F 296 -24.93 -15.33 60.30
N VAL F 297 -25.15 -16.65 60.32
CA VAL F 297 -26.42 -17.26 59.94
C VAL F 297 -27.63 -16.71 60.69
N GLN F 298 -28.68 -16.41 59.92
CA GLN F 298 -29.93 -15.88 60.48
C GLN F 298 -30.96 -16.98 60.70
N ALA F 299 -31.62 -16.93 61.85
CA ALA F 299 -32.63 -17.93 62.21
C ALA F 299 -33.73 -17.97 61.17
N ASN F 300 -33.91 -16.83 60.50
CA ASN F 300 -34.94 -16.70 59.48
C ASN F 300 -34.70 -17.55 58.22
N ASN F 301 -33.45 -17.95 57.99
CA ASN F 301 -33.09 -18.72 56.81
C ASN F 301 -32.75 -20.15 57.19
N VAL F 302 -33.44 -20.68 58.18
CA VAL F 302 -33.14 -22.03 58.61
C VAL F 302 -34.38 -22.85 58.76
N VAL F 303 -34.29 -24.10 58.35
CA VAL F 303 -35.39 -25.04 58.47
C VAL F 303 -34.84 -26.32 59.06
N LEU F 304 -35.40 -26.73 60.19
CA LEU F 304 -34.95 -27.94 60.88
C LEU F 304 -36.01 -29.00 60.82
N GLY F 305 -35.57 -30.26 60.75
CA GLY F 305 -36.50 -31.36 60.69
C GLY F 305 -35.94 -32.57 61.40
N GLN F 306 -36.85 -33.40 61.91
CA GLN F 306 -36.47 -34.60 62.62
C GLN F 306 -37.32 -35.69 61.99
N TYR F 307 -36.73 -36.86 61.76
CA TYR F 307 -37.46 -37.95 61.13
C TYR F 307 -38.30 -38.83 62.02
N VAL F 308 -39.47 -39.20 61.49
CA VAL F 308 -40.43 -40.07 62.17
C VAL F 308 -40.50 -41.36 61.35
N GLY F 309 -40.63 -42.49 62.04
CA GLY F 309 -40.68 -43.78 61.36
C GLY F 309 -41.80 -43.89 60.35
N ASN F 310 -41.63 -44.80 59.39
CA ASN F 310 -42.61 -45.04 58.33
C ASN F 310 -43.27 -46.39 58.51
N PRO F 311 -44.60 -46.39 58.74
CA PRO F 311 -45.45 -47.57 58.94
C PRO F 311 -45.52 -48.54 57.75
N ASP F 312 -45.47 -48.02 56.53
CA ASP F 312 -45.53 -48.84 55.34
C ASP F 312 -44.18 -49.46 54.98
N GLY F 313 -43.13 -49.05 55.67
CA GLY F 313 -41.80 -49.58 55.39
C GLY F 313 -41.52 -50.92 56.06
N GLU F 314 -40.24 -51.25 56.20
CA GLU F 314 -39.82 -52.49 56.83
C GLU F 314 -38.45 -52.32 57.46
N GLY F 315 -38.18 -53.10 58.50
CA GLY F 315 -36.91 -53.01 59.19
C GLY F 315 -36.74 -51.65 59.83
N GLU F 316 -35.55 -51.08 59.68
CA GLU F 316 -35.23 -49.77 60.24
C GLU F 316 -36.20 -48.66 59.80
N ALA F 317 -36.80 -48.86 58.63
CA ALA F 317 -37.72 -47.87 58.06
C ALA F 317 -38.96 -47.57 58.89
N THR F 318 -39.29 -48.45 59.83
CA THR F 318 -40.47 -48.24 60.67
C THR F 318 -40.15 -47.46 61.94
N LYS F 319 -38.93 -47.65 62.43
CA LYS F 319 -38.49 -46.98 63.65
C LYS F 319 -38.01 -45.54 63.40
N GLY F 320 -38.67 -44.60 64.05
CA GLY F 320 -38.29 -43.21 63.91
C GLY F 320 -37.10 -42.87 64.78
N TYR F 321 -36.71 -41.60 64.79
CA TYR F 321 -35.57 -41.15 65.58
C TYR F 321 -35.73 -41.50 67.06
N LEU F 322 -36.78 -40.97 67.68
CA LEU F 322 -37.05 -41.20 69.09
C LEU F 322 -37.28 -42.66 69.45
N ASP F 323 -37.61 -43.50 68.47
CA ASP F 323 -37.83 -44.92 68.73
C ASP F 323 -36.49 -45.62 69.05
N ASP F 324 -35.42 -44.85 68.95
CA ASP F 324 -34.08 -45.32 69.25
C ASP F 324 -33.92 -45.21 70.77
N PRO F 325 -33.73 -46.34 71.47
CA PRO F 325 -33.56 -46.36 72.94
C PRO F 325 -32.40 -45.49 73.44
N THR F 326 -31.30 -45.50 72.68
CA THR F 326 -30.09 -44.74 73.01
C THR F 326 -30.30 -43.24 73.04
N VAL F 327 -31.40 -42.75 72.48
CA VAL F 327 -31.66 -41.32 72.45
C VAL F 327 -32.68 -40.84 73.49
N PRO F 328 -32.34 -39.77 74.23
CA PRO F 328 -33.19 -39.17 75.25
C PRO F 328 -34.62 -38.95 74.77
N ARG F 329 -35.57 -39.60 75.46
CA ARG F 329 -37.00 -39.54 75.12
C ARG F 329 -37.59 -38.18 74.71
N GLY F 330 -37.01 -37.07 75.17
CA GLY F 330 -37.55 -35.78 74.78
C GLY F 330 -36.61 -34.94 73.94
N SER F 331 -35.93 -35.56 72.99
CA SER F 331 -34.96 -34.83 72.15
C SER F 331 -35.57 -33.94 71.08
N THR F 332 -34.88 -32.83 70.81
CA THR F 332 -35.29 -31.87 69.79
C THR F 332 -34.16 -31.68 68.78
N THR F 333 -33.21 -32.62 68.79
CA THR F 333 -32.08 -32.57 67.88
C THR F 333 -32.54 -32.81 66.44
N ALA F 334 -32.06 -31.98 65.52
CA ALA F 334 -32.42 -32.07 64.09
C ALA F 334 -31.63 -33.11 63.30
N THR F 335 -32.33 -33.86 62.45
CA THR F 335 -31.68 -34.87 61.62
C THR F 335 -31.64 -34.36 60.18
N PHE F 336 -32.19 -33.18 59.97
CA PHE F 336 -32.25 -32.53 58.66
C PHE F 336 -32.16 -31.03 58.87
N ALA F 337 -31.53 -30.33 57.94
CA ALA F 337 -31.40 -28.89 58.03
C ALA F 337 -31.13 -28.28 56.67
N ALA F 338 -31.75 -27.13 56.44
CA ALA F 338 -31.60 -26.39 55.20
C ALA F 338 -31.28 -25.00 55.66
N VAL F 339 -30.12 -24.50 55.24
CA VAL F 339 -29.69 -23.17 55.64
C VAL F 339 -29.24 -22.37 54.42
N VAL F 340 -29.47 -21.07 54.47
CA VAL F 340 -29.09 -20.19 53.38
C VAL F 340 -28.02 -19.27 53.91
N LEU F 341 -26.95 -19.09 53.14
CA LEU F 341 -25.85 -18.20 53.53
C LEU F 341 -25.55 -17.29 52.36
N TYR F 342 -24.91 -16.16 52.61
CA TYR F 342 -24.55 -15.20 51.56
C TYR F 342 -23.11 -14.74 51.68
N VAL F 343 -22.45 -14.58 50.53
CA VAL F 343 -21.06 -14.14 50.48
C VAL F 343 -21.05 -12.69 50.03
N GLU F 344 -20.74 -11.77 50.92
CA GLU F 344 -20.76 -10.35 50.56
C GLU F 344 -19.50 -9.80 49.89
N ASN F 345 -19.34 -10.06 48.60
CA ASN F 345 -18.19 -9.55 47.88
C ASN F 345 -18.58 -9.25 46.44
N GLU F 346 -17.74 -8.47 45.74
CA GLU F 346 -17.99 -8.09 44.35
C GLU F 346 -18.45 -9.21 43.41
N ARG F 347 -18.07 -10.45 43.70
CA ARG F 347 -18.46 -11.57 42.84
C ARG F 347 -19.81 -12.20 43.17
N TRP F 348 -20.04 -12.52 44.44
CA TRP F 348 -21.29 -13.17 44.88
C TRP F 348 -22.29 -12.29 45.63
N ASP F 349 -22.11 -10.98 45.62
CA ASP F 349 -23.01 -10.12 46.36
C ASP F 349 -24.45 -10.33 45.95
N GLY F 350 -25.26 -10.87 46.87
CA GLY F 350 -26.67 -11.09 46.59
C GLY F 350 -27.08 -12.52 46.26
N VAL F 351 -26.13 -13.34 45.85
CA VAL F 351 -26.43 -14.72 45.48
C VAL F 351 -26.59 -15.65 46.68
N PRO F 352 -27.72 -16.38 46.75
CA PRO F 352 -27.98 -17.32 47.85
C PRO F 352 -27.32 -18.69 47.74
N PHE F 353 -26.66 -19.12 48.81
CA PHE F 353 -26.03 -20.44 48.85
C PHE F 353 -26.91 -21.28 49.74
N ILE F 354 -27.55 -22.27 49.14
CA ILE F 354 -28.44 -23.12 49.89
C ILE F 354 -27.75 -24.43 50.26
N LEU F 355 -27.59 -24.64 51.56
CA LEU F 355 -26.95 -25.85 52.06
C LEU F 355 -28.07 -26.70 52.64
N ARG F 356 -28.30 -27.87 52.07
CA ARG F 356 -29.35 -28.74 52.56
C ARG F 356 -28.83 -30.15 52.75
N CYS F 357 -29.14 -30.75 53.89
CA CYS F 357 -28.68 -32.08 54.20
C CYS F 357 -29.63 -32.76 55.16
N GLY F 358 -29.53 -34.08 55.24
CA GLY F 358 -30.40 -34.83 56.14
C GLY F 358 -30.24 -36.34 56.07
N LYS F 359 -30.65 -37.01 57.14
CA LYS F 359 -30.58 -38.46 57.22
C LYS F 359 -31.98 -39.03 56.99
N ALA F 360 -32.05 -40.32 56.73
CA ALA F 360 -33.31 -41.03 56.50
C ALA F 360 -34.14 -40.43 55.38
N LEU F 361 -33.50 -40.16 54.25
CA LEU F 361 -34.20 -39.59 53.12
C LEU F 361 -34.42 -40.64 52.03
N ASN F 362 -34.88 -40.19 50.87
CA ASN F 362 -35.20 -41.07 49.75
C ASN F 362 -34.04 -41.60 48.89
N GLU F 363 -32.84 -41.07 49.11
CA GLU F 363 -31.69 -41.50 48.33
C GLU F 363 -30.38 -41.10 49.01
N ARG F 364 -29.28 -41.39 48.32
CA ARG F 364 -27.96 -41.07 48.81
C ARG F 364 -27.23 -40.33 47.70
N LYS F 365 -26.95 -39.06 47.93
CA LYS F 365 -26.22 -38.27 46.94
C LYS F 365 -25.65 -36.99 47.53
N ALA F 366 -24.63 -36.47 46.88
CA ALA F 366 -23.98 -35.25 47.30
C ALA F 366 -23.63 -34.56 46.00
N GLU F 367 -24.08 -33.33 45.82
CA GLU F 367 -23.80 -32.62 44.60
C GLU F 367 -23.83 -31.11 44.77
N VAL F 368 -23.20 -30.44 43.81
CA VAL F 368 -23.14 -29.00 43.76
C VAL F 368 -23.99 -28.69 42.55
N ARG F 369 -24.84 -27.69 42.65
CA ARG F 369 -25.67 -27.28 41.52
C ARG F 369 -25.77 -25.77 41.45
N LEU F 370 -25.65 -25.22 40.25
CA LEU F 370 -25.78 -23.78 40.08
C LEU F 370 -26.93 -23.56 39.13
N GLN F 371 -27.85 -22.66 39.48
CA GLN F 371 -28.93 -22.38 38.59
C GLN F 371 -28.66 -20.99 38.08
N PHE F 372 -28.59 -20.83 36.76
CA PHE F 372 -28.31 -19.55 36.14
C PHE F 372 -29.57 -18.72 35.94
N HIS F 373 -29.39 -17.46 35.57
CA HIS F 373 -30.50 -16.55 35.34
C HIS F 373 -31.20 -16.72 34.00
N ASP F 374 -32.47 -16.33 33.97
CA ASP F 374 -33.26 -16.40 32.75
C ASP F 374 -32.53 -15.54 31.71
N VAL F 375 -32.63 -15.90 30.44
CA VAL F 375 -31.99 -15.16 29.38
C VAL F 375 -32.68 -13.81 29.25
N ALA F 376 -31.94 -12.78 28.88
CA ALA F 376 -32.51 -11.44 28.73
C ALA F 376 -33.06 -11.20 27.32
N GLY F 377 -34.23 -10.59 27.23
CA GLY F 377 -34.86 -10.33 25.95
C GLY F 377 -35.32 -11.60 25.28
N ASP F 378 -36.19 -12.34 25.98
CA ASP F 378 -36.72 -13.61 25.49
C ASP F 378 -37.48 -13.46 24.19
N ILE F 379 -37.21 -14.33 23.24
CA ILE F 379 -37.90 -14.31 21.95
C ILE F 379 -38.59 -15.64 21.69
N PHE F 380 -38.68 -16.48 22.72
CA PHE F 380 -39.35 -17.76 22.60
C PHE F 380 -40.62 -17.88 23.45
N HIS F 381 -41.17 -16.74 23.84
CA HIS F 381 -42.40 -16.68 24.64
C HIS F 381 -42.34 -17.59 25.87
N GLN F 382 -41.48 -17.22 26.81
CA GLN F 382 -41.26 -17.94 28.07
C GLN F 382 -41.21 -19.45 28.10
N GLN F 383 -40.98 -20.08 26.95
CA GLN F 383 -40.90 -21.53 26.90
C GLN F 383 -39.58 -22.01 27.50
N CYS F 384 -38.63 -21.09 27.65
CA CYS F 384 -37.32 -21.42 28.20
C CYS F 384 -37.30 -21.66 29.71
N LYS F 385 -36.34 -22.46 30.12
CA LYS F 385 -36.14 -22.79 31.53
C LYS F 385 -34.68 -22.46 31.80
N ARG F 386 -34.36 -22.06 33.03
CA ARG F 386 -32.99 -21.72 33.40
C ARG F 386 -31.97 -22.86 33.25
N ASN F 387 -30.76 -22.51 32.81
CA ASN F 387 -29.70 -23.50 32.66
C ASN F 387 -29.19 -23.86 34.05
N GLU F 388 -28.53 -25.00 34.15
CA GLU F 388 -28.00 -25.43 35.43
C GLU F 388 -26.76 -26.27 35.20
N LEU F 389 -25.79 -26.12 36.10
CA LEU F 389 -24.58 -26.92 36.03
C LEU F 389 -24.62 -27.83 37.25
N VAL F 390 -24.43 -29.12 37.05
CA VAL F 390 -24.46 -30.06 38.16
C VAL F 390 -23.18 -30.89 38.23
N ILE F 391 -22.66 -31.03 39.44
CA ILE F 391 -21.46 -31.80 39.68
C ILE F 391 -21.84 -32.76 40.79
N ARG F 392 -22.12 -34.01 40.42
CA ARG F 392 -22.52 -35.03 41.38
C ARG F 392 -21.28 -35.70 41.94
N VAL F 393 -21.01 -35.42 43.21
CA VAL F 393 -19.85 -35.99 43.91
C VAL F 393 -19.97 -37.51 44.06
N GLN F 394 -21.17 -37.96 44.41
CA GLN F 394 -21.45 -39.39 44.58
C GLN F 394 -22.94 -39.59 44.70
N PRO F 395 -23.45 -40.75 44.23
CA PRO F 395 -22.70 -41.84 43.60
C PRO F 395 -22.60 -41.59 42.09
N ASN F 396 -22.02 -42.55 41.36
CA ASN F 396 -21.87 -42.43 39.91
C ASN F 396 -21.39 -41.05 39.49
N GLU F 397 -20.25 -40.65 40.02
CA GLU F 397 -19.67 -39.35 39.74
C GLU F 397 -19.89 -38.89 38.30
N ALA F 398 -20.53 -37.74 38.17
CA ALA F 398 -20.82 -37.18 36.87
C ALA F 398 -20.98 -35.68 36.96
N VAL F 399 -20.83 -35.00 35.82
CA VAL F 399 -20.99 -33.55 35.74
C VAL F 399 -21.71 -33.28 34.43
N TYR F 400 -22.67 -32.35 34.44
CA TYR F 400 -23.45 -32.03 33.25
C TYR F 400 -24.10 -30.65 33.33
N THR F 401 -24.55 -30.13 32.19
CA THR F 401 -25.21 -28.83 32.15
C THR F 401 -26.56 -28.99 31.45
N LYS F 402 -27.63 -28.70 32.16
CA LYS F 402 -28.97 -28.80 31.60
C LYS F 402 -29.19 -27.54 30.77
N MET F 403 -29.43 -27.71 29.48
CA MET F 403 -29.65 -26.56 28.61
C MET F 403 -30.82 -26.76 27.67
N MET F 404 -31.06 -25.77 26.83
CA MET F 404 -32.17 -25.80 25.90
C MET F 404 -31.74 -26.20 24.50
N THR F 405 -32.58 -26.98 23.83
CA THR F 405 -32.33 -27.44 22.47
C THR F 405 -33.67 -27.56 21.74
N LYS F 406 -33.64 -27.33 20.42
CA LYS F 406 -34.86 -27.42 19.61
C LYS F 406 -35.43 -28.83 19.74
N LYS F 407 -36.73 -28.95 20.00
CA LYS F 407 -37.36 -30.26 20.13
C LYS F 407 -37.07 -31.03 18.86
N PRO F 408 -36.31 -32.13 18.97
CA PRO F 408 -35.95 -32.97 17.84
C PRO F 408 -37.14 -33.50 17.06
N GLY F 409 -37.05 -33.35 15.75
CA GLY F 409 -38.11 -33.82 14.86
C GLY F 409 -38.75 -32.64 14.19
N MET F 410 -39.96 -32.81 13.69
CA MET F 410 -40.67 -31.73 13.03
C MET F 410 -41.25 -30.75 14.04
N PHE F 411 -40.40 -30.13 14.84
CA PHE F 411 -40.89 -29.19 15.84
C PHE F 411 -40.12 -27.89 15.75
N PHE F 412 -40.71 -26.82 16.25
CA PHE F 412 -40.08 -25.50 16.21
C PHE F 412 -39.63 -25.07 17.60
N ASN F 413 -40.52 -25.27 18.58
CA ASN F 413 -40.26 -24.90 19.97
C ASN F 413 -39.14 -25.71 20.61
N PRO F 414 -38.50 -25.13 21.63
CA PRO F 414 -37.39 -25.76 22.37
C PRO F 414 -37.81 -26.54 23.61
N GLU F 415 -36.91 -27.38 24.11
CA GLU F 415 -37.17 -28.18 25.31
C GLU F 415 -35.83 -28.46 25.99
N GLU F 416 -35.87 -28.91 27.24
CA GLU F 416 -34.66 -29.19 27.98
C GLU F 416 -33.92 -30.43 27.53
N SER F 417 -32.62 -30.42 27.75
CA SER F 417 -31.74 -31.52 27.38
C SER F 417 -30.47 -31.20 28.13
N GLU F 418 -29.38 -31.91 27.84
CA GLU F 418 -28.14 -31.65 28.56
C GLU F 418 -26.87 -32.22 27.93
N LEU F 419 -25.75 -31.56 28.21
CA LEU F 419 -24.45 -31.99 27.76
C LEU F 419 -23.99 -32.74 29.00
N ASP F 420 -23.59 -34.00 28.83
CA ASP F 420 -23.23 -34.84 29.96
C ASP F 420 -21.84 -35.47 29.89
N LEU F 421 -21.31 -35.81 31.06
CA LEU F 421 -20.02 -36.48 31.22
C LEU F 421 -20.12 -37.39 32.45
N THR F 422 -20.26 -38.68 32.21
CA THR F 422 -20.37 -39.64 33.31
C THR F 422 -19.12 -40.50 33.33
N TYR F 423 -18.40 -40.46 34.45
CA TYR F 423 -17.15 -41.21 34.61
C TYR F 423 -17.36 -42.70 34.46
N GLY F 424 -18.55 -43.16 34.83
CA GLY F 424 -18.85 -44.57 34.72
C GLY F 424 -18.74 -45.12 33.30
N ASN F 425 -19.07 -44.30 32.30
CA ASN F 425 -19.01 -44.75 30.92
C ASN F 425 -17.78 -44.26 30.19
N ARG F 426 -17.50 -42.97 30.32
CA ARG F 426 -16.35 -42.36 29.67
C ARG F 426 -15.02 -42.99 30.13
N TYR F 427 -14.93 -43.29 31.42
CA TYR F 427 -13.72 -43.85 32.00
C TYR F 427 -14.01 -45.17 32.72
N LYS F 428 -14.70 -46.07 32.04
CA LYS F 428 -15.08 -47.38 32.57
C LYS F 428 -13.96 -48.26 33.17
N ASN F 429 -12.71 -47.98 32.79
CA ASN F 429 -11.56 -48.76 33.27
C ASN F 429 -11.01 -48.36 34.63
N VAL F 430 -10.52 -47.12 34.71
CA VAL F 430 -9.94 -46.61 35.93
C VAL F 430 -10.83 -46.66 37.16
N LYS F 431 -10.31 -47.25 38.23
CA LYS F 431 -11.03 -47.36 39.49
C LYS F 431 -10.69 -46.14 40.31
N LEU F 432 -11.71 -45.51 40.88
CA LEU F 432 -11.50 -44.30 41.67
C LEU F 432 -11.14 -44.64 43.12
N PRO F 433 -10.04 -44.08 43.62
CA PRO F 433 -9.59 -44.33 44.99
C PRO F 433 -10.49 -43.77 46.09
N ASP F 434 -10.46 -44.43 47.24
CA ASP F 434 -11.22 -44.00 48.41
C ASP F 434 -10.56 -42.73 48.90
N ALA F 435 -11.35 -41.76 49.33
CA ALA F 435 -10.82 -40.48 49.82
C ALA F 435 -9.56 -40.63 50.67
N TYR F 436 -9.65 -41.49 51.68
CA TYR F 436 -8.53 -41.72 52.57
C TYR F 436 -7.22 -42.06 51.88
N GLU F 437 -7.27 -42.87 50.83
CA GLU F 437 -6.05 -43.23 50.10
C GLU F 437 -5.35 -41.97 49.62
N ARG F 438 -6.09 -41.14 48.89
CA ARG F 438 -5.50 -39.93 48.35
C ARG F 438 -5.05 -39.00 49.46
N LEU F 439 -5.81 -38.95 50.55
CA LEU F 439 -5.45 -38.09 51.67
C LEU F 439 -4.16 -38.49 52.38
N ILE F 440 -4.09 -39.74 52.85
CA ILE F 440 -2.90 -40.25 53.52
C ILE F 440 -1.69 -40.06 52.59
N LEU F 441 -1.83 -40.40 51.32
CA LEU F 441 -0.72 -40.23 50.40
C LEU F 441 -0.30 -38.76 50.44
N ASP F 442 -1.28 -37.87 50.45
CA ASP F 442 -0.98 -36.44 50.49
C ASP F 442 -0.07 -36.14 51.67
N VAL F 443 -0.38 -36.73 52.81
CA VAL F 443 0.41 -36.52 54.01
C VAL F 443 1.86 -36.95 53.79
N PHE F 444 2.06 -38.11 53.18
CA PHE F 444 3.41 -38.61 52.89
C PHE F 444 4.05 -37.60 51.95
N CYS F 445 3.27 -37.18 50.96
CA CYS F 445 3.74 -36.22 49.98
C CYS F 445 3.73 -34.79 50.48
N GLY F 446 3.46 -34.61 51.77
CA GLY F 446 3.45 -33.29 52.39
C GLY F 446 2.63 -32.20 51.72
N SER F 447 1.43 -32.52 51.29
CA SER F 447 0.56 -31.55 50.64
C SER F 447 -0.63 -31.26 51.56
N GLN F 448 -0.56 -30.14 52.26
CA GLN F 448 -1.62 -29.74 53.16
C GLN F 448 -2.85 -29.13 52.46
N MET F 449 -2.78 -29.01 51.13
CA MET F 449 -3.86 -28.43 50.35
C MET F 449 -5.24 -29.03 50.62
N HIS F 450 -5.32 -30.34 50.81
CA HIS F 450 -6.61 -30.98 51.06
C HIS F 450 -6.92 -31.12 52.55
N PHE F 451 -6.27 -30.32 53.39
CA PHE F 451 -6.50 -30.41 54.82
C PHE F 451 -6.88 -29.05 55.40
N VAL F 452 -7.73 -29.06 56.42
CA VAL F 452 -8.19 -27.82 57.05
C VAL F 452 -7.12 -27.08 57.85
N ARG F 453 -7.11 -25.75 57.70
CA ARG F 453 -6.17 -24.88 58.38
C ARG F 453 -6.81 -24.23 59.61
N SER F 454 -5.98 -23.89 60.60
CA SER F 454 -6.45 -23.27 61.85
C SER F 454 -7.50 -22.16 61.64
N ASP F 455 -7.16 -21.16 60.84
CA ASP F 455 -8.08 -20.04 60.58
C ASP F 455 -9.41 -20.48 59.95
N GLU F 456 -9.35 -21.46 59.06
CA GLU F 456 -10.58 -21.94 58.42
C GLU F 456 -11.55 -22.38 59.53
N LEU F 457 -11.05 -23.15 60.49
CA LEU F 457 -11.89 -23.62 61.58
C LEU F 457 -12.45 -22.46 62.37
N LEU F 458 -11.62 -21.44 62.56
CA LEU F 458 -12.02 -20.25 63.31
C LEU F 458 -13.24 -19.64 62.66
N GLU F 459 -13.17 -19.45 61.35
CA GLU F 459 -14.27 -18.85 60.61
C GLU F 459 -15.51 -19.75 60.61
N ALA F 460 -15.30 -21.06 60.53
CA ALA F 460 -16.40 -22.01 60.53
C ALA F 460 -17.22 -21.85 61.81
N TRP F 461 -16.54 -21.80 62.95
CA TRP F 461 -17.23 -21.61 64.22
C TRP F 461 -17.91 -20.25 64.23
N ARG F 462 -17.16 -19.24 63.79
CA ARG F 462 -17.61 -17.86 63.75
C ARG F 462 -19.03 -17.73 63.22
N ILE F 463 -19.28 -18.42 62.11
CA ILE F 463 -20.56 -18.39 61.42
C ILE F 463 -21.73 -19.15 62.08
N PHE F 464 -21.44 -20.35 62.56
CA PHE F 464 -22.49 -21.17 63.14
C PHE F 464 -22.77 -21.09 64.62
N THR F 465 -21.80 -20.72 65.44
CA THR F 465 -22.03 -20.66 66.88
C THR F 465 -23.24 -19.83 67.33
N PRO F 466 -23.42 -18.61 66.80
CA PRO F 466 -24.57 -17.81 67.25
C PRO F 466 -25.87 -18.60 67.08
N LEU F 467 -26.03 -19.24 65.92
CA LEU F 467 -27.19 -20.06 65.63
C LEU F 467 -27.21 -21.24 66.58
N LEU F 468 -26.18 -22.07 66.52
CA LEU F 468 -26.06 -23.24 67.41
C LEU F 468 -26.42 -22.92 68.85
N HIS F 469 -26.02 -21.73 69.29
CA HIS F 469 -26.29 -21.23 70.64
C HIS F 469 -27.80 -21.19 70.82
N GLN F 470 -28.40 -20.26 70.08
CA GLN F 470 -29.84 -20.01 70.07
C GLN F 470 -30.68 -21.28 70.05
N ILE F 471 -30.26 -22.26 69.25
CA ILE F 471 -30.98 -23.53 69.16
C ILE F 471 -30.97 -24.27 70.49
N GLU F 472 -29.80 -24.42 71.11
CA GLU F 472 -29.72 -25.14 72.38
C GLU F 472 -30.41 -24.37 73.51
N LEU F 473 -30.50 -23.06 73.36
CA LEU F 473 -31.16 -22.22 74.35
C LEU F 473 -32.69 -22.36 74.31
N GLU F 474 -33.28 -21.97 73.18
CA GLU F 474 -34.73 -21.99 72.96
C GLU F 474 -35.34 -23.35 72.57
N LYS F 475 -34.48 -24.34 72.33
CA LYS F 475 -34.89 -25.71 71.96
C LYS F 475 -36.14 -25.82 71.07
N PRO F 476 -36.06 -25.34 69.82
CA PRO F 476 -37.17 -25.38 68.85
C PRO F 476 -37.51 -26.82 68.49
N LYS F 477 -38.78 -27.11 68.27
CA LYS F 477 -39.16 -28.45 67.88
C LYS F 477 -39.02 -28.58 66.37
N PRO F 478 -38.18 -29.52 65.90
CA PRO F 478 -37.97 -29.70 64.46
C PRO F 478 -39.24 -30.20 63.78
N ILE F 479 -39.35 -29.89 62.49
CA ILE F 479 -40.50 -30.31 61.70
C ILE F 479 -40.37 -31.79 61.40
N PRO F 480 -41.40 -32.57 61.72
CA PRO F 480 -41.32 -34.01 61.46
C PRO F 480 -41.46 -34.33 59.97
N TYR F 481 -40.64 -35.28 59.51
CA TYR F 481 -40.72 -35.72 58.12
C TYR F 481 -40.62 -37.24 58.13
N ILE F 482 -41.55 -37.88 57.43
CA ILE F 482 -41.58 -39.33 57.36
C ILE F 482 -40.30 -39.93 56.76
N TYR F 483 -39.80 -41.00 57.37
CA TYR F 483 -38.60 -41.71 56.92
C TYR F 483 -38.80 -42.12 55.45
N GLY F 484 -37.83 -41.78 54.61
CA GLY F 484 -37.93 -42.12 53.20
C GLY F 484 -38.42 -41.01 52.27
N SER F 485 -38.90 -39.91 52.83
CA SER F 485 -39.38 -38.80 52.01
C SER F 485 -38.22 -37.87 51.65
N ARG F 486 -38.53 -36.72 51.04
CA ARG F 486 -37.51 -35.75 50.67
C ARG F 486 -37.31 -34.72 51.78
N GLY F 487 -38.06 -34.86 52.87
CA GLY F 487 -37.93 -33.94 53.97
C GLY F 487 -39.05 -32.91 54.05
N PRO F 488 -39.02 -32.04 55.07
CA PRO F 488 -40.01 -31.00 55.30
C PRO F 488 -40.27 -30.15 54.07
N THR F 489 -41.55 -29.94 53.77
CA THR F 489 -41.95 -29.14 52.62
C THR F 489 -41.40 -27.71 52.78
N GLU F 490 -41.39 -27.26 54.03
CA GLU F 490 -40.90 -25.92 54.36
C GLU F 490 -39.54 -25.62 53.75
N ALA F 491 -38.69 -26.65 53.69
CA ALA F 491 -37.35 -26.53 53.11
C ALA F 491 -37.45 -26.07 51.68
N ASP F 492 -38.28 -26.76 50.90
CA ASP F 492 -38.49 -26.41 49.49
C ASP F 492 -39.07 -25.01 49.38
N GLU F 493 -40.01 -24.67 50.26
CA GLU F 493 -40.63 -23.35 50.26
C GLU F 493 -39.57 -22.27 50.49
N LEU F 494 -38.56 -22.62 51.28
CA LEU F 494 -37.45 -21.72 51.60
C LEU F 494 -36.69 -21.44 50.30
N MET F 495 -36.20 -22.50 49.67
CA MET F 495 -35.46 -22.41 48.43
C MET F 495 -36.21 -21.54 47.43
N LYS F 496 -37.49 -21.82 47.22
CA LYS F 496 -38.27 -21.02 46.28
C LYS F 496 -38.27 -19.53 46.65
N ARG F 497 -38.57 -19.25 47.91
CA ARG F 497 -38.62 -17.87 48.40
C ARG F 497 -37.33 -17.11 48.14
N VAL F 498 -36.22 -17.76 48.44
CA VAL F 498 -34.92 -17.14 48.29
C VAL F 498 -34.43 -16.94 46.87
N GLY F 499 -35.04 -17.62 45.89
CA GLY F 499 -34.62 -17.45 44.51
C GLY F 499 -34.68 -18.63 43.56
N PHE F 500 -34.61 -19.83 44.10
CA PHE F 500 -34.64 -21.03 43.29
C PHE F 500 -35.99 -21.24 42.62
N GLN F 501 -35.94 -21.70 41.38
CA GLN F 501 -37.15 -22.00 40.61
C GLN F 501 -37.11 -23.49 40.24
N TYR F 502 -38.09 -24.27 40.72
CA TYR F 502 -38.14 -25.71 40.39
C TYR F 502 -39.10 -25.96 39.23
N GLU F 503 -38.62 -26.74 38.25
CA GLU F 503 -39.38 -27.04 37.02
C GLU F 503 -40.46 -28.13 37.03
N GLY F 504 -40.05 -29.37 37.30
CA GLY F 504 -40.96 -30.50 37.28
C GLY F 504 -40.98 -31.05 35.86
N THR F 505 -40.76 -30.16 34.89
CA THR F 505 -40.78 -30.52 33.49
C THR F 505 -39.39 -30.78 32.90
N TYR F 506 -38.80 -31.91 33.27
CA TYR F 506 -37.49 -32.29 32.77
C TYR F 506 -37.43 -33.81 32.68
N LYS F 507 -37.28 -34.29 31.45
CA LYS F 507 -37.24 -35.72 31.11
C LYS F 507 -35.83 -36.29 31.02
N TRP F 508 -35.57 -37.46 31.61
CA TRP F 508 -34.23 -38.04 31.48
C TRP F 508 -34.21 -39.55 31.19
N VAL F 509 -33.40 -39.93 30.20
CA VAL F 509 -33.23 -41.32 29.78
C VAL F 509 -31.73 -41.64 29.80
N ASN F 510 -31.35 -42.90 29.58
CA ASN F 510 -29.94 -43.28 29.60
C ASN F 510 -29.28 -43.32 28.20
N THR G 9 -12.11 19.88 65.30
CA THR G 9 -10.72 19.46 65.67
C THR G 9 -10.58 18.00 65.23
N HIS G 10 -10.05 17.13 66.10
CA HIS G 10 -9.89 15.71 65.77
C HIS G 10 -11.23 14.96 65.84
N VAL G 11 -12.23 15.49 65.13
CA VAL G 11 -13.57 14.91 65.11
C VAL G 11 -13.67 13.56 64.40
N CYS G 12 -12.66 13.21 63.59
CA CYS G 12 -12.65 11.93 62.90
C CYS G 12 -12.05 10.87 63.84
N GLY G 13 -12.30 11.05 65.14
CA GLY G 13 -11.80 10.14 66.16
C GLY G 13 -12.55 10.31 67.47
N GLN G 27 -6.79 2.35 77.14
CA GLN G 27 -5.41 1.87 77.48
C GLN G 27 -4.62 2.99 78.19
N SER G 28 -4.01 3.89 77.42
CA SER G 28 -3.22 5.01 77.96
C SER G 28 -3.21 6.15 76.92
N ASP G 29 -3.22 7.41 77.36
CA ASP G 29 -3.22 8.51 76.41
C ASP G 29 -2.19 9.67 76.46
N THR G 30 -1.03 9.45 77.09
CA THR G 30 0.05 10.44 77.06
C THR G 30 0.96 9.80 76.03
N HIS G 31 1.57 10.61 75.17
CA HIS G 31 2.43 10.09 74.11
C HIS G 31 3.80 10.77 74.08
N ILE G 32 4.82 10.00 73.72
CA ILE G 32 6.18 10.51 73.62
C ILE G 32 6.72 10.24 72.21
N PHE G 33 7.06 11.30 71.50
CA PHE G 33 7.58 11.21 70.15
C PHE G 33 9.12 11.34 70.15
N ILE G 34 9.80 10.21 70.25
CA ILE G 34 11.27 10.18 70.27
C ILE G 34 11.84 10.30 68.87
N ILE G 35 12.59 11.35 68.62
CA ILE G 35 13.19 11.52 67.30
C ILE G 35 14.66 11.10 67.34
N MET G 36 14.93 9.85 67.00
CA MET G 36 16.31 9.37 66.98
C MET G 36 17.05 10.04 65.82
N GLY G 37 18.21 10.62 66.13
CA GLY G 37 19.00 11.31 65.12
C GLY G 37 18.48 12.72 64.94
N ALA G 38 17.96 13.29 66.02
CA ALA G 38 17.39 14.64 66.03
C ALA G 38 18.29 15.75 65.48
N SER G 39 19.58 15.45 65.36
CA SER G 39 20.53 16.43 64.84
C SER G 39 20.62 16.37 63.31
N GLY G 40 20.29 15.21 62.76
CA GLY G 40 20.33 14.99 61.32
C GLY G 40 19.51 15.89 60.41
N ASP G 41 19.94 16.01 59.16
CA ASP G 41 19.28 16.84 58.16
C ASP G 41 17.78 16.55 58.11
N LEU G 42 17.44 15.27 58.00
CA LEU G 42 16.04 14.83 57.93
C LEU G 42 15.25 15.37 59.11
N ALA G 43 15.77 15.18 60.31
CA ALA G 43 15.08 15.64 61.51
C ALA G 43 14.79 17.12 61.48
N LYS G 44 15.81 17.95 61.34
CA LYS G 44 15.62 19.39 61.34
C LYS G 44 14.86 19.99 60.16
N LYS G 45 14.88 19.30 59.02
CA LYS G 45 14.20 19.83 57.83
C LYS G 45 12.86 19.22 57.47
N LYS G 46 12.53 18.06 58.04
CA LYS G 46 11.26 17.41 57.72
C LYS G 46 10.51 16.94 58.98
N ILE G 47 11.08 15.97 59.70
CA ILE G 47 10.43 15.43 60.90
C ILE G 47 9.99 16.45 61.94
N TYR G 48 10.90 17.33 62.36
CA TYR G 48 10.57 18.35 63.35
C TYR G 48 9.49 19.29 62.83
N PRO G 49 9.67 19.82 61.61
CA PRO G 49 8.63 20.72 61.09
C PRO G 49 7.26 20.04 61.10
N THR G 50 7.19 18.88 60.48
CA THR G 50 5.97 18.09 60.40
C THR G 50 5.29 17.89 61.74
N ILE G 51 6.04 17.41 62.73
CA ILE G 51 5.46 17.17 64.04
C ILE G 51 4.87 18.43 64.63
N TRP G 52 5.40 19.59 64.23
CA TRP G 52 4.88 20.86 64.74
C TRP G 52 3.58 21.22 64.04
N TRP G 53 3.49 20.98 62.73
CA TRP G 53 2.27 21.28 61.98
C TRP G 53 1.12 20.47 62.51
N LEU G 54 1.42 19.23 62.89
CA LEU G 54 0.45 18.28 63.44
C LEU G 54 -0.05 18.81 64.79
N PHE G 55 0.85 19.37 65.58
CA PHE G 55 0.50 19.93 66.87
C PHE G 55 -0.33 21.18 66.61
N ARG G 56 0.16 21.99 65.68
CA ARG G 56 -0.47 23.24 65.29
C ARG G 56 -1.94 23.06 64.95
N ASP G 57 -2.22 22.16 64.00
CA ASP G 57 -3.59 21.91 63.59
C ASP G 57 -4.39 21.13 64.64
N GLY G 58 -3.79 20.88 65.79
CA GLY G 58 -4.47 20.17 66.85
C GLY G 58 -4.86 18.75 66.49
N LEU G 59 -3.95 18.04 65.83
CA LEU G 59 -4.16 16.65 65.43
C LEU G 59 -3.43 15.73 66.41
N LEU G 60 -2.47 16.28 67.13
CA LEU G 60 -1.73 15.50 68.11
C LEU G 60 -2.51 15.48 69.42
N PRO G 61 -2.50 14.33 70.12
CA PRO G 61 -3.20 14.20 71.40
C PRO G 61 -2.76 15.31 72.35
N GLU G 62 -3.61 15.60 73.33
CA GLU G 62 -3.29 16.64 74.30
C GLU G 62 -1.99 16.41 75.05
N ASN G 63 -1.83 15.22 75.61
CA ASN G 63 -0.62 14.92 76.36
C ASN G 63 0.47 14.33 75.49
N THR G 64 1.16 15.20 74.76
CA THR G 64 2.22 14.74 73.88
C THR G 64 3.49 15.49 74.20
N PHE G 65 4.61 14.78 74.16
CA PHE G 65 5.92 15.38 74.43
C PHE G 65 6.89 14.93 73.33
N ILE G 66 7.74 15.84 72.90
CA ILE G 66 8.71 15.50 71.86
C ILE G 66 10.08 15.43 72.50
N VAL G 67 10.79 14.34 72.23
CA VAL G 67 12.11 14.14 72.79
C VAL G 67 13.10 13.86 71.69
N GLY G 68 13.98 14.82 71.42
CA GLY G 68 15.01 14.63 70.40
C GLY G 68 16.20 13.91 71.01
N TYR G 69 16.86 13.05 70.25
CA TYR G 69 18.02 12.31 70.75
C TYR G 69 19.10 12.32 69.66
N ALA G 70 20.35 12.61 70.04
CA ALA G 70 21.46 12.64 69.09
C ALA G 70 22.84 12.49 69.74
N ARG G 71 23.84 12.27 68.90
CA ARG G 71 25.24 12.07 69.29
C ARG G 71 25.90 13.31 69.88
N SER G 72 25.92 14.38 69.09
CA SER G 72 26.53 15.64 69.49
C SER G 72 25.80 16.17 70.71
N ARG G 73 26.55 16.33 71.81
CA ARG G 73 25.97 16.84 73.06
C ARG G 73 25.38 18.22 72.74
N LEU G 74 24.17 18.18 72.20
CA LEU G 74 23.48 19.39 71.78
C LEU G 74 22.66 20.09 72.84
N THR G 75 22.27 21.30 72.44
CA THR G 75 21.51 22.23 73.24
C THR G 75 20.27 21.71 73.93
N VAL G 76 19.71 22.57 74.76
CA VAL G 76 18.46 22.27 75.43
C VAL G 76 17.51 22.38 74.23
N ALA G 77 16.40 21.64 74.29
CA ALA G 77 15.44 21.67 73.21
C ALA G 77 15.28 23.08 72.67
N ASP G 78 14.53 23.90 73.42
CA ASP G 78 14.23 25.29 73.07
C ASP G 78 15.46 26.15 72.70
N ILE G 79 16.66 25.62 72.96
CA ILE G 79 17.87 26.35 72.67
C ILE G 79 18.26 26.32 71.17
N ARG G 80 19.02 25.29 70.80
CA ARG G 80 19.50 25.17 69.44
C ARG G 80 18.41 24.67 68.49
N LYS G 81 17.48 23.87 69.03
CA LYS G 81 16.39 23.40 68.21
C LYS G 81 15.29 24.42 68.28
N GLN G 82 15.29 25.24 67.26
CA GLN G 82 14.39 26.36 67.02
C GLN G 82 15.34 27.26 66.24
N SER G 83 16.64 27.02 66.43
CA SER G 83 17.66 27.77 65.73
C SER G 83 17.87 27.05 64.40
N GLU G 84 18.08 25.74 64.45
CA GLU G 84 18.26 24.96 63.23
C GLU G 84 16.93 24.90 62.42
N PRO G 85 15.83 24.38 63.02
CA PRO G 85 14.54 24.32 62.32
C PRO G 85 13.77 25.63 62.59
N PHE G 86 12.76 25.92 61.78
CA PHE G 86 11.96 27.15 61.91
C PHE G 86 11.04 27.24 60.70
N PHE G 87 11.18 26.24 59.84
CA PHE G 87 10.46 26.14 58.58
C PHE G 87 8.92 26.34 58.63
N LYS G 88 8.49 27.40 57.93
CA LYS G 88 7.08 27.82 57.80
C LYS G 88 6.43 28.36 59.05
N ALA G 89 7.09 29.36 59.65
CA ALA G 89 6.62 30.01 60.85
C ALA G 89 5.68 31.14 60.47
N THR G 90 4.69 31.37 61.32
CA THR G 90 3.71 32.42 61.09
C THR G 90 3.72 33.34 62.32
N PRO G 91 3.82 34.67 62.10
CA PRO G 91 3.85 35.70 63.15
C PRO G 91 2.85 35.49 64.32
N GLU G 92 1.56 35.57 64.04
CA GLU G 92 0.51 35.41 65.06
C GLU G 92 0.50 34.07 65.79
N GLU G 93 1.19 33.06 65.25
CA GLU G 93 1.24 31.73 65.86
C GLU G 93 2.25 31.63 67.00
N LYS G 94 3.05 32.67 67.19
CA LYS G 94 4.08 32.73 68.24
C LYS G 94 3.67 32.14 69.60
N LEU G 95 2.42 32.37 70.02
CA LEU G 95 1.94 31.84 71.30
C LEU G 95 2.07 30.32 71.33
N LYS G 96 1.33 29.66 70.45
CA LYS G 96 1.34 28.20 70.38
C LYS G 96 2.76 27.70 70.09
N LEU G 97 3.54 28.51 69.40
CA LEU G 97 4.92 28.19 69.06
C LEU G 97 5.72 27.87 70.31
N GLU G 98 5.73 28.81 71.26
CA GLU G 98 6.46 28.63 72.52
C GLU G 98 5.83 27.47 73.28
N ASP G 99 4.49 27.41 73.23
CA ASP G 99 3.72 26.35 73.89
C ASP G 99 4.27 24.99 73.48
N PHE G 100 4.60 24.89 72.19
CA PHE G 100 5.14 23.66 71.61
C PHE G 100 6.47 23.23 72.22
N PHE G 101 7.41 24.15 72.27
CA PHE G 101 8.73 23.85 72.81
C PHE G 101 8.72 23.45 74.28
N ALA G 102 7.67 23.85 75.01
CA ALA G 102 7.54 23.48 76.41
C ALA G 102 7.38 21.95 76.47
N ARG G 103 6.89 21.39 75.36
CA ARG G 103 6.69 19.95 75.22
C ARG G 103 7.97 19.27 74.78
N ASN G 104 8.83 20.05 74.16
CA ASN G 104 10.09 19.53 73.68
C ASN G 104 11.17 19.41 74.72
N SER G 105 12.07 18.47 74.48
CA SER G 105 13.19 18.20 75.34
C SER G 105 14.28 17.52 74.48
N TYR G 106 15.49 17.41 75.02
CA TYR G 106 16.60 16.79 74.30
C TYR G 106 17.38 15.83 75.20
N VAL G 107 18.22 15.01 74.59
CA VAL G 107 19.07 14.06 75.28
C VAL G 107 20.23 13.77 74.33
N ALA G 108 21.42 13.60 74.89
CA ALA G 108 22.59 13.31 74.09
C ALA G 108 23.13 11.94 74.49
N GLY G 109 23.69 11.23 73.52
CA GLY G 109 24.23 9.90 73.79
C GLY G 109 24.71 9.25 72.51
N GLN G 110 25.40 8.13 72.66
CA GLN G 110 25.91 7.40 71.50
C GLN G 110 24.92 6.28 71.18
N TYR G 111 24.81 5.95 69.90
CA TYR G 111 23.89 4.92 69.44
C TYR G 111 24.40 3.49 69.63
N ASP G 112 25.05 3.20 70.75
CA ASP G 112 25.58 1.84 70.98
C ASP G 112 25.85 1.42 72.43
N ASP G 113 26.19 2.38 73.29
CA ASP G 113 26.47 2.04 74.69
C ASP G 113 25.22 2.13 75.56
N ALA G 114 24.91 1.03 76.23
CA ALA G 114 23.74 0.96 77.10
C ALA G 114 23.63 2.14 78.04
N ALA G 115 24.77 2.64 78.51
CA ALA G 115 24.80 3.77 79.44
C ALA G 115 23.94 4.94 78.97
N SER G 116 24.15 5.36 77.73
CA SER G 116 23.40 6.47 77.13
C SER G 116 21.92 6.19 77.06
N TYR G 117 21.57 5.02 76.52
CA TYR G 117 20.17 4.63 76.39
C TYR G 117 19.51 4.55 77.78
N GLN G 118 20.32 4.16 78.77
CA GLN G 118 19.85 4.02 80.13
C GLN G 118 19.27 5.30 80.72
N ARG G 119 19.97 6.42 80.54
CA ARG G 119 19.48 7.69 81.06
C ARG G 119 18.35 8.25 80.18
N LEU G 120 18.29 7.80 78.93
CA LEU G 120 17.23 8.23 78.03
C LEU G 120 15.92 7.74 78.61
N ASN G 121 15.87 6.42 78.83
CA ASN G 121 14.72 5.75 79.41
C ASN G 121 14.27 6.50 80.66
N SER G 122 15.21 6.72 81.56
CA SER G 122 14.96 7.44 82.81
C SER G 122 14.33 8.81 82.54
N HIS G 123 14.88 9.53 81.56
CA HIS G 123 14.37 10.85 81.19
C HIS G 123 12.89 10.75 80.82
N MET G 124 12.53 9.69 80.10
CA MET G 124 11.16 9.49 79.68
C MET G 124 10.25 9.28 80.87
N ASN G 125 10.63 8.35 81.75
CA ASN G 125 9.87 8.07 82.96
C ASN G 125 9.74 9.33 83.82
N ALA G 126 10.71 10.22 83.71
CA ALA G 126 10.74 11.48 84.46
C ALA G 126 9.57 12.35 84.06
N LEU G 127 9.27 12.33 82.76
CA LEU G 127 8.17 13.11 82.24
C LEU G 127 6.89 12.71 82.95
N HIS G 128 5.92 13.64 82.98
CA HIS G 128 4.64 13.38 83.62
C HIS G 128 3.97 12.10 83.06
N LEU G 129 4.06 11.02 83.84
CA LEU G 129 3.48 9.72 83.48
C LEU G 129 4.29 8.97 82.43
N GLY G 130 5.59 9.26 82.35
CA GLY G 130 6.47 8.62 81.39
C GLY G 130 6.33 7.11 81.28
N SER G 131 6.14 6.44 82.41
CA SER G 131 6.00 4.98 82.45
C SER G 131 4.69 4.46 81.86
N GLN G 132 3.68 5.32 81.80
CA GLN G 132 2.36 4.98 81.28
C GLN G 132 2.18 5.29 79.80
N ALA G 133 2.77 6.41 79.40
CA ALA G 133 2.67 6.88 78.03
C ALA G 133 3.05 5.89 76.94
N ASN G 134 2.59 6.18 75.74
CA ASN G 134 2.88 5.37 74.58
C ASN G 134 4.16 5.96 74.02
N ARG G 135 4.99 5.10 73.46
CA ARG G 135 6.27 5.53 72.91
C ARG G 135 6.35 5.25 71.42
N LEU G 136 6.76 6.27 70.68
CA LEU G 136 6.87 6.18 69.25
C LEU G 136 8.30 6.62 68.89
N PHE G 137 9.07 5.70 68.32
CA PHE G 137 10.44 5.97 67.97
C PHE G 137 10.63 6.17 66.48
N TYR G 138 10.91 7.39 66.07
CA TYR G 138 11.16 7.65 64.66
C TYR G 138 12.67 7.54 64.47
N LEU G 139 13.12 6.71 63.55
CA LEU G 139 14.55 6.55 63.31
C LEU G 139 15.05 7.41 62.16
N ALA G 140 15.27 8.69 62.43
CA ALA G 140 15.77 9.62 61.42
C ALA G 140 17.30 9.59 61.33
N LEU G 141 17.87 8.41 61.11
CA LEU G 141 19.31 8.27 60.99
C LEU G 141 19.72 7.15 60.04
N PRO G 142 21.00 7.13 59.60
CA PRO G 142 21.57 6.14 58.68
C PRO G 142 21.37 4.66 59.03
N PRO G 143 21.01 3.85 58.02
CA PRO G 143 20.74 2.41 58.05
C PRO G 143 21.78 1.53 58.76
N THR G 144 23.03 1.96 58.78
CA THR G 144 24.10 1.20 59.42
C THR G 144 23.82 1.06 60.93
N VAL G 145 23.38 2.17 61.51
CA VAL G 145 23.08 2.26 62.93
C VAL G 145 21.82 1.50 63.34
N TYR G 146 20.88 1.35 62.43
CA TYR G 146 19.61 0.65 62.68
C TYR G 146 19.76 -0.59 63.55
N GLU G 147 20.63 -1.52 63.12
CA GLU G 147 20.82 -2.75 63.87
C GLU G 147 21.00 -2.50 65.36
N ALA G 148 21.92 -1.61 65.69
CA ALA G 148 22.22 -1.27 67.07
C ALA G 148 21.08 -0.53 67.76
N VAL G 149 20.62 0.56 67.17
CA VAL G 149 19.53 1.37 67.72
C VAL G 149 18.34 0.50 68.11
N THR G 150 17.98 -0.39 67.20
CA THR G 150 16.87 -1.32 67.41
C THR G 150 17.14 -2.20 68.63
N LYS G 151 18.31 -2.83 68.64
CA LYS G 151 18.73 -3.70 69.73
C LYS G 151 18.54 -3.01 71.09
N ASN G 152 19.15 -1.83 71.22
CA ASN G 152 19.09 -1.05 72.44
C ASN G 152 17.68 -0.65 72.85
N ILE G 153 16.96 -0.05 71.92
CA ILE G 153 15.60 0.39 72.20
C ILE G 153 14.73 -0.72 72.77
N HIS G 154 14.93 -1.93 72.28
CA HIS G 154 14.16 -3.08 72.74
C HIS G 154 14.49 -3.47 74.16
N GLU G 155 15.75 -3.32 74.54
CA GLU G 155 16.18 -3.69 75.88
C GLU G 155 15.83 -2.66 76.96
N SER G 156 16.41 -1.48 76.86
CA SER G 156 16.19 -0.46 77.86
C SER G 156 15.10 0.59 77.68
N CYS G 157 14.58 0.78 76.47
CA CYS G 157 13.56 1.82 76.28
C CYS G 157 12.10 1.42 76.05
N MET G 158 11.82 0.13 76.10
CA MET G 158 10.47 -0.36 75.91
C MET G 158 9.57 0.06 77.08
N SER G 159 8.36 0.52 76.78
CA SER G 159 7.42 0.93 77.83
C SER G 159 6.73 -0.31 78.38
N GLN G 160 6.53 -0.34 79.69
CA GLN G 160 5.87 -1.47 80.34
C GLN G 160 4.36 -1.41 80.12
N ILE G 161 3.85 -0.20 79.90
CA ILE G 161 2.44 0.02 79.66
C ILE G 161 2.31 0.91 78.44
N GLY G 162 1.28 0.68 77.64
CA GLY G 162 1.11 1.48 76.45
C GLY G 162 1.90 0.87 75.31
N TRP G 163 1.55 1.23 74.08
CA TRP G 163 2.22 0.68 72.92
C TRP G 163 3.57 1.31 72.60
N ASN G 164 4.34 0.56 71.81
CA ASN G 164 5.67 0.98 71.37
C ASN G 164 5.73 0.74 69.89
N ARG G 165 5.96 1.79 69.13
CA ARG G 165 6.05 1.71 67.67
C ARG G 165 7.30 2.39 67.14
N ILE G 166 7.94 1.72 66.19
CA ILE G 166 9.18 2.20 65.59
C ILE G 166 9.02 2.49 64.09
N ILE G 167 9.35 3.71 63.70
CA ILE G 167 9.25 4.14 62.31
C ILE G 167 10.59 4.07 61.59
N VAL G 168 10.73 3.16 60.65
CA VAL G 168 11.96 3.00 59.90
C VAL G 168 11.90 3.72 58.56
N GLU G 169 12.61 4.84 58.46
CA GLU G 169 12.62 5.66 57.25
C GLU G 169 13.08 4.97 55.99
N LYS G 170 14.17 4.21 56.05
CA LYS G 170 14.66 3.51 54.86
C LYS G 170 14.60 2.01 55.08
N PRO G 171 13.48 1.37 54.68
CA PRO G 171 13.27 -0.08 54.83
C PRO G 171 14.17 -0.89 53.89
N PHE G 172 14.61 -0.26 52.81
CA PHE G 172 15.49 -0.92 51.85
C PHE G 172 16.97 -0.79 52.21
N GLY G 173 17.67 -1.93 52.13
CA GLY G 173 19.09 -1.94 52.39
C GLY G 173 19.73 -1.99 51.02
N ARG G 174 21.06 -1.95 50.95
CA ARG G 174 21.72 -2.01 49.66
C ARG G 174 21.72 -3.45 49.14
N ASP G 175 22.41 -4.35 49.85
CA ASP G 175 22.47 -5.77 49.46
C ASP G 175 21.15 -6.46 49.80
N LEU G 176 20.72 -7.36 48.93
CA LEU G 176 19.49 -8.13 49.19
C LEU G 176 19.73 -8.92 50.47
N GLN G 177 20.82 -9.68 50.47
CA GLN G 177 21.26 -10.51 51.60
C GLN G 177 21.40 -9.72 52.90
N SER G 178 21.89 -8.47 52.77
CA SER G 178 22.08 -7.57 53.92
C SER G 178 20.71 -7.10 54.40
N SER G 179 19.89 -6.65 53.47
CA SER G 179 18.55 -6.19 53.81
C SER G 179 17.86 -7.30 54.58
N ASP G 180 18.03 -8.52 54.11
CA ASP G 180 17.44 -9.69 54.76
C ASP G 180 17.86 -9.81 56.24
N ARG G 181 19.14 -9.65 56.52
CA ARG G 181 19.63 -9.76 57.90
C ARG G 181 19.00 -8.69 58.81
N LEU G 182 19.03 -7.43 58.36
CA LEU G 182 18.46 -6.33 59.13
C LEU G 182 17.01 -6.64 59.45
N SER G 183 16.26 -7.03 58.42
CA SER G 183 14.85 -7.37 58.57
C SER G 183 14.65 -8.46 59.62
N ASN G 184 15.36 -9.58 59.45
CA ASN G 184 15.25 -10.70 60.37
C ASN G 184 15.58 -10.27 61.80
N HIS G 185 16.56 -9.37 61.92
CA HIS G 185 17.00 -8.83 63.21
C HIS G 185 15.87 -8.07 63.87
N ILE G 186 15.38 -7.06 63.18
CA ILE G 186 14.32 -6.23 63.72
C ILE G 186 13.08 -7.08 64.04
N SER G 187 12.78 -8.01 63.14
CA SER G 187 11.61 -8.89 63.28
C SER G 187 11.71 -9.90 64.43
N SER G 188 12.92 -10.09 64.97
CA SER G 188 13.09 -11.02 66.08
C SER G 188 12.88 -10.29 67.40
N LEU G 189 13.01 -8.98 67.36
CA LEU G 189 12.83 -8.17 68.56
C LEU G 189 11.40 -7.65 68.65
N PHE G 190 10.97 -7.00 67.58
CA PHE G 190 9.63 -6.42 67.48
C PHE G 190 8.75 -7.33 66.64
N ARG G 191 7.44 -7.22 66.81
CA ARG G 191 6.50 -8.00 66.00
C ARG G 191 5.87 -7.06 64.97
N GLU G 192 5.68 -7.57 63.76
CA GLU G 192 5.13 -6.81 62.63
C GLU G 192 4.21 -5.65 62.94
N ASP G 193 3.36 -5.80 63.94
CA ASP G 193 2.43 -4.73 64.28
C ASP G 193 3.07 -3.58 65.06
N GLN G 194 4.40 -3.55 65.05
CA GLN G 194 5.14 -2.49 65.74
C GLN G 194 6.03 -1.78 64.75
N ILE G 195 6.38 -2.48 63.68
CA ILE G 195 7.27 -1.94 62.66
C ILE G 195 6.49 -1.16 61.60
N TYR G 196 6.83 0.10 61.45
CA TYR G 196 6.18 0.97 60.48
C TYR G 196 7.20 1.42 59.44
N ARG G 197 7.32 0.66 58.35
CA ARG G 197 8.28 0.97 57.29
C ARG G 197 7.79 2.06 56.35
N ILE G 198 8.62 3.07 56.15
CA ILE G 198 8.27 4.21 55.32
C ILE G 198 8.49 4.11 53.81
N ASP G 199 7.62 4.84 53.11
CA ASP G 199 7.64 5.02 51.67
C ASP G 199 6.67 6.17 51.50
N HIS G 200 7.15 7.39 51.77
CA HIS G 200 6.33 8.59 51.73
C HIS G 200 5.36 8.80 50.59
N TYR G 201 5.55 8.13 49.47
CA TYR G 201 4.61 8.31 48.38
C TYR G 201 3.25 7.78 48.78
N LEU G 202 3.24 6.74 49.61
CA LEU G 202 1.99 6.13 50.06
C LEU G 202 1.13 7.09 50.88
N GLY G 203 1.68 8.26 51.17
CA GLY G 203 0.95 9.24 51.94
C GLY G 203 0.56 10.45 51.12
N LYS G 204 0.70 10.38 49.80
CA LYS G 204 0.32 11.51 48.94
C LYS G 204 -1.15 11.42 48.50
N GLU G 205 -1.85 12.55 48.57
CA GLU G 205 -3.26 12.63 48.21
C GLU G 205 -3.70 11.70 47.06
N MET G 206 -3.21 11.99 45.86
CA MET G 206 -3.55 11.20 44.69
C MET G 206 -3.25 9.71 44.76
N VAL G 207 -2.21 9.31 45.48
CA VAL G 207 -1.87 7.90 45.58
C VAL G 207 -2.88 7.13 46.41
N GLN G 208 -3.37 7.75 47.48
CA GLN G 208 -4.37 7.13 48.35
C GLN G 208 -5.68 7.04 47.61
N ASN G 209 -5.98 8.10 46.86
CA ASN G 209 -7.22 8.19 46.07
C ASN G 209 -7.39 7.01 45.10
N LEU G 210 -6.28 6.48 44.59
CA LEU G 210 -6.29 5.33 43.67
C LEU G 210 -7.28 4.24 44.08
N MET G 211 -7.18 3.83 45.32
CA MET G 211 -8.04 2.78 45.82
C MET G 211 -9.53 3.15 45.79
N VAL G 212 -9.85 4.43 46.01
CA VAL G 212 -11.24 4.88 45.97
C VAL G 212 -11.70 4.92 44.53
N LEU G 213 -10.92 5.59 43.69
CA LEU G 213 -11.24 5.68 42.27
C LEU G 213 -11.63 4.32 41.71
N ARG G 214 -10.83 3.30 42.00
CA ARG G 214 -11.07 1.96 41.51
C ARG G 214 -12.22 1.20 42.13
N PHE G 215 -12.23 1.13 43.46
CA PHE G 215 -13.24 0.35 44.14
C PHE G 215 -14.59 0.94 44.60
N ALA G 216 -14.83 2.21 44.32
CA ALA G 216 -16.08 2.83 44.70
C ALA G 216 -16.82 3.35 43.47
N ASN G 217 -16.28 3.05 42.31
CA ASN G 217 -16.91 3.50 41.07
C ASN G 217 -17.16 2.35 40.13
N ARG G 218 -18.32 2.41 39.47
CA ARG G 218 -18.69 1.39 38.55
C ARG G 218 -18.14 1.78 37.19
N ILE G 219 -18.02 3.08 36.92
CA ILE G 219 -17.51 3.48 35.61
C ILE G 219 -16.08 3.04 35.35
N PHE G 220 -15.40 2.53 36.38
CA PHE G 220 -14.02 2.08 36.22
C PHE G 220 -13.81 0.61 36.56
N GLY G 221 -14.86 -0.04 37.05
CA GLY G 221 -14.77 -1.44 37.43
C GLY G 221 -14.50 -2.42 36.30
N PRO G 222 -15.50 -2.69 35.45
CA PRO G 222 -15.41 -3.62 34.31
C PRO G 222 -14.41 -3.28 33.20
N ILE G 223 -13.68 -2.17 33.33
CA ILE G 223 -12.70 -1.80 32.32
C ILE G 223 -11.27 -2.15 32.76
N TRP G 224 -11.08 -2.22 34.07
CA TRP G 224 -9.78 -2.50 34.70
C TRP G 224 -9.29 -3.94 34.45
N ASN G 225 -8.99 -4.28 33.19
CA ASN G 225 -8.52 -5.64 32.87
C ASN G 225 -7.94 -5.77 31.47
N ARG G 226 -7.21 -6.86 31.25
CA ARG G 226 -6.55 -7.15 29.96
C ARG G 226 -7.43 -7.07 28.73
N ASP G 227 -8.73 -7.24 28.90
CA ASP G 227 -9.64 -7.20 27.77
C ASP G 227 -9.79 -5.78 27.24
N ASN G 228 -9.55 -4.79 28.09
CA ASN G 228 -9.68 -3.39 27.67
C ASN G 228 -8.43 -2.53 27.74
N ILE G 229 -7.50 -2.85 28.63
CA ILE G 229 -6.28 -2.05 28.76
C ILE G 229 -5.14 -2.54 27.89
N ALA G 230 -4.48 -1.60 27.20
CA ALA G 230 -3.35 -1.89 26.32
C ALA G 230 -2.00 -1.86 27.04
N CYS G 231 -1.88 -0.97 28.03
CA CYS G 231 -0.66 -0.86 28.85
C CYS G 231 -0.81 0.18 29.97
N VAL G 232 0.04 0.04 30.99
CA VAL G 232 0.05 0.95 32.13
C VAL G 232 1.43 1.59 32.26
N ILE G 233 1.45 2.92 32.41
CA ILE G 233 2.70 3.67 32.51
C ILE G 233 2.79 4.44 33.81
N LEU G 234 3.80 4.10 34.60
CA LEU G 234 4.05 4.75 35.88
C LEU G 234 5.30 5.61 35.67
N THR G 235 5.12 6.92 35.68
CA THR G 235 6.20 7.85 35.45
C THR G 235 6.63 8.63 36.69
N PHE G 236 7.91 9.00 36.73
CA PHE G 236 8.50 9.78 37.81
C PHE G 236 9.66 10.61 37.23
N LYS G 237 9.48 11.93 37.16
CA LYS G 237 10.49 12.82 36.58
C LYS G 237 10.87 14.05 37.42
N GLU G 238 12.17 14.30 37.52
CA GLU G 238 12.72 15.45 38.25
C GLU G 238 13.55 16.26 37.25
N PRO G 239 13.30 17.57 37.16
CA PRO G 239 13.97 18.52 36.25
C PRO G 239 15.42 18.84 36.58
N PHE G 240 15.76 18.73 37.88
CA PHE G 240 17.09 19.01 38.37
C PHE G 240 17.95 17.75 38.44
N GLY G 241 19.25 17.93 38.24
CA GLY G 241 20.16 16.80 38.30
C GLY G 241 20.54 16.53 39.75
N THR G 242 21.64 15.82 39.96
CA THR G 242 22.08 15.55 41.31
C THR G 242 22.80 16.81 41.82
N GLU G 243 22.03 17.68 42.48
CA GLU G 243 22.52 18.95 43.01
C GLU G 243 23.76 18.84 43.89
N GLY G 244 24.92 18.81 43.26
CA GLY G 244 26.17 18.71 43.99
C GLY G 244 26.52 17.42 44.72
N ARG G 245 25.58 16.84 45.47
CA ARG G 245 25.85 15.62 46.23
C ARG G 245 25.89 14.32 45.44
N GLY G 246 26.33 14.40 44.18
CA GLY G 246 26.41 13.23 43.33
C GLY G 246 27.06 12.01 43.97
N GLY G 247 28.00 12.29 44.88
CA GLY G 247 28.72 11.24 45.56
C GLY G 247 27.88 10.16 46.20
N TYR G 248 26.92 10.56 47.02
CA TYR G 248 26.09 9.56 47.70
C TYR G 248 25.16 8.75 46.76
N PHE G 249 24.46 9.46 45.87
CA PHE G 249 23.54 8.84 44.91
C PHE G 249 24.22 7.70 44.14
N ASP G 250 25.46 7.93 43.72
CA ASP G 250 26.21 6.94 42.95
C ASP G 250 26.25 5.50 43.49
N GLU G 251 26.09 5.32 44.80
CA GLU G 251 26.12 3.98 45.37
C GLU G 251 24.90 3.15 45.01
N PHE G 252 23.76 3.82 44.87
CA PHE G 252 22.50 3.17 44.61
C PHE G 252 22.03 3.11 43.16
N GLY G 253 21.92 4.26 42.52
CA GLY G 253 21.44 4.30 41.16
C GLY G 253 19.96 4.54 41.14
N ILE G 254 19.47 5.16 40.06
CA ILE G 254 18.06 5.48 39.93
C ILE G 254 17.07 4.35 40.29
N ILE G 255 17.40 3.10 39.93
CA ILE G 255 16.51 1.97 40.21
C ILE G 255 16.19 1.88 41.70
N ARG G 256 17.23 1.66 42.51
CA ARG G 256 17.07 1.53 43.97
C ARG G 256 16.52 2.80 44.61
N ASP G 257 16.83 3.92 43.99
CA ASP G 257 16.41 5.21 44.50
C ASP G 257 14.92 5.49 44.34
N VAL G 258 14.37 5.15 43.17
CA VAL G 258 12.96 5.44 42.92
C VAL G 258 12.09 4.28 42.44
N MET G 259 12.56 3.57 41.43
CA MET G 259 11.79 2.48 40.86
C MET G 259 11.46 1.35 41.82
N GLN G 260 12.47 0.79 42.44
CA GLN G 260 12.25 -0.33 43.34
C GLN G 260 11.29 -0.06 44.49
N ASN G 261 11.17 1.19 44.89
CA ASN G 261 10.29 1.53 46.01
C ASN G 261 8.99 2.25 45.71
N HIS G 262 9.07 3.46 45.14
CA HIS G 262 7.87 4.23 44.82
C HIS G 262 7.05 3.65 43.68
N LEU G 263 7.63 3.62 42.48
CA LEU G 263 6.94 3.12 41.31
C LEU G 263 6.29 1.77 41.55
N LEU G 264 7.03 0.87 42.18
CA LEU G 264 6.50 -0.46 42.46
C LEU G 264 5.24 -0.38 43.32
N GLN G 265 5.22 0.50 44.29
CA GLN G 265 4.04 0.64 45.14
C GLN G 265 2.84 1.08 44.31
N MET G 266 3.05 2.07 43.46
CA MET G 266 1.95 2.54 42.62
C MET G 266 1.41 1.38 41.81
N LEU G 267 2.32 0.58 41.24
CA LEU G 267 1.91 -0.57 40.46
C LEU G 267 1.01 -1.45 41.29
N CYS G 268 1.44 -1.78 42.50
CA CYS G 268 0.63 -2.62 43.35
C CYS G 268 -0.78 -2.06 43.53
N LEU G 269 -0.87 -0.78 43.84
CA LEU G 269 -2.17 -0.15 44.05
C LEU G 269 -3.01 -0.16 42.78
N VAL G 270 -2.34 -0.07 41.63
CA VAL G 270 -3.04 -0.06 40.36
C VAL G 270 -3.47 -1.46 39.90
N ALA G 271 -2.77 -2.50 40.33
CA ALA G 271 -3.07 -3.85 39.89
C ALA G 271 -3.72 -4.82 40.87
N MET G 272 -3.73 -4.46 42.15
CA MET G 272 -4.28 -5.34 43.17
C MET G 272 -5.73 -5.72 42.97
N GLU G 273 -6.12 -6.87 43.52
CA GLU G 273 -7.50 -7.31 43.42
C GLU G 273 -8.25 -6.61 44.54
N LYS G 274 -9.57 -6.53 44.46
CA LYS G 274 -10.34 -5.88 45.51
C LYS G 274 -10.15 -6.67 46.80
N PRO G 275 -9.79 -5.96 47.89
CA PRO G 275 -9.56 -6.53 49.22
C PRO G 275 -10.84 -6.90 49.98
N ALA G 276 -10.69 -7.77 50.98
CA ALA G 276 -11.82 -8.19 51.79
C ALA G 276 -12.41 -7.03 52.61
N SER G 277 -11.64 -5.96 52.76
CA SER G 277 -12.09 -4.77 53.50
C SER G 277 -10.98 -3.73 53.41
N THR G 278 -11.12 -2.65 54.17
CA THR G 278 -10.11 -1.60 54.18
C THR G 278 -9.11 -1.79 55.34
N ASN G 279 -9.18 -2.95 55.99
CA ASN G 279 -8.27 -3.25 57.10
C ASN G 279 -6.84 -3.30 56.58
N SER G 280 -5.95 -2.62 57.30
CA SER G 280 -4.53 -2.55 56.95
C SER G 280 -3.97 -3.84 56.36
N ASP G 281 -4.15 -4.95 57.06
CA ASP G 281 -3.62 -6.21 56.55
C ASP G 281 -4.35 -6.80 55.35
N ASP G 282 -5.67 -6.68 55.33
CA ASP G 282 -6.43 -7.19 54.18
C ASP G 282 -6.01 -6.50 52.90
N VAL G 283 -5.66 -5.22 52.99
CA VAL G 283 -5.21 -4.46 51.82
C VAL G 283 -3.81 -4.91 51.43
N ARG G 284 -2.92 -4.89 52.42
CA ARG G 284 -1.53 -5.30 52.21
C ARG G 284 -1.46 -6.71 51.61
N ASP G 285 -2.33 -7.60 52.05
CA ASP G 285 -2.34 -8.95 51.51
C ASP G 285 -2.53 -8.93 49.98
N GLU G 286 -3.52 -8.18 49.52
CA GLU G 286 -3.81 -8.06 48.09
C GLU G 286 -2.64 -7.47 47.30
N LYS G 287 -1.90 -6.58 47.94
CA LYS G 287 -0.75 -5.92 47.34
C LYS G 287 0.34 -6.94 47.05
N VAL G 288 0.75 -7.65 48.08
CA VAL G 288 1.80 -8.64 47.93
C VAL G 288 1.39 -9.76 47.00
N LYS G 289 0.09 -10.06 46.97
CA LYS G 289 -0.44 -11.10 46.09
C LYS G 289 -0.05 -10.76 44.64
N VAL G 290 -0.06 -9.47 44.31
CA VAL G 290 0.30 -9.02 42.99
C VAL G 290 1.77 -9.27 42.72
N LEU G 291 2.62 -8.78 43.63
CA LEU G 291 4.07 -8.92 43.50
C LEU G 291 4.48 -10.36 43.23
N LYS G 292 3.79 -11.28 43.91
CA LYS G 292 4.08 -12.70 43.77
C LYS G 292 3.89 -13.22 42.35
N CYS G 293 3.22 -12.46 41.50
CA CYS G 293 2.99 -12.90 40.13
C CYS G 293 3.88 -12.21 39.12
N ILE G 294 4.84 -11.45 39.60
CA ILE G 294 5.75 -10.74 38.70
C ILE G 294 7.05 -11.54 38.54
N SER G 295 7.37 -11.93 37.31
CA SER G 295 8.59 -12.67 37.03
C SER G 295 9.77 -11.71 37.06
N GLU G 296 10.96 -12.21 37.36
CA GLU G 296 12.18 -11.41 37.46
C GLU G 296 12.46 -10.58 36.21
N VAL G 297 12.87 -9.34 36.42
CA VAL G 297 13.12 -8.42 35.32
C VAL G 297 14.14 -8.89 34.29
N GLN G 298 13.78 -8.74 33.02
CA GLN G 298 14.66 -9.15 31.93
C GLN G 298 15.50 -7.98 31.43
N ALA G 299 16.78 -8.24 31.21
CA ALA G 299 17.68 -7.22 30.71
C ALA G 299 17.22 -6.69 29.35
N ASN G 300 16.42 -7.51 28.66
CA ASN G 300 15.89 -7.15 27.35
C ASN G 300 14.81 -6.06 27.40
N ASN G 301 14.24 -5.85 28.58
CA ASN G 301 13.19 -4.84 28.76
C ASN G 301 13.70 -3.67 29.57
N VAL G 302 15.00 -3.40 29.47
CA VAL G 302 15.59 -2.32 30.23
C VAL G 302 16.38 -1.32 29.38
N VAL G 303 16.24 -0.05 29.73
CA VAL G 303 16.94 1.04 29.06
C VAL G 303 17.53 1.92 30.14
N LEU G 304 18.85 2.01 30.16
CA LEU G 304 19.56 2.81 31.15
C LEU G 304 20.18 4.04 30.52
N GLY G 305 20.19 5.13 31.28
CA GLY G 305 20.76 6.37 30.77
C GLY G 305 21.43 7.19 31.85
N GLN G 306 22.40 8.02 31.43
CA GLN G 306 23.14 8.89 32.33
C GLN G 306 23.17 10.26 31.65
N TYR G 307 22.86 11.30 32.42
CA TYR G 307 22.81 12.66 31.88
C TYR G 307 24.12 13.38 31.66
N VAL G 308 24.18 14.12 30.56
CA VAL G 308 25.35 14.89 30.19
C VAL G 308 24.93 16.34 30.23
N GLY G 309 25.84 17.21 30.65
CA GLY G 309 25.54 18.63 30.74
C GLY G 309 25.13 19.29 29.43
N ASN G 310 24.36 20.36 29.55
CA ASN G 310 23.89 21.10 28.39
C ASN G 310 24.64 22.42 28.25
N PRO G 311 25.36 22.59 27.14
CA PRO G 311 26.15 23.79 26.84
C PRO G 311 25.34 25.08 26.67
N ASP G 312 24.09 24.98 26.23
CA ASP G 312 23.26 26.17 26.04
C ASP G 312 22.52 26.58 27.31
N GLY G 313 22.63 25.75 28.35
CA GLY G 313 21.94 26.06 29.59
C GLY G 313 22.68 27.06 30.46
N GLU G 314 22.36 27.03 31.75
CA GLU G 314 22.99 27.94 32.71
C GLU G 314 22.95 27.32 34.10
N GLY G 315 23.90 27.71 34.94
CA GLY G 315 23.96 27.18 36.28
C GLY G 315 24.22 25.69 36.24
N GLU G 316 23.51 24.94 37.07
CA GLU G 316 23.67 23.49 37.13
C GLU G 316 23.42 22.78 35.80
N ALA G 317 22.65 23.42 34.92
CA ALA G 317 22.27 22.88 33.61
C ALA G 317 23.42 22.57 32.66
N THR G 318 24.58 23.17 32.92
CA THR G 318 25.75 22.96 32.07
C THR G 318 26.60 21.79 32.55
N LYS G 319 26.55 21.53 33.87
CA LYS G 319 27.33 20.46 34.47
C LYS G 319 26.64 19.08 34.39
N GLY G 320 27.31 18.15 33.72
CA GLY G 320 26.81 16.79 33.57
C GLY G 320 27.03 15.96 34.82
N TYR G 321 26.67 14.68 34.77
CA TYR G 321 26.81 13.79 35.91
C TYR G 321 28.24 13.66 36.37
N LEU G 322 29.13 13.29 35.45
CA LEU G 322 30.54 13.11 35.77
C LEU G 322 31.31 14.39 36.13
N ASP G 323 30.73 15.56 35.81
CA ASP G 323 31.35 16.85 36.13
C ASP G 323 31.25 17.15 37.62
N ASP G 324 30.53 16.29 38.34
CA ASP G 324 30.34 16.37 39.78
C ASP G 324 31.62 15.75 40.36
N PRO G 325 32.40 16.54 41.10
CA PRO G 325 33.65 16.03 41.69
C PRO G 325 33.42 14.83 42.62
N THR G 326 32.33 14.89 43.39
CA THR G 326 32.00 13.84 44.36
C THR G 326 31.82 12.46 43.74
N VAL G 327 31.61 12.42 42.42
CA VAL G 327 31.40 11.14 41.75
C VAL G 327 32.66 10.61 41.06
N PRO G 328 32.96 9.32 41.29
CA PRO G 328 34.12 8.64 40.71
C PRO G 328 34.17 8.86 39.20
N ARG G 329 35.27 9.47 38.74
CA ARG G 329 35.47 9.80 37.33
C ARG G 329 35.06 8.79 36.24
N GLY G 330 35.05 7.50 36.57
CA GLY G 330 34.67 6.51 35.55
C GLY G 330 33.38 5.77 35.87
N SER G 331 32.41 6.48 36.45
CA SER G 331 31.12 5.89 36.84
C SER G 331 30.20 5.54 35.69
N THR G 332 29.48 4.43 35.88
CA THR G 332 28.51 3.94 34.90
C THR G 332 27.12 3.85 35.54
N THR G 333 26.96 4.53 36.68
CA THR G 333 25.70 4.56 37.41
C THR G 333 24.64 5.32 36.61
N ALA G 334 23.47 4.73 36.50
CA ALA G 334 22.36 5.31 35.75
C ALA G 334 21.55 6.34 36.53
N THR G 335 21.18 7.40 35.83
CA THR G 335 20.35 8.47 36.39
C THR G 335 18.93 8.36 35.82
N PHE G 336 18.77 7.48 34.83
CA PHE G 336 17.49 7.27 34.18
C PHE G 336 17.33 5.79 33.86
N ALA G 337 16.10 5.30 33.96
CA ALA G 337 15.78 3.91 33.69
C ALA G 337 14.33 3.70 33.28
N ALA G 338 14.13 2.85 32.28
CA ALA G 338 12.81 2.50 31.77
C ALA G 338 12.77 0.99 31.80
N VAL G 339 11.86 0.43 32.59
CA VAL G 339 11.75 -1.01 32.71
C VAL G 339 10.31 -1.48 32.51
N VAL G 340 10.18 -2.63 31.87
CA VAL G 340 8.88 -3.20 31.60
C VAL G 340 8.69 -4.43 32.45
N LEU G 341 7.59 -4.47 33.19
CA LEU G 341 7.29 -5.62 34.03
C LEU G 341 5.95 -6.23 33.61
N TYR G 342 5.72 -7.49 33.97
CA TYR G 342 4.47 -8.17 33.64
C TYR G 342 3.90 -8.89 34.84
N VAL G 343 2.57 -8.83 34.97
CA VAL G 343 1.87 -9.51 36.06
C VAL G 343 1.16 -10.74 35.48
N GLU G 344 1.62 -11.93 35.82
CA GLU G 344 1.02 -13.14 35.29
C GLU G 344 -0.16 -13.69 36.07
N ASN G 345 -1.33 -13.11 35.83
CA ASN G 345 -2.55 -13.60 36.47
C ASN G 345 -3.76 -13.35 35.58
N GLU G 346 -4.86 -14.02 35.89
CA GLU G 346 -6.09 -13.88 35.11
C GLU G 346 -6.47 -12.46 34.69
N ARG G 347 -6.15 -11.46 35.50
CA ARG G 347 -6.53 -10.10 35.15
C ARG G 347 -5.61 -9.32 34.25
N TRP G 348 -4.30 -9.41 34.50
CA TRP G 348 -3.31 -8.65 33.74
C TRP G 348 -2.40 -9.42 32.78
N ASP G 349 -2.61 -10.73 32.69
CA ASP G 349 -1.79 -11.59 31.84
C ASP G 349 -1.55 -10.99 30.47
N GLY G 350 -0.30 -10.62 30.21
CA GLY G 350 0.03 -10.06 28.91
C GLY G 350 0.16 -8.54 28.85
N VAL G 351 -0.39 -7.86 29.84
CA VAL G 351 -0.34 -6.39 29.87
C VAL G 351 0.99 -5.86 30.40
N PRO G 352 1.68 -5.03 29.60
CA PRO G 352 2.95 -4.43 29.99
C PRO G 352 2.86 -3.24 30.93
N PHE G 353 3.61 -3.31 32.02
CA PHE G 353 3.69 -2.22 32.98
C PHE G 353 5.01 -1.53 32.71
N ILE G 354 4.93 -0.30 32.24
CA ILE G 354 6.12 0.48 31.93
C ILE G 354 6.44 1.45 33.04
N LEU G 355 7.55 1.20 33.73
CA LEU G 355 7.98 2.08 34.82
C LEU G 355 9.11 2.91 34.23
N ARG G 356 8.94 4.23 34.19
CA ARG G 356 9.98 5.11 33.65
C ARG G 356 10.27 6.25 34.63
N CYS G 357 11.56 6.48 34.90
CA CYS G 357 11.98 7.54 35.82
C CYS G 357 13.39 8.03 35.51
N GLY G 358 13.72 9.24 35.98
CA GLY G 358 15.03 9.81 35.74
C GLY G 358 15.19 11.25 36.20
N LYS G 359 16.44 11.61 36.51
CA LYS G 359 16.79 12.95 36.97
C LYS G 359 17.26 13.84 35.81
N ALA G 360 17.32 15.14 36.06
CA ALA G 360 17.79 16.11 35.08
C ALA G 360 16.97 16.10 33.80
N LEU G 361 15.65 16.00 33.94
CA LEU G 361 14.76 15.98 32.79
C LEU G 361 14.10 17.33 32.52
N ASN G 362 13.14 17.35 31.58
CA ASN G 362 12.46 18.59 31.20
C ASN G 362 11.35 19.08 32.12
N GLU G 363 10.93 18.27 33.08
CA GLU G 363 9.87 18.70 33.99
C GLU G 363 9.84 17.89 35.28
N ARG G 364 8.86 18.17 36.11
CA ARG G 364 8.72 17.46 37.37
C ARG G 364 7.28 16.98 37.46
N LYS G 365 7.09 15.66 37.42
CA LYS G 365 5.74 15.09 37.51
C LYS G 365 5.77 13.61 37.85
N ALA G 366 4.68 13.14 38.42
CA ALA G 366 4.55 11.74 38.79
C ALA G 366 3.10 11.38 38.50
N GLU G 367 2.89 10.44 37.58
CA GLU G 367 1.53 10.05 37.22
C GLU G 367 1.38 8.60 36.82
N VAL G 368 0.13 8.16 36.86
CA VAL G 368 -0.28 6.82 36.46
C VAL G 368 -1.11 7.08 35.22
N ARG G 369 -0.88 6.29 34.18
CA ARG G 369 -1.62 6.42 32.94
C ARG G 369 -1.94 5.03 32.39
N LEU G 370 -3.18 4.84 31.95
CA LEU G 370 -3.58 3.57 31.39
C LEU G 370 -4.03 3.90 29.99
N GLN G 371 -3.52 3.16 29.01
CA GLN G 371 -3.94 3.37 27.63
C GLN G 371 -4.79 2.15 27.25
N PHE G 372 -6.05 2.39 26.89
CA PHE G 372 -6.97 1.34 26.53
C PHE G 372 -6.81 0.88 25.07
N HIS G 373 -7.43 -0.25 24.73
CA HIS G 373 -7.36 -0.81 23.37
C HIS G 373 -8.26 -0.08 22.38
N ASP G 374 -7.97 -0.26 21.10
CA ASP G 374 -8.77 0.36 20.05
C ASP G 374 -10.16 -0.24 20.13
N VAL G 375 -11.17 0.51 19.70
CA VAL G 375 -12.53 0.01 19.72
C VAL G 375 -12.65 -1.08 18.65
N ALA G 376 -13.44 -2.11 18.95
CA ALA G 376 -13.63 -3.20 18.00
C ALA G 376 -14.68 -2.84 16.94
N GLY G 377 -14.39 -3.16 15.69
CA GLY G 377 -15.32 -2.86 14.61
C GLY G 377 -15.48 -1.37 14.43
N ASP G 378 -14.39 -0.73 14.03
CA ASP G 378 -14.40 0.72 13.83
C ASP G 378 -15.34 1.11 12.68
N ILE G 379 -16.10 2.18 12.87
CA ILE G 379 -16.99 2.65 11.84
C ILE G 379 -16.66 4.10 11.44
N PHE G 380 -15.60 4.64 12.04
CA PHE G 380 -15.18 6.01 11.76
C PHE G 380 -13.90 6.13 10.91
N HIS G 381 -13.58 5.08 10.18
CA HIS G 381 -12.41 5.06 9.30
C HIS G 381 -11.13 5.50 10.03
N GLN G 382 -10.74 4.68 11.00
CA GLN G 382 -9.54 4.89 11.82
C GLN G 382 -9.21 6.32 12.26
N GLN G 383 -10.22 7.18 12.36
CA GLN G 383 -9.99 8.54 12.83
C GLN G 383 -9.87 8.55 14.36
N CYS G 384 -10.25 7.43 14.98
CA CYS G 384 -10.21 7.31 16.43
C CYS G 384 -8.80 7.08 17.00
N LYS G 385 -8.64 7.42 18.28
CA LYS G 385 -7.38 7.26 18.99
C LYS G 385 -7.74 6.64 20.35
N ARG G 386 -6.87 5.79 20.87
CA ARG G 386 -7.11 5.12 22.15
C ARG G 386 -7.44 6.04 23.30
N ASN G 387 -8.32 5.57 24.18
CA ASN G 387 -8.74 6.33 25.37
C ASN G 387 -7.65 6.16 26.39
N GLU G 388 -7.55 7.10 27.32
CA GLU G 388 -6.52 7.04 28.34
C GLU G 388 -7.02 7.63 29.66
N LEU G 389 -6.65 7.02 30.78
CA LEU G 389 -7.04 7.49 32.09
C LEU G 389 -5.75 7.96 32.72
N VAL G 390 -5.74 9.18 33.22
CA VAL G 390 -4.53 9.74 33.83
C VAL G 390 -4.79 10.22 35.24
N ILE G 391 -3.90 9.85 36.15
CA ILE G 391 -4.00 10.28 37.53
C ILE G 391 -2.65 10.92 37.89
N ARG G 392 -2.61 12.25 37.82
CA ARG G 392 -1.40 13.01 38.11
C ARG G 392 -1.24 13.23 39.62
N VAL G 393 -0.28 12.51 40.21
CA VAL G 393 0.00 12.60 41.64
C VAL G 393 0.55 13.97 42.05
N GLN G 394 1.40 14.56 41.19
CA GLN G 394 2.01 15.88 41.40
C GLN G 394 2.74 16.35 40.13
N PRO G 395 2.75 17.67 39.87
CA PRO G 395 2.14 18.74 40.66
C PRO G 395 0.70 18.95 40.19
N ASN G 396 0.01 19.93 40.77
CA ASN G 396 -1.37 20.22 40.39
C ASN G 396 -2.21 18.97 40.27
N GLU G 397 -2.22 18.16 41.32
CA GLU G 397 -2.96 16.90 41.35
C GLU G 397 -4.30 17.00 40.63
N ALA G 398 -4.47 16.12 39.64
CA ALA G 398 -5.69 16.05 38.83
C ALA G 398 -5.81 14.66 38.22
N VAL G 399 -7.02 14.30 37.79
CA VAL G 399 -7.29 13.01 37.18
C VAL G 399 -8.26 13.25 36.02
N TYR G 400 -7.99 12.66 34.87
CA TYR G 400 -8.84 12.84 33.70
C TYR G 400 -8.82 11.65 32.75
N THR G 401 -9.77 11.63 31.83
CA THR G 401 -9.85 10.56 30.85
C THR G 401 -9.89 11.22 29.50
N LYS G 402 -8.91 10.90 28.66
CA LYS G 402 -8.84 11.43 27.32
C LYS G 402 -9.77 10.56 26.47
N MET G 403 -10.73 11.19 25.81
CA MET G 403 -11.67 10.47 24.98
C MET G 403 -12.07 11.19 23.69
N MET G 404 -12.91 10.54 22.89
CA MET G 404 -13.36 11.05 21.60
C MET G 404 -14.68 11.78 21.66
N THR G 405 -14.79 12.85 20.89
CA THR G 405 -16.02 13.64 20.85
C THR G 405 -16.12 14.22 19.46
N LYS G 406 -17.34 14.43 18.99
CA LYS G 406 -17.58 15.00 17.67
C LYS G 406 -16.93 16.39 17.63
N LYS G 407 -16.21 16.69 16.56
CA LYS G 407 -15.54 17.98 16.46
C LYS G 407 -16.63 19.03 16.54
N PRO G 408 -16.60 19.84 17.61
CA PRO G 408 -17.60 20.89 17.79
C PRO G 408 -17.74 21.81 16.58
N GLY G 409 -19.00 22.12 16.26
CA GLY G 409 -19.29 22.98 15.14
C GLY G 409 -19.88 22.20 13.98
N MET G 410 -19.80 22.78 12.79
CA MET G 410 -20.31 22.15 11.57
C MET G 410 -19.35 21.06 11.08
N PHE G 411 -19.09 20.08 11.92
CA PHE G 411 -18.19 19.01 11.52
C PHE G 411 -18.82 17.67 11.81
N PHE G 412 -18.42 16.66 11.05
CA PHE G 412 -18.98 15.32 11.23
C PHE G 412 -18.00 14.39 11.94
N ASN G 413 -16.71 14.50 11.60
CA ASN G 413 -15.66 13.64 12.18
C ASN G 413 -15.39 13.95 13.66
N PRO G 414 -14.85 12.97 14.42
CA PRO G 414 -14.52 13.13 15.84
C PRO G 414 -13.07 13.55 16.08
N GLU G 415 -12.81 14.06 17.27
CA GLU G 415 -11.46 14.47 17.67
C GLU G 415 -11.31 14.25 19.17
N GLU G 416 -10.07 14.36 19.65
CA GLU G 416 -9.81 14.14 21.04
C GLU G 416 -10.26 15.25 21.96
N SER G 417 -10.61 14.87 23.18
CA SER G 417 -11.05 15.81 24.18
C SER G 417 -10.94 15.03 25.49
N GLU G 418 -11.45 15.58 26.58
CA GLU G 418 -11.35 14.90 27.87
C GLU G 418 -12.27 15.36 28.99
N LEU G 419 -12.60 14.43 29.88
CA LEU G 419 -13.43 14.72 31.04
C LEU G 419 -12.39 14.93 32.12
N ASP G 420 -12.40 16.13 32.70
CA ASP G 420 -11.38 16.50 33.68
C ASP G 420 -11.83 16.85 35.09
N LEU G 421 -10.91 16.64 36.04
CA LEU G 421 -11.13 16.96 37.45
C LEU G 421 -9.81 17.46 38.03
N THR G 422 -9.68 18.77 38.16
CA THR G 422 -8.47 19.37 38.71
C THR G 422 -8.72 19.92 40.12
N TYR G 423 -8.05 19.34 41.12
CA TYR G 423 -8.21 19.75 42.52
C TYR G 423 -7.98 21.26 42.73
N GLY G 424 -7.05 21.82 41.96
CA GLY G 424 -6.73 23.24 42.07
C GLY G 424 -7.91 24.18 41.87
N ASN G 425 -8.87 23.76 41.05
CA ASN G 425 -10.05 24.59 40.77
C ASN G 425 -11.28 24.11 41.48
N ARG G 426 -11.55 22.81 41.36
CA ARG G 426 -12.72 22.23 41.99
C ARG G 426 -12.68 22.37 43.53
N TYR G 427 -11.49 22.24 44.10
CA TYR G 427 -11.33 22.35 45.55
C TYR G 427 -10.28 23.43 45.94
N LYS G 428 -10.41 24.61 45.34
CA LYS G 428 -9.54 25.77 45.56
C LYS G 428 -9.28 26.21 47.01
N ASN G 429 -10.14 25.78 47.93
CA ASN G 429 -9.99 26.16 49.32
C ASN G 429 -9.04 25.26 50.11
N VAL G 430 -9.44 24.00 50.27
CA VAL G 430 -8.67 23.02 51.03
C VAL G 430 -7.21 22.87 50.61
N LYS G 431 -6.31 22.97 51.59
CA LYS G 431 -4.87 22.81 51.36
C LYS G 431 -4.55 21.35 51.60
N LEU G 432 -3.77 20.77 50.70
CA LEU G 432 -3.40 19.35 50.82
C LEU G 432 -2.17 19.14 51.71
N PRO G 433 -2.30 18.28 52.74
CA PRO G 433 -1.22 17.97 53.68
C PRO G 433 0.00 17.31 53.08
N ASP G 434 1.16 17.59 53.64
CA ASP G 434 2.39 16.97 53.18
C ASP G 434 2.29 15.49 53.55
N ALA G 435 2.80 14.63 52.68
CA ALA G 435 2.75 13.20 52.91
C ALA G 435 3.06 12.81 54.35
N TYR G 436 4.14 13.40 54.87
CA TYR G 436 4.58 13.11 56.22
C TYR G 436 3.58 13.38 57.33
N GLU G 437 2.76 14.41 57.16
CA GLU G 437 1.75 14.72 58.16
C GLU G 437 0.80 13.55 58.30
N ARG G 438 0.20 13.17 57.18
CA ARG G 438 -0.75 12.07 57.15
C ARG G 438 -0.11 10.76 57.62
N LEU G 439 1.14 10.53 57.20
CA LEU G 439 1.84 9.31 57.60
C LEU G 439 2.09 9.25 59.09
N ILE G 440 2.63 10.32 59.66
CA ILE G 440 2.90 10.35 61.10
C ILE G 440 1.60 10.22 61.87
N LEU G 441 0.55 10.90 61.41
CA LEU G 441 -0.75 10.81 62.05
C LEU G 441 -1.20 9.37 62.03
N ASP G 442 -1.04 8.74 60.88
CA ASP G 442 -1.39 7.33 60.72
C ASP G 442 -0.75 6.52 61.85
N VAL G 443 0.54 6.77 62.11
CA VAL G 443 1.27 6.05 63.15
C VAL G 443 0.66 6.23 64.53
N PHE G 444 0.15 7.43 64.80
CA PHE G 444 -0.48 7.72 66.08
C PHE G 444 -1.77 6.90 66.16
N CYS G 445 -2.54 6.93 65.07
CA CYS G 445 -3.79 6.19 65.00
C CYS G 445 -3.59 4.66 65.01
N GLY G 446 -2.44 4.21 64.51
CA GLY G 446 -2.18 2.78 64.46
C GLY G 446 -2.62 2.15 63.14
N SER G 447 -2.45 2.88 62.05
CA SER G 447 -2.83 2.36 60.74
C SER G 447 -1.63 2.03 59.89
N GLN G 448 -1.24 0.75 59.90
CA GLN G 448 -0.12 0.28 59.09
C GLN G 448 -0.43 0.19 57.59
N MET G 449 -1.66 0.49 57.20
CA MET G 449 -2.08 0.41 55.80
C MET G 449 -1.17 1.15 54.81
N HIS G 450 -0.68 2.33 55.20
CA HIS G 450 0.18 3.12 54.32
C HIS G 450 1.70 2.88 54.51
N PHE G 451 2.03 1.75 55.14
CA PHE G 451 3.43 1.40 55.42
C PHE G 451 3.82 0.04 54.83
N VAL G 452 5.08 -0.11 54.45
CA VAL G 452 5.53 -1.38 53.85
C VAL G 452 5.61 -2.52 54.85
N ARG G 453 5.32 -3.73 54.39
CA ARG G 453 5.35 -4.90 55.24
C ARG G 453 6.55 -5.76 54.86
N SER G 454 7.01 -6.58 55.80
CA SER G 454 8.17 -7.47 55.60
C SER G 454 8.19 -8.22 54.27
N ASP G 455 7.14 -8.99 54.02
CA ASP G 455 7.02 -9.75 52.78
C ASP G 455 7.03 -8.87 51.53
N GLU G 456 6.44 -7.68 51.61
CA GLU G 456 6.43 -6.77 50.47
C GLU G 456 7.87 -6.50 50.06
N LEU G 457 8.74 -6.40 51.06
CA LEU G 457 10.15 -6.14 50.80
C LEU G 457 10.82 -7.36 50.22
N LEU G 458 10.54 -8.52 50.78
CA LEU G 458 11.16 -9.74 50.29
C LEU G 458 10.91 -9.93 48.79
N GLU G 459 9.72 -9.54 48.35
CA GLU G 459 9.33 -9.66 46.94
C GLU G 459 9.96 -8.59 46.07
N ALA G 460 10.02 -7.36 46.57
CA ALA G 460 10.59 -6.26 45.81
C ALA G 460 12.03 -6.60 45.44
N TRP G 461 12.72 -7.25 46.38
CA TRP G 461 14.11 -7.63 46.14
C TRP G 461 14.11 -8.71 45.08
N ARG G 462 13.34 -9.75 45.37
CA ARG G 462 13.18 -10.92 44.50
C ARG G 462 13.19 -10.56 43.02
N ILE G 463 12.44 -9.53 42.69
CA ILE G 463 12.30 -9.07 41.31
C ILE G 463 13.52 -8.39 40.70
N PHE G 464 14.07 -7.44 41.45
CA PHE G 464 15.19 -6.64 40.98
C PHE G 464 16.63 -7.10 41.17
N THR G 465 16.91 -7.85 42.23
CA THR G 465 18.30 -8.28 42.47
C THR G 465 18.99 -8.91 41.28
N PRO G 466 18.35 -9.87 40.58
CA PRO G 466 19.02 -10.49 39.42
C PRO G 466 19.49 -9.43 38.45
N LEU G 467 18.64 -8.44 38.17
CA LEU G 467 19.02 -7.36 37.26
C LEU G 467 20.16 -6.57 37.88
N LEU G 468 19.90 -6.00 39.05
CA LEU G 468 20.89 -5.18 39.74
C LEU G 468 22.26 -5.84 39.78
N HIS G 469 22.28 -7.13 40.07
CA HIS G 469 23.53 -7.88 40.15
C HIS G 469 24.23 -7.95 38.81
N GLN G 470 23.47 -8.19 37.74
CA GLN G 470 24.02 -8.27 36.39
C GLN G 470 24.61 -6.92 36.03
N ILE G 471 23.91 -5.85 36.40
CA ILE G 471 24.39 -4.50 36.10
C ILE G 471 25.73 -4.23 36.75
N GLU G 472 25.86 -4.57 38.03
CA GLU G 472 27.10 -4.31 38.74
C GLU G 472 28.24 -5.17 38.19
N LEU G 473 27.91 -6.34 37.66
CA LEU G 473 28.90 -7.26 37.13
C LEU G 473 29.48 -6.85 35.77
N GLU G 474 28.61 -6.70 34.78
CA GLU G 474 29.00 -6.35 33.42
C GLU G 474 29.14 -4.84 33.17
N LYS G 475 28.86 -4.04 34.19
CA LYS G 475 28.94 -2.57 34.12
C LYS G 475 28.65 -1.95 32.76
N PRO G 476 27.39 -2.04 32.29
CA PRO G 476 26.99 -1.48 30.99
C PRO G 476 27.08 0.03 31.00
N LYS G 477 27.47 0.61 29.86
CA LYS G 477 27.57 2.06 29.77
C LYS G 477 26.21 2.64 29.42
N PRO G 478 25.64 3.43 30.32
CA PRO G 478 24.34 4.07 30.16
C PRO G 478 24.31 4.96 28.92
N ILE G 479 23.13 5.11 28.35
CA ILE G 479 22.98 5.95 27.17
C ILE G 479 22.97 7.40 27.65
N PRO G 480 23.81 8.25 27.06
CA PRO G 480 23.89 9.65 27.45
C PRO G 480 22.71 10.47 26.91
N TYR G 481 22.16 11.32 27.77
CA TYR G 481 21.05 12.20 27.39
C TYR G 481 21.33 13.59 27.92
N ILE G 482 21.23 14.57 27.03
CA ILE G 482 21.46 15.98 27.37
C ILE G 482 20.53 16.47 28.47
N TYR G 483 21.09 17.10 29.49
CA TYR G 483 20.36 17.65 30.63
C TYR G 483 19.16 18.46 30.10
N GLY G 484 17.98 18.21 30.67
CA GLY G 484 16.79 18.96 30.26
C GLY G 484 15.92 18.40 29.16
N SER G 485 16.33 17.27 28.59
CA SER G 485 15.56 16.62 27.54
C SER G 485 14.63 15.61 28.19
N ARG G 486 13.92 14.84 27.37
CA ARG G 486 13.01 13.82 27.89
C ARG G 486 13.72 12.51 28.17
N GLY G 487 14.99 12.42 27.80
CA GLY G 487 15.73 11.19 28.02
C GLY G 487 16.03 10.46 26.73
N PRO G 488 16.67 9.27 26.80
CA PRO G 488 17.06 8.43 25.66
C PRO G 488 15.91 8.06 24.73
N THR G 489 16.13 8.23 23.42
CA THR G 489 15.12 7.89 22.44
C THR G 489 14.77 6.41 22.59
N GLU G 490 15.79 5.60 22.87
CA GLU G 490 15.64 4.17 23.05
C GLU G 490 14.49 3.81 23.99
N ALA G 491 14.32 4.59 25.05
CA ALA G 491 13.23 4.34 26.01
C ALA G 491 11.88 4.42 25.31
N ASP G 492 11.67 5.49 24.55
CA ASP G 492 10.43 5.66 23.81
C ASP G 492 10.26 4.48 22.85
N GLU G 493 11.35 4.11 22.17
CA GLU G 493 11.34 2.99 21.22
C GLU G 493 10.96 1.70 21.93
N LEU G 494 11.27 1.62 23.22
CA LEU G 494 10.92 0.46 24.01
C LEU G 494 9.40 0.47 24.18
N MET G 495 8.88 1.60 24.68
CA MET G 495 7.45 1.73 24.92
C MET G 495 6.63 1.37 23.71
N LYS G 496 6.98 1.91 22.56
CA LYS G 496 6.24 1.61 21.33
C LYS G 496 6.25 0.11 21.02
N ARG G 497 7.45 -0.48 21.05
CA ARG G 497 7.64 -1.90 20.78
C ARG G 497 6.78 -2.81 21.67
N VAL G 498 6.70 -2.48 22.95
CA VAL G 498 5.95 -3.27 23.90
C VAL G 498 4.42 -3.08 23.87
N GLY G 499 3.94 -2.11 23.10
CA GLY G 499 2.51 -1.92 23.02
C GLY G 499 1.99 -0.50 22.94
N PHE G 500 2.67 0.41 23.63
CA PHE G 500 2.27 1.80 23.69
C PHE G 500 2.28 2.52 22.34
N GLN G 501 1.20 3.23 22.06
CA GLN G 501 1.08 4.01 20.83
C GLN G 501 1.01 5.48 21.21
N TYR G 502 1.94 6.28 20.71
CA TYR G 502 1.94 7.70 21.01
C TYR G 502 1.53 8.51 19.81
N GLU G 503 0.64 9.47 20.03
CA GLU G 503 0.24 10.32 18.93
C GLU G 503 0.23 11.76 19.37
N GLY G 504 1.13 12.51 18.76
CA GLY G 504 1.27 13.93 19.05
C GLY G 504 0.12 14.78 18.57
N THR G 505 -0.99 14.16 18.22
CA THR G 505 -2.15 14.90 17.77
C THR G 505 -3.18 15.02 18.88
N TYR G 506 -2.90 15.89 19.84
CA TYR G 506 -3.81 16.11 20.94
C TYR G 506 -3.52 17.50 21.43
N LYS G 507 -4.49 18.40 21.27
CA LYS G 507 -4.33 19.78 21.70
C LYS G 507 -5.02 19.98 23.05
N TRP G 508 -4.45 20.85 23.90
CA TRP G 508 -5.04 21.13 25.20
C TRP G 508 -5.00 22.63 25.58
N VAL G 509 -6.12 23.12 26.08
CA VAL G 509 -6.25 24.51 26.50
C VAL G 509 -6.76 24.49 27.95
N ASN G 510 -6.81 25.65 28.61
CA ASN G 510 -7.26 25.71 30.00
C ASN G 510 -8.76 26.04 30.17
N THR H 9 -14.40 20.32 -4.67
CA THR H 9 -14.48 19.58 -3.36
C THR H 9 -15.21 20.44 -2.31
N HIS H 10 -15.40 19.86 -1.12
CA HIS H 10 -16.07 20.53 -0.01
C HIS H 10 -15.92 19.69 1.25
N VAL H 11 -16.28 20.28 2.38
CA VAL H 11 -16.22 19.57 3.66
C VAL H 11 -17.55 18.89 3.96
N CYS H 12 -18.32 18.61 2.89
CA CYS H 12 -19.63 17.94 3.01
C CYS H 12 -19.41 16.41 3.00
N GLY H 13 -19.07 15.86 4.17
CA GLY H 13 -18.83 14.42 4.26
C GLY H 13 -17.60 14.01 3.49
N GLN H 27 -21.22 18.44 -8.18
CA GLN H 27 -20.08 19.38 -8.42
C GLN H 27 -20.58 20.83 -8.32
N SER H 28 -20.64 21.54 -9.45
CA SER H 28 -21.09 22.93 -9.48
C SER H 28 -22.54 23.09 -9.95
N ASP H 29 -22.99 22.20 -10.84
CA ASP H 29 -24.35 22.22 -11.39
C ASP H 29 -25.47 22.72 -10.46
N THR H 30 -26.31 23.56 -11.02
CA THR H 30 -27.42 24.25 -10.38
C THR H 30 -28.36 23.56 -9.38
N HIS H 31 -28.81 24.35 -8.41
CA HIS H 31 -29.73 23.89 -7.37
C HIS H 31 -30.79 24.95 -7.19
N ILE H 32 -32.00 24.53 -6.86
CA ILE H 32 -33.08 25.47 -6.64
C ILE H 32 -33.76 25.11 -5.33
N PHE H 33 -33.82 26.08 -4.44
CA PHE H 33 -34.42 25.92 -3.13
C PHE H 33 -35.80 26.58 -3.14
N ILE H 34 -36.83 25.77 -3.34
CA ILE H 34 -38.19 26.27 -3.40
C ILE H 34 -38.74 26.31 -1.99
N ILE H 35 -39.15 27.51 -1.57
CA ILE H 35 -39.70 27.66 -0.23
C ILE H 35 -41.23 27.78 -0.26
N MET H 36 -41.91 26.64 -0.08
CA MET H 36 -43.36 26.60 -0.07
C MET H 36 -43.90 27.22 1.22
N GLY H 37 -44.68 28.28 1.06
CA GLY H 37 -45.24 28.98 2.19
C GLY H 37 -44.26 30.06 2.62
N ALA H 38 -43.61 30.66 1.63
CA ALA H 38 -42.63 31.72 1.86
C ALA H 38 -43.13 32.91 2.68
N SER H 39 -44.44 33.12 2.72
CA SER H 39 -45.01 34.24 3.48
C SER H 39 -45.12 33.95 4.99
N GLY H 40 -45.34 32.67 5.31
CA GLY H 40 -45.50 32.24 6.69
C GLY H 40 -44.43 32.60 7.71
N ASP H 41 -44.82 32.59 8.98
CA ASP H 41 -43.92 32.91 10.09
C ASP H 41 -42.62 32.11 10.08
N LEU H 42 -42.74 30.79 9.97
CA LEU H 42 -41.58 29.89 9.95
C LEU H 42 -40.62 30.26 8.82
N ALA H 43 -41.17 30.64 7.68
CA ALA H 43 -40.35 30.99 6.53
C ALA H 43 -39.52 32.24 6.79
N LYS H 44 -40.18 33.34 7.12
CA LYS H 44 -39.49 34.59 7.35
C LYS H 44 -38.62 34.64 8.59
N LYS H 45 -38.91 33.78 9.56
CA LYS H 45 -38.17 33.79 10.81
C LYS H 45 -37.09 32.70 10.98
N LYS H 46 -37.19 31.62 10.23
CA LYS H 46 -36.21 30.53 10.35
C LYS H 46 -35.61 30.10 9.02
N ILE H 47 -36.46 29.65 8.10
CA ILE H 47 -35.99 29.18 6.79
C ILE H 47 -35.17 30.22 5.99
N TYR H 48 -35.73 31.40 5.74
CA TYR H 48 -35.01 32.43 5.00
C TYR H 48 -33.68 32.79 5.69
N PRO H 49 -33.72 33.08 7.00
CA PRO H 49 -32.46 33.41 7.68
C PRO H 49 -31.41 32.30 7.50
N THR H 50 -31.75 31.09 7.95
CA THR H 50 -30.86 29.93 7.86
C THR H 50 -30.26 29.77 6.47
N ILE H 51 -31.08 29.83 5.44
CA ILE H 51 -30.62 29.67 4.07
C ILE H 51 -29.60 30.74 3.68
N TRP H 52 -29.74 31.92 4.26
CA TRP H 52 -28.79 32.98 3.97
C TRP H 52 -27.48 32.73 4.69
N TRP H 53 -27.53 32.25 5.93
CA TRP H 53 -26.32 31.95 6.70
C TRP H 53 -25.46 30.92 5.97
N LEU H 54 -26.10 29.87 5.48
CA LEU H 54 -25.42 28.80 4.73
C LEU H 54 -24.77 29.36 3.46
N PHE H 55 -25.40 30.39 2.89
CA PHE H 55 -24.87 31.04 1.71
C PHE H 55 -23.65 31.83 2.15
N ARG H 56 -23.87 32.67 3.16
CA ARG H 56 -22.84 33.52 3.73
C ARG H 56 -21.55 32.77 4.05
N ASP H 57 -21.67 31.66 4.76
CA ASP H 57 -20.49 30.87 5.11
C ASP H 57 -19.93 30.15 3.91
N GLY H 58 -20.62 30.27 2.77
CA GLY H 58 -20.17 29.64 1.55
C GLY H 58 -20.34 28.13 1.56
N LEU H 59 -21.41 27.65 2.20
CA LEU H 59 -21.69 26.21 2.27
C LEU H 59 -22.60 25.76 1.13
N LEU H 60 -23.38 26.69 0.59
CA LEU H 60 -24.27 26.40 -0.52
C LEU H 60 -23.50 26.32 -1.82
N PRO H 61 -23.88 25.39 -2.72
CA PRO H 61 -23.21 25.24 -4.02
C PRO H 61 -23.25 26.57 -4.76
N GLU H 62 -22.21 26.84 -5.54
CA GLU H 62 -22.15 28.09 -6.28
C GLU H 62 -23.44 28.44 -7.02
N ASN H 63 -23.90 27.51 -7.85
CA ASN H 63 -25.10 27.74 -8.63
C ASN H 63 -26.40 27.43 -7.91
N THR H 64 -26.76 28.29 -6.95
CA THR H 64 -27.98 28.10 -6.18
C THR H 64 -28.92 29.28 -6.31
N PHE H 65 -30.22 29.00 -6.38
CA PHE H 65 -31.23 30.04 -6.49
C PHE H 65 -32.34 29.70 -5.51
N ILE H 66 -32.89 30.72 -4.87
CA ILE H 66 -33.96 30.52 -3.91
C ILE H 66 -35.24 31.08 -4.51
N VAL H 67 -36.27 30.26 -4.53
CA VAL H 67 -37.55 30.66 -5.09
C VAL H 67 -38.64 30.57 -4.05
N GLY H 68 -39.10 31.73 -3.60
CA GLY H 68 -40.16 31.76 -2.62
C GLY H 68 -41.49 31.58 -3.33
N TYR H 69 -42.44 30.95 -2.66
CA TYR H 69 -43.77 30.74 -3.23
C TYR H 69 -44.77 30.83 -2.10
N ALA H 70 -45.89 31.53 -2.35
CA ALA H 70 -46.95 31.69 -1.36
C ALA H 70 -48.24 32.17 -1.99
N ARG H 71 -49.29 32.19 -1.18
CA ARG H 71 -50.62 32.62 -1.60
C ARG H 71 -50.66 34.11 -1.95
N SER H 72 -50.02 34.94 -1.13
CA SER H 72 -49.96 36.39 -1.28
C SER H 72 -49.28 36.94 -2.54
N ARG H 73 -49.71 38.13 -2.94
CA ARG H 73 -49.17 38.83 -4.10
C ARG H 73 -47.97 39.65 -3.61
N LEU H 74 -46.88 38.96 -3.31
CA LEU H 74 -45.69 39.62 -2.79
C LEU H 74 -44.77 40.26 -3.79
N THR H 75 -44.43 41.51 -3.51
CA THR H 75 -43.54 42.27 -4.36
C THR H 75 -42.13 41.73 -4.20
N VAL H 76 -41.23 42.30 -5.02
CA VAL H 76 -39.82 41.97 -5.08
C VAL H 76 -39.19 41.33 -3.84
N ALA H 77 -38.35 40.33 -4.09
CA ALA H 77 -37.63 39.63 -3.03
C ALA H 77 -36.92 40.69 -2.18
N ASP H 78 -36.05 41.48 -2.83
CA ASP H 78 -35.28 42.54 -2.18
C ASP H 78 -36.15 43.73 -1.76
N ILE H 79 -37.41 43.43 -1.49
CA ILE H 79 -38.37 44.42 -1.04
C ILE H 79 -39.09 43.79 0.16
N ARG H 80 -40.30 43.27 -0.07
CA ARG H 80 -41.08 42.68 1.00
C ARG H 80 -40.39 41.53 1.73
N LYS H 81 -39.59 40.75 1.00
CA LYS H 81 -38.89 39.63 1.64
C LYS H 81 -37.49 39.91 2.17
N GLN H 82 -37.11 41.19 2.18
CA GLN H 82 -35.84 41.62 2.78
C GLN H 82 -36.33 42.59 3.87
N SER H 83 -37.59 42.98 3.75
CA SER H 83 -38.25 43.87 4.70
C SER H 83 -38.76 42.99 5.83
N GLU H 84 -39.42 41.89 5.49
CA GLU H 84 -39.93 40.99 6.51
C GLU H 84 -38.74 40.32 7.25
N PRO H 85 -37.84 39.61 6.51
CA PRO H 85 -36.67 38.96 7.13
C PRO H 85 -35.43 39.87 7.07
N PHE H 86 -34.51 39.68 8.01
CA PHE H 86 -33.33 40.53 8.10
C PHE H 86 -32.51 40.03 9.29
N PHE H 87 -33.08 39.06 9.99
CA PHE H 87 -32.51 38.49 11.20
C PHE H 87 -31.02 38.16 11.14
N LYS H 88 -30.26 38.92 11.93
CA LYS H 88 -28.80 38.81 12.07
C LYS H 88 -27.90 39.32 10.93
N ALA H 89 -28.17 40.56 10.53
CA ALA H 89 -27.41 41.22 9.47
C ALA H 89 -26.18 41.90 10.07
N THR H 90 -25.08 41.85 9.33
CA THR H 90 -23.82 42.46 9.75
C THR H 90 -23.41 43.54 8.74
N PRO H 91 -23.07 44.76 9.23
CA PRO H 91 -22.67 45.93 8.42
C PRO H 91 -21.79 45.63 7.22
N GLU H 92 -20.58 45.13 7.49
CA GLU H 92 -19.63 44.81 6.42
C GLU H 92 -20.13 43.76 5.42
N GLU H 93 -21.10 42.94 5.82
CA GLU H 93 -21.61 41.90 4.93
C GLU H 93 -22.50 42.43 3.79
N LYS H 94 -22.87 43.71 3.87
CA LYS H 94 -23.73 44.36 2.87
C LYS H 94 -23.54 43.92 1.40
N LEU H 95 -22.29 43.71 0.98
CA LEU H 95 -22.03 43.27 -0.41
C LEU H 95 -22.61 41.89 -0.69
N LYS H 96 -22.15 40.89 0.06
CA LYS H 96 -22.59 39.52 -0.11
C LYS H 96 -24.10 39.44 0.11
N LEU H 97 -24.62 40.39 0.88
CA LEU H 97 -26.05 40.48 1.18
C LEU H 97 -26.85 40.75 -0.10
N GLU H 98 -26.44 41.77 -0.85
CA GLU H 98 -27.12 42.13 -2.10
C GLU H 98 -26.92 41.01 -3.11
N ASP H 99 -25.74 40.41 -3.07
CA ASP H 99 -25.37 39.31 -3.93
C ASP H 99 -26.40 38.17 -3.75
N PHE H 100 -26.73 37.86 -2.49
CA PHE H 100 -27.69 36.82 -2.11
C PHE H 100 -29.06 37.00 -2.75
N PHE H 101 -29.63 38.20 -2.60
CA PHE H 101 -30.95 38.49 -3.14
C PHE H 101 -31.00 38.40 -4.66
N ALA H 102 -29.83 38.53 -5.28
CA ALA H 102 -29.73 38.44 -6.73
C ALA H 102 -30.12 37.01 -7.13
N ARG H 103 -29.97 36.10 -6.19
CA ARG H 103 -30.30 34.68 -6.37
C ARG H 103 -31.76 34.39 -6.02
N ASN H 104 -32.38 35.33 -5.31
CA ASN H 104 -33.77 35.20 -4.89
C ASN H 104 -34.81 35.64 -5.90
N SER H 105 -35.97 35.02 -5.80
CA SER H 105 -37.10 35.32 -6.67
C SER H 105 -38.39 34.90 -5.97
N TYR H 106 -39.52 35.37 -6.49
CA TYR H 106 -40.81 35.05 -5.88
C TYR H 106 -41.87 34.69 -6.92
N VAL H 107 -42.82 33.86 -6.50
CA VAL H 107 -43.94 33.39 -7.32
C VAL H 107 -45.17 33.34 -6.42
N ALA H 108 -46.31 33.82 -6.94
CA ALA H 108 -47.55 33.80 -6.16
C ALA H 108 -48.54 32.79 -6.75
N GLY H 109 -49.38 32.21 -5.90
CA GLY H 109 -50.35 31.23 -6.39
C GLY H 109 -51.03 30.46 -5.28
N GLN H 110 -52.15 29.81 -5.62
CA GLN H 110 -52.90 29.00 -4.66
C GLN H 110 -52.37 27.57 -4.63
N TYR H 111 -52.36 27.00 -3.42
CA TYR H 111 -51.86 25.65 -3.20
C TYR H 111 -52.79 24.53 -3.68
N ASP H 112 -53.45 24.69 -4.82
CA ASP H 112 -54.36 23.65 -5.32
C ASP H 112 -54.72 23.66 -6.81
N ASP H 113 -54.72 24.84 -7.44
CA ASP H 113 -55.06 24.90 -8.86
C ASP H 113 -53.82 24.74 -9.74
N ALA H 114 -53.89 23.74 -10.62
CA ALA H 114 -52.79 23.40 -11.55
C ALA H 114 -52.19 24.59 -12.29
N ALA H 115 -53.01 25.61 -12.56
CA ALA H 115 -52.59 26.80 -13.27
C ALA H 115 -51.40 27.47 -12.58
N SER H 116 -51.53 27.68 -11.28
CA SER H 116 -50.49 28.32 -10.50
C SER H 116 -49.18 27.52 -10.50
N TYR H 117 -49.27 26.24 -10.15
CA TYR H 117 -48.10 25.39 -10.14
C TYR H 117 -47.43 25.34 -11.51
N GLN H 118 -48.26 25.50 -12.53
CA GLN H 118 -47.79 25.47 -13.91
C GLN H 118 -46.78 26.56 -14.18
N ARG H 119 -47.12 27.80 -13.85
CA ARG H 119 -46.19 28.92 -14.09
C ARG H 119 -44.99 28.89 -13.13
N LEU H 120 -45.14 28.19 -12.00
CA LEU H 120 -44.02 28.08 -11.06
C LEU H 120 -42.96 27.28 -11.80
N ASN H 121 -43.35 26.10 -12.26
CA ASN H 121 -42.48 25.21 -13.01
C ASN H 121 -41.82 26.00 -14.13
N SER H 122 -42.63 26.69 -14.92
CA SER H 122 -42.14 27.50 -16.02
C SER H 122 -41.09 28.46 -15.54
N HIS H 123 -41.36 29.09 -14.40
CA HIS H 123 -40.43 30.04 -13.83
C HIS H 123 -39.11 29.39 -13.50
N MET H 124 -39.18 28.16 -12.99
CA MET H 124 -37.97 27.44 -12.64
C MET H 124 -37.12 27.11 -13.85
N ASN H 125 -37.77 26.68 -14.93
CA ASN H 125 -37.05 26.36 -16.17
C ASN H 125 -36.47 27.64 -16.78
N ALA H 126 -37.11 28.78 -16.48
CA ALA H 126 -36.70 30.09 -16.97
C ALA H 126 -35.32 30.48 -16.43
N LEU H 127 -35.03 30.03 -15.21
CA LEU H 127 -33.76 30.30 -14.57
C LEU H 127 -32.65 29.61 -15.35
N HIS H 128 -31.41 30.09 -15.17
CA HIS H 128 -30.28 29.51 -15.86
C HIS H 128 -30.13 28.00 -15.57
N LEU H 129 -30.54 27.17 -16.53
CA LEU H 129 -30.45 25.71 -16.44
C LEU H 129 -31.52 25.08 -15.57
N GLY H 130 -32.64 25.77 -15.37
CA GLY H 130 -33.72 25.25 -14.54
C GLY H 130 -34.10 23.79 -14.77
N SER H 131 -34.13 23.38 -16.03
CA SER H 131 -34.48 22.03 -16.41
C SER H 131 -33.43 20.99 -16.01
N GLN H 132 -32.24 21.46 -15.64
CA GLN H 132 -31.12 20.61 -15.25
C GLN H 132 -30.93 20.57 -13.73
N ALA H 133 -31.19 21.72 -13.11
CA ALA H 133 -31.01 21.91 -11.67
C ALA H 133 -31.69 20.90 -10.78
N ASN H 134 -31.14 20.76 -9.58
CA ASN H 134 -31.71 19.87 -8.58
C ASN H 134 -32.75 20.72 -7.88
N ARG H 135 -33.88 20.11 -7.55
CA ARG H 135 -34.94 20.83 -6.91
C ARG H 135 -35.18 20.31 -5.51
N LEU H 136 -35.21 21.23 -4.56
CA LEU H 136 -35.41 20.92 -3.16
C LEU H 136 -36.61 21.75 -2.70
N PHE H 137 -37.65 21.08 -2.23
CA PHE H 137 -38.86 21.77 -1.82
C PHE H 137 -39.09 21.76 -0.34
N TYR H 138 -38.97 22.91 0.28
CA TYR H 138 -39.19 22.98 1.71
C TYR H 138 -40.64 23.29 1.93
N LEU H 139 -41.36 22.42 2.62
CA LEU H 139 -42.77 22.66 2.88
C LEU H 139 -42.95 23.40 4.19
N ALA H 140 -42.86 24.73 4.14
CA ALA H 140 -43.02 25.56 5.33
C ALA H 140 -44.46 26.06 5.48
N LEU H 141 -45.42 25.14 5.49
CA LEU H 141 -46.83 25.49 5.60
C LEU H 141 -47.66 24.45 6.38
N PRO H 142 -48.88 24.82 6.82
CA PRO H 142 -49.77 23.94 7.58
C PRO H 142 -50.13 22.59 6.94
N PRO H 143 -50.03 21.52 7.73
CA PRO H 143 -50.30 20.11 7.39
C PRO H 143 -51.55 19.83 6.58
N THR H 144 -52.57 20.68 6.73
CA THR H 144 -53.81 20.50 6.00
C THR H 144 -53.50 20.49 4.51
N VAL H 145 -52.76 21.49 4.09
CA VAL H 145 -52.40 21.68 2.70
C VAL H 145 -51.42 20.64 2.15
N TYR H 146 -50.71 19.95 3.05
CA TYR H 146 -49.72 18.95 2.63
C TYR H 146 -50.22 18.04 1.51
N GLU H 147 -51.34 17.34 1.75
CA GLU H 147 -51.89 16.43 0.76
C GLU H 147 -51.95 16.99 -0.66
N ALA H 148 -52.42 18.23 -0.78
CA ALA H 148 -52.53 18.89 -2.09
C ALA H 148 -51.18 19.29 -2.68
N VAL H 149 -50.42 20.05 -1.90
CA VAL H 149 -49.11 20.52 -2.32
C VAL H 149 -48.29 19.37 -2.91
N THR H 150 -48.20 18.29 -2.15
CA THR H 150 -47.47 17.10 -2.58
C THR H 150 -47.96 16.57 -3.92
N LYS H 151 -49.29 16.46 -4.05
CA LYS H 151 -49.93 15.99 -5.27
C LYS H 151 -49.48 16.80 -6.48
N ASN H 152 -49.70 18.11 -6.41
CA ASN H 152 -49.34 19.02 -7.51
C ASN H 152 -47.86 19.02 -7.86
N ILE H 153 -47.02 19.15 -6.84
CA ILE H 153 -45.58 19.18 -7.03
C ILE H 153 -45.15 17.96 -7.83
N HIS H 154 -45.63 16.80 -7.43
CA HIS H 154 -45.29 15.56 -8.11
C HIS H 154 -45.66 15.55 -9.60
N GLU H 155 -46.78 16.18 -9.94
CA GLU H 155 -47.25 16.23 -11.32
C GLU H 155 -46.52 17.24 -12.19
N SER H 156 -46.69 18.51 -11.85
CA SER H 156 -46.12 19.59 -12.63
C SER H 156 -44.74 20.17 -12.34
N CYS H 157 -44.22 20.02 -11.12
CA CYS H 157 -42.92 20.63 -10.80
C CYS H 157 -41.68 19.73 -10.62
N MET H 158 -41.82 18.44 -10.90
CA MET H 158 -40.70 17.51 -10.76
C MET H 158 -39.66 17.77 -11.85
N SER H 159 -38.38 17.61 -11.51
CA SER H 159 -37.31 17.83 -12.49
C SER H 159 -37.09 16.58 -13.31
N GLN H 160 -36.90 16.75 -14.60
CA GLN H 160 -36.67 15.62 -15.49
C GLN H 160 -35.26 15.09 -15.32
N ILE H 161 -34.36 15.96 -14.89
CA ILE H 161 -32.96 15.62 -14.66
C ILE H 161 -32.58 16.13 -13.27
N GLY H 162 -31.67 15.42 -12.61
CA GLY H 162 -31.25 15.84 -11.29
C GLY H 162 -32.28 15.38 -10.27
N TRP H 163 -31.89 15.38 -9.00
CA TRP H 163 -32.78 14.92 -7.95
C TRP H 163 -33.83 15.90 -7.48
N ASN H 164 -34.85 15.33 -6.82
CA ASN H 164 -35.96 16.07 -6.27
C ASN H 164 -36.16 15.60 -4.84
N ARG H 165 -36.10 16.53 -3.90
CA ARG H 165 -36.27 16.19 -2.50
C ARG H 165 -37.27 17.14 -1.85
N ILE H 166 -38.12 16.59 -1.00
CA ILE H 166 -39.13 17.39 -0.33
C ILE H 166 -38.93 17.38 1.20
N ILE H 167 -38.86 18.56 1.78
CA ILE H 167 -38.69 18.68 3.21
C ILE H 167 -40.04 18.85 3.88
N VAL H 168 -40.49 17.78 4.51
CA VAL H 168 -41.76 17.76 5.20
C VAL H 168 -41.51 18.21 6.62
N GLU H 169 -42.13 19.32 7.02
CA GLU H 169 -41.95 19.82 8.38
C GLU H 169 -42.57 18.89 9.41
N LYS H 170 -43.81 19.15 9.83
CA LYS H 170 -44.45 18.31 10.84
C LYS H 170 -44.96 16.99 10.27
N PRO H 171 -44.24 15.89 10.55
CA PRO H 171 -44.56 14.53 10.10
C PRO H 171 -45.75 13.96 10.87
N PHE H 172 -45.70 14.09 12.19
CA PHE H 172 -46.76 13.59 13.06
C PHE H 172 -48.01 14.45 12.91
N GLY H 173 -49.16 13.81 13.10
CA GLY H 173 -50.42 14.51 12.99
C GLY H 173 -51.26 14.37 14.25
N ARG H 174 -52.44 14.98 14.20
CA ARG H 174 -53.40 14.95 15.29
C ARG H 174 -53.99 13.54 15.42
N ASP H 175 -54.64 13.09 14.35
CA ASP H 175 -55.27 11.78 14.30
C ASP H 175 -54.27 10.72 13.82
N LEU H 176 -54.24 9.57 14.49
CA LEU H 176 -53.33 8.48 14.10
C LEU H 176 -53.51 8.12 12.63
N GLN H 177 -54.70 7.60 12.30
CA GLN H 177 -55.02 7.19 10.93
C GLN H 177 -54.86 8.29 9.89
N SER H 178 -55.22 9.54 10.22
CA SER H 178 -55.08 10.63 9.24
C SER H 178 -53.61 10.84 8.92
N SER H 179 -52.74 10.50 9.88
CA SER H 179 -51.31 10.62 9.69
C SER H 179 -50.79 9.38 8.99
N ASP H 180 -51.21 8.20 9.48
CA ASP H 180 -50.81 6.93 8.88
C ASP H 180 -51.31 6.94 7.45
N ARG H 181 -52.34 7.77 7.20
CA ARG H 181 -52.91 7.93 5.87
C ARG H 181 -52.11 8.96 5.07
N LEU H 182 -52.01 10.18 5.59
CA LEU H 182 -51.28 11.25 4.93
C LEU H 182 -49.90 10.74 4.50
N SER H 183 -49.25 10.00 5.39
CA SER H 183 -47.93 9.42 5.11
C SER H 183 -47.96 8.55 3.87
N ASN H 184 -48.98 7.69 3.78
CA ASN H 184 -49.13 6.80 2.64
C ASN H 184 -49.42 7.54 1.34
N HIS H 185 -50.07 8.70 1.43
CA HIS H 185 -50.38 9.52 0.27
C HIS H 185 -49.06 10.00 -0.32
N ILE H 186 -48.20 10.55 0.53
CA ILE H 186 -46.92 11.05 0.11
C ILE H 186 -46.05 9.91 -0.41
N SER H 187 -46.01 8.82 0.34
CA SER H 187 -45.21 7.65 -0.03
C SER H 187 -45.61 6.97 -1.34
N SER H 188 -46.80 7.27 -1.83
CA SER H 188 -47.27 6.68 -3.08
C SER H 188 -46.84 7.53 -4.27
N LEU H 189 -46.41 8.76 -4.00
CA LEU H 189 -45.96 9.66 -5.06
C LEU H 189 -44.44 9.76 -5.05
N PHE H 190 -43.85 9.85 -3.86
CA PHE H 190 -42.40 9.95 -3.69
C PHE H 190 -41.88 8.72 -2.97
N ARG H 191 -40.68 8.30 -3.32
CA ARG H 191 -40.09 7.17 -2.65
C ARG H 191 -39.28 7.66 -1.46
N GLU H 192 -39.17 6.81 -0.45
CA GLU H 192 -38.48 7.13 0.79
C GLU H 192 -37.26 8.02 0.67
N ASP H 193 -36.40 7.72 -0.30
CA ASP H 193 -35.19 8.51 -0.49
C ASP H 193 -35.40 9.90 -1.11
N GLN H 194 -36.61 10.43 -0.97
CA GLN H 194 -36.91 11.77 -1.45
C GLN H 194 -37.65 12.52 -0.33
N ILE H 195 -38.15 11.76 0.63
CA ILE H 195 -38.88 12.31 1.76
C ILE H 195 -37.92 12.61 2.89
N TYR H 196 -37.88 13.87 3.31
CA TYR H 196 -37.04 14.31 4.42
C TYR H 196 -37.89 14.86 5.55
N ARG H 197 -38.28 13.98 6.48
CA ARG H 197 -39.11 14.37 7.62
C ARG H 197 -38.32 15.02 8.77
N ILE H 198 -38.70 16.25 9.08
CA ILE H 198 -38.04 17.05 10.12
C ILE H 198 -38.38 16.73 11.57
N ASP H 199 -37.37 16.92 12.42
CA ASP H 199 -37.42 16.77 13.88
C ASP H 199 -36.12 17.43 14.29
N HIS H 200 -36.16 18.74 14.39
CA HIS H 200 -34.97 19.53 14.68
C HIS H 200 -34.02 19.11 15.80
N TYR H 201 -34.48 18.32 16.76
CA TYR H 201 -33.57 17.92 17.83
C TYR H 201 -32.45 17.07 17.32
N LEU H 202 -32.71 16.30 16.28
CA LEU H 202 -31.69 15.44 15.70
C LEU H 202 -30.58 16.25 15.06
N GLY H 203 -30.75 17.57 15.01
CA GLY H 203 -29.72 18.41 14.43
C GLY H 203 -28.97 19.23 15.47
N LYS H 204 -29.20 18.97 16.75
CA LYS H 204 -28.52 19.74 17.78
C LYS H 204 -27.19 19.07 18.12
N GLU H 205 -26.15 19.89 18.23
CA GLU H 205 -24.80 19.42 18.55
C GLU H 205 -24.74 18.20 19.47
N MET H 206 -25.11 18.38 20.73
CA MET H 206 -25.05 17.28 21.71
C MET H 206 -25.79 16.00 21.35
N VAL H 207 -26.91 16.11 20.64
CA VAL H 207 -27.69 14.93 20.27
C VAL H 207 -26.95 14.09 19.25
N GLN H 208 -26.29 14.75 18.32
CA GLN H 208 -25.50 14.05 17.34
C GLN H 208 -24.34 13.38 18.06
N ASN H 209 -23.69 14.15 18.92
CA ASN H 209 -22.54 13.66 19.66
C ASN H 209 -22.78 12.31 20.32
N LEU H 210 -24.02 12.05 20.70
CA LEU H 210 -24.39 10.79 21.35
C LEU H 210 -23.78 9.58 20.71
N MET H 211 -23.87 9.52 19.40
CA MET H 211 -23.33 8.39 18.66
C MET H 211 -21.81 8.26 18.77
N VAL H 212 -21.12 9.39 18.77
CA VAL H 212 -19.67 9.37 18.89
C VAL H 212 -19.24 8.98 20.30
N LEU H 213 -19.92 9.55 21.29
CA LEU H 213 -19.63 9.25 22.68
C LEU H 213 -19.70 7.75 22.94
N ARG H 214 -20.78 7.13 22.47
CA ARG H 214 -21.00 5.71 22.66
C ARG H 214 -20.15 4.76 21.84
N PHE H 215 -20.00 5.02 20.56
CA PHE H 215 -19.29 4.10 19.68
C PHE H 215 -17.83 4.31 19.33
N ALA H 216 -17.23 5.40 19.80
CA ALA H 216 -15.83 5.64 19.49
C ALA H 216 -14.98 5.60 20.76
N ASN H 217 -15.62 5.23 21.88
CA ASN H 217 -14.94 5.17 23.16
C ASN H 217 -15.07 3.82 23.82
N ARG H 218 -14.00 3.40 24.49
CA ARG H 218 -13.98 2.13 25.18
C ARG H 218 -14.38 2.30 26.64
N ILE H 219 -14.22 3.52 27.18
CA ILE H 219 -14.58 3.79 28.58
C ILE H 219 -16.09 3.78 28.75
N PHE H 220 -16.82 3.77 27.64
CA PHE H 220 -18.27 3.77 27.69
C PHE H 220 -18.91 2.53 27.09
N GLY H 221 -18.09 1.71 26.43
CA GLY H 221 -18.59 0.52 25.79
C GLY H 221 -19.17 -0.54 26.73
N PRO H 222 -18.31 -1.29 27.40
CA PRO H 222 -18.70 -2.34 28.33
C PRO H 222 -19.61 -1.96 29.49
N ILE H 223 -19.97 -0.69 29.60
CA ILE H 223 -20.82 -0.26 30.70
C ILE H 223 -22.27 -0.03 30.30
N TRP H 224 -22.46 0.25 29.01
CA TRP H 224 -23.79 0.55 28.46
C TRP H 224 -24.72 -0.67 28.37
N ASN H 225 -25.16 -1.20 29.51
CA ASN H 225 -26.04 -2.37 29.50
C ASN H 225 -26.65 -2.67 30.86
N ARG H 226 -27.73 -3.46 30.85
CA ARG H 226 -28.46 -3.85 32.06
C ARG H 226 -27.65 -4.36 33.26
N ASP H 227 -26.42 -4.84 33.02
CA ASP H 227 -25.61 -5.32 34.13
C ASP H 227 -25.06 -4.16 34.96
N ASN H 228 -24.92 -2.99 34.34
CA ASN H 228 -24.39 -1.82 35.02
C ASN H 228 -25.34 -0.63 35.21
N ILE H 229 -26.26 -0.41 34.27
CA ILE H 229 -27.19 0.70 34.36
C ILE H 229 -28.46 0.43 35.15
N ALA H 230 -28.81 1.35 36.05
CA ALA H 230 -30.00 1.21 36.87
C ALA H 230 -31.22 1.88 36.25
N CYS H 231 -31.00 2.93 35.46
CA CYS H 231 -32.11 3.60 34.81
C CYS H 231 -31.61 4.74 33.93
N VAL H 232 -32.43 5.15 32.97
CA VAL H 232 -32.09 6.23 32.06
C VAL H 232 -33.20 7.26 32.13
N ILE H 233 -32.82 8.53 32.17
CA ILE H 233 -33.79 9.60 32.26
C ILE H 233 -33.56 10.64 31.19
N LEU H 234 -34.58 10.84 30.37
CA LEU H 234 -34.51 11.82 29.29
C LEU H 234 -35.47 12.92 29.72
N THR H 235 -34.93 14.10 29.96
CA THR H 235 -35.70 15.23 30.45
C THR H 235 -35.84 16.34 29.41
N PHE H 236 -36.94 17.09 29.51
CA PHE H 236 -37.20 18.24 28.63
C PHE H 236 -38.08 19.24 29.39
N LYS H 237 -37.50 20.38 29.72
CA LYS H 237 -38.20 21.39 30.51
C LYS H 237 -38.16 22.79 29.92
N GLU H 238 -39.30 23.48 30.01
CA GLU H 238 -39.43 24.87 29.54
C GLU H 238 -39.99 25.66 30.72
N PRO H 239 -39.36 26.80 31.04
CA PRO H 239 -39.75 27.67 32.14
C PRO H 239 -41.03 28.46 31.93
N PHE H 240 -41.29 28.81 30.67
CA PHE H 240 -42.47 29.59 30.31
C PHE H 240 -43.67 28.70 30.03
N GLY H 241 -44.86 29.27 30.22
CA GLY H 241 -46.07 28.52 29.95
C GLY H 241 -46.47 28.69 28.50
N THR H 242 -47.75 28.42 28.21
CA THR H 242 -48.25 28.58 26.85
C THR H 242 -48.53 30.07 26.60
N GLU H 243 -47.48 30.76 26.20
CA GLU H 243 -47.53 32.20 25.93
C GLU H 243 -48.72 32.67 25.10
N GLY H 244 -49.87 32.80 25.76
CA GLY H 244 -51.08 33.27 25.08
C GLY H 244 -51.77 32.33 24.10
N ARG H 245 -51.02 31.69 23.20
CA ARG H 245 -51.61 30.78 22.21
C ARG H 245 -51.99 29.40 22.74
N GLY H 246 -52.52 29.35 23.95
CA GLY H 246 -52.91 28.09 24.57
C GLY H 246 -53.90 27.28 23.76
N GLY H 247 -54.73 27.99 23.00
CA GLY H 247 -55.74 27.34 22.18
C GLY H 247 -55.20 26.26 21.27
N TYR H 248 -54.22 26.60 20.43
CA TYR H 248 -53.65 25.64 19.52
C TYR H 248 -52.99 24.44 20.22
N PHE H 249 -52.20 24.69 21.26
CA PHE H 249 -51.53 23.61 21.99
C PHE H 249 -52.54 22.61 22.53
N ASP H 250 -53.68 23.12 23.00
CA ASP H 250 -54.73 22.26 23.57
C ASP H 250 -55.14 21.07 22.69
N GLU H 251 -54.99 21.21 21.39
CA GLU H 251 -55.33 20.16 20.44
C GLU H 251 -54.50 18.89 20.63
N PHE H 252 -53.21 19.07 20.90
CA PHE H 252 -52.25 17.99 21.04
C PHE H 252 -51.89 17.40 22.40
N GLY H 253 -51.46 18.26 23.31
CA GLY H 253 -51.07 17.76 24.62
C GLY H 253 -49.57 17.55 24.63
N ILE H 254 -48.97 17.75 25.79
CA ILE H 254 -47.54 17.61 25.95
C ILE H 254 -46.96 16.32 25.33
N ILE H 255 -47.65 15.20 25.51
CA ILE H 255 -47.15 13.93 24.97
C ILE H 255 -46.83 14.04 23.49
N ARG H 256 -47.84 14.30 22.68
CA ARG H 256 -47.64 14.42 21.26
C ARG H 256 -46.65 15.53 20.95
N ASP H 257 -46.83 16.68 21.58
CA ASP H 257 -45.97 17.84 21.34
C ASP H 257 -44.46 17.59 21.50
N VAL H 258 -44.07 16.88 22.55
CA VAL H 258 -42.65 16.66 22.80
C VAL H 258 -42.21 15.21 23.02
N MET H 259 -42.89 14.51 23.91
CA MET H 259 -42.53 13.13 24.24
C MET H 259 -42.44 12.18 23.06
N GLN H 260 -43.55 12.04 22.34
CA GLN H 260 -43.61 11.15 21.18
C GLN H 260 -42.61 11.48 20.08
N ASN H 261 -42.30 12.76 19.88
CA ASN H 261 -41.36 13.13 18.84
C ASN H 261 -39.87 13.40 19.18
N HIS H 262 -39.58 14.13 20.25
CA HIS H 262 -38.19 14.43 20.61
C HIS H 262 -37.57 13.38 21.53
N LEU H 263 -38.09 13.30 22.74
CA LEU H 263 -37.61 12.36 23.74
C LEU H 263 -37.41 10.97 23.19
N LEU H 264 -38.40 10.48 22.44
CA LEU H 264 -38.31 9.15 21.85
C LEU H 264 -37.07 8.98 20.98
N GLN H 265 -36.76 10.00 20.18
CA GLN H 265 -35.58 9.95 19.34
C GLN H 265 -34.33 9.75 20.22
N MET H 266 -34.21 10.59 21.23
CA MET H 266 -33.07 10.50 22.13
C MET H 266 -32.99 9.09 22.69
N LEU H 267 -34.12 8.53 23.07
CA LEU H 267 -34.11 7.19 23.62
C LEU H 267 -33.49 6.24 22.60
N CYS H 268 -33.89 6.40 21.35
CA CYS H 268 -33.38 5.55 20.29
C CYS H 268 -31.86 5.65 20.22
N LEU H 269 -31.35 6.88 20.11
CA LEU H 269 -29.91 7.09 20.03
C LEU H 269 -29.16 6.54 21.23
N VAL H 270 -29.81 6.58 22.37
CA VAL H 270 -29.21 6.11 23.59
C VAL H 270 -29.21 4.57 23.71
N ALA H 271 -30.23 3.92 23.16
CA ALA H 271 -30.38 2.45 23.29
C ALA H 271 -30.00 1.55 22.11
N MET H 272 -29.89 2.15 20.94
CA MET H 272 -29.59 1.40 19.73
C MET H 272 -28.30 0.59 19.76
N GLU H 273 -28.28 -0.53 19.05
CA GLU H 273 -27.08 -1.36 19.00
C GLU H 273 -26.14 -0.66 18.01
N LYS H 274 -24.89 -1.08 17.99
CA LYS H 274 -23.92 -0.47 17.09
C LYS H 274 -24.30 -0.85 15.65
N PRO H 275 -24.42 0.16 14.77
CA PRO H 275 -24.78 0.00 13.35
C PRO H 275 -23.65 -0.55 12.52
N ALA H 276 -24.00 -1.14 11.38
CA ALA H 276 -23.01 -1.71 10.48
C ALA H 276 -22.03 -0.66 9.97
N SER H 277 -22.50 0.58 9.89
CA SER H 277 -21.69 1.70 9.44
C SER H 277 -22.45 2.98 9.73
N THR H 278 -21.87 4.11 9.30
CA THR H 278 -22.49 5.40 9.52
C THR H 278 -23.40 5.80 8.36
N ASN H 279 -23.78 4.82 7.53
CA ASN H 279 -24.67 5.08 6.40
C ASN H 279 -26.06 5.33 6.92
N SER H 280 -26.65 6.44 6.49
CA SER H 280 -27.99 6.83 6.90
C SER H 280 -28.93 5.67 7.19
N ASP H 281 -29.07 4.75 6.25
CA ASP H 281 -29.96 3.63 6.48
C ASP H 281 -29.49 2.59 7.48
N ASP H 282 -28.20 2.30 7.51
CA ASP H 282 -27.69 1.33 8.47
C ASP H 282 -27.93 1.83 9.89
N VAL H 283 -27.88 3.15 10.04
CA VAL H 283 -28.12 3.77 11.33
C VAL H 283 -29.61 3.66 11.65
N ARG H 284 -30.43 4.23 10.77
CA ARG H 284 -31.88 4.22 10.95
C ARG H 284 -32.44 2.85 11.26
N ASP H 285 -31.84 1.81 10.66
CA ASP H 285 -32.26 0.43 10.89
C ASP H 285 -32.09 0.12 12.38
N GLU H 286 -30.91 0.42 12.91
CA GLU H 286 -30.63 0.16 14.32
C GLU H 286 -31.57 0.86 15.27
N LYS H 287 -32.01 2.05 14.88
CA LYS H 287 -32.93 2.84 15.68
C LYS H 287 -34.28 2.15 15.80
N VAL H 288 -34.92 1.91 14.66
CA VAL H 288 -36.22 1.27 14.64
C VAL H 288 -36.21 -0.11 15.28
N LYS H 289 -35.08 -0.82 15.21
CA LYS H 289 -34.95 -2.14 15.82
C LYS H 289 -35.22 -2.04 17.33
N VAL H 290 -34.90 -0.88 17.90
CA VAL H 290 -35.12 -0.63 19.31
C VAL H 290 -36.61 -0.47 19.55
N LEU H 291 -37.21 0.46 18.81
CA LEU H 291 -38.63 0.76 18.94
C LEU H 291 -39.43 -0.53 18.88
N LYS H 292 -39.04 -1.44 18.01
CA LYS H 292 -39.74 -2.70 17.86
C LYS H 292 -39.75 -3.56 19.12
N CYS H 293 -38.92 -3.23 20.10
CA CYS H 293 -38.87 -4.01 21.34
C CYS H 293 -39.52 -3.31 22.53
N ILE H 294 -40.23 -2.22 22.28
CA ILE H 294 -40.89 -1.48 23.35
C ILE H 294 -42.37 -1.86 23.38
N SER H 295 -42.84 -2.38 24.50
CA SER H 295 -44.24 -2.73 24.62
C SER H 295 -45.05 -1.45 24.81
N GLU H 296 -46.34 -1.51 24.51
CA GLU H 296 -47.22 -0.34 24.61
C GLU H 296 -47.24 0.21 26.03
N VAL H 297 -47.30 1.55 26.11
CA VAL H 297 -47.30 2.25 27.38
C VAL H 297 -48.45 1.90 28.29
N GLN H 298 -48.14 1.65 29.55
CA GLN H 298 -49.15 1.33 30.55
C GLN H 298 -49.58 2.55 31.33
N ALA H 299 -50.89 2.65 31.55
CA ALA H 299 -51.48 3.78 32.28
C ALA H 299 -50.96 3.83 33.71
N ASN H 300 -50.42 2.70 34.17
CA ASN H 300 -49.87 2.60 35.50
C ASN H 300 -48.50 3.30 35.66
N ASN H 301 -47.82 3.55 34.54
CA ASN H 301 -46.51 4.19 34.57
C ASN H 301 -46.60 5.59 34.04
N VAL H 302 -47.75 6.23 34.23
CA VAL H 302 -47.95 7.58 33.73
C VAL H 302 -48.40 8.58 34.79
N VAL H 303 -47.89 9.81 34.69
CA VAL H 303 -48.24 10.87 35.60
C VAL H 303 -48.44 12.12 34.75
N LEU H 304 -49.66 12.65 34.80
CA LEU H 304 -50.03 13.83 34.03
C LEU H 304 -50.25 15.01 34.94
N GLY H 305 -49.96 16.21 34.44
CA GLY H 305 -50.14 17.39 35.25
C GLY H 305 -50.45 18.60 34.41
N GLN H 306 -51.21 19.52 34.98
CA GLN H 306 -51.59 20.75 34.32
C GLN H 306 -51.18 21.88 35.23
N TYR H 307 -50.63 22.95 34.66
CA TYR H 307 -50.16 24.06 35.45
C TYR H 307 -51.17 25.11 35.86
N VAL H 308 -51.06 25.54 37.11
CA VAL H 308 -51.91 26.57 37.70
C VAL H 308 -51.02 27.81 37.93
N GLY H 309 -51.58 28.99 37.72
CA GLY H 309 -50.82 30.22 37.89
C GLY H 309 -50.29 30.43 39.29
N ASN H 310 -49.25 31.24 39.41
CA ASN H 310 -48.61 31.54 40.69
C ASN H 310 -48.90 32.97 41.16
N PRO H 311 -49.59 33.10 42.31
CA PRO H 311 -49.95 34.41 42.90
C PRO H 311 -48.80 35.34 43.28
N ASP H 312 -47.67 34.79 43.72
CA ASP H 312 -46.52 35.58 44.12
C ASP H 312 -45.67 35.99 42.94
N GLY H 313 -46.04 35.51 41.75
CA GLY H 313 -45.28 35.82 40.56
C GLY H 313 -45.61 37.16 39.95
N GLU H 314 -45.30 37.30 38.67
CA GLU H 314 -45.55 38.54 37.96
C GLU H 314 -45.63 38.26 36.45
N GLY H 315 -46.43 39.04 35.74
CA GLY H 315 -46.59 38.85 34.31
C GLY H 315 -47.30 37.53 34.04
N GLU H 316 -46.83 36.80 33.03
CA GLU H 316 -47.43 35.52 32.67
C GLU H 316 -47.46 34.51 33.84
N ALA H 317 -46.53 34.66 34.77
CA ALA H 317 -46.39 33.77 35.92
C ALA H 317 -47.63 33.63 36.81
N THR H 318 -48.54 34.59 36.73
CA THR H 318 -49.74 34.56 37.55
C THR H 318 -50.91 33.85 36.87
N LYS H 319 -50.91 33.89 35.53
CA LYS H 319 -51.96 33.27 34.72
C LYS H 319 -51.73 31.78 34.46
N GLY H 320 -52.62 30.96 35.02
CA GLY H 320 -52.53 29.51 34.85
C GLY H 320 -52.96 29.07 33.45
N TYR H 321 -53.00 27.76 33.24
CA TYR H 321 -53.38 27.23 31.94
C TYR H 321 -54.77 27.71 31.53
N LEU H 322 -55.77 27.34 32.33
CA LEU H 322 -57.14 27.70 32.06
C LEU H 322 -57.43 29.21 32.00
N ASP H 323 -56.54 30.02 32.56
CA ASP H 323 -56.74 31.47 32.54
C ASP H 323 -56.50 32.02 31.14
N ASP H 324 -56.10 31.14 30.23
CA ASP H 324 -55.85 31.49 28.84
C ASP H 324 -57.24 31.45 28.17
N PRO H 325 -57.71 32.59 27.61
CA PRO H 325 -59.02 32.65 26.95
C PRO H 325 -59.17 31.72 25.74
N THR H 326 -58.07 31.53 25.01
CA THR H 326 -58.06 30.67 23.82
C THR H 326 -58.30 29.19 24.13
N VAL H 327 -58.15 28.81 25.39
CA VAL H 327 -58.36 27.42 25.77
C VAL H 327 -59.72 27.17 26.40
N PRO H 328 -60.42 26.13 25.93
CA PRO H 328 -61.74 25.72 26.41
C PRO H 328 -61.79 25.63 27.94
N ARG H 329 -62.66 26.44 28.54
CA ARG H 329 -62.81 26.53 29.99
C ARG H 329 -62.79 25.22 30.81
N GLY H 330 -63.17 24.10 30.20
CA GLY H 330 -63.16 22.84 30.95
C GLY H 330 -62.13 21.79 30.51
N SER H 331 -60.98 22.26 30.02
CA SER H 331 -59.93 21.38 29.53
C SER H 331 -59.24 20.49 30.56
N THR H 332 -58.81 19.32 30.11
CA THR H 332 -58.09 18.38 30.94
C THR H 332 -56.79 18.01 30.22
N THR H 333 -56.39 18.84 29.26
CA THR H 333 -55.16 18.62 28.52
C THR H 333 -53.95 18.80 29.42
N ALA H 334 -53.02 17.86 29.36
CA ALA H 334 -51.82 17.92 30.17
C ALA H 334 -50.69 18.81 29.61
N THR H 335 -50.02 19.53 30.51
CA THR H 335 -48.90 20.41 30.19
C THR H 335 -47.59 19.78 30.70
N PHE H 336 -47.73 18.68 31.43
CA PHE H 336 -46.61 17.95 32.00
C PHE H 336 -46.94 16.48 31.96
N ALA H 337 -45.92 15.66 31.77
CA ALA H 337 -46.11 14.23 31.73
C ALA H 337 -44.81 13.49 31.98
N ALA H 338 -44.91 12.42 32.77
CA ALA H 338 -43.79 11.57 33.11
C ALA H 338 -44.22 10.14 32.76
N VAL H 339 -43.53 9.51 31.81
CA VAL H 339 -43.89 8.17 31.39
C VAL H 339 -42.69 7.22 31.47
N VAL H 340 -42.96 5.97 31.88
CA VAL H 340 -41.91 4.97 31.99
C VAL H 340 -42.06 3.92 30.89
N LEU H 341 -41.00 3.73 30.10
CA LEU H 341 -41.00 2.77 29.00
C LEU H 341 -39.93 1.74 29.21
N TYR H 342 -40.06 0.57 28.59
CA TYR H 342 -39.08 -0.52 28.72
C TYR H 342 -38.73 -1.12 27.36
N VAL H 343 -37.46 -1.48 27.21
CA VAL H 343 -36.97 -2.09 25.98
C VAL H 343 -36.70 -3.57 26.26
N GLU H 344 -37.50 -4.46 25.67
CA GLU H 344 -37.32 -5.90 25.90
C GLU H 344 -36.33 -6.59 24.97
N ASN H 345 -35.03 -6.48 25.27
CA ASN H 345 -34.01 -7.15 24.48
C ASN H 345 -32.80 -7.46 25.36
N GLU H 346 -31.95 -8.37 24.89
CA GLU H 346 -30.79 -8.81 25.66
C GLU H 346 -29.98 -7.72 26.37
N ARG H 347 -29.98 -6.52 25.82
CA ARG H 347 -29.21 -5.44 26.42
C ARG H 347 -29.90 -4.63 27.51
N TRP H 348 -31.14 -4.21 27.26
CA TRP H 348 -31.85 -3.38 28.23
C TRP H 348 -33.00 -4.04 28.98
N ASP H 349 -33.14 -5.36 28.85
CA ASP H 349 -34.24 -6.05 29.50
C ASP H 349 -34.32 -5.67 30.96
N GLY H 350 -35.41 -5.01 31.34
CA GLY H 350 -35.59 -4.63 32.74
C GLY H 350 -35.24 -3.20 33.14
N VAL H 351 -34.45 -2.51 32.32
CA VAL H 351 -34.04 -1.15 32.62
C VAL H 351 -35.09 -0.12 32.24
N PRO H 352 -35.56 0.66 33.24
CA PRO H 352 -36.57 1.69 33.02
C PRO H 352 -36.08 2.96 32.37
N PHE H 353 -36.76 3.36 31.30
CA PHE H 353 -36.43 4.60 30.59
C PHE H 353 -37.48 5.59 31.04
N ILE H 354 -37.03 6.64 31.69
CA ILE H 354 -37.93 7.64 32.21
C ILE H 354 -37.96 8.87 31.36
N LEU H 355 -39.11 9.12 30.76
CA LEU H 355 -39.29 10.29 29.92
C LEU H 355 -40.12 11.29 30.73
N ARG H 356 -39.55 12.47 31.01
CA ARG H 356 -40.26 13.50 31.77
C ARG H 356 -40.12 14.87 31.10
N CYS H 357 -41.25 15.51 30.88
CA CYS H 357 -41.28 16.81 30.23
C CYS H 357 -42.46 17.61 30.75
N GLY H 358 -42.40 18.93 30.52
CA GLY H 358 -43.48 19.80 30.95
C GLY H 358 -43.20 21.26 30.71
N LYS H 359 -44.27 22.05 30.61
CA LYS H 359 -44.16 23.51 30.40
C LYS H 359 -44.38 24.27 31.71
N ALA H 360 -43.97 25.53 31.74
CA ALA H 360 -44.11 26.38 32.93
C ALA H 360 -43.40 25.81 34.17
N LEU H 361 -42.17 25.36 33.97
CA LEU H 361 -41.41 24.80 35.07
C LEU H 361 -40.35 25.78 35.55
N ASN H 362 -39.49 25.33 36.47
CA ASN H 362 -38.45 26.17 37.06
C ASN H 362 -37.22 26.51 36.23
N GLU H 363 -37.04 25.84 35.10
CA GLU H 363 -35.87 26.12 34.27
C GLU H 363 -36.10 25.62 32.87
N ARG H 364 -35.07 25.72 32.03
CA ARG H 364 -35.14 25.26 30.66
C ARG H 364 -33.93 24.39 30.41
N LYS H 365 -34.13 23.09 30.22
CA LYS H 365 -33.01 22.19 29.95
C LYS H 365 -33.46 20.91 29.27
N ALA H 366 -32.52 20.26 28.59
CA ALA H 366 -32.79 19.00 27.92
C ALA H 366 -31.54 18.16 28.12
N GLU H 367 -31.68 17.00 28.76
CA GLU H 367 -30.53 16.15 28.99
C GLU H 367 -30.83 14.67 29.09
N VAL H 368 -29.79 13.87 28.87
CA VAL H 368 -29.88 12.42 28.96
C VAL H 368 -29.06 12.10 30.20
N ARG H 369 -29.57 11.22 31.06
CA ARG H 369 -28.84 10.87 32.25
C ARG H 369 -28.99 9.40 32.53
N LEU H 370 -27.86 8.75 32.83
CA LEU H 370 -27.89 7.33 33.15
C LEU H 370 -27.41 7.20 34.58
N GLN H 371 -28.14 6.48 35.40
CA GLN H 371 -27.72 6.24 36.77
C GLN H 371 -27.27 4.80 36.84
N PHE H 372 -26.03 4.57 37.26
CA PHE H 372 -25.48 3.21 37.33
C PHE H 372 -25.82 2.50 38.62
N HIS H 373 -25.57 1.21 38.70
CA HIS H 373 -25.87 0.45 39.90
C HIS H 373 -24.82 0.65 40.98
N ASP H 374 -25.19 0.30 42.20
CA ASP H 374 -24.29 0.37 43.35
C ASP H 374 -23.15 -0.64 43.11
N VAL H 375 -21.94 -0.32 43.57
CA VAL H 375 -20.81 -1.22 43.41
C VAL H 375 -21.06 -2.48 44.23
N ALA H 376 -20.66 -3.63 43.70
CA ALA H 376 -20.84 -4.89 44.41
C ALA H 376 -19.75 -5.12 45.47
N GLY H 377 -20.17 -5.65 46.62
CA GLY H 377 -19.23 -5.89 47.72
C GLY H 377 -18.65 -4.59 48.25
N ASP H 378 -19.49 -3.73 48.79
CA ASP H 378 -19.07 -2.44 49.32
C ASP H 378 -18.12 -2.57 50.51
N ILE H 379 -17.07 -1.76 50.53
CA ILE H 379 -16.11 -1.80 51.61
C ILE H 379 -15.97 -0.44 52.26
N PHE H 380 -16.82 0.50 51.84
CA PHE H 380 -16.82 1.85 52.38
C PHE H 380 -18.04 2.18 53.25
N HIS H 381 -18.66 1.14 53.80
CA HIS H 381 -19.83 1.27 54.66
C HIS H 381 -20.89 2.24 54.10
N GLN H 382 -21.51 1.82 52.99
CA GLN H 382 -22.55 2.57 52.29
C GLN H 382 -22.41 4.08 52.15
N GLN H 383 -21.19 4.59 52.25
CA GLN H 383 -20.97 6.03 52.10
C GLN H 383 -20.99 6.37 50.61
N CYS H 384 -21.02 5.33 49.78
CA CYS H 384 -21.02 5.49 48.34
C CYS H 384 -22.38 5.84 47.73
N LYS H 385 -22.33 6.56 46.62
CA LYS H 385 -23.52 6.99 45.90
C LYS H 385 -23.32 6.57 44.45
N ARG H 386 -24.38 6.11 43.81
CA ARG H 386 -24.32 5.68 42.42
C ARG H 386 -23.70 6.71 41.45
N ASN H 387 -22.89 6.22 40.53
CA ASN H 387 -22.26 7.08 39.52
C ASN H 387 -23.38 7.46 38.53
N GLU H 388 -23.12 8.48 37.70
CA GLU H 388 -24.12 8.90 36.74
C GLU H 388 -23.43 9.55 35.57
N LEU H 389 -23.98 9.39 34.37
CA LEU H 389 -23.40 10.03 33.20
C LEU H 389 -24.44 11.02 32.70
N VAL H 390 -24.03 12.27 32.51
CA VAL H 390 -24.96 13.29 32.05
C VAL H 390 -24.50 13.98 30.78
N ILE H 391 -25.42 14.11 29.84
CA ILE H 391 -25.15 14.78 28.58
C ILE H 391 -26.21 15.85 28.48
N ARG H 392 -25.83 17.10 28.74
CA ARG H 392 -26.77 18.21 28.69
C ARG H 392 -26.84 18.78 27.29
N VAL H 393 -27.99 18.62 26.65
CA VAL H 393 -28.17 19.10 25.27
C VAL H 393 -28.22 20.60 25.18
N GLN H 394 -28.87 21.21 26.17
CA GLN H 394 -29.00 22.65 26.22
C GLN H 394 -29.63 23.00 27.56
N PRO H 395 -29.28 24.16 28.14
CA PRO H 395 -28.31 25.13 27.59
C PRO H 395 -26.87 24.79 28.03
N ASN H 396 -25.91 25.59 27.58
CA ASN H 396 -24.50 25.37 27.94
C ASN H 396 -24.08 23.93 27.76
N GLU H 397 -24.23 23.43 26.54
CA GLU H 397 -23.89 22.04 26.19
C GLU H 397 -22.67 21.54 26.95
N ALA H 398 -22.86 20.45 27.68
CA ALA H 398 -21.79 19.84 28.47
C ALA H 398 -22.07 18.37 28.75
N VAL H 399 -21.02 17.62 29.06
CA VAL H 399 -21.13 16.19 29.39
C VAL H 399 -20.20 15.90 30.57
N TYR H 400 -20.68 15.11 31.53
CA TYR H 400 -19.88 14.80 32.70
C TYR H 400 -20.35 13.53 33.43
N THR H 401 -19.45 12.99 34.25
CA THR H 401 -19.73 11.77 35.00
C THR H 401 -19.54 11.96 36.50
N LYS H 402 -20.64 11.95 37.24
CA LYS H 402 -20.57 12.11 38.68
C LYS H 402 -20.04 10.82 39.28
N MET H 403 -18.92 10.92 39.97
CA MET H 403 -18.30 9.75 40.59
C MET H 403 -17.75 10.04 41.97
N MET H 404 -17.16 9.03 42.58
CA MET H 404 -16.60 9.11 43.92
C MET H 404 -15.09 9.41 43.96
N THR H 405 -14.68 10.24 44.93
CA THR H 405 -13.28 10.61 45.11
C THR H 405 -13.03 10.85 46.59
N LYS H 406 -11.84 10.48 47.07
CA LYS H 406 -11.49 10.67 48.48
C LYS H 406 -11.62 12.14 48.86
N LYS H 407 -12.38 12.45 49.93
CA LYS H 407 -12.57 13.83 50.34
C LYS H 407 -11.20 14.45 50.43
N PRO H 408 -10.93 15.44 49.57
CA PRO H 408 -9.63 16.12 49.56
C PRO H 408 -9.25 16.72 50.91
N GLY H 409 -8.00 16.51 51.30
CA GLY H 409 -7.51 17.03 52.56
C GLY H 409 -7.22 15.90 53.52
N MET H 410 -7.13 16.22 54.82
CA MET H 410 -6.87 15.20 55.83
C MET H 410 -8.12 14.37 56.10
N PHE H 411 -8.61 13.67 55.09
CA PHE H 411 -9.81 12.86 55.26
C PHE H 411 -9.62 11.45 54.69
N PHE H 412 -10.35 10.51 55.25
CA PHE H 412 -10.26 9.12 54.83
C PHE H 412 -11.47 8.70 53.97
N ASN H 413 -12.65 9.19 54.35
CA ASN H 413 -13.90 8.88 53.64
C ASN H 413 -14.05 9.58 52.28
N PRO H 414 -14.80 8.97 51.34
CA PRO H 414 -15.02 9.52 50.01
C PRO H 414 -16.27 10.41 49.89
N GLU H 415 -16.32 11.21 48.82
CA GLU H 415 -17.45 12.09 48.54
C GLU H 415 -17.64 12.26 47.03
N GLU H 416 -18.78 12.81 46.64
CA GLU H 416 -19.07 12.99 45.22
C GLU H 416 -18.31 14.12 44.57
N SER H 417 -17.96 13.90 43.31
CA SER H 417 -17.23 14.84 42.51
C SER H 417 -17.50 14.41 41.08
N GLU H 418 -16.79 14.99 40.11
CA GLU H 418 -17.05 14.63 38.72
C GLU H 418 -15.98 15.04 37.71
N LEU H 419 -15.90 14.27 36.63
CA LEU H 419 -14.98 14.56 35.54
C LEU H 419 -15.89 15.33 34.61
N ASP H 420 -15.48 16.50 34.15
CA ASP H 420 -16.36 17.30 33.33
C ASP H 420 -15.78 17.81 32.02
N LEU H 421 -16.66 18.12 31.08
CA LEU H 421 -16.31 18.68 29.79
C LEU H 421 -17.41 19.66 29.38
N THR H 422 -17.12 20.95 29.53
CA THR H 422 -18.08 22.01 29.16
C THR H 422 -17.61 22.72 27.89
N TYR H 423 -18.40 22.61 26.83
CA TYR H 423 -18.04 23.24 25.56
C TYR H 423 -17.82 24.74 25.68
N GLY H 424 -18.56 25.39 26.60
CA GLY H 424 -18.41 26.81 26.79
C GLY H 424 -16.99 27.30 27.11
N ASN H 425 -16.22 26.49 27.85
CA ASN H 425 -14.85 26.85 28.22
C ASN H 425 -13.82 26.14 27.35
N ARG H 426 -13.99 24.85 27.21
CA ARG H 426 -13.07 24.05 26.42
C ARG H 426 -13.01 24.52 24.98
N TYR H 427 -14.17 24.88 24.43
CA TYR H 427 -14.23 25.33 23.05
C TYR H 427 -14.86 26.73 22.93
N LYS H 428 -14.36 27.64 23.75
CA LYS H 428 -14.83 29.04 23.80
C LYS H 428 -14.86 29.84 22.50
N ASN H 429 -14.17 29.37 21.45
CA ASN H 429 -14.15 30.09 20.18
C ASN H 429 -15.28 29.73 19.22
N VAL H 430 -15.29 28.47 18.80
CA VAL H 430 -16.28 27.98 17.87
C VAL H 430 -17.74 28.20 18.29
N LYS H 431 -18.52 28.75 17.35
CA LYS H 431 -19.95 29.02 17.55
C LYS H 431 -20.74 27.81 17.02
N LEU H 432 -21.60 27.26 17.86
CA LEU H 432 -22.41 26.10 17.48
C LEU H 432 -23.60 26.52 16.61
N PRO H 433 -23.75 25.88 15.43
CA PRO H 433 -24.82 26.17 14.47
C PRO H 433 -26.22 25.80 14.96
N ASP H 434 -27.22 26.54 14.47
CA ASP H 434 -28.60 26.27 14.85
C ASP H 434 -28.98 24.96 14.16
N ALA H 435 -29.79 24.14 14.85
CA ALA H 435 -30.22 22.85 14.33
C ALA H 435 -30.60 22.89 12.85
N TYR H 436 -31.34 23.92 12.46
CA TYR H 436 -31.77 24.07 11.07
C TYR H 436 -30.66 24.26 10.05
N GLU H 437 -29.57 24.88 10.46
CA GLU H 437 -28.45 25.07 9.53
C GLU H 437 -27.86 23.75 9.14
N ARG H 438 -27.54 22.94 10.14
CA ARG H 438 -26.96 21.63 9.91
C ARG H 438 -27.95 20.73 9.16
N LEU H 439 -29.22 20.78 9.55
CA LEU H 439 -30.26 19.98 8.92
C LEU H 439 -30.48 20.31 7.45
N ILE H 440 -30.74 21.57 7.13
CA ILE H 440 -30.94 21.97 5.73
C ILE H 440 -29.73 21.61 4.90
N LEU H 441 -28.54 21.84 5.44
CA LEU H 441 -27.31 21.50 4.73
C LEU H 441 -27.34 19.99 4.45
N ASP H 442 -27.68 19.19 5.46
CA ASP H 442 -27.77 17.76 5.29
C ASP H 442 -28.62 17.43 4.05
N VAL H 443 -29.74 18.13 3.89
CA VAL H 443 -30.63 17.90 2.75
C VAL H 443 -29.90 18.12 1.44
N PHE H 444 -29.14 19.21 1.37
CA PHE H 444 -28.38 19.49 0.16
C PHE H 444 -27.41 18.34 -0.08
N CYS H 445 -26.69 17.94 0.97
CA CYS H 445 -25.70 16.86 0.89
C CYS H 445 -26.36 15.50 0.66
N GLY H 446 -27.65 15.40 0.96
CA GLY H 446 -28.35 14.15 0.77
C GLY H 446 -28.08 13.14 1.87
N SER H 447 -28.12 13.58 3.13
CA SER H 447 -27.90 12.66 4.23
C SER H 447 -29.18 12.52 5.06
N GLN H 448 -29.92 11.45 4.80
CA GLN H 448 -31.17 11.22 5.53
C GLN H 448 -31.01 10.72 6.95
N MET H 449 -29.76 10.59 7.40
CA MET H 449 -29.45 10.10 8.76
C MET H 449 -30.11 10.86 9.92
N HIS H 450 -30.26 12.18 9.78
CA HIS H 450 -30.86 13.03 10.82
C HIS H 450 -32.36 13.30 10.61
N PHE H 451 -32.99 12.51 9.75
CA PHE H 451 -34.41 12.66 9.43
C PHE H 451 -35.20 11.38 9.74
N VAL H 452 -36.48 11.54 10.08
CA VAL H 452 -37.34 10.41 10.42
C VAL H 452 -37.75 9.55 9.22
N ARG H 453 -37.85 8.24 9.43
CA ARG H 453 -38.24 7.32 8.37
C ARG H 453 -39.65 6.80 8.61
N SER H 454 -40.36 6.49 7.52
CA SER H 454 -41.73 5.99 7.57
C SER H 454 -41.99 5.02 8.71
N ASP H 455 -41.24 3.92 8.73
CA ASP H 455 -41.39 2.94 9.78
C ASP H 455 -41.16 3.48 11.20
N GLU H 456 -40.25 4.45 11.36
CA GLU H 456 -40.00 5.03 12.68
C GLU H 456 -41.28 5.68 13.17
N LEU H 457 -41.97 6.34 12.23
CA LEU H 457 -43.21 7.01 12.54
C LEU H 457 -44.21 6.00 13.04
N LEU H 458 -44.42 4.95 12.25
CA LEU H 458 -45.38 3.90 12.57
C LEU H 458 -45.21 3.34 13.97
N GLU H 459 -43.98 2.96 14.30
CA GLU H 459 -43.70 2.42 15.63
C GLU H 459 -43.95 3.45 16.73
N ALA H 460 -43.76 4.73 16.42
CA ALA H 460 -44.00 5.79 17.40
C ALA H 460 -45.49 5.79 17.73
N TRP H 461 -46.34 5.73 16.71
CA TRP H 461 -47.78 5.70 16.90
C TRP H 461 -48.14 4.43 17.65
N ARG H 462 -47.60 3.31 17.17
CA ARG H 462 -47.85 1.99 17.75
C ARG H 462 -47.78 1.97 19.27
N ILE H 463 -46.80 2.67 19.81
CA ILE H 463 -46.56 2.75 21.25
C ILE H 463 -47.49 3.67 22.05
N PHE H 464 -47.69 4.87 21.54
CA PHE H 464 -48.53 5.83 22.23
C PHE H 464 -50.03 5.86 21.98
N THR H 465 -50.50 5.46 20.80
CA THR H 465 -51.95 5.53 20.56
C THR H 465 -52.83 4.90 21.63
N PRO H 466 -52.55 3.67 22.07
CA PRO H 466 -53.38 3.03 23.09
C PRO H 466 -53.57 3.94 24.29
N LEU H 467 -52.48 4.52 24.76
CA LEU H 467 -52.54 5.45 25.88
C LEU H 467 -53.39 6.67 25.46
N LEU H 468 -52.95 7.35 24.41
CA LEU H 468 -53.64 8.53 23.92
C LEU H 468 -55.15 8.32 23.81
N HIS H 469 -55.55 7.14 23.37
CA HIS H 469 -56.96 6.75 23.20
C HIS H 469 -57.67 6.79 24.55
N GLN H 470 -57.10 6.07 25.48
CA GLN H 470 -57.64 5.97 26.81
C GLN H 470 -57.79 7.35 27.47
N ILE H 471 -56.77 8.18 27.33
CA ILE H 471 -56.82 9.52 27.89
C ILE H 471 -58.00 10.29 27.30
N GLU H 472 -58.07 10.30 25.97
CA GLU H 472 -59.12 10.99 25.21
C GLU H 472 -60.50 10.38 25.43
N LEU H 473 -60.55 9.25 26.12
CA LEU H 473 -61.80 8.58 26.39
C LEU H 473 -62.29 8.86 27.81
N GLU H 474 -61.47 8.48 28.78
CA GLU H 474 -61.80 8.64 30.21
C GLU H 474 -61.47 10.01 30.82
N LYS H 475 -60.97 10.92 29.96
CA LYS H 475 -60.61 12.27 30.35
C LYS H 475 -60.19 12.49 31.81
N PRO H 476 -59.06 11.88 32.22
CA PRO H 476 -58.53 12.00 33.59
C PRO H 476 -58.17 13.46 33.92
N LYS H 477 -58.33 13.85 35.19
CA LYS H 477 -57.98 15.22 35.57
C LYS H 477 -56.51 15.30 35.95
N PRO H 478 -55.73 16.12 35.23
CA PRO H 478 -54.30 16.29 35.49
C PRO H 478 -54.04 16.85 36.88
N ILE H 479 -52.89 16.48 37.43
CA ILE H 479 -52.49 16.95 38.75
C ILE H 479 -52.00 18.37 38.56
N PRO H 480 -52.61 19.33 39.28
CA PRO H 480 -52.22 20.73 39.18
C PRO H 480 -50.87 20.98 39.82
N TYR H 481 -50.06 21.80 39.16
CA TYR H 481 -48.76 22.12 39.70
C TYR H 481 -48.56 23.61 39.49
N ILE H 482 -48.16 24.30 40.54
CA ILE H 482 -47.95 25.73 40.49
C ILE H 482 -46.86 26.12 39.48
N TYR H 483 -47.15 27.16 38.72
CA TYR H 483 -46.25 27.69 37.70
C TYR H 483 -44.92 27.98 38.35
N GLY H 484 -43.86 27.49 37.72
CA GLY H 484 -42.52 27.73 38.24
C GLY H 484 -41.94 26.65 39.13
N SER H 485 -42.72 25.63 39.46
CA SER H 485 -42.21 24.55 40.29
C SER H 485 -41.58 23.46 39.42
N ARG H 486 -41.18 22.36 40.05
CA ARG H 486 -40.58 21.24 39.33
C ARG H 486 -41.66 20.26 38.87
N GLY H 487 -42.91 20.59 39.17
CA GLY H 487 -44.00 19.71 38.77
C GLY H 487 -44.54 18.84 39.89
N PRO H 488 -45.53 17.98 39.57
CA PRO H 488 -46.18 17.08 40.52
C PRO H 488 -45.20 16.21 41.29
N THR H 489 -45.39 16.14 42.60
CA THR H 489 -44.56 15.32 43.46
C THR H 489 -44.65 13.88 42.96
N GLU H 490 -45.86 13.49 42.57
CA GLU H 490 -46.16 12.14 42.08
C GLU H 490 -45.18 11.65 41.01
N ALA H 491 -44.67 12.57 40.20
CA ALA H 491 -43.71 12.23 39.15
C ALA H 491 -42.44 11.68 39.81
N ASP H 492 -41.92 12.43 40.77
CA ASP H 492 -40.72 12.02 41.48
C ASP H 492 -40.96 10.68 42.16
N GLU H 493 -42.09 10.56 42.84
CA GLU H 493 -42.45 9.32 43.52
C GLU H 493 -42.46 8.15 42.53
N LEU H 494 -42.78 8.45 41.26
CA LEU H 494 -42.83 7.44 40.21
C LEU H 494 -41.39 7.00 39.96
N MET H 495 -40.56 7.98 39.68
CA MET H 495 -39.16 7.71 39.42
C MET H 495 -38.53 6.84 40.50
N LYS H 496 -38.75 7.21 41.75
CA LYS H 496 -38.19 6.44 42.85
C LYS H 496 -38.70 5.00 42.84
N ARG H 497 -40.01 4.82 42.71
CA ARG H 497 -40.61 3.50 42.70
C ARG H 497 -40.03 2.60 41.63
N VAL H 498 -39.79 3.18 40.47
CA VAL H 498 -39.27 2.42 39.34
C VAL H 498 -37.77 2.10 39.40
N GLY H 499 -37.06 2.65 40.38
CA GLY H 499 -35.63 2.35 40.51
C GLY H 499 -34.66 3.49 40.76
N PHE H 500 -35.03 4.70 40.36
CA PHE H 500 -34.16 5.86 40.53
C PHE H 500 -33.98 6.26 41.98
N GLN H 501 -32.73 6.56 42.35
CA GLN H 501 -32.43 6.98 43.72
C GLN H 501 -31.90 8.41 43.68
N TYR H 502 -32.59 9.31 44.36
CA TYR H 502 -32.17 10.70 44.39
C TYR H 502 -31.51 11.04 45.70
N GLU H 503 -30.34 11.66 45.61
CA GLU H 503 -29.59 12.07 46.78
C GLU H 503 -29.21 13.54 46.70
N GLY H 504 -29.88 14.33 47.51
CA GLY H 504 -29.65 15.76 47.55
C GLY H 504 -28.28 16.12 48.08
N THR H 505 -27.48 15.11 48.41
CA THR H 505 -26.13 15.34 48.93
C THR H 505 -25.08 15.40 47.83
N TYR H 506 -25.10 16.48 47.05
CA TYR H 506 -24.14 16.65 45.98
C TYR H 506 -23.92 18.14 45.82
N LYS H 507 -22.68 18.54 46.07
CA LYS H 507 -22.25 19.95 46.01
C LYS H 507 -21.60 20.27 44.67
N TRP H 508 -21.79 21.50 44.17
CA TRP H 508 -21.14 21.89 42.93
C TRP H 508 -20.75 23.36 42.88
N VAL H 509 -19.53 23.61 42.41
CA VAL H 509 -18.97 24.94 42.28
C VAL H 509 -18.47 25.04 40.85
N ASN H 510 -18.05 26.23 40.43
CA ASN H 510 -17.56 26.45 39.07
C ASN H 510 -16.05 26.27 38.83
#